data_2O7F
#
_entry.id   2O7F
#
_cell.length_a   87.640
_cell.length_b   154.971
_cell.length_c   164.098
_cell.angle_alpha   90.00
_cell.angle_beta   94.12
_cell.angle_gamma   90.00
#
_symmetry.space_group_name_H-M   'P 1 21 1'
#
loop_
_entity.id
_entity.type
_entity.pdbx_description
1 polymer 'Putative histidine ammonia-lyase'
2 non-polymer "4'-HYDROXYCINNAMIC ACID"
3 water water
#
_entity_poly.entity_id   1
_entity_poly.type   'polypeptide(L)'
_entity_poly.pdbx_seq_one_letter_code
;MLAMSPPKPAVELDRHIDLDQAHAVASGGARIVLAPPARDRCRASEARLGAVIREARHVYGLTTGFGPLANRLISGENVR
TLQANLVHFLASGVGPVLDWTTARAMVLARLVSIAQGASGASEGTIARLIDLLNSELAPAVPSRGTVG(MDO)DLTPLAH
MVLCLQGRGDFLDRDGTRLDGAEGLRRGRLQPLDLSHRDALALVNGTSAMTGIALVNAHACRHLGNWAVALTALLAECLR
GRTEAWAAALSDLRPHPGQKDAAARLRARVDGSARVVRHVIAERRLDAGDIGTEPEAGQDAYSLRCAPQVLGAGFDTLAW
HDRVLTIELNAVTDNPVFPPDGSVPALHGGNFMGQHVALTSDALATAVTVLAGLAERQIARLTDERLNRGLPPFLHRGPA
GLNSGFMGAQVTATALLAEMRATGPASIHSISTNAANQDVVSLGTIAARLCREKIDRWAEILAILALCLAQAAELRCGSG
LDGVSPAGKKLVQALREQFPPLETDRPLGQEIAALATHLLQQSPV
;
_entity_poly.pdbx_strand_id   A,B,C,D,E,F,G,H
#
loop_
_chem_comp.id
_chem_comp.type
_chem_comp.name
_chem_comp.formula
HC4 non-polymer '4'-HYDROXYCINNAMIC ACID' 'C9 H8 O3'
#
# COMPACT_ATOMS: atom_id res chain seq x y z
N PRO A 7 6.30 -42.84 54.08
CA PRO A 7 7.46 -41.95 53.77
C PRO A 7 7.45 -41.54 52.30
N LYS A 8 6.35 -40.91 51.89
CA LYS A 8 6.14 -40.45 50.51
C LYS A 8 7.40 -40.43 49.64
N PRO A 9 7.46 -41.32 48.63
CA PRO A 9 8.59 -41.45 47.70
C PRO A 9 8.91 -40.12 47.04
N ALA A 10 10.12 -40.00 46.50
CA ALA A 10 10.53 -38.78 45.85
C ALA A 10 11.17 -39.05 44.48
N VAL A 11 10.75 -38.30 43.49
CA VAL A 11 11.29 -38.42 42.13
C VAL A 11 12.27 -37.29 41.88
N GLU A 12 13.54 -37.63 41.68
CA GLU A 12 14.57 -36.63 41.43
C GLU A 12 14.69 -36.38 39.93
N LEU A 13 14.28 -35.19 39.50
CA LEU A 13 14.32 -34.83 38.10
C LEU A 13 15.64 -34.20 37.67
N ASP A 14 16.27 -34.80 36.67
CA ASP A 14 17.52 -34.28 36.13
C ASP A 14 17.22 -33.96 34.67
N ARG A 15 17.26 -35.00 33.82
CA ARG A 15 16.98 -34.81 32.40
C ARG A 15 15.80 -35.68 31.94
N HIS A 16 15.86 -36.96 32.29
CA HIS A 16 14.83 -37.91 31.87
C HIS A 16 13.96 -38.43 33.01
N ILE A 17 12.68 -38.66 32.69
CA ILE A 17 11.71 -39.19 33.64
C ILE A 17 10.81 -40.10 32.83
N ASP A 18 10.54 -41.31 33.33
CA ASP A 18 9.68 -42.23 32.58
C ASP A 18 8.21 -41.96 32.86
N LEU A 19 7.33 -42.63 32.11
CA LEU A 19 5.90 -42.42 32.28
C LEU A 19 5.38 -42.80 33.67
N ASP A 20 5.94 -43.84 34.28
CA ASP A 20 5.49 -44.25 35.61
C ASP A 20 5.85 -43.20 36.67
N GLN A 21 7.08 -42.69 36.61
CA GLN A 21 7.50 -41.66 37.57
C GLN A 21 6.64 -40.40 37.38
N ALA A 22 6.36 -40.08 36.12
CA ALA A 22 5.55 -38.90 35.80
C ALA A 22 4.18 -39.01 36.43
N HIS A 23 3.54 -40.16 36.29
CA HIS A 23 2.22 -40.36 36.85
C HIS A 23 2.26 -40.41 38.37
N ALA A 24 3.37 -40.90 38.92
CA ALA A 24 3.52 -40.98 40.37
C ALA A 24 3.47 -39.58 40.95
N VAL A 25 4.13 -38.65 40.27
CA VAL A 25 4.15 -37.25 40.72
C VAL A 25 2.81 -36.59 40.45
N ALA A 26 2.30 -36.73 39.23
CA ALA A 26 1.03 -36.13 38.86
C ALA A 26 -0.11 -36.57 39.78
N SER A 27 -0.12 -37.84 40.17
CA SER A 27 -1.17 -38.35 41.03
C SER A 27 -0.89 -38.08 42.51
N GLY A 28 0.25 -37.47 42.82
CA GLY A 28 0.59 -37.15 44.19
C GLY A 28 1.12 -38.33 44.99
N GLY A 29 1.49 -39.41 44.30
CA GLY A 29 2.01 -40.58 44.97
C GLY A 29 3.49 -40.41 45.26
N ALA A 30 4.09 -39.37 44.69
CA ALA A 30 5.50 -39.10 44.90
C ALA A 30 5.78 -37.61 44.83
N ARG A 31 6.77 -37.16 45.60
CA ARG A 31 7.17 -35.77 45.60
C ARG A 31 8.16 -35.62 44.46
N ILE A 32 8.44 -34.39 44.06
CA ILE A 32 9.39 -34.18 42.99
C ILE A 32 10.45 -33.21 43.46
N VAL A 33 11.71 -33.51 43.13
CA VAL A 33 12.81 -32.66 43.52
C VAL A 33 13.70 -32.46 42.31
N LEU A 34 14.29 -31.28 42.19
CA LEU A 34 15.15 -30.97 41.07
C LEU A 34 16.58 -31.37 41.43
N ALA A 35 17.19 -32.21 40.61
CA ALA A 35 18.56 -32.66 40.85
C ALA A 35 19.52 -31.49 40.69
N PRO A 36 20.64 -31.50 41.42
CA PRO A 36 21.66 -30.44 41.38
C PRO A 36 22.03 -30.00 39.96
N PRO A 37 22.36 -30.96 39.09
CA PRO A 37 22.73 -30.58 37.71
C PRO A 37 21.59 -29.90 36.96
N ALA A 38 20.35 -30.25 37.28
CA ALA A 38 19.21 -29.64 36.63
C ALA A 38 19.09 -28.21 37.13
N ARG A 39 19.20 -28.04 38.44
CA ARG A 39 19.11 -26.72 39.04
C ARG A 39 20.16 -25.80 38.41
N ASP A 40 21.37 -26.33 38.19
CA ASP A 40 22.44 -25.54 37.60
C ASP A 40 22.17 -25.20 36.13
N ARG A 41 21.67 -26.17 35.37
CA ARG A 41 21.37 -25.92 33.97
C ARG A 41 20.32 -24.82 33.87
N CYS A 42 19.37 -24.84 34.79
CA CYS A 42 18.30 -23.84 34.80
C CYS A 42 18.82 -22.47 35.22
N ARG A 43 19.72 -22.43 36.20
CA ARG A 43 20.27 -21.14 36.64
C ARG A 43 21.04 -20.52 35.48
N ALA A 44 21.78 -21.35 34.75
CA ALA A 44 22.56 -20.87 33.61
C ALA A 44 21.63 -20.36 32.51
N SER A 45 20.52 -21.06 32.29
CA SER A 45 19.57 -20.65 31.26
C SER A 45 18.91 -19.33 31.65
N GLU A 46 18.61 -19.20 32.93
CA GLU A 46 18.00 -17.98 33.46
C GLU A 46 18.92 -16.80 33.14
N ALA A 47 20.22 -17.01 33.30
CA ALA A 47 21.20 -15.97 33.03
C ALA A 47 21.22 -15.65 31.54
N ARG A 48 21.11 -16.67 30.70
CA ARG A 48 21.11 -16.44 29.26
C ARG A 48 19.91 -15.60 28.84
N LEU A 49 18.78 -15.77 29.51
CA LEU A 49 17.59 -14.98 29.21
C LEU A 49 17.87 -13.54 29.61
N GLY A 50 18.59 -13.36 30.70
CA GLY A 50 18.93 -12.02 31.15
C GLY A 50 19.82 -11.34 30.15
N ALA A 51 20.79 -12.08 29.63
CA ALA A 51 21.72 -11.54 28.65
C ALA A 51 21.01 -11.17 27.35
N VAL A 52 20.05 -12.00 26.94
CA VAL A 52 19.29 -11.74 25.71
C VAL A 52 18.51 -10.43 25.84
N ILE A 53 17.94 -10.20 27.01
CA ILE A 53 17.19 -8.98 27.27
C ILE A 53 18.16 -7.80 27.35
N ARG A 54 19.25 -7.99 28.07
CA ARG A 54 20.27 -6.96 28.24
C ARG A 54 20.82 -6.49 26.89
N GLU A 55 21.09 -7.45 26.01
CA GLU A 55 21.63 -7.15 24.69
C GLU A 55 20.58 -6.74 23.67
N ALA A 56 19.32 -6.69 24.10
CA ALA A 56 18.23 -6.30 23.21
C ALA A 56 18.15 -7.13 21.92
N ARG A 57 18.33 -8.44 22.06
CA ARG A 57 18.27 -9.34 20.92
C ARG A 57 16.84 -9.42 20.38
N HIS A 58 16.70 -9.49 19.06
CA HIS A 58 15.38 -9.60 18.45
C HIS A 58 14.82 -10.98 18.78
N VAL A 59 13.98 -11.06 19.80
CA VAL A 59 13.41 -12.34 20.21
C VAL A 59 11.92 -12.28 20.44
N TYR A 60 11.22 -13.28 19.90
CA TYR A 60 9.76 -13.38 20.03
C TYR A 60 9.32 -13.32 21.49
N GLY A 61 8.36 -12.44 21.79
CA GLY A 61 7.87 -12.32 23.16
C GLY A 61 8.70 -11.46 24.09
N LEU A 62 9.89 -11.07 23.65
CA LEU A 62 10.77 -10.24 24.46
C LEU A 62 10.93 -8.86 23.82
N THR A 63 10.88 -8.82 22.49
CA THR A 63 11.00 -7.57 21.75
C THR A 63 9.97 -7.52 20.62
N THR A 64 8.97 -8.38 20.66
CA THR A 64 7.96 -8.43 19.61
C THR A 64 6.57 -8.74 20.13
N GLY A 65 5.57 -8.49 19.29
CA GLY A 65 4.20 -8.80 19.66
C GLY A 65 4.05 -10.30 19.43
N PHE A 66 2.83 -10.82 19.55
CA PHE A 66 2.61 -12.25 19.37
C PHE A 66 1.88 -12.61 18.08
N GLY A 67 2.12 -13.82 17.59
CA GLY A 67 1.48 -14.27 16.37
C GLY A 67 1.85 -13.38 15.18
N PRO A 68 0.86 -13.02 14.35
CA PRO A 68 1.09 -12.16 13.17
C PRO A 68 1.50 -10.76 13.61
N LEU A 69 1.28 -10.46 14.88
CA LEU A 69 1.63 -9.16 15.43
C LEU A 69 3.10 -9.06 15.83
N ALA A 70 3.85 -10.14 15.58
CA ALA A 70 5.27 -10.15 15.93
C ALA A 70 6.07 -9.14 15.11
N ASN A 71 5.46 -8.60 14.04
CA ASN A 71 6.15 -7.62 13.22
C ASN A 71 6.18 -6.26 13.92
N ARG A 72 5.44 -6.15 15.03
CA ARG A 72 5.43 -4.92 15.82
C ARG A 72 6.49 -5.12 16.89
N LEU A 73 7.60 -4.38 16.80
CA LEU A 73 8.66 -4.52 17.78
C LEU A 73 8.33 -3.76 19.06
N ILE A 74 8.75 -4.30 20.21
CA ILE A 74 8.45 -3.72 21.51
C ILE A 74 9.69 -3.25 22.27
N SER A 75 9.60 -2.07 22.88
CA SER A 75 10.71 -1.52 23.63
C SER A 75 10.81 -2.18 25.01
N GLY A 76 12.04 -2.30 25.52
CA GLY A 76 12.29 -2.94 26.80
C GLY A 76 11.42 -2.52 27.98
N GLU A 77 11.08 -1.23 28.06
CA GLU A 77 10.27 -0.76 29.17
C GLU A 77 8.83 -1.26 29.16
N ASN A 78 8.38 -1.81 28.04
CA ASN A 78 6.99 -2.28 27.94
C ASN A 78 6.86 -3.80 27.97
N VAL A 79 7.95 -4.51 28.21
CA VAL A 79 7.92 -5.97 28.23
C VAL A 79 7.07 -6.57 29.36
N ARG A 80 7.14 -6.00 30.56
CA ARG A 80 6.34 -6.50 31.68
C ARG A 80 4.87 -6.51 31.26
N THR A 81 4.45 -5.38 30.69
CA THR A 81 3.07 -5.21 30.23
C THR A 81 2.73 -6.17 29.10
N LEU A 82 3.66 -6.31 28.15
CA LEU A 82 3.49 -7.22 27.02
C LEU A 82 3.13 -8.61 27.49
N GLN A 83 3.99 -9.19 28.32
CA GLN A 83 3.77 -10.54 28.83
C GLN A 83 2.56 -10.65 29.76
N ALA A 84 2.22 -9.55 30.42
CA ALA A 84 1.06 -9.56 31.30
C ALA A 84 -0.20 -9.66 30.44
N ASN A 85 -0.19 -8.99 29.29
CA ASN A 85 -1.33 -9.02 28.39
C ASN A 85 -1.39 -10.35 27.64
N LEU A 86 -0.24 -10.99 27.48
CA LEU A 86 -0.16 -12.30 26.82
C LEU A 86 -1.00 -13.28 27.61
N VAL A 87 -0.74 -13.35 28.91
CA VAL A 87 -1.48 -14.26 29.78
C VAL A 87 -2.96 -13.91 29.75
N HIS A 88 -3.26 -12.63 29.64
CA HIS A 88 -4.63 -12.15 29.59
C HIS A 88 -5.43 -12.54 28.36
N PHE A 89 -4.95 -12.12 27.19
CA PHE A 89 -5.67 -12.41 25.96
C PHE A 89 -5.78 -13.91 25.65
N LEU A 90 -4.84 -14.71 26.17
CA LEU A 90 -4.85 -16.15 25.96
C LEU A 90 -5.85 -16.89 26.84
N ALA A 91 -6.29 -16.25 27.90
CA ALA A 91 -7.23 -16.86 28.84
C ALA A 91 -8.68 -16.88 28.36
N SER A 92 -8.90 -17.47 27.19
CA SER A 92 -10.25 -17.55 26.63
C SER A 92 -10.80 -18.98 26.67
N GLY A 93 -10.21 -19.82 27.51
CA GLY A 93 -10.65 -21.20 27.61
C GLY A 93 -12.04 -21.40 28.20
N VAL A 94 -12.71 -22.47 27.80
CA VAL A 94 -14.04 -22.79 28.30
C VAL A 94 -14.18 -24.29 28.48
N GLY A 95 -15.30 -24.71 29.03
CA GLY A 95 -15.56 -26.13 29.23
C GLY A 95 -15.15 -26.65 30.60
N PRO A 96 -15.50 -27.90 30.93
CA PRO A 96 -15.14 -28.45 32.24
C PRO A 96 -13.63 -28.41 32.42
N VAL A 97 -13.18 -28.16 33.65
CA VAL A 97 -11.76 -28.10 33.93
C VAL A 97 -11.13 -29.47 33.84
N LEU A 98 -9.82 -29.51 33.61
CA LEU A 98 -9.11 -30.78 33.55
C LEU A 98 -9.16 -31.34 34.96
N ASP A 99 -9.18 -32.66 35.10
CA ASP A 99 -9.23 -33.24 36.42
C ASP A 99 -7.90 -33.03 37.16
N TRP A 100 -7.98 -33.10 38.48
CA TRP A 100 -6.85 -32.89 39.37
C TRP A 100 -5.53 -33.51 38.86
N THR A 101 -5.52 -34.81 38.62
CA THR A 101 -4.32 -35.49 38.15
C THR A 101 -3.81 -34.99 36.80
N THR A 102 -4.73 -34.80 35.85
CA THR A 102 -4.36 -34.35 34.52
C THR A 102 -3.81 -32.92 34.54
N ALA A 103 -4.44 -32.04 35.32
CA ALA A 103 -3.96 -30.66 35.39
C ALA A 103 -2.54 -30.63 35.97
N ARG A 104 -2.29 -31.45 36.97
CA ARG A 104 -0.97 -31.53 37.60
C ARG A 104 0.03 -32.14 36.62
N ALA A 105 -0.43 -33.10 35.82
CA ALA A 105 0.43 -33.72 34.82
C ALA A 105 0.88 -32.65 33.83
N MET A 106 -0.01 -31.70 33.54
CA MET A 106 0.30 -30.61 32.63
C MET A 106 1.40 -29.75 33.24
N VAL A 107 1.26 -29.45 34.52
CA VAL A 107 2.26 -28.65 35.22
C VAL A 107 3.60 -29.37 35.15
N LEU A 108 3.57 -30.66 35.41
CA LEU A 108 4.80 -31.47 35.38
C LEU A 108 5.46 -31.45 34.01
N ALA A 109 4.64 -31.59 32.96
CA ALA A 109 5.16 -31.59 31.59
C ALA A 109 5.92 -30.31 31.27
N ARG A 110 5.40 -29.17 31.72
CA ARG A 110 6.06 -27.89 31.46
C ARG A 110 7.38 -27.85 32.24
N LEU A 111 7.36 -28.37 33.47
CA LEU A 111 8.54 -28.41 34.32
C LEU A 111 9.66 -29.25 33.73
N VAL A 112 9.33 -30.45 33.25
CA VAL A 112 10.35 -31.32 32.65
C VAL A 112 11.01 -30.65 31.44
N SER A 113 10.21 -29.93 30.65
CA SER A 113 10.75 -29.23 29.49
C SER A 113 11.76 -28.18 29.99
N ILE A 114 11.35 -27.39 30.97
CA ILE A 114 12.19 -26.34 31.56
C ILE A 114 13.48 -26.89 32.17
N ALA A 115 13.39 -28.08 32.75
CA ALA A 115 14.54 -28.71 33.40
C ALA A 115 15.67 -29.02 32.43
N GLN A 116 15.39 -29.00 31.13
CA GLN A 116 16.43 -29.27 30.15
C GLN A 116 17.35 -28.05 30.04
N GLY A 117 16.94 -26.94 30.64
CA GLY A 117 17.74 -25.73 30.64
C GLY A 117 17.85 -24.91 29.37
N ALA A 118 16.73 -24.73 28.67
CA ALA A 118 16.72 -23.95 27.44
C ALA A 118 15.53 -23.00 27.40
N SER A 119 14.82 -22.88 28.52
CA SER A 119 13.63 -22.05 28.62
C SER A 119 13.81 -20.69 29.26
N GLY A 120 14.89 -20.52 30.03
CA GLY A 120 15.14 -19.25 30.68
C GLY A 120 14.32 -18.96 31.94
N ALA A 121 13.58 -19.96 32.42
CA ALA A 121 12.76 -19.79 33.61
C ALA A 121 13.60 -19.46 34.84
N SER A 122 13.14 -18.50 35.64
CA SER A 122 13.86 -18.11 36.85
C SER A 122 13.63 -19.13 37.95
N GLU A 123 14.52 -19.13 38.94
CA GLU A 123 14.40 -20.07 40.06
C GLU A 123 13.04 -20.02 40.71
N GLY A 124 12.52 -18.80 40.88
CA GLY A 124 11.21 -18.64 41.49
C GLY A 124 10.12 -19.31 40.69
N THR A 125 10.16 -19.11 39.38
CA THR A 125 9.15 -19.69 38.50
C THR A 125 9.16 -21.21 38.63
N ILE A 126 10.35 -21.79 38.62
CA ILE A 126 10.52 -23.23 38.76
C ILE A 126 10.01 -23.68 40.13
N ALA A 127 10.31 -22.90 41.17
CA ALA A 127 9.89 -23.24 42.51
C ALA A 127 8.36 -23.28 42.64
N ARG A 128 7.68 -22.39 41.92
CA ARG A 128 6.22 -22.35 41.97
C ARG A 128 5.63 -23.64 41.42
N LEU A 129 6.23 -24.16 40.35
CA LEU A 129 5.73 -25.39 39.75
C LEU A 129 6.01 -26.57 40.67
N ILE A 130 7.21 -26.61 41.24
CA ILE A 130 7.58 -27.67 42.16
C ILE A 130 6.68 -27.65 43.38
N ASP A 131 6.45 -26.46 43.94
CA ASP A 131 5.59 -26.32 45.10
C ASP A 131 4.19 -26.87 44.80
N LEU A 132 3.66 -26.52 43.63
CA LEU A 132 2.33 -26.99 43.24
C LEU A 132 2.28 -28.50 43.20
N LEU A 133 3.28 -29.10 42.57
CA LEU A 133 3.34 -30.56 42.46
C LEU A 133 3.52 -31.26 43.82
N ASN A 134 4.20 -30.61 44.75
CA ASN A 134 4.41 -31.21 46.07
C ASN A 134 3.24 -30.92 47.00
N SER A 135 2.27 -30.15 46.52
CA SER A 135 1.10 -29.84 47.33
C SER A 135 0.00 -30.83 46.96
N GLU A 136 -1.16 -30.68 47.59
CA GLU A 136 -2.30 -31.56 47.34
C GLU A 136 -3.24 -30.89 46.35
N LEU A 137 -2.80 -29.78 45.77
CA LEU A 137 -3.64 -29.03 44.85
C LEU A 137 -3.28 -29.14 43.38
N ALA A 138 -4.17 -28.62 42.56
CA ALA A 138 -4.00 -28.61 41.11
C ALA A 138 -4.66 -27.33 40.61
N PRO A 139 -4.10 -26.72 39.55
CA PRO A 139 -4.77 -25.50 39.07
C PRO A 139 -6.07 -25.93 38.38
N ALA A 140 -7.09 -25.09 38.46
CA ALA A 140 -8.38 -25.37 37.82
C ALA A 140 -8.32 -24.68 36.48
N VAL A 141 -8.13 -25.46 35.42
CA VAL A 141 -8.02 -24.90 34.07
C VAL A 141 -9.04 -25.49 33.10
N PRO A 142 -9.69 -24.63 32.31
CA PRO A 142 -10.68 -25.11 31.34
C PRO A 142 -10.03 -26.08 30.34
N SER A 143 -10.76 -27.11 29.95
CA SER A 143 -10.22 -28.11 29.04
C SER A 143 -10.23 -27.74 27.55
N ARG A 144 -11.10 -26.82 27.15
CA ARG A 144 -11.19 -26.42 25.75
C ARG A 144 -10.63 -25.03 25.47
N GLY A 145 -10.25 -24.80 24.21
CA GLY A 145 -9.73 -23.51 23.83
C GLY A 145 -8.46 -23.53 22.99
N THR A 146 -7.64 -24.56 23.15
CA THR A 146 -6.39 -24.64 22.40
C THR A 146 -6.48 -25.50 21.15
N VAL A 147 -5.68 -25.16 20.13
CA VAL A 147 -5.64 -25.93 18.89
C VAL A 147 -4.33 -26.74 18.89
N GLY A 148 -3.65 -26.73 20.04
CA GLY A 148 -2.43 -27.49 20.21
C GLY A 148 -1.24 -27.07 19.36
N1 MDO A 149 -1.00 -25.77 19.29
CA1 MDO A 149 0.11 -25.24 18.51
C1 MDO A 149 0.82 -24.11 19.21
CB MDO A 149 -0.40 -24.83 17.12
N2 MDO A 149 1.14 -22.93 18.66
CA2 MDO A 149 1.77 -22.20 19.60
C2 MDO A 149 1.82 -23.00 20.72
O2 MDO A 149 2.36 -22.72 21.91
CB2 MDO A 149 2.32 -20.81 19.39
N3 MDO A 149 1.23 -24.15 20.48
CA3 MDO A 149 1.10 -25.21 21.44
C3 MDO A 149 -0.15 -25.01 22.32
O3 MDO A 149 -1.12 -24.39 21.89
N ASP A 150 -0.12 -25.54 23.55
CA ASP A 150 -1.25 -25.42 24.47
C ASP A 150 -1.25 -24.13 25.27
N LEU A 151 -1.18 -22.99 24.57
CA LEU A 151 -1.12 -21.69 25.23
C LEU A 151 -2.30 -21.32 26.13
N THR A 152 -3.52 -21.58 25.67
CA THR A 152 -4.69 -21.23 26.45
C THR A 152 -4.75 -21.88 27.84
N PRO A 153 -4.73 -23.22 27.90
CA PRO A 153 -4.78 -23.82 29.24
C PRO A 153 -3.59 -23.44 30.13
N LEU A 154 -2.43 -23.19 29.51
CA LEU A 154 -1.25 -22.82 30.29
C LEU A 154 -1.35 -21.39 30.81
N ALA A 155 -2.06 -20.54 30.08
CA ALA A 155 -2.24 -19.16 30.52
C ALA A 155 -3.16 -19.17 31.73
N HIS A 156 -4.15 -20.06 31.70
CA HIS A 156 -5.08 -20.20 32.82
C HIS A 156 -4.30 -20.71 34.03
N MET A 157 -3.33 -21.58 33.78
CA MET A 157 -2.51 -22.12 34.85
C MET A 157 -1.74 -20.98 35.51
N VAL A 158 -1.17 -20.11 34.69
CA VAL A 158 -0.42 -18.96 35.20
C VAL A 158 -1.29 -18.11 36.12
N LEU A 159 -2.52 -17.84 35.69
CA LEU A 159 -3.44 -17.04 36.51
C LEU A 159 -3.69 -17.71 37.86
N CYS A 160 -3.96 -19.01 37.82
CA CYS A 160 -4.20 -19.76 39.05
C CYS A 160 -3.01 -19.63 39.98
N LEU A 161 -1.81 -19.86 39.45
CA LEU A 161 -0.58 -19.78 40.24
C LEU A 161 -0.29 -18.38 40.80
N GLN A 162 -0.93 -17.36 40.25
CA GLN A 162 -0.73 -16.00 40.73
C GLN A 162 -1.82 -15.70 41.76
N GLY A 163 -2.70 -16.66 41.97
CA GLY A 163 -3.80 -16.48 42.91
C GLY A 163 -4.98 -15.82 42.23
N ARG A 164 -4.94 -15.72 40.91
CA ARG A 164 -6.00 -15.10 40.13
C ARG A 164 -6.85 -16.13 39.40
N GLY A 165 -6.87 -17.36 39.91
CA GLY A 165 -7.65 -18.41 39.31
C GLY A 165 -7.90 -19.50 40.34
N ASP A 166 -8.93 -20.32 40.12
CA ASP A 166 -9.27 -21.38 41.05
C ASP A 166 -8.26 -22.53 41.12
N PHE A 167 -8.41 -23.35 42.16
CA PHE A 167 -7.57 -24.51 42.38
C PHE A 167 -8.51 -25.68 42.63
N LEU A 168 -7.98 -26.89 42.57
CA LEU A 168 -8.78 -28.08 42.81
C LEU A 168 -8.09 -28.96 43.84
N ASP A 169 -8.88 -29.54 44.74
CA ASP A 169 -8.33 -30.45 45.74
C ASP A 169 -8.46 -31.83 45.09
N ARG A 170 -7.94 -32.87 45.75
CA ARG A 170 -8.03 -34.21 45.18
C ARG A 170 -9.43 -34.66 44.78
N ASP A 171 -10.44 -34.13 45.45
CA ASP A 171 -11.82 -34.50 45.15
C ASP A 171 -12.48 -33.65 44.07
N GLY A 172 -11.73 -32.71 43.51
CA GLY A 172 -12.27 -31.86 42.47
C GLY A 172 -13.07 -30.67 42.99
N THR A 173 -13.08 -30.48 44.30
CA THR A 173 -13.80 -29.36 44.88
C THR A 173 -12.95 -28.11 44.62
N ARG A 174 -13.59 -27.06 44.11
CA ARG A 174 -12.88 -25.84 43.76
C ARG A 174 -12.66 -24.83 44.88
N LEU A 175 -11.47 -24.27 44.90
CA LEU A 175 -11.06 -23.27 45.88
C LEU A 175 -10.72 -22.03 45.06
N ASP A 176 -10.92 -20.84 45.64
CA ASP A 176 -10.58 -19.64 44.91
C ASP A 176 -9.08 -19.40 45.00
N GLY A 177 -8.57 -18.53 44.14
CA GLY A 177 -7.13 -18.25 44.13
C GLY A 177 -6.49 -18.13 45.49
N ALA A 178 -6.98 -17.21 46.31
CA ALA A 178 -6.45 -16.97 47.64
C ALA A 178 -6.42 -18.23 48.51
N GLU A 179 -7.56 -18.92 48.58
CA GLU A 179 -7.64 -20.15 49.38
C GLU A 179 -6.64 -21.19 48.90
N GLY A 180 -6.45 -21.27 47.58
CA GLY A 180 -5.50 -22.23 47.05
C GLY A 180 -4.08 -21.94 47.49
N LEU A 181 -3.65 -20.69 47.36
CA LEU A 181 -2.30 -20.32 47.78
C LEU A 181 -2.15 -20.58 49.29
N ARG A 182 -3.16 -20.23 50.06
CA ARG A 182 -3.14 -20.42 51.50
C ARG A 182 -3.08 -21.89 51.89
N ARG A 183 -4.11 -22.65 51.52
CA ARG A 183 -4.19 -24.06 51.85
C ARG A 183 -2.99 -24.87 51.35
N GLY A 184 -2.45 -24.50 50.19
CA GLY A 184 -1.31 -25.23 49.65
C GLY A 184 0.01 -24.65 50.13
N ARG A 185 -0.06 -23.55 50.87
CA ARG A 185 1.13 -22.88 51.36
C ARG A 185 2.03 -22.59 50.16
N LEU A 186 1.45 -21.91 49.18
CA LEU A 186 2.15 -21.55 47.96
C LEU A 186 2.40 -20.05 47.88
N GLN A 187 3.46 -19.69 47.18
CA GLN A 187 3.80 -18.29 46.98
C GLN A 187 3.21 -17.87 45.64
N PRO A 188 2.71 -16.63 45.54
CA PRO A 188 2.13 -16.19 44.27
C PRO A 188 3.21 -16.08 43.20
N LEU A 189 2.89 -16.58 42.01
CA LEU A 189 3.83 -16.55 40.88
C LEU A 189 4.20 -15.12 40.48
N ASP A 190 5.50 -14.85 40.38
CA ASP A 190 6.00 -13.53 40.01
C ASP A 190 6.79 -13.61 38.69
N LEU A 191 6.28 -12.98 37.65
CA LEU A 191 6.95 -13.02 36.35
C LEU A 191 7.80 -11.79 36.02
N SER A 192 8.31 -11.13 37.06
CA SER A 192 9.12 -9.93 36.87
C SER A 192 10.38 -10.14 36.04
N HIS A 193 10.88 -11.37 35.99
CA HIS A 193 12.09 -11.66 35.21
C HIS A 193 11.80 -11.77 33.71
N ARG A 194 10.53 -11.55 33.34
CA ARG A 194 10.12 -11.61 31.94
C ARG A 194 10.27 -13.02 31.36
N ASP A 195 10.01 -14.02 32.18
CA ASP A 195 10.11 -15.42 31.77
C ASP A 195 8.75 -16.08 31.61
N ALA A 196 7.74 -15.29 31.25
CA ALA A 196 6.38 -15.79 31.06
C ALA A 196 6.29 -16.86 29.98
N LEU A 197 7.10 -16.73 28.93
CA LEU A 197 7.07 -17.68 27.84
C LEU A 197 7.63 -19.05 28.23
N ALA A 198 8.17 -19.15 29.44
CA ALA A 198 8.70 -20.42 29.92
C ALA A 198 7.52 -21.23 30.47
N LEU A 199 6.42 -20.53 30.77
CA LEU A 199 5.23 -21.18 31.31
C LEU A 199 4.13 -21.35 30.27
N VAL A 200 3.95 -20.34 29.44
CA VAL A 200 2.94 -20.38 28.39
C VAL A 200 3.67 -20.82 27.13
N ASN A 201 3.85 -22.12 26.97
CA ASN A 201 4.58 -22.64 25.83
C ASN A 201 4.46 -24.16 25.72
N GLY A 202 4.89 -24.68 24.58
CA GLY A 202 4.88 -26.12 24.38
C GLY A 202 3.58 -26.90 24.32
N THR A 203 3.72 -28.21 24.45
CA THR A 203 2.62 -29.16 24.37
C THR A 203 2.28 -29.78 25.73
N SER A 204 2.47 -29.01 26.80
CA SER A 204 2.24 -29.48 28.16
C SER A 204 0.87 -30.10 28.45
N ALA A 205 -0.20 -29.45 28.01
CA ALA A 205 -1.54 -29.96 28.27
C ALA A 205 -1.81 -31.31 27.60
N MET A 206 -1.59 -31.40 26.30
CA MET A 206 -1.83 -32.66 25.61
C MET A 206 -0.92 -33.77 26.11
N THR A 207 0.32 -33.39 26.47
CA THR A 207 1.28 -34.36 26.99
C THR A 207 0.81 -34.86 28.35
N GLY A 208 0.31 -33.94 29.18
CA GLY A 208 -0.17 -34.33 30.50
C GLY A 208 -1.38 -35.24 30.38
N ILE A 209 -2.31 -34.86 29.52
CA ILE A 209 -3.51 -35.66 29.30
C ILE A 209 -3.11 -37.04 28.79
N ALA A 210 -2.16 -37.08 27.87
CA ALA A 210 -1.71 -38.34 27.29
C ALA A 210 -0.98 -39.25 28.27
N LEU A 211 -0.17 -38.69 29.15
CA LEU A 211 0.54 -39.54 30.10
C LEU A 211 -0.45 -40.19 31.06
N VAL A 212 -1.55 -39.52 31.33
CA VAL A 212 -2.58 -40.08 32.22
C VAL A 212 -3.29 -41.18 31.44
N ASN A 213 -3.52 -40.96 30.14
CA ASN A 213 -4.16 -41.97 29.30
C ASN A 213 -3.28 -43.22 29.28
N ALA A 214 -1.96 -43.02 29.18
CA ALA A 214 -1.01 -44.11 29.13
C ALA A 214 -1.10 -44.99 30.37
N HIS A 215 -1.14 -44.36 31.54
CA HIS A 215 -1.22 -45.10 32.79
C HIS A 215 -2.53 -45.89 32.89
N ALA A 216 -3.64 -45.23 32.51
CA ALA A 216 -4.94 -45.87 32.56
C ALA A 216 -5.02 -47.06 31.62
N CYS A 217 -4.46 -46.93 30.43
CA CYS A 217 -4.49 -48.01 29.46
C CYS A 217 -3.70 -49.23 29.89
N ARG A 218 -2.66 -49.04 30.68
CA ARG A 218 -1.86 -50.16 31.15
C ARG A 218 -2.74 -51.01 32.08
N HIS A 219 -3.44 -50.33 32.99
CA HIS A 219 -4.32 -51.03 33.91
C HIS A 219 -5.49 -51.68 33.18
N LEU A 220 -6.14 -50.93 32.30
CA LEU A 220 -7.28 -51.50 31.58
C LEU A 220 -6.82 -52.69 30.74
N GLY A 221 -5.62 -52.59 30.20
CA GLY A 221 -5.07 -53.68 29.40
C GLY A 221 -4.91 -54.93 30.25
N ASN A 222 -4.50 -54.76 31.51
CA ASN A 222 -4.32 -55.89 32.41
C ASN A 222 -5.68 -56.51 32.73
N TRP A 223 -6.69 -55.66 32.87
CA TRP A 223 -8.03 -56.17 33.15
C TRP A 223 -8.57 -56.91 31.94
N ALA A 224 -8.30 -56.39 30.75
CA ALA A 224 -8.76 -57.02 29.51
C ALA A 224 -8.19 -58.43 29.39
N VAL A 225 -6.93 -58.59 29.79
CA VAL A 225 -6.29 -59.90 29.75
C VAL A 225 -6.88 -60.78 30.83
N ALA A 226 -6.97 -60.26 32.05
CA ALA A 226 -7.52 -61.01 33.18
C ALA A 226 -8.94 -61.51 32.95
N LEU A 227 -9.80 -60.63 32.45
CA LEU A 227 -11.19 -60.98 32.21
C LEU A 227 -11.32 -61.95 31.04
N THR A 228 -10.44 -61.83 30.05
CA THR A 228 -10.49 -62.74 28.91
C THR A 228 -10.15 -64.14 29.42
N ALA A 229 -9.17 -64.21 30.32
CA ALA A 229 -8.75 -65.50 30.89
C ALA A 229 -9.87 -66.08 31.74
N LEU A 230 -10.50 -65.23 32.55
CA LEU A 230 -11.58 -65.71 33.42
C LEU A 230 -12.76 -66.18 32.57
N LEU A 231 -12.97 -65.52 31.44
CA LEU A 231 -14.04 -65.89 30.52
C LEU A 231 -13.82 -67.32 30.03
N ALA A 232 -12.55 -67.66 29.73
CA ALA A 232 -12.22 -69.00 29.27
C ALA A 232 -12.55 -70.03 30.34
N GLU A 233 -12.35 -69.67 31.60
CA GLU A 233 -12.64 -70.59 32.69
C GLU A 233 -14.15 -70.76 32.90
N CYS A 234 -14.92 -69.81 32.39
CA CYS A 234 -16.38 -69.86 32.53
C CYS A 234 -17.06 -70.53 31.34
N LEU A 235 -16.33 -70.68 30.24
CA LEU A 235 -16.88 -71.27 29.02
C LEU A 235 -16.08 -72.46 28.50
N ARG A 236 -15.22 -73.03 29.35
CA ARG A 236 -14.39 -74.16 28.94
C ARG A 236 -13.54 -73.81 27.73
N GLY A 237 -12.94 -72.62 27.77
CA GLY A 237 -12.11 -72.17 26.66
C GLY A 237 -10.90 -73.05 26.41
N ARG A 238 -10.47 -73.09 25.15
CA ARG A 238 -9.31 -73.87 24.76
C ARG A 238 -8.03 -73.04 24.85
N THR A 239 -7.04 -73.55 25.56
CA THR A 239 -5.78 -72.85 25.73
C THR A 239 -4.80 -73.03 24.58
N GLU A 240 -5.05 -73.97 23.68
CA GLU A 240 -4.10 -74.17 22.59
C GLU A 240 -4.01 -72.98 21.66
N ALA A 241 -5.06 -72.17 21.58
CA ALA A 241 -5.04 -70.98 20.73
C ALA A 241 -4.09 -69.93 21.31
N TRP A 242 -3.78 -70.08 22.60
CA TRP A 242 -2.90 -69.14 23.29
C TRP A 242 -1.48 -69.68 23.44
N ALA A 243 -1.18 -70.77 22.75
CA ALA A 243 0.13 -71.40 22.81
C ALA A 243 1.25 -70.48 22.35
N ALA A 244 2.42 -70.60 22.98
CA ALA A 244 3.57 -69.79 22.63
C ALA A 244 4.03 -70.03 21.20
N ALA A 245 3.84 -71.26 20.73
CA ALA A 245 4.24 -71.60 19.36
C ALA A 245 3.57 -70.71 18.31
N LEU A 246 2.32 -70.34 18.56
CA LEU A 246 1.60 -69.49 17.62
C LEU A 246 2.20 -68.08 17.62
N SER A 247 2.58 -67.61 18.81
CA SER A 247 3.17 -66.29 18.93
C SER A 247 4.48 -66.24 18.15
N ASP A 248 5.26 -67.32 18.22
CA ASP A 248 6.54 -67.37 17.53
C ASP A 248 6.40 -67.36 16.02
N LEU A 249 5.28 -67.88 15.52
CA LEU A 249 5.05 -67.92 14.08
C LEU A 249 4.63 -66.55 13.53
N ARG A 250 4.14 -65.69 14.42
CA ARG A 250 3.70 -64.34 14.03
C ARG A 250 4.19 -63.45 15.18
N PRO A 251 5.51 -63.22 15.26
CA PRO A 251 6.24 -62.44 16.26
C PRO A 251 5.95 -60.98 16.60
N HIS A 252 4.68 -60.57 16.61
CA HIS A 252 4.36 -59.21 17.00
C HIS A 252 4.55 -59.18 18.53
N PRO A 253 5.39 -58.25 19.05
CA PRO A 253 5.65 -58.16 20.48
C PRO A 253 4.39 -58.11 21.35
N GLY A 254 3.43 -57.30 20.95
CA GLY A 254 2.20 -57.18 21.70
C GLY A 254 1.43 -58.48 21.77
N GLN A 255 1.42 -59.25 20.68
CA GLN A 255 0.69 -60.52 20.64
C GLN A 255 1.39 -61.58 21.49
N LYS A 256 2.71 -61.62 21.38
CA LYS A 256 3.50 -62.58 22.15
C LYS A 256 3.25 -62.33 23.64
N ASP A 257 3.23 -61.06 24.02
CA ASP A 257 3.01 -60.67 25.41
C ASP A 257 1.59 -60.99 25.86
N ALA A 258 0.60 -60.67 25.03
CA ALA A 258 -0.79 -60.94 25.36
C ALA A 258 -1.02 -62.43 25.59
N ALA A 259 -0.48 -63.26 24.70
CA ALA A 259 -0.65 -64.71 24.82
C ALA A 259 0.03 -65.26 26.09
N ALA A 260 1.21 -64.75 26.39
CA ALA A 260 1.94 -65.20 27.57
C ALA A 260 1.21 -64.79 28.85
N ARG A 261 0.66 -63.59 28.86
CA ARG A 261 -0.07 -63.11 30.02
C ARG A 261 -1.38 -63.87 30.20
N LEU A 262 -1.99 -64.28 29.10
CA LEU A 262 -3.24 -65.04 29.17
C LEU A 262 -2.95 -66.44 29.73
N ARG A 263 -1.87 -67.06 29.27
CA ARG A 263 -1.50 -68.39 29.76
C ARG A 263 -1.23 -68.36 31.26
N ALA A 264 -0.55 -67.32 31.71
CA ALA A 264 -0.23 -67.17 33.13
C ALA A 264 -1.48 -67.01 33.97
N ARG A 265 -2.47 -66.29 33.46
CA ARG A 265 -3.72 -66.08 34.20
C ARG A 265 -4.47 -67.38 34.45
N VAL A 266 -4.49 -68.28 33.47
CA VAL A 266 -5.21 -69.54 33.64
C VAL A 266 -4.35 -70.70 34.15
N ASP A 267 -3.12 -70.39 34.55
CA ASP A 267 -2.22 -71.42 35.07
C ASP A 267 -2.87 -72.02 36.32
N GLY A 268 -2.91 -73.35 36.39
CA GLY A 268 -3.52 -74.00 37.54
C GLY A 268 -5.02 -74.19 37.41
N SER A 269 -5.60 -73.75 36.29
CA SER A 269 -7.04 -73.89 36.07
C SER A 269 -7.39 -75.30 35.60
N ALA A 270 -8.50 -75.82 36.09
CA ALA A 270 -8.97 -77.13 35.70
C ALA A 270 -10.29 -76.93 34.94
N ARG A 271 -10.64 -75.67 34.73
CA ARG A 271 -11.87 -75.32 34.03
C ARG A 271 -11.66 -75.04 32.54
N VAL A 272 -10.41 -74.97 32.11
CA VAL A 272 -10.13 -74.72 30.71
C VAL A 272 -9.74 -76.03 30.05
N VAL A 273 -9.89 -76.09 28.73
CA VAL A 273 -9.53 -77.29 27.99
C VAL A 273 -8.12 -77.07 27.48
N ARG A 274 -7.20 -77.96 27.84
CA ARG A 274 -5.80 -77.83 27.42
C ARG A 274 -5.40 -78.82 26.32
N HIS A 275 -6.27 -79.77 25.99
CA HIS A 275 -5.94 -80.76 24.97
C HIS A 275 -5.81 -80.15 23.57
N VAL A 276 -4.74 -80.51 22.87
CA VAL A 276 -4.51 -80.06 21.50
C VAL A 276 -5.33 -80.99 20.62
N ILE A 277 -6.34 -80.46 19.93
CA ILE A 277 -7.21 -81.30 19.10
C ILE A 277 -6.51 -82.16 18.06
N ALA A 278 -5.43 -81.65 17.47
CA ALA A 278 -4.71 -82.41 16.43
C ALA A 278 -4.04 -83.69 16.94
N GLU A 279 -3.95 -83.83 18.26
CA GLU A 279 -3.34 -85.02 18.86
C GLU A 279 -4.26 -86.22 18.66
N ARG A 280 -5.56 -85.96 18.60
CA ARG A 280 -6.56 -87.00 18.44
C ARG A 280 -6.59 -87.61 17.05
N ARG A 281 -6.65 -88.94 16.99
CA ARG A 281 -6.70 -89.67 15.73
C ARG A 281 -8.14 -90.14 15.57
N LEU A 282 -8.76 -89.80 14.44
CA LEU A 282 -10.16 -90.17 14.19
C LEU A 282 -10.33 -91.51 13.48
N ASP A 283 -11.41 -92.21 13.81
CA ASP A 283 -11.73 -93.49 13.19
C ASP A 283 -13.04 -93.33 12.39
N ALA A 284 -13.54 -94.43 11.85
CA ALA A 284 -14.77 -94.40 11.06
C ALA A 284 -16.01 -94.00 11.87
N GLY A 285 -16.09 -94.45 13.11
CA GLY A 285 -17.23 -94.14 13.94
C GLY A 285 -17.29 -92.72 14.48
N ASP A 286 -16.30 -91.90 14.15
CA ASP A 286 -16.27 -90.52 14.62
C ASP A 286 -16.95 -89.55 13.67
N ILE A 287 -16.91 -89.87 12.38
CA ILE A 287 -17.52 -89.01 11.37
C ILE A 287 -18.98 -88.72 11.69
N GLY A 288 -19.31 -87.44 11.79
CA GLY A 288 -20.66 -87.03 12.10
C GLY A 288 -20.69 -85.61 12.63
N THR A 289 -21.71 -85.28 13.41
CA THR A 289 -21.81 -83.95 13.97
C THR A 289 -21.56 -83.98 15.47
N GLU A 290 -20.50 -83.28 15.88
CA GLU A 290 -20.14 -83.21 17.29
C GLU A 290 -20.89 -82.07 17.96
N PRO A 291 -21.06 -82.15 19.28
CA PRO A 291 -21.79 -81.11 20.04
C PRO A 291 -21.20 -79.71 19.86
N GLU A 292 -19.87 -79.63 19.81
CA GLU A 292 -19.19 -78.35 19.65
C GLU A 292 -18.02 -78.45 18.69
N ALA A 293 -17.63 -77.30 18.13
CA ALA A 293 -16.51 -77.25 17.20
C ALA A 293 -15.20 -77.37 17.97
N GLY A 294 -14.13 -77.72 17.26
CA GLY A 294 -12.83 -77.87 17.90
C GLY A 294 -12.13 -76.57 18.24
N GLN A 295 -12.75 -75.45 17.89
CA GLN A 295 -12.16 -74.13 18.16
C GLN A 295 -13.20 -73.17 18.73
N ASP A 296 -12.78 -72.28 19.63
CA ASP A 296 -13.67 -71.31 20.23
C ASP A 296 -13.96 -70.17 19.27
N ALA A 297 -14.96 -69.35 19.61
CA ALA A 297 -15.31 -68.20 18.80
C ALA A 297 -14.12 -67.23 18.92
N TYR A 298 -14.04 -66.27 18.02
CA TYR A 298 -12.92 -65.32 18.01
C TYR A 298 -12.68 -64.53 19.29
N SER A 299 -13.74 -64.17 20.00
CA SER A 299 -13.57 -63.38 21.22
C SER A 299 -12.67 -64.09 22.24
N LEU A 300 -12.40 -65.37 22.00
CA LEU A 300 -11.50 -66.12 22.87
C LEU A 300 -10.27 -66.57 22.07
N ARG A 301 -10.51 -67.22 20.95
CA ARG A 301 -9.45 -67.73 20.10
C ARG A 301 -8.52 -66.65 19.54
N CYS A 302 -9.08 -65.48 19.22
CA CYS A 302 -8.27 -64.41 18.65
C CYS A 302 -7.90 -63.31 19.64
N ALA A 303 -8.06 -63.58 20.93
CA ALA A 303 -7.72 -62.60 21.96
C ALA A 303 -6.26 -62.15 21.91
N PRO A 304 -5.33 -63.08 21.66
CA PRO A 304 -3.92 -62.65 21.60
C PRO A 304 -3.68 -61.65 20.47
N GLN A 305 -4.27 -61.93 19.31
CA GLN A 305 -4.12 -61.09 18.13
C GLN A 305 -4.80 -59.72 18.27
N VAL A 306 -6.00 -59.69 18.84
CA VAL A 306 -6.72 -58.43 19.01
C VAL A 306 -6.08 -57.61 20.12
N LEU A 307 -5.85 -58.25 21.28
CA LEU A 307 -5.23 -57.54 22.39
C LEU A 307 -3.80 -57.13 22.04
N GLY A 308 -3.11 -58.00 21.31
CA GLY A 308 -1.74 -57.74 20.91
C GLY A 308 -1.60 -56.49 20.04
N ALA A 309 -2.49 -56.33 19.07
CA ALA A 309 -2.45 -55.16 18.21
C ALA A 309 -2.68 -53.91 19.04
N GLY A 310 -3.59 -54.00 20.00
CA GLY A 310 -3.85 -52.86 20.87
C GLY A 310 -2.63 -52.54 21.70
N PHE A 311 -1.97 -53.57 22.24
CA PHE A 311 -0.78 -53.37 23.05
C PHE A 311 0.35 -52.78 22.23
N ASP A 312 0.50 -53.20 20.97
CA ASP A 312 1.55 -52.65 20.15
C ASP A 312 1.26 -51.19 19.87
N THR A 313 -0.01 -50.84 19.73
CA THR A 313 -0.38 -49.45 19.49
C THR A 313 -0.01 -48.62 20.73
N LEU A 314 -0.32 -49.14 21.91
CA LEU A 314 0.02 -48.44 23.15
C LEU A 314 1.53 -48.29 23.31
N ALA A 315 2.28 -49.29 22.89
CA ALA A 315 3.73 -49.25 23.00
C ALA A 315 4.26 -48.11 22.11
N TRP A 316 3.72 -47.99 20.90
CA TRP A 316 4.16 -46.92 20.01
C TRP A 316 3.81 -45.58 20.64
N HIS A 317 2.56 -45.47 21.11
CA HIS A 317 2.09 -44.25 21.76
C HIS A 317 3.04 -43.86 22.90
N ASP A 318 3.40 -44.83 23.74
CA ASP A 318 4.29 -44.56 24.86
C ASP A 318 5.73 -44.17 24.47
N ARG A 319 6.26 -44.74 23.40
CA ARG A 319 7.61 -44.38 22.94
C ARG A 319 7.63 -42.92 22.49
N VAL A 320 6.62 -42.52 21.73
CA VAL A 320 6.52 -41.15 21.24
C VAL A 320 6.29 -40.21 22.42
N LEU A 321 5.35 -40.56 23.29
CA LEU A 321 5.03 -39.73 24.44
C LEU A 321 6.25 -39.53 25.35
N THR A 322 7.02 -40.59 25.57
CA THR A 322 8.20 -40.48 26.42
C THR A 322 9.18 -39.45 25.85
N ILE A 323 9.36 -39.45 24.54
CA ILE A 323 10.26 -38.47 23.93
C ILE A 323 9.66 -37.06 24.12
N GLU A 324 8.37 -36.93 23.86
CA GLU A 324 7.69 -35.64 23.99
C GLU A 324 7.77 -35.05 25.40
N LEU A 325 7.50 -35.89 26.40
CA LEU A 325 7.53 -35.46 27.79
C LEU A 325 8.89 -34.92 28.21
N ASN A 326 9.94 -35.59 27.77
CA ASN A 326 11.30 -35.19 28.12
C ASN A 326 11.97 -34.22 27.17
N ALA A 327 11.21 -33.71 26.21
CA ALA A 327 11.76 -32.77 25.24
C ALA A 327 11.44 -31.33 25.62
N VAL A 328 12.00 -30.41 24.85
CA VAL A 328 11.74 -28.99 25.04
C VAL A 328 10.86 -28.61 23.85
N THR A 329 9.60 -28.30 24.13
CA THR A 329 8.66 -27.94 23.07
C THR A 329 8.44 -26.43 23.00
N ASP A 330 9.32 -25.69 23.67
CA ASP A 330 9.25 -24.23 23.72
C ASP A 330 9.64 -23.51 22.45
N ASN A 331 9.16 -22.27 22.34
CA ASN A 331 9.51 -21.36 21.28
C ASN A 331 9.30 -19.96 21.82
N PRO A 332 10.36 -19.13 21.79
CA PRO A 332 11.68 -19.47 21.27
C PRO A 332 12.44 -20.28 22.32
N VAL A 333 13.67 -20.68 21.99
CA VAL A 333 14.50 -21.43 22.94
C VAL A 333 15.88 -20.81 23.00
N PHE A 334 16.57 -21.02 24.12
CA PHE A 334 17.90 -20.45 24.30
C PHE A 334 18.92 -21.58 24.40
N PRO A 335 19.63 -21.85 23.30
CA PRO A 335 20.64 -22.90 23.22
C PRO A 335 21.63 -22.93 24.38
N PRO A 336 21.63 -24.02 25.16
CA PRO A 336 22.54 -24.16 26.30
C PRO A 336 24.01 -24.05 25.89
N ASP A 337 24.32 -24.50 24.67
CA ASP A 337 25.70 -24.44 24.19
C ASP A 337 26.14 -23.03 23.83
N GLY A 338 25.24 -22.07 23.92
CA GLY A 338 25.56 -20.68 23.61
C GLY A 338 25.92 -20.37 22.17
N SER A 339 25.61 -21.28 21.25
CA SER A 339 25.92 -21.08 19.83
C SER A 339 25.29 -19.78 19.29
N VAL A 340 24.01 -19.59 19.56
CA VAL A 340 23.29 -18.38 19.13
C VAL A 340 22.45 -17.93 20.32
N PRO A 341 22.08 -16.64 20.38
CA PRO A 341 21.28 -16.11 21.49
C PRO A 341 19.96 -16.86 21.69
N ALA A 342 19.31 -17.21 20.58
CA ALA A 342 18.04 -17.92 20.65
C ALA A 342 17.67 -18.47 19.28
N LEU A 343 16.81 -19.49 19.28
CA LEU A 343 16.34 -20.10 18.05
C LEU A 343 14.83 -19.99 17.96
N HIS A 344 14.32 -19.77 16.76
CA HIS A 344 12.89 -19.64 16.53
C HIS A 344 12.42 -20.75 15.58
N GLY A 345 11.40 -21.49 16.00
CA GLY A 345 10.88 -22.57 15.19
C GLY A 345 9.48 -22.94 15.64
N GLY A 346 9.11 -24.22 15.47
CA GLY A 346 7.78 -24.63 15.86
C GLY A 346 7.70 -25.92 16.66
N ASN A 347 8.59 -26.09 17.64
CA ASN A 347 8.57 -27.32 18.43
C ASN A 347 7.30 -27.43 19.28
N PHE A 348 6.47 -26.40 19.26
CA PHE A 348 5.21 -26.40 19.99
C PHE A 348 4.09 -27.11 19.21
N MET A 349 4.35 -27.43 17.95
CA MET A 349 3.37 -28.10 17.10
C MET A 349 3.17 -29.53 17.60
N GLY A 350 2.05 -29.78 18.26
CA GLY A 350 1.81 -31.09 18.83
C GLY A 350 1.30 -32.19 17.92
N GLN A 351 1.86 -32.32 16.72
CA GLN A 351 1.40 -33.35 15.79
C GLN A 351 1.70 -34.77 16.27
N HIS A 352 2.78 -34.94 17.03
CA HIS A 352 3.11 -36.28 17.51
C HIS A 352 2.08 -36.81 18.50
N VAL A 353 1.74 -36.02 19.51
CA VAL A 353 0.75 -36.46 20.48
C VAL A 353 -0.63 -36.57 19.82
N ALA A 354 -0.87 -35.71 18.82
CA ALA A 354 -2.15 -35.74 18.12
C ALA A 354 -2.36 -37.07 17.39
N LEU A 355 -1.35 -37.51 16.65
CA LEU A 355 -1.46 -38.74 15.88
C LEU A 355 -1.43 -40.00 16.74
N THR A 356 -0.61 -40.02 17.79
CA THR A 356 -0.55 -41.20 18.65
C THR A 356 -1.82 -41.30 19.48
N SER A 357 -2.38 -40.15 19.88
CA SER A 357 -3.61 -40.15 20.67
C SER A 357 -4.75 -40.69 19.81
N ASP A 358 -4.80 -40.26 18.55
CA ASP A 358 -5.83 -40.74 17.64
C ASP A 358 -5.67 -42.24 17.40
N ALA A 359 -4.44 -42.71 17.23
CA ALA A 359 -4.20 -44.14 16.99
C ALA A 359 -4.60 -44.97 18.21
N LEU A 360 -4.26 -44.48 19.39
CA LEU A 360 -4.60 -45.19 20.62
C LEU A 360 -6.12 -45.21 20.81
N ALA A 361 -6.78 -44.10 20.47
CA ALA A 361 -8.24 -44.01 20.60
C ALA A 361 -8.91 -45.10 19.77
N THR A 362 -8.37 -45.35 18.57
CA THR A 362 -8.90 -46.38 17.70
C THR A 362 -8.68 -47.75 18.36
N ALA A 363 -7.47 -47.97 18.85
CA ALA A 363 -7.11 -49.23 19.51
C ALA A 363 -8.02 -49.49 20.72
N VAL A 364 -8.31 -48.44 21.48
CA VAL A 364 -9.15 -48.56 22.66
C VAL A 364 -10.59 -48.93 22.27
N THR A 365 -11.09 -48.33 21.20
CA THR A 365 -12.43 -48.61 20.71
C THR A 365 -12.51 -50.07 20.24
N VAL A 366 -11.44 -50.55 19.60
CA VAL A 366 -11.38 -51.93 19.12
C VAL A 366 -11.37 -52.89 20.30
N LEU A 367 -10.52 -52.63 21.29
CA LEU A 367 -10.44 -53.49 22.47
C LEU A 367 -11.72 -53.43 23.28
N ALA A 368 -12.35 -52.26 23.31
CA ALA A 368 -13.61 -52.10 24.04
C ALA A 368 -14.65 -52.97 23.35
N GLY A 369 -14.53 -53.08 22.02
CA GLY A 369 -15.45 -53.90 21.26
C GLY A 369 -15.30 -55.36 21.64
N LEU A 370 -14.06 -55.80 21.82
CA LEU A 370 -13.80 -57.18 22.20
C LEU A 370 -14.51 -57.46 23.52
N ALA A 371 -14.29 -56.61 24.51
CA ALA A 371 -14.92 -56.77 25.82
C ALA A 371 -16.44 -56.81 25.70
N GLU A 372 -16.99 -55.91 24.90
CA GLU A 372 -18.43 -55.86 24.70
C GLU A 372 -18.96 -57.16 24.10
N ARG A 373 -18.26 -57.69 23.11
CA ARG A 373 -18.67 -58.95 22.50
C ARG A 373 -18.50 -60.12 23.47
N GLN A 374 -17.51 -60.03 24.35
CA GLN A 374 -17.30 -61.08 25.34
C GLN A 374 -18.49 -61.08 26.30
N ILE A 375 -19.02 -59.90 26.59
CA ILE A 375 -20.18 -59.79 27.48
C ILE A 375 -21.41 -60.36 26.78
N ALA A 376 -21.57 -60.02 25.50
CA ALA A 376 -22.70 -60.46 24.71
C ALA A 376 -22.74 -61.98 24.59
N ARG A 377 -21.58 -62.61 24.48
CA ARG A 377 -21.52 -64.06 24.36
C ARG A 377 -21.78 -64.75 25.71
N LEU A 378 -21.18 -64.21 26.77
CA LEU A 378 -21.32 -64.77 28.11
C LEU A 378 -22.74 -64.74 28.65
N THR A 379 -23.50 -63.71 28.28
CA THR A 379 -24.86 -63.56 28.76
C THR A 379 -25.92 -64.20 27.88
N ASP A 380 -25.51 -64.74 26.74
CA ASP A 380 -26.45 -65.36 25.79
C ASP A 380 -26.59 -66.85 26.10
N GLU A 381 -27.76 -67.25 26.57
CA GLU A 381 -28.00 -68.65 26.91
C GLU A 381 -27.76 -69.62 25.76
N ARG A 382 -27.85 -69.13 24.53
CA ARG A 382 -27.62 -69.99 23.37
C ARG A 382 -26.13 -70.15 23.09
N LEU A 383 -25.32 -69.26 23.63
CA LEU A 383 -23.88 -69.30 23.41
C LEU A 383 -23.02 -69.54 24.64
N ASN A 384 -23.56 -69.33 25.84
CA ASN A 384 -22.76 -69.49 27.05
C ASN A 384 -22.64 -70.90 27.61
N ARG A 385 -22.92 -71.89 26.77
CA ARG A 385 -22.81 -73.29 27.15
C ARG A 385 -23.40 -73.75 28.49
N GLY A 386 -24.69 -73.52 28.69
CA GLY A 386 -25.33 -73.96 29.92
C GLY A 386 -25.53 -72.98 31.05
N LEU A 387 -24.98 -71.77 30.94
CA LEU A 387 -25.16 -70.78 31.98
C LEU A 387 -26.54 -70.13 31.86
N PRO A 388 -27.08 -69.64 32.98
CA PRO A 388 -28.40 -69.00 32.94
C PRO A 388 -28.41 -67.80 32.01
N PRO A 389 -29.55 -67.53 31.37
CA PRO A 389 -29.61 -66.39 30.46
C PRO A 389 -29.33 -65.10 31.25
N PHE A 390 -28.35 -64.33 30.78
CA PHE A 390 -27.96 -63.08 31.42
C PHE A 390 -27.48 -63.30 32.86
N LEU A 391 -27.00 -64.51 33.12
CA LEU A 391 -26.44 -64.89 34.42
C LEU A 391 -27.30 -64.55 35.64
N HIS A 392 -28.62 -64.63 35.48
CA HIS A 392 -29.52 -64.31 36.57
C HIS A 392 -29.55 -65.43 37.61
N ARG A 393 -30.04 -65.09 38.80
CA ARG A 393 -30.21 -66.07 39.86
C ARG A 393 -31.69 -65.90 40.22
N GLY A 394 -32.25 -66.84 40.97
CA GLY A 394 -33.66 -66.74 41.29
C GLY A 394 -34.44 -67.22 40.08
N PRO A 395 -35.78 -67.24 40.13
CA PRO A 395 -36.58 -67.70 38.98
C PRO A 395 -36.35 -66.91 37.67
N ALA A 396 -36.17 -67.64 36.58
CA ALA A 396 -35.95 -67.02 35.28
C ALA A 396 -37.22 -66.28 34.87
N GLY A 397 -37.06 -65.14 34.21
CA GLY A 397 -38.22 -64.37 33.80
C GLY A 397 -38.52 -63.35 34.87
N LEU A 398 -38.76 -63.82 36.09
CA LEU A 398 -39.02 -62.92 37.20
C LEU A 398 -37.76 -62.09 37.39
N ASN A 399 -36.62 -62.75 37.18
CA ASN A 399 -35.32 -62.09 37.31
C ASN A 399 -34.66 -62.08 35.93
N SER A 400 -33.99 -60.98 35.61
CA SER A 400 -33.33 -60.85 34.32
C SER A 400 -31.82 -60.70 34.45
N GLY A 401 -31.34 -60.69 35.70
CA GLY A 401 -29.91 -60.59 35.94
C GLY A 401 -29.21 -59.37 35.36
N PHE A 402 -28.22 -59.61 34.50
CA PHE A 402 -27.46 -58.54 33.86
C PHE A 402 -27.98 -58.15 32.49
N MET A 403 -29.24 -58.48 32.20
CA MET A 403 -29.82 -58.15 30.91
C MET A 403 -29.75 -56.64 30.63
N GLY A 404 -29.94 -55.85 31.68
CA GLY A 404 -29.87 -54.40 31.53
C GLY A 404 -28.43 -53.94 31.33
N ALA A 405 -27.53 -54.43 32.16
CA ALA A 405 -26.11 -54.06 32.07
C ALA A 405 -25.49 -54.44 30.72
N GLN A 406 -25.95 -55.55 30.14
CA GLN A 406 -25.42 -56.01 28.86
C GLN A 406 -25.73 -55.01 27.75
N VAL A 407 -26.95 -54.47 27.76
CA VAL A 407 -27.34 -53.49 26.75
C VAL A 407 -26.59 -52.18 26.98
N THR A 408 -26.41 -51.82 28.25
CA THR A 408 -25.68 -50.60 28.59
C THR A 408 -24.27 -50.68 28.02
N ALA A 409 -23.65 -51.86 28.10
CA ALA A 409 -22.30 -52.04 27.58
C ALA A 409 -22.30 -51.75 26.09
N THR A 410 -23.32 -52.23 25.39
CA THR A 410 -23.44 -52.00 23.95
C THR A 410 -23.63 -50.50 23.65
N ALA A 411 -24.41 -49.82 24.46
CA ALA A 411 -24.66 -48.38 24.27
C ALA A 411 -23.38 -47.58 24.47
N LEU A 412 -22.59 -47.95 25.47
CA LEU A 412 -21.34 -47.27 25.75
C LEU A 412 -20.41 -47.42 24.56
N LEU A 413 -20.33 -48.63 24.02
CA LEU A 413 -19.47 -48.90 22.86
C LEU A 413 -19.94 -48.12 21.64
N ALA A 414 -21.25 -48.14 21.39
CA ALA A 414 -21.80 -47.42 20.23
C ALA A 414 -21.43 -45.95 20.28
N GLU A 415 -21.49 -45.37 21.48
CA GLU A 415 -21.15 -43.95 21.64
C GLU A 415 -19.67 -43.70 21.36
N MET A 416 -18.82 -44.65 21.76
CA MET A 416 -17.37 -44.52 21.51
C MET A 416 -17.10 -44.42 20.02
N ARG A 417 -17.78 -45.25 19.26
CA ARG A 417 -17.58 -45.30 17.81
C ARG A 417 -18.01 -44.04 17.06
N ALA A 418 -18.90 -43.25 17.65
CA ALA A 418 -19.40 -42.04 17.00
C ALA A 418 -18.34 -40.94 16.87
N THR A 419 -17.29 -41.03 17.68
CA THR A 419 -16.23 -40.02 17.64
C THR A 419 -14.97 -40.57 16.97
N GLY A 420 -14.51 -39.87 15.94
CA GLY A 420 -13.32 -40.29 15.23
C GLY A 420 -12.07 -39.51 15.58
N PRO A 421 -11.00 -39.63 14.78
CA PRO A 421 -9.73 -38.93 15.00
C PRO A 421 -9.91 -37.42 15.01
N ALA A 422 -9.16 -36.74 15.87
CA ALA A 422 -9.25 -35.28 15.97
C ALA A 422 -8.30 -34.59 15.00
N SER A 423 -7.15 -35.20 14.76
CA SER A 423 -6.09 -34.66 13.91
C SER A 423 -6.44 -34.22 12.50
N ILE A 424 -7.41 -34.88 11.87
CA ILE A 424 -7.78 -34.56 10.50
C ILE A 424 -8.59 -33.30 10.31
N HIS A 425 -8.92 -32.61 11.40
CA HIS A 425 -9.75 -31.41 11.31
C HIS A 425 -9.02 -30.09 11.42
N SER A 426 -7.75 -30.06 11.01
CA SER A 426 -6.99 -28.83 11.06
C SER A 426 -7.69 -27.74 10.23
N ILE A 427 -7.73 -26.53 10.78
CA ILE A 427 -8.35 -25.39 10.11
C ILE A 427 -7.44 -24.18 10.27
N SER A 428 -7.16 -23.49 9.16
CA SER A 428 -6.31 -22.31 9.18
C SER A 428 -6.91 -21.26 10.10
N THR A 429 -6.11 -20.77 11.04
CA THR A 429 -6.59 -19.79 12.00
C THR A 429 -5.52 -18.74 12.37
N ASN A 430 -5.84 -17.84 13.29
CA ASN A 430 -4.90 -16.79 13.68
C ASN A 430 -4.52 -15.96 12.44
N ALA A 431 -5.52 -15.46 11.74
CA ALA A 431 -5.31 -14.66 10.52
C ALA A 431 -4.42 -15.40 9.54
N ALA A 432 -4.64 -16.71 9.45
CA ALA A 432 -3.89 -17.59 8.55
C ALA A 432 -2.43 -17.82 8.93
N ASN A 433 -1.99 -17.25 10.06
CA ASN A 433 -0.60 -17.46 10.51
C ASN A 433 -0.44 -18.91 10.95
N GLN A 434 -1.46 -19.44 11.62
CA GLN A 434 -1.44 -20.84 12.04
C GLN A 434 -2.27 -21.56 10.99
N ASP A 435 -1.75 -21.65 9.76
CA ASP A 435 -2.50 -22.29 8.70
C ASP A 435 -2.68 -23.79 8.86
N VAL A 436 -1.91 -24.39 9.75
CA VAL A 436 -2.03 -25.82 10.08
C VAL A 436 -1.85 -25.95 11.59
N VAL A 437 -2.74 -26.69 12.23
CA VAL A 437 -2.68 -26.90 13.68
C VAL A 437 -2.83 -28.40 13.96
N SER A 438 -2.26 -28.85 15.08
CA SER A 438 -2.29 -30.26 15.42
C SER A 438 -3.56 -30.80 16.07
N LEU A 439 -4.17 -29.99 16.92
CA LEU A 439 -5.38 -30.41 17.64
C LEU A 439 -5.02 -31.58 18.55
N GLY A 440 -3.77 -31.62 19.00
CA GLY A 440 -3.31 -32.70 19.87
C GLY A 440 -3.98 -32.78 21.22
N THR A 441 -4.35 -31.62 21.77
CA THR A 441 -5.00 -31.58 23.07
C THR A 441 -6.39 -32.20 22.95
N ILE A 442 -7.07 -31.86 21.87
CA ILE A 442 -8.40 -32.40 21.60
C ILE A 442 -8.29 -33.90 21.42
N ALA A 443 -7.32 -34.33 20.61
CA ALA A 443 -7.12 -35.74 20.36
C ALA A 443 -6.88 -36.51 21.66
N ALA A 444 -6.05 -35.94 22.54
CA ALA A 444 -5.75 -36.59 23.82
C ALA A 444 -7.00 -36.72 24.66
N ARG A 445 -7.82 -35.67 24.67
CA ARG A 445 -9.05 -35.66 25.45
C ARG A 445 -10.10 -36.64 24.89
N LEU A 446 -10.18 -36.77 23.57
CA LEU A 446 -11.15 -37.68 22.98
C LEU A 446 -10.74 -39.12 23.29
N CYS A 447 -9.44 -39.35 23.33
CA CYS A 447 -8.92 -40.68 23.64
C CYS A 447 -9.29 -41.01 25.09
N ARG A 448 -9.15 -40.02 25.97
CA ARG A 448 -9.47 -40.19 27.39
C ARG A 448 -10.91 -40.62 27.61
N GLU A 449 -11.84 -39.94 26.93
CA GLU A 449 -13.25 -40.27 27.07
C GLU A 449 -13.49 -41.72 26.68
N LYS A 450 -12.83 -42.15 25.60
CA LYS A 450 -12.98 -43.53 25.14
C LYS A 450 -12.41 -44.47 26.20
N ILE A 451 -11.31 -44.07 26.83
CA ILE A 451 -10.71 -44.89 27.88
C ILE A 451 -11.69 -45.03 29.04
N ASP A 452 -12.42 -43.96 29.35
CA ASP A 452 -13.39 -44.01 30.44
C ASP A 452 -14.54 -44.95 30.10
N ARG A 453 -14.98 -44.95 28.85
CA ARG A 453 -16.06 -45.83 28.41
C ARG A 453 -15.58 -47.29 28.45
N TRP A 454 -14.33 -47.50 28.04
CA TRP A 454 -13.75 -48.84 28.03
C TRP A 454 -13.74 -49.42 29.44
N ALA A 455 -13.39 -48.58 30.41
CA ALA A 455 -13.35 -48.99 31.82
C ALA A 455 -14.74 -49.40 32.32
N GLU A 456 -15.76 -48.69 31.85
CA GLU A 456 -17.12 -48.99 32.26
C GLU A 456 -17.57 -50.32 31.67
N ILE A 457 -17.14 -50.58 30.43
CA ILE A 457 -17.48 -51.82 29.74
C ILE A 457 -16.76 -52.99 30.40
N LEU A 458 -15.50 -52.79 30.76
CA LEU A 458 -14.73 -53.84 31.42
C LEU A 458 -15.33 -54.14 32.79
N ALA A 459 -15.83 -53.10 33.45
CA ALA A 459 -16.43 -53.26 34.77
C ALA A 459 -17.66 -54.17 34.68
N ILE A 460 -18.49 -53.94 33.66
CA ILE A 460 -19.66 -54.77 33.45
C ILE A 460 -19.22 -56.21 33.23
N LEU A 461 -18.25 -56.39 32.35
CA LEU A 461 -17.72 -57.72 32.06
C LEU A 461 -17.19 -58.38 33.34
N ALA A 462 -16.54 -57.59 34.20
CA ALA A 462 -16.00 -58.11 35.45
C ALA A 462 -17.11 -58.57 36.39
N LEU A 463 -18.17 -57.77 36.51
CA LEU A 463 -19.27 -58.15 37.38
C LEU A 463 -19.95 -59.40 36.84
N CYS A 464 -20.09 -59.48 35.52
CA CYS A 464 -20.70 -60.65 34.88
C CYS A 464 -19.87 -61.91 35.15
N LEU A 465 -18.56 -61.78 34.97
CA LEU A 465 -17.66 -62.90 35.16
C LEU A 465 -17.60 -63.41 36.60
N ALA A 466 -17.73 -62.51 37.56
CA ALA A 466 -17.72 -62.92 38.96
C ALA A 466 -18.94 -63.79 39.18
N GLN A 467 -20.08 -63.35 38.66
CA GLN A 467 -21.32 -64.10 38.77
C GLN A 467 -21.23 -65.43 38.00
N ALA A 468 -20.73 -65.36 36.77
CA ALA A 468 -20.60 -66.56 35.93
C ALA A 468 -19.68 -67.61 36.53
N ALA A 469 -18.62 -67.17 37.19
CA ALA A 469 -17.67 -68.09 37.80
C ALA A 469 -18.37 -68.88 38.90
N GLU A 470 -19.11 -68.17 39.75
CA GLU A 470 -19.83 -68.79 40.87
C GLU A 470 -20.96 -69.71 40.40
N LEU A 471 -21.61 -69.33 39.31
CA LEU A 471 -22.70 -70.14 38.76
C LEU A 471 -22.12 -71.43 38.16
N ARG A 472 -20.99 -71.30 37.48
CA ARG A 472 -20.36 -72.44 36.84
C ARG A 472 -19.63 -73.38 37.80
N CYS A 473 -18.85 -72.80 38.71
CA CYS A 473 -18.03 -73.57 39.63
C CYS A 473 -18.45 -73.55 41.09
N GLY A 474 -19.62 -72.97 41.38
CA GLY A 474 -20.08 -72.90 42.75
C GLY A 474 -19.40 -71.75 43.48
N SER A 475 -19.92 -71.41 44.66
CA SER A 475 -19.35 -70.32 45.44
C SER A 475 -17.88 -70.57 45.82
N GLY A 476 -17.49 -71.84 45.87
CA GLY A 476 -16.12 -72.18 46.23
C GLY A 476 -15.16 -72.01 45.06
N LEU A 477 -15.71 -71.75 43.88
CA LEU A 477 -14.91 -71.57 42.67
C LEU A 477 -14.01 -72.77 42.42
N ASP A 478 -14.59 -73.95 42.45
CA ASP A 478 -13.84 -75.18 42.24
C ASP A 478 -13.30 -75.30 40.83
N GLY A 479 -12.01 -75.58 40.73
CA GLY A 479 -11.38 -75.75 39.43
C GLY A 479 -10.85 -74.45 38.85
N VAL A 480 -11.22 -73.33 39.45
CA VAL A 480 -10.77 -72.03 38.97
C VAL A 480 -9.32 -71.77 39.36
N SER A 481 -8.56 -71.20 38.43
CA SER A 481 -7.14 -70.89 38.66
C SER A 481 -6.95 -70.00 39.88
N PRO A 482 -5.73 -69.99 40.45
CA PRO A 482 -5.42 -69.17 41.62
C PRO A 482 -5.66 -67.69 41.32
N ALA A 483 -5.23 -67.26 40.13
CA ALA A 483 -5.40 -65.87 39.71
C ALA A 483 -6.88 -65.55 39.58
N GLY A 484 -7.64 -66.47 38.98
CA GLY A 484 -9.06 -66.26 38.81
C GLY A 484 -9.77 -66.15 40.15
N LYS A 485 -9.42 -67.04 41.07
CA LYS A 485 -10.03 -67.03 42.41
C LYS A 485 -9.75 -65.71 43.10
N LYS A 486 -8.50 -65.28 43.06
CA LYS A 486 -8.11 -64.03 43.71
C LYS A 486 -8.91 -62.84 43.18
N LEU A 487 -9.06 -62.76 41.86
CA LEU A 487 -9.80 -61.65 41.26
C LEU A 487 -11.26 -61.63 41.71
N VAL A 488 -11.93 -62.77 41.62
CA VAL A 488 -13.33 -62.86 42.01
C VAL A 488 -13.51 -62.57 43.50
N GLN A 489 -12.62 -63.12 44.33
CA GLN A 489 -12.70 -62.89 45.77
C GLN A 489 -12.46 -61.42 46.07
N ALA A 490 -11.53 -60.81 45.34
CA ALA A 490 -11.23 -59.40 45.54
C ALA A 490 -12.45 -58.54 45.20
N LEU A 491 -13.13 -58.89 44.11
CA LEU A 491 -14.32 -58.16 43.69
C LEU A 491 -15.45 -58.33 44.72
N ARG A 492 -15.68 -59.57 45.13
CA ARG A 492 -16.72 -59.89 46.10
C ARG A 492 -16.58 -59.17 47.43
N GLU A 493 -15.40 -58.61 47.68
CA GLU A 493 -15.19 -57.90 48.94
C GLU A 493 -15.98 -56.60 48.94
N GLN A 494 -16.24 -56.06 47.75
CA GLN A 494 -16.98 -54.81 47.62
C GLN A 494 -18.26 -54.94 46.79
N PHE A 495 -18.34 -55.98 45.96
CA PHE A 495 -19.52 -56.18 45.11
C PHE A 495 -20.16 -57.54 45.37
N PRO A 496 -21.32 -57.54 46.06
CA PRO A 496 -22.06 -58.77 46.38
C PRO A 496 -22.59 -59.49 45.15
N PRO A 497 -22.85 -60.81 45.29
CA PRO A 497 -23.38 -61.59 44.16
C PRO A 497 -24.74 -61.00 43.79
N LEU A 498 -25.21 -61.30 42.59
CA LEU A 498 -26.51 -60.82 42.17
C LEU A 498 -27.49 -61.99 42.37
N GLU A 499 -28.03 -62.09 43.58
CA GLU A 499 -28.97 -63.17 43.90
C GLU A 499 -30.35 -62.82 43.40
N THR A 500 -30.58 -61.52 43.22
CA THR A 500 -31.84 -61.02 42.71
C THR A 500 -31.57 -59.68 42.02
N ASP A 501 -32.36 -59.36 41.00
CA ASP A 501 -32.17 -58.12 40.25
C ASP A 501 -32.11 -56.87 41.14
N ARG A 502 -31.14 -56.00 40.83
CA ARG A 502 -30.97 -54.76 41.57
C ARG A 502 -30.27 -53.74 40.67
N PRO A 503 -30.43 -52.44 40.98
CA PRO A 503 -29.79 -51.39 40.18
C PRO A 503 -28.28 -51.62 40.22
N LEU A 504 -27.64 -51.60 39.05
CA LEU A 504 -26.21 -51.85 38.97
C LEU A 504 -25.39 -50.63 38.52
N GLY A 505 -26.08 -49.56 38.16
CA GLY A 505 -25.41 -48.36 37.69
C GLY A 505 -24.31 -47.82 38.56
N GLN A 506 -24.61 -47.62 39.84
CA GLN A 506 -23.62 -47.09 40.77
C GLN A 506 -22.44 -48.03 40.98
N GLU A 507 -22.69 -49.33 40.99
CA GLU A 507 -21.61 -50.30 41.16
C GLU A 507 -20.71 -50.35 39.93
N ILE A 508 -21.31 -50.21 38.75
CA ILE A 508 -20.53 -50.20 37.51
C ILE A 508 -19.59 -49.00 37.50
N ALA A 509 -20.10 -47.85 37.89
CA ALA A 509 -19.30 -46.62 37.92
C ALA A 509 -18.18 -46.73 38.95
N ALA A 510 -18.49 -47.25 40.13
CA ALA A 510 -17.49 -47.39 41.19
C ALA A 510 -16.38 -48.34 40.76
N LEU A 511 -16.76 -49.47 40.19
CA LEU A 511 -15.76 -50.43 39.75
C LEU A 511 -14.89 -49.87 38.64
N ALA A 512 -15.51 -49.11 37.74
CA ALA A 512 -14.79 -48.51 36.62
C ALA A 512 -13.66 -47.61 37.12
N THR A 513 -13.95 -46.81 38.14
CA THR A 513 -12.97 -45.91 38.73
C THR A 513 -11.78 -46.70 39.27
N HIS A 514 -12.07 -47.89 39.79
CA HIS A 514 -11.02 -48.76 40.34
C HIS A 514 -10.16 -49.36 39.23
N LEU A 515 -10.81 -49.83 38.16
CA LEU A 515 -10.09 -50.44 37.05
C LEU A 515 -9.08 -49.51 36.38
N LEU A 516 -9.37 -48.21 36.41
CA LEU A 516 -8.49 -47.22 35.80
C LEU A 516 -7.20 -46.97 36.58
N GLN A 517 -7.22 -47.29 37.87
CA GLN A 517 -6.06 -47.03 38.73
C GLN A 517 -5.34 -48.25 39.30
N GLN A 518 -5.94 -49.43 39.18
CA GLN A 518 -5.31 -50.64 39.71
C GLN A 518 -5.56 -51.85 38.81
N SER A 519 -4.57 -52.74 38.76
CA SER A 519 -4.66 -53.96 37.96
C SER A 519 -4.99 -55.16 38.82
N PRO A 520 -5.55 -56.22 38.22
CA PRO A 520 -5.89 -57.42 38.99
C PRO A 520 -4.65 -58.21 39.38
N VAL A 521 -4.21 -58.05 40.63
CA VAL A 521 -3.04 -58.74 41.14
C VAL A 521 -3.24 -59.11 42.61
N PRO B 7 -49.05 -14.36 37.33
CA PRO B 7 -49.01 -15.77 37.80
C PRO B 7 -48.12 -16.62 36.89
N LYS B 8 -48.65 -17.77 36.46
CA LYS B 8 -47.91 -18.66 35.57
C LYS B 8 -48.83 -19.26 34.51
N PRO B 9 -48.41 -19.22 33.24
CA PRO B 9 -49.20 -19.77 32.13
C PRO B 9 -49.48 -21.25 32.35
N ALA B 10 -50.59 -21.74 31.82
CA ALA B 10 -50.94 -23.14 31.97
C ALA B 10 -51.18 -23.85 30.64
N VAL B 11 -50.59 -25.03 30.48
CA VAL B 11 -50.76 -25.80 29.26
C VAL B 11 -51.73 -26.93 29.57
N GLU B 12 -52.87 -26.94 28.89
CA GLU B 12 -53.87 -27.96 29.10
C GLU B 12 -53.67 -29.07 28.07
N LEU B 13 -53.19 -30.20 28.54
CA LEU B 13 -52.92 -31.34 27.67
C LEU B 13 -54.12 -32.21 27.40
N ASP B 14 -54.47 -32.34 26.12
CA ASP B 14 -55.56 -33.20 25.71
C ASP B 14 -54.94 -34.25 24.80
N ARG B 15 -54.80 -33.91 23.52
CA ARG B 15 -54.21 -34.81 22.54
C ARG B 15 -52.89 -34.30 21.96
N HIS B 16 -52.89 -33.04 21.54
CA HIS B 16 -51.73 -32.43 20.91
C HIS B 16 -51.09 -31.30 21.69
N ILE B 17 -49.76 -31.26 21.68
CA ILE B 17 -48.99 -30.22 22.34
C ILE B 17 -47.88 -29.84 21.35
N ASP B 18 -47.65 -28.55 21.12
CA ASP B 18 -46.60 -28.17 20.19
C ASP B 18 -45.26 -28.06 20.93
N LEU B 19 -44.18 -27.93 20.17
CA LEU B 19 -42.85 -27.84 20.76
C LEU B 19 -42.64 -26.68 21.74
N ASP B 20 -43.28 -25.54 21.50
CA ASP B 20 -43.12 -24.40 22.41
C ASP B 20 -43.82 -24.64 23.75
N GLN B 21 -45.01 -25.23 23.70
CA GLN B 21 -45.74 -25.54 24.94
C GLN B 21 -44.92 -26.56 25.71
N ALA B 22 -44.44 -27.58 25.00
CA ALA B 22 -43.65 -28.64 25.59
C ALA B 22 -42.46 -28.05 26.33
N HIS B 23 -41.72 -27.18 25.66
CA HIS B 23 -40.56 -26.56 26.30
C HIS B 23 -40.98 -25.63 27.44
N ALA B 24 -42.14 -25.00 27.32
CA ALA B 24 -42.62 -24.12 28.38
C ALA B 24 -42.83 -24.91 29.69
N VAL B 25 -43.40 -26.11 29.55
CA VAL B 25 -43.64 -26.96 30.71
C VAL B 25 -42.33 -27.51 31.24
N ALA B 26 -41.52 -28.06 30.35
CA ALA B 26 -40.22 -28.64 30.73
C ALA B 26 -39.31 -27.65 31.42
N SER B 27 -39.34 -26.39 31.00
CA SER B 27 -38.49 -25.37 31.60
C SER B 27 -39.13 -24.72 32.82
N GLY B 28 -40.34 -25.15 33.15
CA GLY B 28 -41.02 -24.59 34.30
C GLY B 28 -41.68 -23.24 34.05
N GLY B 29 -41.70 -22.80 32.80
CA GLY B 29 -42.31 -21.52 32.49
C GLY B 29 -43.83 -21.62 32.54
N ALA B 30 -44.34 -22.83 32.36
CA ALA B 30 -45.78 -23.06 32.38
C ALA B 30 -46.13 -24.27 33.23
N ARG B 31 -47.32 -24.24 33.83
CA ARG B 31 -47.77 -25.38 34.62
C ARG B 31 -48.53 -26.25 33.64
N ILE B 32 -48.80 -27.50 34.03
CA ILE B 32 -49.51 -28.39 33.14
C ILE B 32 -50.74 -29.02 33.79
N VAL B 33 -51.80 -29.15 32.99
CA VAL B 33 -53.04 -29.73 33.45
C VAL B 33 -53.57 -30.71 32.42
N LEU B 34 -54.12 -31.81 32.89
CA LEU B 34 -54.68 -32.80 31.98
C LEU B 34 -56.12 -32.40 31.70
N ALA B 35 -56.47 -32.22 30.44
CA ALA B 35 -57.83 -31.84 30.07
C ALA B 35 -58.80 -32.96 30.42
N PRO B 36 -60.06 -32.64 30.74
CA PRO B 36 -61.07 -33.64 31.09
C PRO B 36 -61.19 -34.79 30.09
N PRO B 37 -61.23 -34.49 28.79
CA PRO B 37 -61.35 -35.55 27.77
C PRO B 37 -60.21 -36.56 27.88
N ALA B 38 -59.00 -36.06 28.15
CA ALA B 38 -57.83 -36.92 28.29
C ALA B 38 -57.92 -37.73 29.57
N ARG B 39 -58.38 -37.08 30.63
CA ARG B 39 -58.53 -37.75 31.91
C ARG B 39 -59.45 -38.96 31.74
N ASP B 40 -60.53 -38.76 30.99
CA ASP B 40 -61.49 -39.84 30.75
C ASP B 40 -60.91 -40.95 29.89
N ARG B 41 -60.18 -40.59 28.84
CA ARG B 41 -59.57 -41.59 27.98
C ARG B 41 -58.61 -42.45 28.80
N CYS B 42 -57.91 -41.81 29.74
CA CYS B 42 -56.96 -42.53 30.57
C CYS B 42 -57.65 -43.44 31.57
N ARG B 43 -58.78 -42.98 32.11
CA ARG B 43 -59.52 -43.80 33.07
C ARG B 43 -60.03 -45.03 32.32
N ALA B 44 -60.45 -44.82 31.08
CA ALA B 44 -60.96 -45.93 30.27
C ALA B 44 -59.84 -46.93 29.96
N SER B 45 -58.64 -46.43 29.71
CA SER B 45 -57.51 -47.30 29.42
C SER B 45 -57.08 -48.03 30.69
N GLU B 46 -57.22 -47.35 31.83
CA GLU B 46 -56.86 -47.94 33.11
C GLU B 46 -57.75 -49.14 33.36
N ALA B 47 -59.01 -49.04 32.96
CA ALA B 47 -59.97 -50.12 33.13
C ALA B 47 -59.68 -51.27 32.19
N ARG B 48 -59.15 -50.97 31.00
CA ARG B 48 -58.82 -52.04 30.06
C ARG B 48 -57.65 -52.85 30.57
N LEU B 49 -56.66 -52.18 31.15
CA LEU B 49 -55.49 -52.87 31.68
C LEU B 49 -55.96 -53.84 32.76
N GLY B 50 -56.85 -53.36 33.62
CA GLY B 50 -57.37 -54.19 34.69
C GLY B 50 -58.05 -55.45 34.16
N ALA B 51 -58.85 -55.28 33.11
CA ALA B 51 -59.55 -56.41 32.51
C ALA B 51 -58.54 -57.38 31.86
N VAL B 52 -57.52 -56.83 31.20
CA VAL B 52 -56.50 -57.64 30.56
C VAL B 52 -55.81 -58.52 31.60
N ILE B 53 -55.53 -57.95 32.76
CA ILE B 53 -54.87 -58.66 33.85
C ILE B 53 -55.81 -59.71 34.47
N ARG B 54 -57.06 -59.33 34.70
CA ARG B 54 -58.03 -60.25 35.29
C ARG B 54 -58.24 -61.46 34.40
N GLU B 55 -58.28 -61.23 33.10
CA GLU B 55 -58.50 -62.29 32.11
C GLU B 55 -57.27 -63.14 31.83
N ALA B 56 -56.15 -62.78 32.46
CA ALA B 56 -54.90 -63.52 32.29
C ALA B 56 -54.43 -63.59 30.85
N ARG B 57 -54.65 -62.51 30.10
CA ARG B 57 -54.25 -62.44 28.71
C ARG B 57 -52.74 -62.55 28.59
N HIS B 58 -52.27 -63.16 27.50
CA HIS B 58 -50.83 -63.30 27.25
C HIS B 58 -50.35 -61.93 26.79
N VAL B 59 -49.75 -61.16 27.71
CA VAL B 59 -49.27 -59.83 27.39
C VAL B 59 -47.87 -59.60 27.95
N TYR B 60 -46.98 -59.09 27.11
CA TYR B 60 -45.60 -58.81 27.48
C TYR B 60 -45.55 -57.91 28.72
N GLY B 61 -44.77 -58.31 29.72
CA GLY B 61 -44.66 -57.50 30.92
C GLY B 61 -45.72 -57.69 31.98
N LEU B 62 -46.79 -58.40 31.63
CA LEU B 62 -47.87 -58.67 32.58
C LEU B 62 -47.90 -60.16 32.92
N THR B 63 -47.59 -60.99 31.93
CA THR B 63 -47.58 -62.44 32.12
C THR B 63 -46.35 -63.10 31.50
N THR B 64 -45.37 -62.30 31.10
CA THR B 64 -44.16 -62.83 30.48
C THR B 64 -42.92 -62.13 31.01
N GLY B 65 -41.76 -62.75 30.80
CA GLY B 65 -40.51 -62.16 31.20
C GLY B 65 -40.21 -61.08 30.18
N PHE B 66 -39.03 -60.47 30.28
CA PHE B 66 -38.66 -59.39 29.37
C PHE B 66 -37.66 -59.80 28.29
N GLY B 67 -37.70 -59.08 27.18
CA GLY B 67 -36.81 -59.38 26.08
C GLY B 67 -36.90 -60.82 25.65
N PRO B 68 -35.76 -61.50 25.44
CA PRO B 68 -35.72 -62.90 25.03
C PRO B 68 -36.27 -63.84 26.10
N LEU B 69 -36.40 -63.34 27.32
CA LEU B 69 -36.93 -64.15 28.41
C LEU B 69 -38.46 -64.09 28.41
N ALA B 70 -39.03 -63.55 27.34
CA ALA B 70 -40.48 -63.44 27.23
C ALA B 70 -41.17 -64.79 27.02
N ASN B 71 -40.39 -65.83 26.75
CA ASN B 71 -40.96 -67.16 26.55
C ASN B 71 -41.16 -67.82 27.91
N ARG B 72 -40.81 -67.08 28.95
CA ARG B 72 -40.98 -67.52 30.33
C ARG B 72 -42.25 -66.81 30.81
N LEU B 73 -43.34 -67.56 30.94
CA LEU B 73 -44.60 -66.97 31.37
C LEU B 73 -44.57 -66.77 32.89
N ILE B 74 -45.29 -65.76 33.36
CA ILE B 74 -45.33 -65.44 34.79
C ILE B 74 -46.73 -65.53 35.38
N SER B 75 -46.85 -66.17 36.53
CA SER B 75 -48.14 -66.31 37.20
C SER B 75 -48.61 -64.95 37.72
N GLY B 76 -49.92 -64.71 37.66
CA GLY B 76 -50.46 -63.43 38.11
C GLY B 76 -49.99 -63.00 39.48
N GLU B 77 -49.80 -63.97 40.38
CA GLU B 77 -49.36 -63.70 41.73
C GLU B 77 -47.98 -63.06 41.84
N ASN B 78 -47.18 -63.15 40.78
CA ASN B 78 -45.82 -62.61 40.81
C ASN B 78 -45.58 -61.39 39.94
N VAL B 79 -46.65 -60.78 39.44
CA VAL B 79 -46.52 -59.61 38.59
C VAL B 79 -45.91 -58.39 39.31
N ARG B 80 -46.26 -58.22 40.57
CA ARG B 80 -45.72 -57.11 41.36
C ARG B 80 -44.21 -57.23 41.39
N THR B 81 -43.75 -58.44 41.68
CA THR B 81 -42.32 -58.72 41.75
C THR B 81 -41.67 -58.56 40.39
N LEU B 82 -42.32 -59.11 39.36
CA LEU B 82 -41.81 -59.02 38.00
C LEU B 82 -41.54 -57.56 37.61
N GLN B 83 -42.53 -56.69 37.81
CA GLN B 83 -42.37 -55.28 37.44
C GLN B 83 -41.41 -54.52 38.34
N ALA B 84 -41.27 -54.97 39.58
CA ALA B 84 -40.34 -54.33 40.51
C ALA B 84 -38.92 -54.66 40.07
N ASN B 85 -38.71 -55.91 39.63
CA ASN B 85 -37.38 -56.34 39.17
C ASN B 85 -37.03 -55.71 37.85
N LEU B 86 -38.04 -55.37 37.06
CA LEU B 86 -37.85 -54.74 35.76
C LEU B 86 -37.13 -53.41 35.97
N VAL B 87 -37.66 -52.61 36.89
CA VAL B 87 -37.07 -51.32 37.21
C VAL B 87 -35.67 -51.49 37.77
N HIS B 88 -35.48 -52.58 38.48
CA HIS B 88 -34.18 -52.89 39.08
C HIS B 88 -33.08 -53.25 38.11
N PHE B 89 -33.31 -54.26 37.28
CA PHE B 89 -32.27 -54.65 36.36
C PHE B 89 -31.99 -53.63 35.25
N LEU B 90 -32.94 -52.75 34.96
CA LEU B 90 -32.76 -51.73 33.91
C LEU B 90 -31.98 -50.51 34.42
N ALA B 91 -31.89 -50.36 35.74
CA ALA B 91 -31.19 -49.22 36.33
C ALA B 91 -29.67 -49.40 36.34
N SER B 92 -29.09 -49.60 35.16
CA SER B 92 -27.66 -49.79 35.01
C SER B 92 -27.00 -48.59 34.33
N GLY B 93 -27.70 -47.46 34.32
CA GLY B 93 -27.17 -46.27 33.67
C GLY B 93 -25.96 -45.66 34.35
N VAL B 94 -25.12 -44.99 33.58
CA VAL B 94 -23.93 -44.34 34.10
C VAL B 94 -23.74 -42.99 33.40
N GLY B 95 -22.73 -42.24 33.81
CA GLY B 95 -22.45 -40.95 33.21
C GLY B 95 -23.17 -39.79 33.87
N PRO B 96 -22.86 -38.55 33.45
CA PRO B 96 -23.50 -37.38 34.04
C PRO B 96 -25.02 -37.39 33.85
N VAL B 97 -25.74 -36.88 34.85
CA VAL B 97 -27.19 -36.84 34.78
C VAL B 97 -27.68 -35.84 33.74
N LEU B 98 -28.87 -36.09 33.21
CA LEU B 98 -29.46 -35.19 32.23
C LEU B 98 -29.71 -33.89 33.00
N ASP B 99 -29.58 -32.74 32.33
CA ASP B 99 -29.82 -31.47 33.00
C ASP B 99 -31.29 -31.34 33.41
N TRP B 100 -31.55 -30.42 34.32
CA TRP B 100 -32.90 -30.16 34.85
C TRP B 100 -34.02 -30.14 33.80
N THR B 101 -33.91 -29.22 32.84
CA THR B 101 -34.92 -29.05 31.79
C THR B 101 -35.11 -30.31 30.95
N THR B 102 -34.01 -30.98 30.59
CA THR B 102 -34.05 -32.18 29.78
C THR B 102 -34.69 -33.38 30.49
N ALA B 103 -34.35 -33.59 31.75
CA ALA B 103 -34.93 -34.71 32.50
C ALA B 103 -36.44 -34.48 32.60
N ARG B 104 -36.83 -33.23 32.80
CA ARG B 104 -38.25 -32.90 32.90
C ARG B 104 -38.92 -33.07 31.54
N ALA B 105 -38.19 -32.77 30.47
CA ALA B 105 -38.72 -32.93 29.11
C ALA B 105 -38.98 -34.42 28.84
N MET B 106 -38.17 -35.28 29.44
CA MET B 106 -38.33 -36.72 29.27
C MET B 106 -39.62 -37.16 29.97
N VAL B 107 -39.83 -36.62 31.17
CA VAL B 107 -41.02 -36.96 31.93
C VAL B 107 -42.25 -36.53 31.14
N LEU B 108 -42.18 -35.33 30.55
CA LEU B 108 -43.29 -34.81 29.77
C LEU B 108 -43.59 -35.69 28.56
N ALA B 109 -42.53 -36.16 27.89
CA ALA B 109 -42.70 -37.00 26.71
C ALA B 109 -43.46 -38.29 27.08
N ARG B 110 -43.11 -38.89 28.21
CA ARG B 110 -43.79 -40.09 28.64
C ARG B 110 -45.25 -39.76 28.95
N LEU B 111 -45.46 -38.64 29.62
CA LEU B 111 -46.82 -38.22 29.97
C LEU B 111 -47.70 -38.01 28.74
N VAL B 112 -47.20 -37.29 27.74
CA VAL B 112 -47.96 -37.04 26.53
C VAL B 112 -48.40 -38.36 25.89
N SER B 113 -47.49 -39.31 25.79
CA SER B 113 -47.81 -40.61 25.20
C SER B 113 -48.97 -41.27 25.96
N ILE B 114 -48.87 -41.28 27.29
CA ILE B 114 -49.89 -41.86 28.17
C ILE B 114 -51.23 -41.15 27.98
N ALA B 115 -51.19 -39.82 27.89
CA ALA B 115 -52.40 -39.02 27.74
C ALA B 115 -53.26 -39.43 26.54
N GLN B 116 -52.68 -40.16 25.59
CA GLN B 116 -53.44 -40.59 24.43
C GLN B 116 -54.43 -41.68 24.85
N GLY B 117 -54.20 -42.25 26.03
CA GLY B 117 -55.10 -43.27 26.56
C GLY B 117 -55.01 -44.68 25.99
N ALA B 118 -53.79 -45.17 25.82
CA ALA B 118 -53.59 -46.52 25.30
C ALA B 118 -52.48 -47.22 26.07
N SER B 119 -52.12 -46.64 27.22
CA SER B 119 -51.04 -47.20 28.04
C SER B 119 -51.50 -47.89 29.31
N GLY B 120 -52.75 -47.65 29.72
CA GLY B 120 -53.27 -48.28 30.91
C GLY B 120 -52.78 -47.70 32.22
N ALA B 121 -52.06 -46.58 32.14
CA ALA B 121 -51.55 -45.91 33.34
C ALA B 121 -52.69 -45.54 34.28
N SER B 122 -52.48 -45.74 35.58
CA SER B 122 -53.50 -45.41 36.57
C SER B 122 -53.48 -43.91 36.88
N GLU B 123 -54.56 -43.41 37.46
CA GLU B 123 -54.66 -42.00 37.81
C GLU B 123 -53.50 -41.58 38.69
N GLY B 124 -53.17 -42.41 39.68
CA GLY B 124 -52.07 -42.09 40.57
C GLY B 124 -50.76 -41.92 39.83
N THR B 125 -50.49 -42.83 38.90
CA THR B 125 -49.26 -42.80 38.11
C THR B 125 -49.18 -41.52 37.29
N ILE B 126 -50.26 -41.18 36.60
CA ILE B 126 -50.32 -39.97 35.80
C ILE B 126 -50.15 -38.75 36.69
N ALA B 127 -50.82 -38.75 37.84
CA ALA B 127 -50.74 -37.64 38.78
C ALA B 127 -49.31 -37.42 39.26
N ARG B 128 -48.54 -38.49 39.42
CA ARG B 128 -47.16 -38.35 39.89
C ARG B 128 -46.32 -37.61 38.85
N LEU B 129 -46.55 -37.90 37.58
CA LEU B 129 -45.80 -37.25 36.50
C LEU B 129 -46.17 -35.78 36.43
N ILE B 130 -47.46 -35.50 36.50
CA ILE B 130 -47.96 -34.14 36.44
C ILE B 130 -47.40 -33.33 37.62
N ASP B 131 -47.38 -33.93 38.80
CA ASP B 131 -46.86 -33.24 39.97
C ASP B 131 -45.39 -32.87 39.79
N LEU B 132 -44.62 -33.80 39.26
CA LEU B 132 -43.21 -33.56 39.02
C LEU B 132 -43.07 -32.35 38.11
N LEU B 133 -43.79 -32.37 37.00
CA LEU B 133 -43.74 -31.27 36.03
C LEU B 133 -44.21 -29.93 36.60
N ASN B 134 -45.08 -29.95 37.61
CA ASN B 134 -45.55 -28.71 38.19
C ASN B 134 -44.68 -28.23 39.34
N SER B 135 -43.80 -29.10 39.81
CA SER B 135 -42.88 -28.75 40.89
C SER B 135 -41.66 -28.07 40.27
N GLU B 136 -40.70 -27.70 41.12
CA GLU B 136 -39.48 -27.04 40.67
C GLU B 136 -38.36 -28.08 40.58
N LEU B 137 -38.73 -29.36 40.65
CA LEU B 137 -37.75 -30.42 40.62
C LEU B 137 -37.72 -31.22 39.33
N ALA B 138 -36.67 -32.03 39.21
CA ALA B 138 -36.47 -32.91 38.07
C ALA B 138 -35.76 -34.13 38.59
N PRO B 139 -36.05 -35.31 38.03
CA PRO B 139 -35.35 -36.49 38.53
C PRO B 139 -33.91 -36.48 38.05
N ALA B 140 -32.99 -37.00 38.86
CA ALA B 140 -31.58 -37.07 38.49
C ALA B 140 -31.37 -38.43 37.82
N VAL B 141 -31.21 -38.42 36.51
CA VAL B 141 -31.05 -39.65 35.76
C VAL B 141 -29.76 -39.69 34.93
N PRO B 142 -29.00 -40.79 35.00
CA PRO B 142 -27.75 -40.91 34.24
C PRO B 142 -28.07 -40.77 32.76
N SER B 143 -27.19 -40.13 32.00
CA SER B 143 -27.40 -39.91 30.58
C SER B 143 -27.08 -41.08 29.65
N ARG B 144 -26.21 -41.99 30.09
CA ARG B 144 -25.82 -43.13 29.26
C ARG B 144 -26.38 -44.46 29.73
N GLY B 145 -26.52 -45.39 28.77
CA GLY B 145 -27.02 -46.70 29.12
C GLY B 145 -28.00 -47.31 28.14
N THR B 146 -28.83 -46.48 27.54
CA THR B 146 -29.84 -46.98 26.60
C THR B 146 -29.40 -46.97 25.14
N VAL B 147 -29.93 -47.93 24.38
CA VAL B 147 -29.64 -48.01 22.96
C VAL B 147 -30.81 -47.42 22.18
N GLY B 148 -31.74 -46.83 22.92
CA GLY B 148 -32.90 -46.19 22.30
C GLY B 148 -33.87 -47.13 21.59
N1 MDO B 149 -34.16 -48.26 22.22
CA1 MDO B 149 -35.07 -49.24 21.65
C1 MDO B 149 -36.00 -49.84 22.68
CB MDO B 149 -34.27 -50.31 20.89
N2 MDO B 149 -36.24 -51.14 22.86
CA2 MDO B 149 -37.12 -51.25 23.87
C2 MDO B 149 -37.40 -49.97 24.27
O2 MDO B 149 -38.23 -49.57 25.24
CB2 MDO B 149 -37.66 -52.57 24.40
N3 MDO B 149 -36.71 -49.12 23.55
CA3 MDO B 149 -36.76 -47.69 23.69
C3 MDO B 149 -35.80 -47.24 24.81
O3 MDO B 149 -34.83 -47.93 25.14
N ASP B 150 -36.09 -46.07 25.39
CA ASP B 150 -35.26 -45.48 26.46
C ASP B 150 -35.55 -46.07 27.84
N LEU B 151 -35.47 -47.39 27.96
CA LEU B 151 -35.78 -48.05 29.21
C LEU B 151 -34.91 -47.70 30.42
N THR B 152 -33.59 -47.65 30.21
CA THR B 152 -32.68 -47.36 31.32
C THR B 152 -32.90 -46.03 32.02
N PRO B 153 -32.86 -44.91 31.27
CA PRO B 153 -33.08 -43.63 31.95
C PRO B 153 -34.47 -43.54 32.57
N LEU B 154 -35.45 -44.21 31.96
CA LEU B 154 -36.81 -44.18 32.50
C LEU B 154 -36.94 -45.01 33.78
N ALA B 155 -36.18 -46.09 33.87
CA ALA B 155 -36.22 -46.94 35.06
C ALA B 155 -35.63 -46.10 36.19
N HIS B 156 -34.55 -45.37 35.91
CA HIS B 156 -33.93 -44.51 36.92
C HIS B 156 -34.94 -43.44 37.36
N MET B 157 -35.72 -42.93 36.41
CA MET B 157 -36.73 -41.91 36.72
C MET B 157 -37.76 -42.51 37.70
N VAL B 158 -38.18 -43.74 37.43
CA VAL B 158 -39.13 -44.42 38.29
C VAL B 158 -38.58 -44.48 39.71
N LEU B 159 -37.33 -44.89 39.84
CA LEU B 159 -36.70 -44.97 41.15
C LEU B 159 -36.72 -43.62 41.85
N CYS B 160 -36.45 -42.56 41.11
CA CYS B 160 -36.45 -41.21 41.68
C CYS B 160 -37.86 -40.87 42.19
N LEU B 161 -38.86 -41.08 41.36
CA LEU B 161 -40.25 -40.79 41.72
C LEU B 161 -40.76 -41.62 42.90
N GLN B 162 -40.02 -42.66 43.27
CA GLN B 162 -40.40 -43.50 44.39
C GLN B 162 -39.62 -43.05 45.62
N GLY B 163 -38.74 -42.07 45.43
CA GLY B 163 -37.92 -41.59 46.53
C GLY B 163 -36.67 -42.43 46.71
N ARG B 164 -36.40 -43.29 45.73
CA ARG B 164 -35.23 -44.18 45.76
C ARG B 164 -34.12 -43.69 44.82
N GLY B 165 -34.19 -42.41 44.46
CA GLY B 165 -33.20 -41.82 43.57
C GLY B 165 -33.16 -40.33 43.82
N ASP B 166 -32.08 -39.68 43.38
CA ASP B 166 -31.92 -38.24 43.58
C ASP B 166 -32.79 -37.37 42.67
N PHE B 167 -32.96 -36.12 43.08
CA PHE B 167 -33.72 -35.13 42.33
C PHE B 167 -32.76 -33.97 42.10
N LEU B 168 -33.08 -33.11 41.15
CA LEU B 168 -32.26 -31.94 40.86
C LEU B 168 -33.12 -30.68 40.96
N ASP B 169 -32.55 -29.61 41.48
CA ASP B 169 -33.27 -28.35 41.56
C ASP B 169 -32.88 -27.63 40.26
N ARG B 170 -33.39 -26.42 40.04
CA ARG B 170 -33.05 -25.68 38.83
C ARG B 170 -31.56 -25.44 38.60
N ASP B 171 -30.77 -25.43 39.67
CA ASP B 171 -29.34 -25.19 39.57
C ASP B 171 -28.49 -26.43 39.31
N GLY B 172 -29.11 -27.61 39.40
CA GLY B 172 -28.37 -28.83 39.18
C GLY B 172 -27.92 -29.46 40.48
N THR B 173 -28.20 -28.81 41.60
CA THR B 173 -27.82 -29.34 42.91
C THR B 173 -28.73 -30.52 43.22
N ARG B 174 -28.11 -31.63 43.65
CA ARG B 174 -28.86 -32.85 43.93
C ARG B 174 -29.44 -32.93 45.33
N LEU B 175 -30.63 -33.53 45.40
CA LEU B 175 -31.35 -33.74 46.65
C LEU B 175 -31.62 -35.23 46.70
N ASP B 176 -31.57 -35.84 47.88
CA ASP B 176 -31.83 -37.26 47.97
C ASP B 176 -33.32 -37.48 47.74
N GLY B 177 -33.70 -38.73 47.45
CA GLY B 177 -35.10 -39.04 47.20
C GLY B 177 -36.12 -38.49 48.18
N ALA B 178 -35.93 -38.79 49.46
CA ALA B 178 -36.84 -38.33 50.50
C ALA B 178 -36.99 -36.81 50.51
N GLU B 179 -35.87 -36.10 50.43
CA GLU B 179 -35.88 -34.64 50.44
C GLU B 179 -36.60 -34.08 49.21
N GLY B 180 -36.47 -34.78 48.09
CA GLY B 180 -37.12 -34.35 46.87
C GLY B 180 -38.63 -34.43 46.97
N LEU B 181 -39.12 -35.58 47.42
CA LEU B 181 -40.56 -35.78 47.58
C LEU B 181 -41.10 -34.76 48.56
N ARG B 182 -40.34 -34.52 49.62
CA ARG B 182 -40.71 -33.57 50.66
C ARG B 182 -40.81 -32.15 50.11
N ARG B 183 -39.68 -31.63 49.66
CA ARG B 183 -39.61 -30.27 49.12
C ARG B 183 -40.63 -29.98 48.03
N GLY B 184 -40.75 -30.89 47.06
CA GLY B 184 -41.68 -30.68 45.97
C GLY B 184 -43.11 -31.13 46.23
N ARG B 185 -43.37 -31.63 47.45
CA ARG B 185 -44.70 -32.12 47.80
C ARG B 185 -45.14 -33.18 46.80
N LEU B 186 -44.29 -34.18 46.62
CA LEU B 186 -44.57 -35.26 45.70
C LEU B 186 -44.86 -36.52 46.49
N GLN B 187 -45.85 -37.29 46.04
CA GLN B 187 -46.18 -38.54 46.70
C GLN B 187 -45.36 -39.64 46.06
N PRO B 188 -44.87 -40.61 46.87
CA PRO B 188 -44.08 -41.70 46.31
C PRO B 188 -44.86 -42.47 45.27
N LEU B 189 -44.25 -42.70 44.12
CA LEU B 189 -44.89 -43.43 43.04
C LEU B 189 -45.29 -44.83 43.50
N ASP B 190 -46.53 -45.22 43.23
CA ASP B 190 -47.03 -46.53 43.61
C ASP B 190 -47.48 -47.30 42.38
N LEU B 191 -46.81 -48.40 42.08
CA LEU B 191 -47.12 -49.20 40.90
C LEU B 191 -47.97 -50.45 41.17
N SER B 192 -48.78 -50.41 42.23
CA SER B 192 -49.62 -51.54 42.60
C SER B 192 -50.57 -51.99 41.49
N HIS B 193 -50.96 -51.06 40.63
CA HIS B 193 -51.89 -51.39 39.54
C HIS B 193 -51.23 -52.18 38.42
N ARG B 194 -49.94 -52.46 38.58
CA ARG B 194 -49.19 -53.22 37.58
C ARG B 194 -49.08 -52.45 36.27
N ASP B 195 -48.96 -51.13 36.38
CA ASP B 195 -48.85 -50.27 35.20
C ASP B 195 -47.43 -49.74 35.03
N ALA B 196 -46.45 -50.50 35.49
CA ALA B 196 -45.04 -50.11 35.37
C ALA B 196 -44.61 -49.88 33.93
N LEU B 197 -45.12 -50.69 32.99
CA LEU B 197 -44.73 -50.53 31.60
C LEU B 197 -45.22 -49.23 30.99
N ALA B 198 -46.07 -48.50 31.71
CA ALA B 198 -46.58 -47.23 31.23
C ALA B 198 -45.52 -46.14 31.47
N LEU B 199 -44.61 -46.41 32.42
CA LEU B 199 -43.55 -45.47 32.75
C LEU B 199 -42.24 -45.84 32.10
N VAL B 200 -41.94 -47.14 32.05
CA VAL B 200 -40.70 -47.62 31.45
C VAL B 200 -41.08 -48.10 30.05
N ASN B 201 -41.04 -47.19 29.09
CA ASN B 201 -41.42 -47.54 27.73
C ASN B 201 -41.18 -46.37 26.79
N GLY B 202 -41.20 -46.65 25.49
CA GLY B 202 -41.07 -45.58 24.50
C GLY B 202 -39.75 -44.88 24.29
N THR B 203 -39.84 -43.74 23.62
CA THR B 203 -38.69 -42.92 23.26
C THR B 203 -38.64 -41.60 24.02
N SER B 204 -39.11 -41.62 25.26
CA SER B 204 -39.18 -40.43 26.09
C SER B 204 -37.89 -39.64 26.30
N ALA B 205 -36.77 -40.32 26.51
CA ALA B 205 -35.51 -39.65 26.75
C ALA B 205 -35.00 -38.90 25.52
N MET B 206 -34.85 -39.61 24.40
CA MET B 206 -34.36 -38.99 23.19
C MET B 206 -35.30 -37.87 22.74
N THR B 207 -36.61 -38.08 22.89
CA THR B 207 -37.60 -37.08 22.51
C THR B 207 -37.44 -35.85 23.41
N GLY B 208 -37.22 -36.08 24.71
CA GLY B 208 -37.03 -34.98 25.62
C GLY B 208 -35.77 -34.20 25.25
N ILE B 209 -34.66 -34.90 25.07
CA ILE B 209 -33.41 -34.26 24.70
C ILE B 209 -33.58 -33.48 23.40
N ALA B 210 -34.27 -34.08 22.44
CA ALA B 210 -34.50 -33.45 21.14
C ALA B 210 -35.37 -32.20 21.19
N LEU B 211 -36.37 -32.17 22.09
CA LEU B 211 -37.21 -30.98 22.15
C LEU B 211 -36.41 -29.82 22.73
N VAL B 212 -35.48 -30.10 23.63
CA VAL B 212 -34.65 -29.05 24.20
C VAL B 212 -33.72 -28.57 23.10
N ASN B 213 -33.20 -29.50 22.29
CA ASN B 213 -32.33 -29.15 21.17
C ASN B 213 -33.06 -28.24 20.18
N ALA B 214 -34.32 -28.55 19.91
CA ALA B 214 -35.12 -27.76 18.98
C ALA B 214 -35.26 -26.32 19.45
N HIS B 215 -35.55 -26.14 20.73
CA HIS B 215 -35.72 -24.81 21.30
C HIS B 215 -34.41 -24.03 21.27
N ALA B 216 -33.30 -24.69 21.61
CA ALA B 216 -32.00 -24.02 21.63
C ALA B 216 -31.58 -23.56 20.24
N CYS B 217 -31.77 -24.42 19.24
CA CYS B 217 -31.41 -24.09 17.86
C CYS B 217 -32.19 -22.90 17.33
N ARG B 218 -33.46 -22.80 17.72
CA ARG B 218 -34.27 -21.67 17.25
C ARG B 218 -33.57 -20.39 17.70
N HIS B 219 -33.20 -20.32 18.97
CA HIS B 219 -32.52 -19.15 19.50
C HIS B 219 -31.15 -18.92 18.85
N LEU B 220 -30.37 -19.99 18.68
CA LEU B 220 -29.05 -19.84 18.09
C LEU B 220 -29.19 -19.40 16.63
N GLY B 221 -30.20 -19.92 15.95
CA GLY B 221 -30.43 -19.54 14.57
C GLY B 221 -30.70 -18.05 14.47
N ASN B 222 -31.41 -17.51 15.46
CA ASN B 222 -31.71 -16.08 15.47
C ASN B 222 -30.44 -15.27 15.68
N TRP B 223 -29.54 -15.76 16.53
CA TRP B 223 -28.28 -15.07 16.78
C TRP B 223 -27.41 -15.14 15.53
N ALA B 224 -27.42 -16.30 14.87
CA ALA B 224 -26.61 -16.49 13.66
C ALA B 224 -27.01 -15.45 12.61
N VAL B 225 -28.31 -15.18 12.50
CA VAL B 225 -28.84 -14.20 11.57
C VAL B 225 -28.45 -12.79 12.02
N ALA B 226 -28.74 -12.49 13.28
CA ALA B 226 -28.46 -11.18 13.83
C ALA B 226 -26.98 -10.84 13.74
N LEU B 227 -26.13 -11.82 14.03
CA LEU B 227 -24.69 -11.57 13.98
C LEU B 227 -24.17 -11.43 12.56
N THR B 228 -24.77 -12.17 11.62
CA THR B 228 -24.35 -12.06 10.22
C THR B 228 -24.69 -10.65 9.74
N ALA B 229 -25.85 -10.15 10.15
CA ALA B 229 -26.29 -8.81 9.78
C ALA B 229 -25.36 -7.75 10.37
N LEU B 230 -24.98 -7.91 11.63
CA LEU B 230 -24.10 -6.95 12.27
C LEU B 230 -22.71 -7.02 11.61
N LEU B 231 -22.31 -8.21 11.20
CA LEU B 231 -21.03 -8.39 10.53
C LEU B 231 -21.02 -7.53 9.26
N ALA B 232 -22.13 -7.57 8.52
CA ALA B 232 -22.27 -6.79 7.30
C ALA B 232 -22.13 -5.30 7.61
N GLU B 233 -22.64 -4.88 8.78
CA GLU B 233 -22.54 -3.48 9.14
C GLU B 233 -21.13 -3.09 9.56
N CYS B 234 -20.31 -4.07 9.90
CA CYS B 234 -18.93 -3.81 10.30
C CYS B 234 -17.95 -3.94 9.13
N LEU B 235 -18.38 -4.60 8.06
CA LEU B 235 -17.51 -4.81 6.89
C LEU B 235 -18.10 -4.26 5.58
N ARG B 236 -18.97 -3.26 5.68
CA ARG B 236 -19.60 -2.67 4.50
C ARG B 236 -20.19 -3.74 3.58
N GLY B 237 -20.86 -4.73 4.18
CA GLY B 237 -21.45 -5.81 3.41
C GLY B 237 -22.49 -5.33 2.40
N ARG B 238 -22.63 -6.07 1.31
CA ARG B 238 -23.58 -5.72 0.25
C ARG B 238 -24.91 -6.41 0.45
N THR B 239 -25.98 -5.62 0.62
CA THR B 239 -27.31 -6.18 0.85
C THR B 239 -27.99 -6.79 -0.37
N GLU B 240 -27.50 -6.50 -1.57
CA GLU B 240 -28.16 -7.04 -2.75
C GLU B 240 -28.09 -8.57 -2.83
N ALA B 241 -27.11 -9.18 -2.17
CA ALA B 241 -27.01 -10.64 -2.17
C ALA B 241 -28.15 -11.24 -1.33
N TRP B 242 -28.78 -10.40 -0.53
CA TRP B 242 -29.87 -10.81 0.35
C TRP B 242 -31.24 -10.42 -0.19
N ALA B 243 -31.29 -10.02 -1.46
CA ALA B 243 -32.55 -9.60 -2.09
C ALA B 243 -33.61 -10.70 -2.17
N ALA B 244 -34.87 -10.32 -1.99
CA ALA B 244 -35.97 -11.28 -2.06
C ALA B 244 -36.07 -11.89 -3.45
N ALA B 245 -35.66 -11.14 -4.47
CA ALA B 245 -35.70 -11.64 -5.84
C ALA B 245 -34.85 -12.89 -6.00
N LEU B 246 -33.73 -12.94 -5.29
CA LEU B 246 -32.85 -14.11 -5.36
C LEU B 246 -33.51 -15.32 -4.70
N SER B 247 -34.17 -15.08 -3.57
CA SER B 247 -34.86 -16.15 -2.86
C SER B 247 -35.93 -16.77 -3.74
N ASP B 248 -36.67 -15.94 -4.47
CA ASP B 248 -37.72 -16.42 -5.34
C ASP B 248 -37.21 -17.33 -6.45
N LEU B 249 -36.00 -17.08 -6.93
CA LEU B 249 -35.42 -17.89 -8.00
C LEU B 249 -34.99 -19.28 -7.51
N ARG B 250 -34.77 -19.41 -6.21
CA ARG B 250 -34.36 -20.67 -5.59
C ARG B 250 -35.18 -20.73 -4.31
N PRO B 251 -36.51 -20.91 -4.44
CA PRO B 251 -37.50 -20.96 -3.37
C PRO B 251 -37.44 -21.99 -2.23
N HIS B 252 -36.27 -22.19 -1.62
CA HIS B 252 -36.21 -23.09 -0.46
C HIS B 252 -36.77 -22.23 0.66
N PRO B 253 -37.76 -22.74 1.41
CA PRO B 253 -38.37 -21.98 2.50
C PRO B 253 -37.36 -21.41 3.48
N GLY B 254 -36.43 -22.25 3.92
CA GLY B 254 -35.43 -21.82 4.87
C GLY B 254 -34.59 -20.65 4.38
N GLN B 255 -34.25 -20.68 3.10
CA GLN B 255 -33.43 -19.62 2.52
C GLN B 255 -34.21 -18.30 2.41
N LYS B 256 -35.42 -18.39 1.87
CA LYS B 256 -36.26 -17.22 1.73
C LYS B 256 -36.41 -16.55 3.10
N ASP B 257 -36.58 -17.37 4.13
CA ASP B 257 -36.75 -16.88 5.50
C ASP B 257 -35.46 -16.24 6.03
N ALA B 258 -34.33 -16.92 5.85
CA ALA B 258 -33.07 -16.37 6.31
C ALA B 258 -32.78 -15.01 5.69
N ALA B 259 -32.95 -14.92 4.37
CA ALA B 259 -32.72 -13.68 3.64
C ALA B 259 -33.64 -12.57 4.15
N ALA B 260 -34.93 -12.89 4.33
CA ALA B 260 -35.89 -11.90 4.80
C ALA B 260 -35.51 -11.39 6.19
N ARG B 261 -35.06 -12.29 7.05
CA ARG B 261 -34.67 -11.92 8.40
C ARG B 261 -33.39 -11.09 8.41
N LEU B 262 -32.50 -11.36 7.48
CA LEU B 262 -31.25 -10.60 7.39
C LEU B 262 -31.58 -9.17 6.92
N ARG B 263 -32.45 -9.05 5.92
CA ARG B 263 -32.83 -7.74 5.41
C ARG B 263 -33.44 -6.89 6.53
N ALA B 264 -34.27 -7.51 7.35
CA ALA B 264 -34.91 -6.79 8.45
C ALA B 264 -33.90 -6.34 9.50
N ARG B 265 -32.90 -7.18 9.77
CA ARG B 265 -31.87 -6.84 10.76
C ARG B 265 -31.11 -5.57 10.40
N VAL B 266 -30.77 -5.39 9.13
CA VAL B 266 -30.03 -4.21 8.73
C VAL B 266 -30.89 -3.06 8.22
N ASP B 267 -32.20 -3.19 8.35
CA ASP B 267 -33.07 -2.12 7.90
C ASP B 267 -32.69 -0.84 8.66
N GLY B 268 -32.56 0.26 7.93
CA GLY B 268 -32.19 1.51 8.58
C GLY B 268 -30.70 1.72 8.75
N SER B 269 -29.90 0.74 8.32
CA SER B 269 -28.45 0.87 8.42
C SER B 269 -27.87 1.76 7.33
N ALA B 270 -26.83 2.52 7.68
CA ALA B 270 -26.13 3.39 6.73
C ALA B 270 -24.71 2.85 6.59
N ARG B 271 -24.48 1.69 7.18
CA ARG B 271 -23.15 1.08 7.15
C ARG B 271 -22.97 -0.01 6.09
N VAL B 272 -24.08 -0.50 5.54
CA VAL B 272 -23.99 -1.54 4.51
C VAL B 272 -24.07 -0.87 3.14
N VAL B 273 -23.73 -1.62 2.09
CA VAL B 273 -23.79 -1.11 0.72
C VAL B 273 -25.08 -1.64 0.12
N ARG B 274 -25.98 -0.75 -0.27
CA ARG B 274 -27.27 -1.15 -0.82
C ARG B 274 -27.41 -1.04 -2.32
N HIS B 275 -26.36 -0.56 -3.00
CA HIS B 275 -26.45 -0.41 -4.45
C HIS B 275 -26.33 -1.74 -5.20
N VAL B 276 -27.13 -1.89 -6.24
CA VAL B 276 -27.10 -3.07 -7.09
C VAL B 276 -26.00 -2.73 -8.12
N ILE B 277 -24.91 -3.50 -8.12
CA ILE B 277 -23.81 -3.19 -9.03
C ILE B 277 -24.15 -3.18 -10.51
N ALA B 278 -25.10 -4.00 -10.93
CA ALA B 278 -25.46 -4.06 -12.35
C ALA B 278 -26.15 -2.79 -12.86
N GLU B 279 -26.47 -1.86 -11.97
CA GLU B 279 -27.12 -0.64 -12.40
C GLU B 279 -26.07 0.30 -12.99
N ARG B 280 -24.82 0.08 -12.59
CA ARG B 280 -23.71 0.90 -13.07
C ARG B 280 -23.33 0.60 -14.51
N ARG B 281 -23.27 1.63 -15.33
CA ARG B 281 -22.88 1.48 -16.73
C ARG B 281 -21.42 1.86 -16.79
N LEU B 282 -20.59 0.96 -17.33
CA LEU B 282 -19.16 1.22 -17.42
C LEU B 282 -18.79 1.85 -18.75
N ASP B 283 -17.73 2.67 -18.75
CA ASP B 283 -17.23 3.27 -19.97
C ASP B 283 -15.74 2.94 -20.01
N ALA B 284 -15.07 3.28 -21.11
CA ALA B 284 -13.63 2.96 -21.25
C ALA B 284 -12.79 3.40 -20.06
N GLY B 285 -13.14 4.52 -19.46
CA GLY B 285 -12.37 5.02 -18.32
C GLY B 285 -12.49 4.17 -17.06
N ASP B 286 -13.47 3.27 -17.03
CA ASP B 286 -13.67 2.43 -15.86
C ASP B 286 -12.88 1.12 -15.91
N ILE B 287 -12.40 0.76 -17.08
CA ILE B 287 -11.64 -0.48 -17.24
C ILE B 287 -10.29 -0.41 -16.54
N GLY B 288 -10.18 -1.17 -15.45
CA GLY B 288 -8.93 -1.20 -14.69
C GLY B 288 -9.16 -2.06 -13.46
N THR B 289 -8.27 -1.94 -12.48
CA THR B 289 -8.40 -2.73 -11.25
C THR B 289 -9.01 -1.87 -10.15
N GLU B 290 -10.12 -2.32 -9.57
CA GLU B 290 -10.77 -1.58 -8.51
C GLU B 290 -10.29 -2.13 -7.16
N PRO B 291 -10.41 -1.31 -6.11
CA PRO B 291 -9.99 -1.71 -4.77
C PRO B 291 -10.63 -3.01 -4.27
N GLU B 292 -11.95 -3.10 -4.39
CA GLU B 292 -12.67 -4.28 -3.93
C GLU B 292 -13.50 -4.91 -5.04
N ALA B 293 -13.78 -6.21 -4.93
CA ALA B 293 -14.57 -6.91 -5.91
C ALA B 293 -16.02 -6.43 -5.75
N GLY B 294 -16.85 -6.69 -6.76
CA GLY B 294 -18.24 -6.26 -6.68
C GLY B 294 -19.16 -7.10 -5.80
N GLN B 295 -18.65 -8.20 -5.25
CA GLN B 295 -19.45 -9.06 -4.38
C GLN B 295 -18.63 -9.43 -3.16
N ASP B 296 -19.29 -9.74 -2.05
CA ASP B 296 -18.59 -10.12 -0.82
C ASP B 296 -18.15 -11.57 -0.82
N ALA B 297 -17.29 -11.91 0.14
CA ALA B 297 -16.83 -13.26 0.30
C ALA B 297 -18.07 -14.05 0.73
N TYR B 298 -18.04 -15.37 0.56
CA TYR B 298 -19.18 -16.21 0.89
C TYR B 298 -19.77 -16.10 2.29
N SER B 299 -18.94 -15.87 3.30
CA SER B 299 -19.46 -15.78 4.67
C SER B 299 -20.51 -14.70 4.83
N LEU B 300 -20.64 -13.83 3.82
CA LEU B 300 -21.68 -12.80 3.84
C LEU B 300 -22.65 -13.03 2.70
N ARG B 301 -22.10 -13.14 1.49
CA ARG B 301 -22.91 -13.33 0.29
C ARG B 301 -23.78 -14.58 0.30
N CYS B 302 -23.25 -15.68 0.82
CA CYS B 302 -23.99 -16.95 0.83
C CYS B 302 -24.66 -17.28 2.15
N ALA B 303 -24.79 -16.29 3.03
CA ALA B 303 -25.41 -16.52 4.33
C ALA B 303 -26.85 -17.06 4.22
N PRO B 304 -27.64 -16.53 3.28
CA PRO B 304 -29.02 -17.02 3.17
C PRO B 304 -29.05 -18.51 2.79
N GLN B 305 -28.16 -18.90 1.89
CA GLN B 305 -28.08 -20.27 1.41
C GLN B 305 -27.56 -21.24 2.48
N VAL B 306 -26.56 -20.81 3.24
CA VAL B 306 -26.01 -21.68 4.29
C VAL B 306 -26.97 -21.75 5.47
N LEU B 307 -27.38 -20.60 5.99
CA LEU B 307 -28.31 -20.57 7.10
C LEU B 307 -29.62 -21.23 6.68
N GLY B 308 -30.05 -20.93 5.46
CA GLY B 308 -31.29 -21.48 4.93
C GLY B 308 -31.34 -23.00 4.93
N ALA B 309 -30.25 -23.63 4.51
CA ALA B 309 -30.20 -25.10 4.48
C ALA B 309 -30.31 -25.62 5.90
N GLY B 310 -29.66 -24.92 6.83
CA GLY B 310 -29.73 -25.32 8.21
C GLY B 310 -31.15 -25.17 8.72
N PHE B 311 -31.80 -24.09 8.35
CA PHE B 311 -33.16 -23.87 8.80
C PHE B 311 -34.13 -24.93 8.28
N ASP B 312 -33.92 -25.39 7.05
CA ASP B 312 -34.80 -26.41 6.50
C ASP B 312 -34.55 -27.76 7.19
N THR B 313 -33.32 -27.99 7.64
CA THR B 313 -33.00 -29.23 8.34
C THR B 313 -33.73 -29.19 9.70
N LEU B 314 -33.65 -28.05 10.38
CA LEU B 314 -34.31 -27.89 11.65
C LEU B 314 -35.84 -28.04 11.49
N ALA B 315 -36.37 -27.50 10.41
CA ALA B 315 -37.81 -27.59 10.16
C ALA B 315 -38.21 -29.06 10.04
N TRP B 316 -37.43 -29.85 9.33
CA TRP B 316 -37.73 -31.27 9.18
C TRP B 316 -37.65 -31.94 10.55
N HIS B 317 -36.55 -31.71 11.26
CA HIS B 317 -36.34 -32.26 12.60
C HIS B 317 -37.59 -32.01 13.45
N ASP B 318 -38.03 -30.76 13.49
CA ASP B 318 -39.20 -30.38 14.29
C ASP B 318 -40.50 -31.03 13.83
N ARG B 319 -40.68 -31.20 12.52
CA ARG B 319 -41.90 -31.83 12.02
C ARG B 319 -41.96 -33.27 12.53
N VAL B 320 -40.84 -33.97 12.42
CA VAL B 320 -40.76 -35.36 12.87
C VAL B 320 -40.92 -35.44 14.38
N LEU B 321 -40.22 -34.56 15.09
CA LEU B 321 -40.28 -34.54 16.54
C LEU B 321 -41.68 -34.24 17.07
N THR B 322 -42.39 -33.36 16.38
CA THR B 322 -43.75 -33.02 16.82
C THR B 322 -44.62 -34.27 16.76
N ILE B 323 -44.46 -35.07 15.71
CA ILE B 323 -45.23 -36.31 15.58
C ILE B 323 -44.84 -37.30 16.68
N GLU B 324 -43.54 -37.45 16.91
CA GLU B 324 -43.05 -38.38 17.92
C GLU B 324 -43.52 -38.00 19.32
N LEU B 325 -43.42 -36.72 19.65
CA LEU B 325 -43.81 -36.22 20.96
C LEU B 325 -45.28 -36.51 21.27
N ASN B 326 -46.12 -36.40 20.24
CA ASN B 326 -47.55 -36.63 20.41
C ASN B 326 -48.00 -38.04 20.09
N ALA B 327 -47.05 -38.95 19.93
CA ALA B 327 -47.39 -40.33 19.60
C ALA B 327 -47.34 -41.24 20.82
N VAL B 328 -47.75 -42.48 20.62
CA VAL B 328 -47.72 -43.48 21.68
C VAL B 328 -46.60 -44.41 21.25
N THR B 329 -45.45 -44.32 21.90
CA THR B 329 -44.32 -45.18 21.56
C THR B 329 -44.22 -46.39 22.49
N ASP B 330 -45.32 -46.68 23.16
CA ASP B 330 -45.42 -47.80 24.09
C ASP B 330 -45.54 -49.17 23.43
N ASN B 331 -45.10 -50.19 24.17
CA ASN B 331 -45.23 -51.59 23.78
C ASN B 331 -45.24 -52.38 25.08
N PRO B 332 -46.30 -53.18 25.31
CA PRO B 332 -47.45 -53.33 24.42
C PRO B 332 -48.38 -52.12 24.55
N VAL B 333 -49.44 -52.10 23.75
CA VAL B 333 -50.43 -51.02 23.82
C VAL B 333 -51.82 -51.62 23.91
N PHE B 334 -52.75 -50.87 24.48
CA PHE B 334 -54.11 -51.33 24.63
C PHE B 334 -55.05 -50.45 23.83
N PRO B 335 -55.47 -50.93 22.64
CA PRO B 335 -56.37 -50.22 21.72
C PRO B 335 -57.64 -49.68 22.37
N PRO B 336 -57.86 -48.36 22.28
CA PRO B 336 -59.03 -47.70 22.86
C PRO B 336 -60.35 -48.26 22.34
N ASP B 337 -60.39 -48.59 21.05
CA ASP B 337 -61.61 -49.13 20.46
C ASP B 337 -61.99 -50.51 21.00
N GLY B 338 -61.02 -51.18 21.63
CA GLY B 338 -61.29 -52.50 22.17
C GLY B 338 -61.32 -53.63 21.16
N SER B 339 -60.77 -53.40 19.98
CA SER B 339 -60.74 -54.42 18.93
C SER B 339 -60.04 -55.69 19.41
N VAL B 340 -58.93 -55.52 20.12
CA VAL B 340 -58.17 -56.64 20.67
C VAL B 340 -57.74 -56.23 22.07
N PRO B 341 -57.43 -57.20 22.94
CA PRO B 341 -57.02 -56.89 24.31
C PRO B 341 -55.75 -56.03 24.34
N ALA B 342 -54.83 -56.30 23.43
CA ALA B 342 -53.57 -55.56 23.35
C ALA B 342 -52.86 -55.86 22.03
N LEU B 343 -51.91 -55.01 21.70
CA LEU B 343 -51.12 -55.17 20.47
C LEU B 343 -49.65 -55.15 20.83
N HIS B 344 -48.88 -56.01 20.16
CA HIS B 344 -47.44 -56.10 20.40
C HIS B 344 -46.68 -55.72 19.12
N GLY B 345 -45.77 -54.77 19.24
CA GLY B 345 -44.99 -54.33 18.10
C GLY B 345 -43.71 -53.66 18.55
N GLY B 346 -43.24 -52.69 17.77
CA GLY B 346 -42.01 -52.01 18.13
C GLY B 346 -42.05 -50.50 17.99
N ASN B 347 -43.12 -49.87 18.48
CA ASN B 347 -43.21 -48.42 18.38
C ASN B 347 -42.20 -47.70 19.27
N PHE B 348 -41.41 -48.47 20.01
CA PHE B 348 -40.39 -47.93 20.90
C PHE B 348 -39.06 -47.71 20.15
N MET B 349 -38.99 -48.17 18.90
CA MET B 349 -37.77 -48.02 18.10
C MET B 349 -37.62 -46.56 17.69
N GLY B 350 -36.69 -45.85 18.32
CA GLY B 350 -36.50 -44.44 18.04
C GLY B 350 -35.63 -44.06 16.85
N GLN B 351 -35.85 -44.73 15.72
CA GLN B 351 -35.06 -44.45 14.54
C GLN B 351 -35.35 -43.06 13.97
N HIS B 352 -36.57 -42.56 14.17
CA HIS B 352 -36.91 -41.23 13.67
C HIS B 352 -36.14 -40.12 14.35
N VAL B 353 -36.13 -40.11 15.69
CA VAL B 353 -35.38 -39.07 16.39
C VAL B 353 -33.88 -39.28 16.17
N ALA B 354 -33.47 -40.53 16.00
CA ALA B 354 -32.06 -40.84 15.78
C ALA B 354 -31.56 -40.21 14.47
N LEU B 355 -32.33 -40.40 13.39
CA LEU B 355 -31.93 -39.86 12.10
C LEU B 355 -32.06 -38.34 11.99
N THR B 356 -33.09 -37.76 12.63
CA THR B 356 -33.25 -36.32 12.55
C THR B 356 -32.21 -35.62 13.42
N SER B 357 -31.85 -36.22 14.55
CA SER B 357 -30.84 -35.64 15.42
C SER B 357 -29.48 -35.65 14.72
N ASP B 358 -29.16 -36.75 14.05
CA ASP B 358 -27.90 -36.83 13.34
C ASP B 358 -27.84 -35.76 12.24
N ALA B 359 -28.97 -35.56 11.55
CA ALA B 359 -29.04 -34.58 10.47
C ALA B 359 -28.90 -33.16 11.02
N LEU B 360 -29.59 -32.90 12.13
CA LEU B 360 -29.52 -31.58 12.76
C LEU B 360 -28.09 -31.34 13.25
N ALA B 361 -27.46 -32.40 13.76
CA ALA B 361 -26.08 -32.30 14.26
C ALA B 361 -25.17 -31.81 13.14
N THR B 362 -25.31 -32.39 11.96
CA THR B 362 -24.51 -31.99 10.80
C THR B 362 -24.80 -30.53 10.45
N ALA B 363 -26.08 -30.15 10.46
CA ALA B 363 -26.45 -28.77 10.13
C ALA B 363 -25.82 -27.79 11.12
N VAL B 364 -25.88 -28.14 12.41
CA VAL B 364 -25.30 -27.29 13.44
C VAL B 364 -23.79 -27.13 13.23
N THR B 365 -23.12 -28.22 12.87
CA THR B 365 -21.69 -28.16 12.65
C THR B 365 -21.39 -27.23 11.47
N VAL B 366 -22.21 -27.32 10.42
CA VAL B 366 -22.03 -26.48 9.24
C VAL B 366 -22.23 -25.00 9.61
N LEU B 367 -23.31 -24.69 10.33
CA LEU B 367 -23.59 -23.32 10.74
C LEU B 367 -22.52 -22.79 11.71
N ALA B 368 -22.01 -23.65 12.58
CA ALA B 368 -20.96 -23.23 13.50
C ALA B 368 -19.72 -22.88 12.68
N GLY B 369 -19.51 -23.61 11.58
CA GLY B 369 -18.37 -23.35 10.72
C GLY B 369 -18.49 -21.96 10.11
N LEU B 370 -19.70 -21.60 9.68
CA LEU B 370 -19.94 -20.27 9.10
C LEU B 370 -19.57 -19.19 10.11
N ALA B 371 -20.07 -19.32 11.34
CA ALA B 371 -19.78 -18.34 12.39
C ALA B 371 -18.29 -18.29 12.68
N GLU B 372 -17.64 -19.45 12.69
CA GLU B 372 -16.21 -19.52 12.94
C GLU B 372 -15.45 -18.75 11.85
N ARG B 373 -15.84 -18.95 10.59
CA ARG B 373 -15.17 -18.25 9.49
C ARG B 373 -15.49 -16.76 9.51
N GLN B 374 -16.64 -16.40 10.07
CA GLN B 374 -17.02 -14.99 10.15
C GLN B 374 -16.09 -14.30 11.17
N ILE B 375 -15.75 -15.02 12.22
CA ILE B 375 -14.85 -14.52 13.24
C ILE B 375 -13.46 -14.38 12.61
N ALA B 376 -13.03 -15.42 11.89
CA ALA B 376 -11.72 -15.43 11.25
C ALA B 376 -11.52 -14.28 10.25
N ARG B 377 -12.58 -13.89 9.57
CA ARG B 377 -12.52 -12.81 8.59
C ARG B 377 -12.50 -11.44 9.29
N LEU B 378 -13.42 -11.26 10.22
CA LEU B 378 -13.55 -10.01 10.98
C LEU B 378 -12.30 -9.62 11.78
N THR B 379 -11.58 -10.61 12.31
CA THR B 379 -10.39 -10.35 13.11
C THR B 379 -9.07 -10.29 12.33
N ASP B 380 -9.14 -10.56 11.03
CA ASP B 380 -7.95 -10.57 10.18
C ASP B 380 -7.73 -9.18 9.54
N GLU B 381 -6.68 -8.49 9.97
CA GLU B 381 -6.39 -7.15 9.45
C GLU B 381 -6.27 -7.07 7.92
N ARG B 382 -5.96 -8.19 7.27
CA ARG B 382 -5.84 -8.20 5.82
C ARG B 382 -7.21 -8.39 5.14
N LEU B 383 -8.21 -8.81 5.90
CA LEU B 383 -9.53 -9.04 5.34
C LEU B 383 -10.65 -8.20 5.96
N ASN B 384 -10.40 -7.58 7.12
CA ASN B 384 -11.46 -6.82 7.79
C ASN B 384 -11.63 -5.37 7.36
N ARG B 385 -11.06 -5.03 6.22
CA ARG B 385 -11.17 -3.69 5.65
C ARG B 385 -10.90 -2.49 6.54
N GLY B 386 -9.70 -2.43 7.12
CA GLY B 386 -9.36 -1.29 7.94
C GLY B 386 -9.48 -1.41 9.45
N LEU B 387 -10.10 -2.49 9.95
CA LEU B 387 -10.22 -2.64 11.39
C LEU B 387 -8.90 -3.12 11.97
N PRO B 388 -8.63 -2.85 13.26
CA PRO B 388 -7.38 -3.27 13.90
C PRO B 388 -7.24 -4.78 13.93
N PRO B 389 -6.00 -5.30 13.90
CA PRO B 389 -5.82 -6.74 13.94
C PRO B 389 -6.42 -7.33 15.22
N PHE B 390 -7.32 -8.29 15.06
CA PHE B 390 -7.98 -8.94 16.18
C PHE B 390 -8.79 -7.96 17.02
N LEU B 391 -9.17 -6.84 16.41
CA LEU B 391 -9.98 -5.81 17.03
C LEU B 391 -9.47 -5.31 18.38
N HIS B 392 -8.16 -5.23 18.51
CA HIS B 392 -7.56 -4.78 19.75
C HIS B 392 -7.70 -3.28 19.93
N ARG B 393 -7.52 -2.82 21.16
CA ARG B 393 -7.53 -1.41 21.46
C ARG B 393 -6.22 -1.21 22.20
N GLY B 394 -5.76 0.04 22.31
CA GLY B 394 -4.49 0.27 22.97
C GLY B 394 -3.42 0.05 21.92
N PRO B 395 -2.13 0.16 22.29
CA PRO B 395 -1.05 -0.05 21.30
C PRO B 395 -1.00 -1.48 20.74
N ALA B 396 -0.85 -1.59 19.43
CA ALA B 396 -0.78 -2.88 18.75
C ALA B 396 0.52 -3.57 19.16
N GLY B 397 0.48 -4.88 19.33
CA GLY B 397 1.67 -5.60 19.75
C GLY B 397 1.54 -5.83 21.24
N LEU B 398 1.54 -4.74 22.01
CA LEU B 398 1.38 -4.83 23.46
C LEU B 398 0.02 -5.46 23.73
N ASN B 399 -0.95 -5.11 22.87
CA ASN B 399 -2.31 -5.65 22.98
C ASN B 399 -2.60 -6.54 21.79
N SER B 400 -3.29 -7.64 22.04
CA SER B 400 -3.64 -8.59 20.98
C SER B 400 -5.15 -8.74 20.84
N GLY B 401 -5.89 -8.08 21.71
CA GLY B 401 -7.34 -8.12 21.65
C GLY B 401 -7.99 -9.50 21.71
N PHE B 402 -8.73 -9.86 20.65
CA PHE B 402 -9.42 -11.14 20.58
C PHE B 402 -8.61 -12.26 19.91
N MET B 403 -7.29 -12.07 19.83
CA MET B 403 -6.44 -13.06 19.18
C MET B 403 -6.54 -14.45 19.81
N GLY B 404 -6.69 -14.50 21.13
CA GLY B 404 -6.81 -15.78 21.80
C GLY B 404 -8.21 -16.37 21.58
N ALA B 405 -9.22 -15.51 21.72
CA ALA B 405 -10.60 -15.94 21.53
C ALA B 405 -10.87 -16.48 20.13
N GLN B 406 -10.19 -15.91 19.14
CA GLN B 406 -10.38 -16.35 17.76
C GLN B 406 -9.91 -17.78 17.56
N VAL B 407 -8.77 -18.13 18.17
CA VAL B 407 -8.24 -19.48 18.05
C VAL B 407 -9.15 -20.43 18.83
N THR B 408 -9.70 -19.96 19.94
CA THR B 408 -10.59 -20.78 20.75
C THR B 408 -11.85 -21.17 19.96
N ALA B 409 -12.35 -20.25 19.14
CA ALA B 409 -13.53 -20.55 18.33
C ALA B 409 -13.19 -21.67 17.35
N THR B 410 -11.99 -21.61 16.76
CA THR B 410 -11.55 -22.64 15.83
C THR B 410 -11.41 -23.99 16.55
N ALA B 411 -10.85 -23.96 17.75
CA ALA B 411 -10.67 -25.19 18.53
C ALA B 411 -12.01 -25.83 18.85
N LEU B 412 -13.00 -25.00 19.16
CA LEU B 412 -14.33 -25.52 19.47
C LEU B 412 -14.95 -26.17 18.24
N LEU B 413 -14.80 -25.53 17.09
CA LEU B 413 -15.35 -26.07 15.85
C LEU B 413 -14.65 -27.38 15.48
N ALA B 414 -13.33 -27.39 15.57
CA ALA B 414 -12.58 -28.60 15.22
C ALA B 414 -13.06 -29.78 16.06
N GLU B 415 -13.37 -29.53 17.33
CA GLU B 415 -13.85 -30.58 18.22
C GLU B 415 -15.21 -31.11 17.78
N MET B 416 -16.11 -30.21 17.39
CA MET B 416 -17.44 -30.58 16.92
C MET B 416 -17.33 -31.55 15.75
N ARG B 417 -16.41 -31.25 14.84
CA ARG B 417 -16.21 -32.07 13.64
C ARG B 417 -15.72 -33.49 13.90
N ALA B 418 -15.08 -33.69 15.04
CA ALA B 418 -14.54 -35.01 15.37
C ALA B 418 -15.62 -36.06 15.65
N THR B 419 -16.83 -35.62 15.97
CA THR B 419 -17.92 -36.54 16.25
C THR B 419 -18.94 -36.58 15.09
N GLY B 420 -19.26 -37.79 14.64
CA GLY B 420 -20.21 -37.94 13.54
C GLY B 420 -21.54 -38.51 13.99
N PRO B 421 -22.38 -38.96 13.04
CA PRO B 421 -23.70 -39.53 13.33
C PRO B 421 -23.63 -40.73 14.26
N ALA B 422 -24.63 -40.88 15.12
CA ALA B 422 -24.66 -42.00 16.06
C ALA B 422 -25.40 -43.19 15.47
N SER B 423 -26.41 -42.89 14.63
CA SER B 423 -27.28 -43.89 14.01
C SER B 423 -26.63 -45.05 13.24
N ILE B 424 -25.47 -44.81 12.65
CA ILE B 424 -24.81 -45.85 11.86
C ILE B 424 -24.11 -46.93 12.67
N HIS B 425 -24.08 -46.78 13.99
CA HIS B 425 -23.40 -47.74 14.83
C HIS B 425 -24.26 -48.79 15.54
N SER B 426 -25.36 -49.19 14.90
CA SER B 426 -26.20 -50.20 15.51
C SER B 426 -25.42 -51.49 15.69
N ILE B 427 -25.61 -52.12 16.84
CA ILE B 427 -24.94 -53.37 17.16
C ILE B 427 -25.96 -54.32 17.77
N SER B 428 -26.01 -55.54 17.25
CA SER B 428 -26.94 -56.56 17.73
C SER B 428 -26.64 -56.82 19.20
N THR B 429 -27.67 -56.73 20.04
CA THR B 429 -27.48 -56.94 21.46
C THR B 429 -28.68 -57.66 22.10
N ASN B 430 -28.67 -57.81 23.42
CA ASN B 430 -29.76 -58.48 24.12
C ASN B 430 -29.91 -59.92 23.60
N ALA B 431 -28.79 -60.65 23.53
CA ALA B 431 -28.78 -62.02 23.03
C ALA B 431 -29.32 -62.10 21.60
N ALA B 432 -29.01 -61.07 20.82
CA ALA B 432 -29.43 -60.96 19.41
C ALA B 432 -30.91 -60.65 19.20
N ASN B 433 -31.65 -60.49 20.30
CA ASN B 433 -33.07 -60.18 20.20
C ASN B 433 -33.25 -58.75 19.68
N GLN B 434 -32.39 -57.84 20.13
CA GLN B 434 -32.44 -56.46 19.67
C GLN B 434 -31.32 -56.43 18.63
N ASP B 435 -31.52 -57.12 17.51
CA ASP B 435 -30.46 -57.16 16.50
C ASP B 435 -30.21 -55.86 15.77
N VAL B 436 -31.12 -54.90 15.92
CA VAL B 436 -30.96 -53.57 15.35
C VAL B 436 -31.48 -52.61 16.43
N VAL B 437 -30.74 -51.53 16.66
CA VAL B 437 -31.13 -50.54 17.66
C VAL B 437 -30.98 -49.15 17.05
N SER B 438 -31.76 -48.18 17.53
CA SER B 438 -31.72 -46.84 16.96
C SER B 438 -30.59 -45.95 17.43
N LEU B 439 -30.25 -46.07 18.73
CA LEU B 439 -29.21 -45.25 19.33
C LEU B 439 -29.66 -43.78 19.24
N GLY B 440 -30.98 -43.57 19.22
CA GLY B 440 -31.53 -42.23 19.12
C GLY B 440 -31.20 -41.31 20.28
N THR B 441 -31.09 -41.88 21.48
CA THR B 441 -30.79 -41.09 22.67
C THR B 441 -29.37 -40.55 22.58
N ILE B 442 -28.45 -41.38 22.09
CA ILE B 442 -27.06 -40.98 21.92
C ILE B 442 -27.01 -39.92 20.81
N ALA B 443 -27.79 -40.13 19.77
CA ALA B 443 -27.84 -39.18 18.65
C ALA B 443 -28.29 -37.81 19.13
N ALA B 444 -29.32 -37.77 19.96
CA ALA B 444 -29.85 -36.51 20.46
C ALA B 444 -28.84 -35.82 21.36
N ARG B 445 -28.16 -36.61 22.19
CA ARG B 445 -27.15 -36.10 23.11
C ARG B 445 -25.93 -35.55 22.37
N LEU B 446 -25.53 -36.22 21.29
CA LEU B 446 -24.36 -35.75 20.53
C LEU B 446 -24.70 -34.43 19.85
N CYS B 447 -25.94 -34.31 19.40
CA CYS B 447 -26.40 -33.08 18.75
C CYS B 447 -26.40 -31.95 19.78
N ARG B 448 -26.83 -32.27 21.00
CA ARG B 448 -26.88 -31.28 22.07
C ARG B 448 -25.49 -30.69 22.32
N GLU B 449 -24.48 -31.55 22.36
CA GLU B 449 -23.12 -31.08 22.59
C GLU B 449 -22.67 -30.09 21.52
N LYS B 450 -23.00 -30.39 20.26
CA LYS B 450 -22.64 -29.51 19.17
C LYS B 450 -23.37 -28.19 19.30
N ILE B 451 -24.62 -28.25 19.75
CA ILE B 451 -25.41 -27.05 19.94
C ILE B 451 -24.70 -26.18 20.98
N ASP B 452 -24.20 -26.80 22.05
CA ASP B 452 -23.50 -26.05 23.08
C ASP B 452 -22.22 -25.42 22.54
N ARG B 453 -21.50 -26.13 21.69
CA ARG B 453 -20.26 -25.59 21.12
C ARG B 453 -20.62 -24.42 20.20
N TRP B 454 -21.71 -24.58 19.44
CA TRP B 454 -22.15 -23.53 18.52
C TRP B 454 -22.46 -22.24 19.27
N ALA B 455 -23.08 -22.37 20.45
CA ALA B 455 -23.43 -21.22 21.26
C ALA B 455 -22.18 -20.47 21.72
N GLU B 456 -21.12 -21.22 22.02
CA GLU B 456 -19.86 -20.63 22.45
C GLU B 456 -19.18 -19.91 21.30
N ILE B 457 -19.23 -20.50 20.11
CA ILE B 457 -18.63 -19.86 18.94
C ILE B 457 -19.38 -18.57 18.63
N LEU B 458 -20.71 -18.62 18.67
CA LEU B 458 -21.55 -17.45 18.42
C LEU B 458 -21.29 -16.36 19.46
N ALA B 459 -21.04 -16.78 20.70
CA ALA B 459 -20.76 -15.85 21.79
C ALA B 459 -19.49 -15.08 21.48
N ILE B 460 -18.48 -15.79 20.99
CA ILE B 460 -17.21 -15.14 20.64
C ILE B 460 -17.45 -14.15 19.51
N LEU B 461 -18.27 -14.54 18.53
CA LEU B 461 -18.57 -13.67 17.40
C LEU B 461 -19.32 -12.42 17.86
N ALA B 462 -20.23 -12.61 18.81
CA ALA B 462 -21.00 -11.49 19.34
C ALA B 462 -20.09 -10.48 20.03
N LEU B 463 -19.17 -10.97 20.86
CA LEU B 463 -18.26 -10.08 21.57
C LEU B 463 -17.33 -9.38 20.58
N CYS B 464 -16.90 -10.09 19.54
CA CYS B 464 -16.04 -9.49 18.53
C CYS B 464 -16.79 -8.37 17.80
N LEU B 465 -18.03 -8.67 17.41
CA LEU B 465 -18.85 -7.71 16.69
C LEU B 465 -19.20 -6.46 17.52
N ALA B 466 -19.42 -6.64 18.82
CA ALA B 466 -19.73 -5.48 19.67
C ALA B 466 -18.52 -4.54 19.63
N GLN B 467 -17.33 -5.11 19.65
CA GLN B 467 -16.10 -4.33 19.61
C GLN B 467 -15.89 -3.72 18.22
N ALA B 468 -16.08 -4.52 17.18
CA ALA B 468 -15.89 -4.04 15.81
C ALA B 468 -16.83 -2.89 15.47
N ALA B 469 -18.08 -2.99 15.95
CA ALA B 469 -19.07 -1.96 15.70
C ALA B 469 -18.62 -0.61 16.28
N GLU B 470 -18.04 -0.65 17.47
CA GLU B 470 -17.57 0.57 18.11
C GLU B 470 -16.29 1.10 17.46
N LEU B 471 -15.41 0.21 17.03
CA LEU B 471 -14.17 0.63 16.38
C LEU B 471 -14.46 1.27 15.03
N ARG B 472 -15.40 0.68 14.31
CA ARG B 472 -15.79 1.17 13.00
C ARG B 472 -16.68 2.41 13.06
N CYS B 473 -17.67 2.39 13.94
CA CYS B 473 -18.64 3.49 14.02
C CYS B 473 -18.56 4.39 15.25
N GLY B 474 -17.55 4.21 16.08
CA GLY B 474 -17.43 5.03 17.27
C GLY B 474 -18.35 4.49 18.35
N SER B 475 -18.12 4.91 19.60
CA SER B 475 -18.95 4.45 20.71
C SER B 475 -20.43 4.74 20.52
N GLY B 476 -20.74 5.77 19.73
CA GLY B 476 -22.12 6.12 19.47
C GLY B 476 -22.76 5.26 18.39
N LEU B 477 -21.98 4.38 17.78
CA LEU B 477 -22.48 3.49 16.74
C LEU B 477 -23.18 4.26 15.63
N ASP B 478 -22.51 5.26 15.09
CA ASP B 478 -23.11 6.08 14.04
C ASP B 478 -23.32 5.32 12.74
N GLY B 479 -24.55 5.35 12.24
CA GLY B 479 -24.87 4.66 11.00
C GLY B 479 -25.36 3.25 11.20
N VAL B 480 -25.17 2.71 12.41
CA VAL B 480 -25.61 1.36 12.71
C VAL B 480 -27.13 1.27 12.77
N SER B 481 -27.67 0.19 12.26
CA SER B 481 -29.12 -0.03 12.24
C SER B 481 -29.72 -0.03 13.64
N PRO B 482 -31.03 0.27 13.74
CA PRO B 482 -31.69 0.28 15.04
C PRO B 482 -31.53 -1.06 15.76
N ALA B 483 -31.75 -2.14 15.01
CA ALA B 483 -31.63 -3.48 15.55
C ALA B 483 -30.19 -3.75 15.97
N GLY B 484 -29.25 -3.30 15.15
CA GLY B 484 -27.84 -3.49 15.45
C GLY B 484 -27.46 -2.76 16.73
N LYS B 485 -27.96 -1.52 16.86
CA LYS B 485 -27.68 -0.70 18.03
C LYS B 485 -28.22 -1.33 19.30
N LYS B 486 -29.44 -1.85 19.24
CA LYS B 486 -30.07 -2.47 20.40
C LYS B 486 -29.31 -3.71 20.86
N LEU B 487 -28.83 -4.49 19.90
CA LEU B 487 -28.09 -5.71 20.21
C LEU B 487 -26.77 -5.37 20.91
N VAL B 488 -26.03 -4.42 20.35
CA VAL B 488 -24.76 -4.03 20.96
C VAL B 488 -24.97 -3.39 22.32
N GLN B 489 -25.97 -2.52 22.43
CA GLN B 489 -26.26 -1.86 23.70
C GLN B 489 -26.61 -2.89 24.77
N ALA B 490 -27.41 -3.88 24.41
CA ALA B 490 -27.80 -4.93 25.35
C ALA B 490 -26.59 -5.74 25.80
N LEU B 491 -25.68 -6.03 24.87
CA LEU B 491 -24.47 -6.78 25.21
C LEU B 491 -23.60 -5.98 26.16
N ARG B 492 -23.46 -4.69 25.88
CA ARG B 492 -22.64 -3.81 26.70
C ARG B 492 -23.18 -3.60 28.11
N GLU B 493 -24.43 -4.00 28.33
CA GLU B 493 -25.02 -3.87 29.66
C GLU B 493 -24.32 -4.83 30.62
N GLN B 494 -23.84 -5.96 30.08
CA GLN B 494 -23.17 -6.97 30.90
C GLN B 494 -21.71 -7.21 30.51
N PHE B 495 -21.37 -6.90 29.26
CA PHE B 495 -20.01 -7.12 28.77
C PHE B 495 -19.34 -5.83 28.32
N PRO B 496 -18.34 -5.35 29.09
CA PRO B 496 -17.58 -4.13 28.83
C PRO B 496 -16.72 -4.20 27.58
N PRO B 497 -16.40 -3.03 26.99
CA PRO B 497 -15.56 -2.99 25.78
C PRO B 497 -14.20 -3.56 26.15
N LEU B 498 -13.47 -4.05 25.16
CA LEU B 498 -12.15 -4.59 25.42
C LEU B 498 -11.17 -3.45 25.16
N GLU B 499 -10.92 -2.64 26.19
CA GLU B 499 -10.03 -1.49 26.07
C GLU B 499 -8.59 -1.96 26.20
N THR B 500 -8.39 -3.02 26.97
CA THR B 500 -7.07 -3.59 27.16
C THR B 500 -7.30 -5.09 27.26
N ASP B 501 -6.26 -5.88 27.02
CA ASP B 501 -6.40 -7.34 27.07
C ASP B 501 -6.80 -7.85 28.43
N ARG B 502 -7.75 -8.79 28.44
CA ARG B 502 -8.23 -9.39 29.69
C ARG B 502 -8.77 -10.79 29.40
N PRO B 503 -8.84 -11.65 30.42
CA PRO B 503 -9.36 -13.02 30.26
C PRO B 503 -10.80 -12.95 29.76
N LEU B 504 -11.11 -13.70 28.70
CA LEU B 504 -12.44 -13.69 28.13
C LEU B 504 -13.21 -14.99 28.32
N GLY B 505 -12.53 -16.01 28.82
CA GLY B 505 -13.17 -17.30 29.02
C GLY B 505 -14.50 -17.33 29.75
N GLN B 506 -14.55 -16.72 30.92
CA GLN B 506 -15.76 -16.70 31.71
C GLN B 506 -16.89 -15.94 31.02
N GLU B 507 -16.55 -14.85 30.35
CA GLU B 507 -17.56 -14.06 29.65
C GLU B 507 -18.13 -14.84 28.47
N ILE B 508 -17.26 -15.55 27.76
CA ILE B 508 -17.71 -16.35 26.63
C ILE B 508 -18.71 -17.39 27.13
N ALA B 509 -18.37 -18.05 28.24
CA ALA B 509 -19.24 -19.06 28.82
C ALA B 509 -20.57 -18.47 29.27
N ALA B 510 -20.52 -17.30 29.89
CA ALA B 510 -21.72 -16.63 30.38
C ALA B 510 -22.64 -16.20 29.24
N LEU B 511 -22.05 -15.60 28.20
CA LEU B 511 -22.86 -15.15 27.08
C LEU B 511 -23.47 -16.35 26.35
N ALA B 512 -22.69 -17.43 26.19
CA ALA B 512 -23.17 -18.63 25.52
C ALA B 512 -24.44 -19.18 26.19
N THR B 513 -24.44 -19.19 27.52
CA THR B 513 -25.59 -19.68 28.27
C THR B 513 -26.82 -18.84 27.91
N HIS B 514 -26.61 -17.54 27.76
CA HIS B 514 -27.68 -16.60 27.43
C HIS B 514 -28.22 -16.86 26.02
N LEU B 515 -27.31 -16.98 25.05
CA LEU B 515 -27.70 -17.20 23.66
C LEU B 515 -28.63 -18.41 23.49
N LEU B 516 -28.39 -19.45 24.27
CA LEU B 516 -29.18 -20.67 24.20
C LEU B 516 -30.63 -20.51 24.69
N GLN B 517 -30.88 -19.49 25.50
CA GLN B 517 -32.21 -19.29 26.08
C GLN B 517 -33.00 -18.08 25.60
N GLN B 518 -32.34 -17.13 24.95
CA GLN B 518 -33.02 -15.94 24.47
C GLN B 518 -32.47 -15.45 23.15
N SER B 519 -33.32 -14.82 22.36
CA SER B 519 -32.93 -14.30 21.06
C SER B 519 -32.76 -12.80 21.12
N PRO B 520 -32.01 -12.24 20.17
CA PRO B 520 -31.81 -10.78 20.16
C PRO B 520 -33.03 -10.08 19.58
N VAL B 521 -33.73 -9.32 20.41
CA VAL B 521 -34.92 -8.60 19.97
C VAL B 521 -35.00 -7.27 20.71
N LYS C 8 -40.85 -43.84 -28.08
CA LYS C 8 -40.21 -43.31 -26.84
C LYS C 8 -41.00 -42.12 -26.31
N PRO C 9 -41.41 -42.18 -25.02
CA PRO C 9 -42.17 -41.10 -24.38
C PRO C 9 -41.42 -39.78 -24.44
N ALA C 10 -42.14 -38.68 -24.31
CA ALA C 10 -41.51 -37.37 -24.35
C ALA C 10 -41.90 -36.55 -23.12
N VAL C 11 -40.91 -35.88 -22.53
CA VAL C 11 -41.16 -35.04 -21.37
C VAL C 11 -41.09 -33.60 -21.86
N GLU C 12 -42.21 -32.89 -21.72
CA GLU C 12 -42.25 -31.50 -22.15
C GLU C 12 -41.87 -30.62 -20.97
N LEU C 13 -40.75 -29.94 -21.11
CA LEU C 13 -40.27 -29.06 -20.05
C LEU C 13 -40.71 -27.62 -20.22
N ASP C 14 -41.47 -27.13 -19.25
CA ASP C 14 -41.93 -25.75 -19.29
C ASP C 14 -41.25 -25.09 -18.09
N ARG C 15 -41.84 -25.25 -16.91
CA ARG C 15 -41.28 -24.69 -15.69
C ARG C 15 -40.89 -25.77 -14.68
N HIS C 16 -41.79 -26.70 -14.42
CA HIS C 16 -41.57 -27.75 -13.44
C HIS C 16 -41.46 -29.16 -14.02
N ILE C 17 -40.59 -29.96 -13.43
CA ILE C 17 -40.39 -31.34 -13.85
C ILE C 17 -40.19 -32.13 -12.55
N ASP C 18 -40.85 -33.28 -12.40
CA ASP C 18 -40.67 -34.06 -11.18
C ASP C 18 -39.48 -35.02 -11.27
N LEU C 19 -39.09 -35.58 -10.13
CA LEU C 19 -37.94 -36.47 -10.10
C LEU C 19 -38.02 -37.66 -11.07
N ASP C 20 -39.22 -38.22 -11.24
CA ASP C 20 -39.37 -39.35 -12.16
C ASP C 20 -39.15 -38.94 -13.61
N GLN C 21 -39.74 -37.82 -14.01
CA GLN C 21 -39.56 -37.32 -15.37
C GLN C 21 -38.09 -37.02 -15.61
N ALA C 22 -37.42 -36.46 -14.60
CA ALA C 22 -36.01 -36.11 -14.70
C ALA C 22 -35.16 -37.35 -14.94
N HIS C 23 -35.37 -38.38 -14.14
CA HIS C 23 -34.61 -39.61 -14.31
C HIS C 23 -34.94 -40.30 -15.64
N ALA C 24 -36.17 -40.17 -16.10
CA ALA C 24 -36.58 -40.78 -17.36
C ALA C 24 -35.74 -40.19 -18.50
N VAL C 25 -35.58 -38.86 -18.49
CA VAL C 25 -34.78 -38.18 -19.49
C VAL C 25 -33.30 -38.54 -19.33
N ALA C 26 -32.80 -38.42 -18.11
CA ALA C 26 -31.40 -38.74 -17.84
C ALA C 26 -31.04 -40.18 -18.22
N SER C 27 -31.96 -41.11 -17.99
CA SER C 27 -31.72 -42.53 -18.30
C SER C 27 -32.00 -42.89 -19.76
N GLY C 28 -32.46 -41.93 -20.56
CA GLY C 28 -32.73 -42.19 -21.96
C GLY C 28 -34.07 -42.86 -22.24
N GLY C 29 -34.89 -43.03 -21.20
CA GLY C 29 -36.18 -43.66 -21.38
C GLY C 29 -37.21 -42.71 -21.98
N ALA C 30 -36.90 -41.42 -21.98
CA ALA C 30 -37.80 -40.42 -22.53
C ALA C 30 -37.05 -39.30 -23.23
N ARG C 31 -37.62 -38.78 -24.31
CA ARG C 31 -37.01 -37.69 -25.04
C ARG C 31 -37.37 -36.45 -24.26
N ILE C 32 -36.74 -35.33 -24.59
CA ILE C 32 -37.06 -34.09 -23.91
C ILE C 32 -37.34 -33.01 -24.94
N VAL C 33 -38.34 -32.19 -24.65
CA VAL C 33 -38.73 -31.11 -25.52
C VAL C 33 -38.98 -29.89 -24.66
N LEU C 34 -38.55 -28.73 -25.15
CA LEU C 34 -38.76 -27.48 -24.42
C LEU C 34 -40.10 -26.91 -24.88
N ALA C 35 -41.02 -26.74 -23.94
CA ALA C 35 -42.34 -26.21 -24.26
C ALA C 35 -42.25 -24.78 -24.80
N PRO C 36 -43.18 -24.37 -25.68
CA PRO C 36 -43.20 -23.03 -26.27
C PRO C 36 -43.05 -21.91 -25.25
N PRO C 37 -43.80 -21.98 -24.13
CA PRO C 37 -43.68 -20.91 -23.12
C PRO C 37 -42.25 -20.77 -22.61
N ALA C 38 -41.56 -21.90 -22.47
CA ALA C 38 -40.18 -21.89 -22.00
C ALA C 38 -39.27 -21.27 -23.05
N ARG C 39 -39.45 -21.67 -24.30
CA ARG C 39 -38.64 -21.12 -25.39
C ARG C 39 -38.83 -19.62 -25.47
N ASP C 40 -40.05 -19.16 -25.24
CA ASP C 40 -40.35 -17.73 -25.28
C ASP C 40 -39.65 -17.01 -24.13
N ARG C 41 -39.76 -17.55 -22.91
CA ARG C 41 -39.10 -16.93 -21.77
C ARG C 41 -37.60 -16.88 -21.99
N CYS C 42 -37.05 -17.95 -22.54
CA CYS C 42 -35.61 -17.99 -22.76
C CYS C 42 -35.19 -16.99 -23.82
N ARG C 43 -35.98 -16.81 -24.86
CA ARG C 43 -35.64 -15.83 -25.88
C ARG C 43 -35.67 -14.44 -25.26
N ALA C 44 -36.61 -14.23 -24.36
CA ALA C 44 -36.72 -12.93 -23.69
C ALA C 44 -35.47 -12.69 -22.84
N SER C 45 -34.99 -13.75 -22.19
CA SER C 45 -33.80 -13.63 -21.35
C SER C 45 -32.55 -13.43 -22.20
N GLU C 46 -32.52 -14.06 -23.37
CA GLU C 46 -31.39 -13.92 -24.28
C GLU C 46 -31.28 -12.47 -24.72
N ALA C 47 -32.44 -11.85 -24.96
CA ALA C 47 -32.50 -10.46 -25.37
C ALA C 47 -32.03 -9.57 -24.22
N ARG C 48 -32.40 -9.92 -22.99
CA ARG C 48 -32.00 -9.14 -21.84
C ARG C 48 -30.48 -9.17 -21.65
N LEU C 49 -29.88 -10.33 -21.88
CA LEU C 49 -28.43 -10.43 -21.74
C LEU C 49 -27.78 -9.54 -22.79
N GLY C 50 -28.36 -9.53 -23.98
CA GLY C 50 -27.84 -8.71 -25.05
C GLY C 50 -27.81 -7.25 -24.65
N ALA C 51 -28.91 -6.78 -24.07
CA ALA C 51 -29.02 -5.40 -23.63
C ALA C 51 -28.02 -5.10 -22.52
N VAL C 52 -27.88 -6.03 -21.57
CA VAL C 52 -26.94 -5.85 -20.47
C VAL C 52 -25.54 -5.64 -21.01
N ILE C 53 -25.19 -6.42 -22.03
CA ILE C 53 -23.89 -6.32 -22.64
C ILE C 53 -23.75 -5.00 -23.40
N ARG C 54 -24.75 -4.66 -24.21
CA ARG C 54 -24.72 -3.41 -24.97
C ARG C 54 -24.57 -2.21 -24.05
N GLU C 55 -25.26 -2.26 -22.91
CA GLU C 55 -25.25 -1.17 -21.94
C GLU C 55 -23.99 -1.15 -21.06
N ALA C 56 -23.15 -2.17 -21.21
CA ALA C 56 -21.91 -2.27 -20.44
C ALA C 56 -22.14 -2.23 -18.93
N ARG C 57 -23.21 -2.89 -18.49
CA ARG C 57 -23.53 -2.94 -17.07
C ARG C 57 -22.44 -3.72 -16.34
N HIS C 58 -22.14 -3.31 -15.11
CA HIS C 58 -21.13 -3.98 -14.31
C HIS C 58 -21.71 -5.32 -13.87
N VAL C 59 -21.35 -6.39 -14.57
CA VAL C 59 -21.85 -7.72 -14.26
C VAL C 59 -20.72 -8.75 -14.27
N TYR C 60 -20.71 -9.58 -13.23
CA TYR C 60 -19.71 -10.62 -13.04
C TYR C 60 -19.66 -11.56 -14.26
N GLY C 61 -18.47 -11.76 -14.81
CA GLY C 61 -18.35 -12.64 -15.96
C GLY C 61 -18.58 -11.98 -17.31
N LEU C 62 -19.15 -10.78 -17.31
CA LEU C 62 -19.39 -10.05 -18.55
C LEU C 62 -18.45 -8.85 -18.63
N THR C 63 -18.14 -8.26 -17.48
CA THR C 63 -17.24 -7.11 -17.41
C THR C 63 -16.24 -7.22 -16.25
N THR C 64 -16.09 -8.42 -15.71
CA THR C 64 -15.18 -8.62 -14.58
C THR C 64 -14.45 -9.95 -14.65
N GLY C 65 -13.37 -10.06 -13.87
CA GLY C 65 -12.64 -11.30 -13.79
C GLY C 65 -13.44 -12.23 -12.88
N PHE C 66 -12.86 -13.36 -12.51
CA PHE C 66 -13.57 -14.32 -11.66
C PHE C 66 -13.05 -14.43 -10.25
N GLY C 67 -13.92 -14.88 -9.35
CA GLY C 67 -13.54 -15.01 -7.95
C GLY C 67 -13.02 -13.69 -7.41
N PRO C 68 -11.91 -13.72 -6.67
CA PRO C 68 -11.29 -12.52 -6.08
C PRO C 68 -10.73 -11.60 -7.16
N LEU C 69 -10.65 -12.09 -8.39
CA LEU C 69 -10.13 -11.29 -9.50
C LEU C 69 -11.25 -10.49 -10.17
N ALA C 70 -12.44 -10.50 -9.57
CA ALA C 70 -13.58 -9.77 -10.13
C ALA C 70 -13.36 -8.26 -10.00
N ASN C 71 -12.35 -7.86 -9.23
CA ASN C 71 -12.05 -6.44 -9.08
C ASN C 71 -11.30 -5.93 -10.31
N ARG C 72 -10.93 -6.85 -11.20
CA ARG C 72 -10.27 -6.48 -12.45
C ARG C 72 -11.38 -6.38 -13.50
N LEU C 73 -11.71 -5.17 -13.91
CA LEU C 73 -12.77 -5.00 -14.90
C LEU C 73 -12.25 -5.34 -16.30
N ILE C 74 -13.13 -5.88 -17.14
CA ILE C 74 -12.75 -6.30 -18.48
C ILE C 74 -13.50 -5.53 -19.58
N SER C 75 -12.76 -5.15 -20.62
CA SER C 75 -13.34 -4.42 -21.74
C SER C 75 -14.11 -5.38 -22.64
N GLY C 76 -15.22 -4.91 -23.20
CA GLY C 76 -16.06 -5.73 -24.05
C GLY C 76 -15.39 -6.55 -25.13
N GLU C 77 -14.35 -6.02 -25.77
CA GLU C 77 -13.65 -6.72 -26.84
C GLU C 77 -12.94 -7.99 -26.34
N ASN C 78 -12.70 -8.06 -25.03
CA ASN C 78 -12.00 -9.21 -24.46
C ASN C 78 -12.87 -10.24 -23.75
N VAL C 79 -14.18 -10.07 -23.80
CA VAL C 79 -15.09 -10.99 -23.13
C VAL C 79 -15.09 -12.41 -23.70
N ARG C 80 -14.96 -12.54 -25.02
CA ARG C 80 -14.91 -13.86 -25.64
C ARG C 80 -13.74 -14.63 -25.03
N THR C 81 -12.56 -14.01 -25.02
CA THR C 81 -11.35 -14.61 -24.47
C THR C 81 -11.55 -14.90 -22.99
N LEU C 82 -12.17 -13.94 -22.31
CA LEU C 82 -12.43 -14.06 -20.88
C LEU C 82 -13.20 -15.35 -20.56
N GLN C 83 -14.33 -15.54 -21.24
CA GLN C 83 -15.15 -16.73 -21.00
C GLN C 83 -14.52 -18.01 -21.53
N ALA C 84 -13.63 -17.90 -22.51
CA ALA C 84 -12.96 -19.08 -23.04
C ALA C 84 -11.95 -19.54 -21.99
N ASN C 85 -11.29 -18.58 -21.35
CA ASN C 85 -10.30 -18.89 -20.32
C ASN C 85 -10.99 -19.40 -19.06
N LEU C 86 -12.22 -18.96 -18.84
CA LEU C 86 -12.99 -19.41 -17.69
C LEU C 86 -13.12 -20.93 -17.80
N VAL C 87 -13.62 -21.40 -18.94
CA VAL C 87 -13.78 -22.83 -19.14
C VAL C 87 -12.44 -23.54 -18.99
N HIS C 88 -11.37 -22.90 -19.44
CA HIS C 88 -10.03 -23.48 -19.37
C HIS C 88 -9.45 -23.68 -17.97
N PHE C 89 -9.38 -22.61 -17.18
CA PHE C 89 -8.79 -22.76 -15.86
C PHE C 89 -9.64 -23.59 -14.90
N LEU C 90 -10.93 -23.74 -15.20
CA LEU C 90 -11.84 -24.53 -14.34
C LEU C 90 -11.74 -26.03 -14.62
N ALA C 91 -11.18 -26.40 -15.77
CA ALA C 91 -11.06 -27.81 -16.15
C ALA C 91 -9.90 -28.54 -15.48
N SER C 92 -9.85 -28.49 -14.15
CA SER C 92 -8.80 -29.17 -13.39
C SER C 92 -9.33 -30.41 -12.69
N GLY C 93 -10.48 -30.90 -13.16
CA GLY C 93 -11.07 -32.09 -12.55
C GLY C 93 -10.25 -33.36 -12.73
N VAL C 94 -10.38 -34.28 -11.77
CA VAL C 94 -9.68 -35.56 -11.80
C VAL C 94 -10.62 -36.64 -11.29
N GLY C 95 -10.18 -37.90 -11.35
CA GLY C 95 -10.98 -39.01 -10.86
C GLY C 95 -11.85 -39.69 -11.90
N PRO C 96 -12.50 -40.81 -11.55
CA PRO C 96 -13.36 -41.54 -12.47
C PRO C 96 -14.44 -40.60 -12.99
N VAL C 97 -14.86 -40.79 -14.23
CA VAL C 97 -15.89 -39.94 -14.80
C VAL C 97 -17.24 -40.31 -14.21
N LEU C 98 -18.17 -39.36 -14.20
CA LEU C 98 -19.51 -39.63 -13.71
C LEU C 98 -20.09 -40.68 -14.65
N ASP C 99 -20.98 -41.54 -14.17
CA ASP C 99 -21.54 -42.54 -15.06
C ASP C 99 -22.46 -41.85 -16.07
N TRP C 100 -22.76 -42.57 -17.15
CA TRP C 100 -23.62 -42.08 -18.24
C TRP C 100 -24.89 -41.37 -17.78
N THR C 101 -25.69 -42.06 -16.97
CA THR C 101 -26.95 -41.49 -16.48
C THR C 101 -26.77 -40.24 -15.64
N THR C 102 -25.78 -40.27 -14.76
CA THR C 102 -25.52 -39.13 -13.87
C THR C 102 -25.00 -37.90 -14.62
N ALA C 103 -24.10 -38.11 -15.57
CA ALA C 103 -23.56 -36.98 -16.33
C ALA C 103 -24.70 -36.31 -17.10
N ARG C 104 -25.60 -37.13 -17.63
CA ARG C 104 -26.74 -36.63 -18.37
C ARG C 104 -27.69 -35.92 -17.42
N ALA C 105 -27.81 -36.43 -16.19
CA ALA C 105 -28.69 -35.80 -15.20
C ALA C 105 -28.16 -34.39 -14.88
N MET C 106 -26.84 -34.24 -14.90
CA MET C 106 -26.21 -32.94 -14.63
C MET C 106 -26.57 -31.99 -15.77
N VAL C 107 -26.46 -32.47 -17.01
CA VAL C 107 -26.80 -31.65 -18.17
C VAL C 107 -28.25 -31.19 -18.04
N LEU C 108 -29.13 -32.12 -17.68
CA LEU C 108 -30.55 -31.82 -17.52
C LEU C 108 -30.78 -30.77 -16.43
N ALA C 109 -30.11 -30.91 -15.29
CA ALA C 109 -30.25 -29.96 -14.20
C ALA C 109 -29.90 -28.54 -14.64
N ARG C 110 -28.85 -28.40 -15.44
CA ARG C 110 -28.47 -27.07 -15.91
C ARG C 110 -29.57 -26.52 -16.83
N LEU C 111 -30.11 -27.40 -17.69
CA LEU C 111 -31.17 -27.01 -18.62
C LEU C 111 -32.43 -26.55 -17.91
N VAL C 112 -32.84 -27.28 -16.88
CA VAL C 112 -34.04 -26.93 -16.14
C VAL C 112 -33.89 -25.55 -15.51
N SER C 113 -32.70 -25.27 -15.01
CA SER C 113 -32.41 -23.97 -14.42
C SER C 113 -32.56 -22.90 -15.49
N ILE C 114 -31.95 -23.14 -16.65
CA ILE C 114 -32.00 -22.21 -17.77
C ILE C 114 -33.43 -21.95 -18.28
N ALA C 115 -34.22 -23.01 -18.36
CA ALA C 115 -35.60 -22.93 -18.84
C ALA C 115 -36.49 -21.96 -18.04
N GLN C 116 -36.04 -21.56 -16.84
CA GLN C 116 -36.83 -20.64 -16.04
C GLN C 116 -36.77 -19.24 -16.65
N GLY C 117 -35.82 -19.02 -17.55
CA GLY C 117 -35.70 -17.74 -18.21
C GLY C 117 -35.01 -16.59 -17.50
N ALA C 118 -33.97 -16.90 -16.72
CA ALA C 118 -33.23 -15.88 -16.02
C ALA C 118 -31.71 -16.01 -16.20
N SER C 119 -31.29 -16.89 -17.12
CA SER C 119 -29.87 -17.14 -17.37
C SER C 119 -29.27 -16.47 -18.61
N GLY C 120 -30.12 -16.04 -19.53
CA GLY C 120 -29.63 -15.39 -20.73
C GLY C 120 -29.05 -16.31 -21.79
N ALA C 121 -29.24 -17.62 -21.62
CA ALA C 121 -28.73 -18.60 -22.57
C ALA C 121 -29.31 -18.40 -23.96
N SER C 122 -28.49 -18.54 -24.99
CA SER C 122 -28.94 -18.37 -26.37
C SER C 122 -29.67 -19.63 -26.84
N GLU C 123 -30.46 -19.49 -27.90
CA GLU C 123 -31.21 -20.63 -28.43
C GLU C 123 -30.28 -21.77 -28.79
N GLY C 124 -29.13 -21.42 -29.35
CA GLY C 124 -28.16 -22.43 -29.74
C GLY C 124 -27.61 -23.19 -28.56
N THR C 125 -27.31 -22.47 -27.47
CA THR C 125 -26.77 -23.10 -26.28
C THR C 125 -27.79 -24.08 -25.70
N ILE C 126 -29.05 -23.65 -25.67
CA ILE C 126 -30.11 -24.50 -25.16
C ILE C 126 -30.27 -25.73 -26.04
N ALA C 127 -30.19 -25.53 -27.36
CA ALA C 127 -30.34 -26.63 -28.31
C ALA C 127 -29.27 -27.71 -28.10
N ARG C 128 -28.06 -27.28 -27.78
CA ARG C 128 -26.98 -28.24 -27.56
C ARG C 128 -27.28 -29.13 -26.35
N LEU C 129 -27.88 -28.56 -25.31
CA LEU C 129 -28.19 -29.35 -24.12
C LEU C 129 -29.31 -30.34 -24.43
N ILE C 130 -30.32 -29.87 -25.16
CA ILE C 130 -31.45 -30.72 -25.54
C ILE C 130 -30.99 -31.85 -26.46
N ASP C 131 -30.12 -31.51 -27.42
CA ASP C 131 -29.59 -32.50 -28.37
C ASP C 131 -28.84 -33.61 -27.64
N LEU C 132 -28.02 -33.21 -26.67
CA LEU C 132 -27.25 -34.18 -25.90
C LEU C 132 -28.22 -35.14 -25.22
N LEU C 133 -29.21 -34.60 -24.51
CA LEU C 133 -30.18 -35.42 -23.80
C LEU C 133 -31.02 -36.33 -24.70
N ASN C 134 -31.27 -35.91 -25.94
CA ASN C 134 -32.05 -36.74 -26.84
C ASN C 134 -31.17 -37.77 -27.57
N SER C 135 -29.86 -37.63 -27.44
CA SER C 135 -28.92 -38.57 -28.05
C SER C 135 -28.72 -39.72 -27.07
N GLU C 136 -27.88 -40.68 -27.45
CA GLU C 136 -27.59 -41.82 -26.59
C GLU C 136 -26.24 -41.61 -25.90
N LEU C 137 -25.72 -40.40 -25.99
CA LEU C 137 -24.43 -40.10 -25.40
C LEU C 137 -24.49 -39.26 -24.13
N ALA C 138 -23.38 -39.22 -23.41
CA ALA C 138 -23.24 -38.43 -22.20
C ALA C 138 -21.84 -37.84 -22.23
N PRO C 139 -21.67 -36.63 -21.70
CA PRO C 139 -20.31 -36.07 -21.71
C PRO C 139 -19.46 -36.82 -20.68
N ALA C 140 -18.18 -36.97 -20.97
CA ALA C 140 -17.27 -37.66 -20.05
C ALA C 140 -16.69 -36.60 -19.14
N VAL C 141 -17.16 -36.56 -17.89
CA VAL C 141 -16.72 -35.56 -16.92
C VAL C 141 -16.12 -36.18 -15.66
N PRO C 142 -14.93 -35.71 -15.25
CA PRO C 142 -14.29 -36.26 -14.04
C PRO C 142 -15.19 -35.95 -12.84
N SER C 143 -15.28 -36.90 -11.91
CA SER C 143 -16.14 -36.73 -10.74
C SER C 143 -15.60 -35.86 -9.61
N ARG C 144 -14.29 -35.65 -9.55
CA ARG C 144 -13.71 -34.83 -8.47
C ARG C 144 -13.17 -33.49 -8.92
N GLY C 145 -13.10 -32.55 -7.97
CA GLY C 145 -12.57 -31.24 -8.29
C GLY C 145 -13.37 -30.05 -7.79
N THR C 146 -14.67 -30.23 -7.59
CA THR C 146 -15.51 -29.13 -7.13
C THR C 146 -15.86 -29.14 -5.65
N VAL C 147 -15.95 -27.96 -5.05
CA VAL C 147 -16.33 -27.85 -3.64
C VAL C 147 -17.82 -27.51 -3.54
N GLY C 148 -18.51 -27.61 -4.67
CA GLY C 148 -19.94 -27.35 -4.71
C GLY C 148 -20.38 -25.93 -4.38
N1 MDO C 149 -19.67 -24.95 -4.93
CA1 MDO C 149 -20.01 -23.56 -4.67
C1 MDO C 149 -19.93 -22.69 -5.90
CB MDO C 149 -19.13 -23.04 -3.54
N2 MDO C 149 -19.30 -21.50 -5.99
CA2 MDO C 149 -19.47 -21.04 -7.24
C2 MDO C 149 -20.23 -21.99 -7.90
O2 MDO C 149 -20.65 -21.98 -9.17
CB2 MDO C 149 -18.92 -19.73 -7.76
N3 MDO C 149 -20.48 -22.98 -7.08
CA3 MDO C 149 -21.26 -24.15 -7.43
C3 MDO C 149 -20.36 -25.22 -8.08
O3 MDO C 149 -19.16 -25.27 -7.83
N ASP C 150 -20.96 -26.09 -8.90
CA ASP C 150 -20.25 -27.18 -9.58
C ASP C 150 -19.55 -26.74 -10.86
N LEU C 151 -18.68 -25.74 -10.74
CA LEU C 151 -17.99 -25.19 -11.91
C LEU C 151 -17.06 -26.14 -12.66
N THR C 152 -16.24 -26.88 -11.95
CA THR C 152 -15.30 -27.79 -12.59
C THR C 152 -15.96 -28.83 -13.50
N PRO C 153 -16.86 -29.67 -12.96
CA PRO C 153 -17.48 -30.66 -13.85
C PRO C 153 -18.27 -30.03 -15.00
N LEU C 154 -18.86 -28.87 -14.77
CA LEU C 154 -19.62 -28.20 -15.82
C LEU C 154 -18.67 -27.62 -16.89
N ALA C 155 -17.47 -27.22 -16.48
CA ALA C 155 -16.49 -26.68 -17.42
C ALA C 155 -16.08 -27.83 -18.35
N HIS C 156 -15.89 -29.01 -17.77
CA HIS C 156 -15.51 -30.19 -18.54
C HIS C 156 -16.65 -30.52 -19.50
N MET C 157 -17.88 -30.37 -19.03
CA MET C 157 -19.03 -30.62 -19.86
C MET C 157 -18.97 -29.71 -21.10
N VAL C 158 -18.67 -28.44 -20.89
CA VAL C 158 -18.57 -27.49 -21.99
C VAL C 158 -17.53 -27.92 -23.03
N LEU C 159 -16.36 -28.35 -22.57
CA LEU C 159 -15.32 -28.80 -23.47
C LEU C 159 -15.80 -29.99 -24.29
N CYS C 160 -16.50 -30.92 -23.64
CA CYS C 160 -17.02 -32.09 -24.34
C CYS C 160 -17.99 -31.64 -25.42
N LEU C 161 -18.92 -30.75 -25.05
CA LEU C 161 -19.91 -30.25 -25.99
C LEU C 161 -19.32 -29.44 -27.15
N GLN C 162 -18.06 -29.05 -27.02
CA GLN C 162 -17.38 -28.31 -28.08
C GLN C 162 -16.55 -29.28 -28.90
N GLY C 163 -16.59 -30.55 -28.49
CA GLY C 163 -15.82 -31.56 -29.19
C GLY C 163 -14.38 -31.61 -28.72
N ARG C 164 -14.13 -31.01 -27.56
CA ARG C 164 -12.78 -30.97 -26.99
C ARG C 164 -12.66 -31.85 -25.75
N GLY C 165 -13.59 -32.79 -25.62
CA GLY C 165 -13.60 -33.71 -24.49
C GLY C 165 -14.34 -34.97 -24.89
N ASP C 166 -14.07 -36.08 -24.20
CA ASP C 166 -14.71 -37.34 -24.54
C ASP C 166 -16.19 -37.42 -24.22
N PHE C 167 -16.82 -38.45 -24.76
CA PHE C 167 -18.23 -38.74 -24.55
C PHE C 167 -18.31 -40.19 -24.10
N LEU C 168 -19.43 -40.56 -23.51
CA LEU C 168 -19.64 -41.93 -23.07
C LEU C 168 -20.88 -42.45 -23.77
N ASP C 169 -20.83 -43.68 -24.23
CA ASP C 169 -22.01 -44.29 -24.86
C ASP C 169 -22.71 -44.94 -23.67
N ARG C 170 -23.92 -45.44 -23.85
CA ARG C 170 -24.64 -46.06 -22.73
C ARG C 170 -23.81 -47.05 -21.92
N ASP C 171 -22.98 -47.83 -22.61
CA ASP C 171 -22.14 -48.84 -21.97
C ASP C 171 -20.98 -48.27 -21.16
N GLY C 172 -20.71 -46.99 -21.33
CA GLY C 172 -19.60 -46.38 -20.60
C GLY C 172 -18.34 -46.35 -21.45
N THR C 173 -18.40 -46.90 -22.65
CA THR C 173 -17.24 -46.90 -23.54
C THR C 173 -17.01 -45.45 -23.95
N ARG C 174 -15.76 -45.03 -23.95
CA ARG C 174 -15.43 -43.65 -24.29
C ARG C 174 -15.17 -43.39 -25.76
N LEU C 175 -15.63 -42.22 -26.21
CA LEU C 175 -15.45 -41.77 -27.58
C LEU C 175 -14.76 -40.42 -27.49
N ASP C 176 -13.86 -40.12 -28.43
CA ASP C 176 -13.22 -38.82 -28.40
C ASP C 176 -14.24 -37.77 -28.82
N GLY C 177 -13.90 -36.51 -28.59
CA GLY C 177 -14.80 -35.41 -28.92
C GLY C 177 -15.40 -35.41 -30.31
N ALA C 178 -14.54 -35.50 -31.32
CA ALA C 178 -14.98 -35.49 -32.71
C ALA C 178 -15.94 -36.65 -33.02
N GLU C 179 -15.60 -37.84 -32.53
CA GLU C 179 -16.42 -39.02 -32.74
C GLU C 179 -17.78 -38.83 -32.06
N GLY C 180 -17.74 -38.25 -30.86
CA GLY C 180 -18.96 -38.01 -30.10
C GLY C 180 -19.93 -37.11 -30.83
N LEU C 181 -19.45 -35.99 -31.35
CA LEU C 181 -20.33 -35.08 -32.09
C LEU C 181 -20.92 -35.78 -33.29
N ARG C 182 -20.07 -36.52 -34.02
CA ARG C 182 -20.51 -37.25 -35.20
C ARG C 182 -21.54 -38.33 -34.87
N ARG C 183 -21.18 -39.24 -33.96
CA ARG C 183 -22.08 -40.32 -33.59
C ARG C 183 -23.41 -39.84 -33.00
N GLY C 184 -23.36 -38.82 -32.14
CA GLY C 184 -24.58 -38.34 -31.53
C GLY C 184 -25.35 -37.32 -32.36
N ARG C 185 -24.77 -36.92 -33.49
CA ARG C 185 -25.37 -35.93 -34.36
C ARG C 185 -25.57 -34.64 -33.57
N LEU C 186 -24.48 -34.20 -32.95
CA LEU C 186 -24.47 -32.99 -32.13
C LEU C 186 -23.62 -31.92 -32.80
N GLN C 187 -24.07 -30.68 -32.73
CA GLN C 187 -23.31 -29.57 -33.31
C GLN C 187 -22.41 -29.01 -32.21
N PRO C 188 -21.21 -28.55 -32.57
CA PRO C 188 -20.30 -27.99 -31.56
C PRO C 188 -20.88 -26.76 -30.88
N LEU C 189 -20.75 -26.71 -29.57
CA LEU C 189 -21.25 -25.59 -28.77
C LEU C 189 -20.54 -24.29 -29.15
N ASP C 190 -21.33 -23.25 -29.42
CA ASP C 190 -20.77 -21.95 -29.79
C ASP C 190 -21.19 -20.90 -28.75
N LEU C 191 -20.23 -20.37 -28.01
CA LEU C 191 -20.54 -19.39 -26.98
C LEU C 191 -20.29 -17.94 -27.38
N SER C 192 -20.44 -17.65 -28.67
CA SER C 192 -20.23 -16.30 -29.19
C SER C 192 -21.16 -15.26 -28.57
N HIS C 193 -22.31 -15.69 -28.04
CA HIS C 193 -23.25 -14.76 -27.42
C HIS C 193 -22.81 -14.31 -26.02
N ARG C 194 -21.68 -14.84 -25.55
CA ARG C 194 -21.14 -14.52 -24.23
C ARG C 194 -22.04 -15.08 -23.13
N ASP C 195 -22.68 -16.21 -23.40
CA ASP C 195 -23.57 -16.85 -22.45
C ASP C 195 -22.92 -18.07 -21.77
N ALA C 196 -21.61 -18.04 -21.63
CA ALA C 196 -20.89 -19.15 -21.00
C ALA C 196 -21.34 -19.39 -19.57
N LEU C 197 -21.59 -18.32 -18.82
CA LEU C 197 -22.01 -18.49 -17.43
C LEU C 197 -23.36 -19.19 -17.28
N ALA C 198 -24.08 -19.36 -18.38
CA ALA C 198 -25.36 -20.04 -18.33
C ALA C 198 -25.12 -21.55 -18.25
N LEU C 199 -23.91 -21.97 -18.64
CA LEU C 199 -23.55 -23.39 -18.62
C LEU C 199 -22.63 -23.74 -17.47
N VAL C 200 -21.75 -22.81 -17.10
CA VAL C 200 -20.82 -23.02 -15.99
C VAL C 200 -21.41 -22.24 -14.82
N ASN C 201 -22.35 -22.87 -14.11
CA ASN C 201 -23.03 -22.22 -13.00
C ASN C 201 -23.90 -23.19 -12.20
N GLY C 202 -24.35 -22.73 -11.04
CA GLY C 202 -25.24 -23.51 -10.21
C GLY C 202 -24.77 -24.80 -9.59
N THR C 203 -25.76 -25.62 -9.21
CA THR C 203 -25.54 -26.88 -8.53
C THR C 203 -25.91 -28.10 -9.37
N SER C 204 -25.76 -27.98 -10.68
CA SER C 204 -26.11 -29.04 -11.62
C SER C 204 -25.53 -30.43 -11.37
N ALA C 205 -24.25 -30.50 -11.02
CA ALA C 205 -23.61 -31.78 -10.77
C ALA C 205 -24.18 -32.51 -9.56
N MET C 206 -24.20 -31.85 -8.41
CA MET C 206 -24.72 -32.48 -7.21
C MET C 206 -26.21 -32.82 -7.35
N THR C 207 -26.94 -31.96 -8.03
CA THR C 207 -28.37 -32.17 -8.24
C THR C 207 -28.58 -33.40 -9.12
N GLY C 208 -27.79 -33.51 -10.18
CA GLY C 208 -27.91 -34.65 -11.07
C GLY C 208 -27.59 -35.96 -10.37
N ILE C 209 -26.54 -35.94 -9.54
CA ILE C 209 -26.15 -37.14 -8.80
C ILE C 209 -27.25 -37.51 -7.82
N ALA C 210 -27.75 -36.51 -7.11
CA ALA C 210 -28.80 -36.70 -6.11
C ALA C 210 -30.11 -37.23 -6.71
N LEU C 211 -30.48 -36.77 -7.89
CA LEU C 211 -31.73 -37.26 -8.46
C LEU C 211 -31.57 -38.73 -8.87
N VAL C 212 -30.35 -39.11 -9.24
CA VAL C 212 -30.11 -40.50 -9.59
C VAL C 212 -30.14 -41.30 -8.28
N ASN C 213 -29.65 -40.69 -7.20
CA ASN C 213 -29.67 -41.35 -5.88
C ASN C 213 -31.12 -41.58 -5.46
N ALA C 214 -31.96 -40.56 -5.64
CA ALA C 214 -33.37 -40.63 -5.28
C ALA C 214 -34.09 -41.80 -5.96
N HIS C 215 -33.88 -41.92 -7.27
CA HIS C 215 -34.51 -42.99 -8.04
C HIS C 215 -34.06 -44.37 -7.58
N ALA C 216 -32.76 -44.52 -7.33
CA ALA C 216 -32.21 -45.79 -6.89
C ALA C 216 -32.74 -46.17 -5.51
N CYS C 217 -32.86 -45.18 -4.63
CA CYS C 217 -33.37 -45.42 -3.28
C CYS C 217 -34.82 -45.88 -3.27
N ARG C 218 -35.63 -45.39 -4.21
CA ARG C 218 -37.03 -45.80 -4.26
C ARG C 218 -37.08 -47.29 -4.56
N HIS C 219 -36.29 -47.73 -5.53
CA HIS C 219 -36.27 -49.14 -5.89
C HIS C 219 -35.70 -50.01 -4.77
N LEU C 220 -34.57 -49.61 -4.19
CA LEU C 220 -33.99 -50.41 -3.12
C LEU C 220 -34.93 -50.47 -1.92
N GLY C 221 -35.64 -49.36 -1.68
CA GLY C 221 -36.59 -49.31 -0.58
C GLY C 221 -37.69 -50.32 -0.81
N ASN C 222 -38.12 -50.47 -2.06
CA ASN C 222 -39.16 -51.44 -2.40
C ASN C 222 -38.62 -52.86 -2.16
N TRP C 223 -37.35 -53.08 -2.47
CA TRP C 223 -36.75 -54.39 -2.24
C TRP C 223 -36.63 -54.67 -0.74
N ALA C 224 -36.21 -53.66 0.02
CA ALA C 224 -36.06 -53.80 1.47
C ALA C 224 -37.37 -54.27 2.10
N VAL C 225 -38.47 -53.72 1.60
CA VAL C 225 -39.80 -54.09 2.08
C VAL C 225 -40.14 -55.51 1.61
N ALA C 226 -39.96 -55.77 0.32
CA ALA C 226 -40.26 -57.10 -0.24
C ALA C 226 -39.45 -58.21 0.41
N LEU C 227 -38.20 -57.91 0.74
CA LEU C 227 -37.34 -58.92 1.36
C LEU C 227 -37.65 -59.09 2.84
N THR C 228 -38.11 -58.02 3.50
CA THR C 228 -38.48 -58.11 4.90
C THR C 228 -39.72 -59.00 4.96
N ALA C 229 -40.61 -58.82 3.99
CA ALA C 229 -41.85 -59.60 3.92
C ALA C 229 -41.54 -61.08 3.67
N LEU C 230 -40.68 -61.35 2.72
CA LEU C 230 -40.31 -62.73 2.40
C LEU C 230 -39.58 -63.36 3.59
N LEU C 231 -38.83 -62.55 4.34
CA LEU C 231 -38.11 -63.07 5.52
C LEU C 231 -39.16 -63.58 6.52
N ALA C 232 -40.23 -62.81 6.67
CA ALA C 232 -41.30 -63.17 7.57
C ALA C 232 -41.91 -64.51 7.14
N GLU C 233 -42.00 -64.73 5.83
CA GLU C 233 -42.56 -65.96 5.32
C GLU C 233 -41.62 -67.15 5.48
N CYS C 234 -40.34 -66.88 5.66
CA CYS C 234 -39.35 -67.95 5.84
C CYS C 234 -39.09 -68.26 7.31
N LEU C 235 -39.42 -67.32 8.18
CA LEU C 235 -39.18 -67.49 9.62
C LEU C 235 -40.44 -67.44 10.48
N ARG C 236 -41.60 -67.70 9.86
CA ARG C 236 -42.88 -67.66 10.57
C ARG C 236 -43.05 -66.34 11.32
N GLY C 237 -42.79 -65.23 10.63
CA GLY C 237 -42.91 -63.92 11.25
C GLY C 237 -44.33 -63.56 11.67
N ARG C 238 -44.43 -62.78 12.75
CA ARG C 238 -45.73 -62.37 13.29
C ARG C 238 -46.20 -61.07 12.63
N THR C 239 -47.33 -61.13 11.95
CA THR C 239 -47.85 -59.94 11.27
C THR C 239 -48.51 -58.89 12.16
N GLU C 240 -48.88 -59.25 13.39
CA GLU C 240 -49.52 -58.25 14.24
C GLU C 240 -48.64 -57.02 14.50
N ALA C 241 -47.32 -57.20 14.44
CA ALA C 241 -46.41 -56.07 14.66
C ALA C 241 -46.50 -55.06 13.51
N TRP C 242 -47.06 -55.50 12.39
CA TRP C 242 -47.21 -54.62 11.23
C TRP C 242 -48.62 -54.06 11.10
N ALA C 243 -49.42 -54.27 12.14
CA ALA C 243 -50.82 -53.80 12.16
C ALA C 243 -50.94 -52.30 11.92
N ALA C 244 -51.95 -51.91 11.17
CA ALA C 244 -52.18 -50.50 10.88
C ALA C 244 -52.48 -49.74 12.17
N ALA C 245 -53.13 -50.42 13.12
CA ALA C 245 -53.47 -49.78 14.38
C ALA C 245 -52.22 -49.23 15.07
N LEU C 246 -51.11 -49.96 14.98
CA LEU C 246 -49.87 -49.48 15.59
C LEU C 246 -49.37 -48.25 14.88
N SER C 247 -49.49 -48.23 13.55
CA SER C 247 -49.06 -47.07 12.76
C SER C 247 -49.82 -45.84 13.21
N ASP C 248 -51.13 -45.99 13.39
CA ASP C 248 -51.98 -44.87 13.81
C ASP C 248 -51.58 -44.30 15.16
N LEU C 249 -51.04 -45.14 16.04
CA LEU C 249 -50.62 -44.68 17.36
C LEU C 249 -49.35 -43.84 17.34
N ARG C 250 -48.54 -44.02 16.29
CA ARG C 250 -47.28 -43.28 16.11
C ARG C 250 -47.27 -43.00 14.60
N PRO C 251 -48.12 -42.07 14.16
CA PRO C 251 -48.34 -41.62 12.78
C PRO C 251 -47.26 -41.01 11.89
N HIS C 252 -46.05 -41.55 11.92
CA HIS C 252 -45.01 -41.04 11.02
C HIS C 252 -45.44 -41.55 9.63
N PRO C 253 -45.51 -40.67 8.62
CA PRO C 253 -45.91 -41.08 7.28
C PRO C 253 -45.11 -42.27 6.73
N GLY C 254 -43.79 -42.20 6.88
CA GLY C 254 -42.94 -43.26 6.38
C GLY C 254 -43.22 -44.60 7.03
N GLN C 255 -43.52 -44.57 8.33
CA GLN C 255 -43.81 -45.80 9.05
C GLN C 255 -45.16 -46.39 8.64
N LYS C 256 -46.17 -45.55 8.55
CA LYS C 256 -47.49 -46.03 8.15
C LYS C 256 -47.37 -46.69 6.78
N ASP C 257 -46.64 -46.03 5.88
CA ASP C 257 -46.43 -46.54 4.54
C ASP C 257 -45.67 -47.87 4.53
N ALA C 258 -44.58 -47.94 5.29
CA ALA C 258 -43.79 -49.16 5.37
C ALA C 258 -44.66 -50.33 5.84
N ALA C 259 -45.38 -50.12 6.94
CA ALA C 259 -46.25 -51.16 7.50
C ALA C 259 -47.30 -51.63 6.49
N ALA C 260 -47.95 -50.67 5.82
CA ALA C 260 -48.97 -50.99 4.84
C ALA C 260 -48.41 -51.85 3.70
N ARG C 261 -47.24 -51.45 3.20
CA ARG C 261 -46.59 -52.17 2.11
C ARG C 261 -46.15 -53.57 2.55
N LEU C 262 -45.77 -53.69 3.82
CA LEU C 262 -45.35 -54.99 4.35
C LEU C 262 -46.56 -55.90 4.42
N ARG C 263 -47.66 -55.40 4.97
CA ARG C 263 -48.89 -56.18 5.06
C ARG C 263 -49.30 -56.65 3.67
N ALA C 264 -49.26 -55.74 2.70
CA ALA C 264 -49.62 -56.06 1.32
C ALA C 264 -48.74 -57.17 0.74
N ARG C 265 -47.44 -57.12 1.04
CA ARG C 265 -46.53 -58.14 0.52
C ARG C 265 -46.87 -59.55 1.01
N VAL C 266 -47.32 -59.68 2.26
CA VAL C 266 -47.63 -61.00 2.80
C VAL C 266 -49.11 -61.37 2.72
N ASP C 267 -49.90 -60.56 2.02
CA ASP C 267 -51.32 -60.88 1.89
C ASP C 267 -51.44 -62.21 1.16
N GLY C 268 -52.24 -63.11 1.70
CA GLY C 268 -52.42 -64.42 1.09
C GLY C 268 -51.45 -65.48 1.56
N SER C 269 -50.48 -65.10 2.39
CA SER C 269 -49.48 -66.05 2.89
C SER C 269 -50.02 -66.92 4.03
N ALA C 270 -49.62 -68.19 4.03
CA ALA C 270 -50.04 -69.12 5.07
C ALA C 270 -48.82 -69.47 5.90
N ARG C 271 -47.70 -68.83 5.58
CA ARG C 271 -46.44 -69.07 6.27
C ARG C 271 -46.13 -68.11 7.40
N VAL C 272 -46.91 -67.04 7.53
CA VAL C 272 -46.71 -66.07 8.61
C VAL C 272 -47.69 -66.35 9.75
N VAL C 273 -47.42 -65.80 10.92
CA VAL C 273 -48.29 -65.98 12.08
C VAL C 273 -49.16 -64.73 12.22
N ARG C 274 -50.46 -64.89 12.04
CA ARG C 274 -51.39 -63.76 12.11
C ARG C 274 -52.12 -63.58 13.43
N HIS C 275 -52.01 -64.55 14.32
CA HIS C 275 -52.69 -64.48 15.62
C HIS C 275 -52.19 -63.31 16.48
N VAL C 276 -53.11 -62.66 17.19
CA VAL C 276 -52.78 -61.58 18.10
C VAL C 276 -52.59 -62.30 19.43
N ILE C 277 -51.37 -62.32 19.96
CA ILE C 277 -51.10 -63.04 21.19
C ILE C 277 -51.95 -62.70 22.41
N ALA C 278 -52.35 -61.43 22.54
CA ALA C 278 -53.17 -61.00 23.67
C ALA C 278 -54.56 -61.64 23.71
N GLU C 279 -54.91 -62.34 22.63
CA GLU C 279 -56.22 -62.99 22.55
C GLU C 279 -56.21 -64.22 23.45
N ARG C 280 -55.03 -64.81 23.62
CA ARG C 280 -54.85 -66.00 24.43
C ARG C 280 -54.98 -65.78 25.94
N ARG C 281 -55.85 -66.56 26.57
CA ARG C 281 -56.05 -66.49 28.02
C ARG C 281 -55.20 -67.62 28.61
N LEU C 282 -54.33 -67.29 29.55
CA LEU C 282 -53.45 -68.28 30.17
C LEU C 282 -54.05 -68.95 31.40
N ASP C 283 -53.67 -70.22 31.60
CA ASP C 283 -54.10 -71.01 32.74
C ASP C 283 -52.87 -71.30 33.58
N ALA C 284 -53.08 -71.71 34.83
CA ALA C 284 -51.97 -72.02 35.72
C ALA C 284 -51.04 -73.06 35.11
N GLY C 285 -51.63 -74.03 34.41
CA GLY C 285 -50.85 -75.09 33.80
C GLY C 285 -49.90 -74.64 32.71
N ASP C 286 -50.19 -73.50 32.08
CA ASP C 286 -49.34 -72.98 31.01
C ASP C 286 -48.08 -72.29 31.51
N ILE C 287 -48.09 -71.88 32.78
CA ILE C 287 -46.94 -71.19 33.36
C ILE C 287 -45.66 -72.02 33.35
N GLY C 288 -44.65 -71.48 32.68
CA GLY C 288 -43.37 -72.15 32.56
C GLY C 288 -42.64 -71.56 31.37
N THR C 289 -41.71 -72.32 30.78
CA THR C 289 -40.96 -71.83 29.63
C THR C 289 -41.47 -72.43 28.33
N GLU C 290 -41.97 -71.58 27.44
CA GLU C 290 -42.48 -72.03 26.15
C GLU C 290 -41.36 -72.08 25.11
N PRO C 291 -41.56 -72.84 24.03
CA PRO C 291 -40.56 -72.96 22.97
C PRO C 291 -40.09 -71.63 22.38
N GLU C 292 -41.03 -70.74 22.07
CA GLU C 292 -40.67 -69.45 21.49
C GLU C 292 -41.38 -68.29 22.19
N ALA C 293 -40.78 -67.11 22.11
CA ALA C 293 -41.34 -65.90 22.71
C ALA C 293 -42.53 -65.42 21.88
N GLY C 294 -43.38 -64.60 22.48
CA GLY C 294 -44.54 -64.09 21.79
C GLY C 294 -44.29 -62.97 20.78
N GLN C 295 -43.05 -62.49 20.69
CA GLN C 295 -42.71 -61.43 19.75
C GLN C 295 -41.43 -61.79 19.00
N ASP C 296 -41.28 -61.26 17.78
CA ASP C 296 -40.09 -61.53 16.97
C ASP C 296 -38.96 -60.58 17.35
N ALA C 297 -37.76 -60.92 16.92
CA ALA C 297 -36.58 -60.09 17.16
C ALA C 297 -36.84 -58.80 16.36
N TYR C 298 -36.10 -57.75 16.69
CA TYR C 298 -36.29 -56.46 16.04
C TYR C 298 -36.19 -56.39 14.52
N SER C 299 -35.35 -57.22 13.91
CA SER C 299 -35.19 -57.18 12.46
C SER C 299 -36.50 -57.48 11.70
N LEU C 300 -37.50 -57.95 12.42
CA LEU C 300 -38.80 -58.22 11.83
C LEU C 300 -39.85 -57.33 12.48
N ARG C 301 -39.93 -57.39 13.80
CA ARG C 301 -40.91 -56.61 14.57
C ARG C 301 -40.79 -55.09 14.41
N CYS C 302 -39.57 -54.58 14.32
CA CYS C 302 -39.36 -53.15 14.20
C CYS C 302 -39.09 -52.66 12.77
N ALA C 303 -39.38 -53.49 11.78
CA ALA C 303 -39.13 -53.12 10.40
C ALA C 303 -39.92 -51.88 9.96
N PRO C 304 -41.18 -51.76 10.39
CA PRO C 304 -41.92 -50.56 9.98
C PRO C 304 -41.26 -49.29 10.51
N GLN C 305 -40.76 -49.36 11.74
CA GLN C 305 -40.13 -48.22 12.38
C GLN C 305 -38.76 -47.86 11.79
N VAL C 306 -37.96 -48.86 11.47
CA VAL C 306 -36.63 -48.61 10.89
C VAL C 306 -36.78 -48.18 9.43
N LEU C 307 -37.51 -48.97 8.65
CA LEU C 307 -37.72 -48.63 7.25
C LEU C 307 -38.43 -47.28 7.16
N GLY C 308 -39.42 -47.08 8.03
CA GLY C 308 -40.18 -45.84 8.04
C GLY C 308 -39.36 -44.59 8.25
N ALA C 309 -38.39 -44.65 9.16
CA ALA C 309 -37.52 -43.50 9.43
C ALA C 309 -36.70 -43.21 8.17
N GLY C 310 -36.25 -44.29 7.53
CA GLY C 310 -35.49 -44.16 6.32
C GLY C 310 -36.34 -43.55 5.22
N PHE C 311 -37.61 -43.96 5.12
CA PHE C 311 -38.50 -43.44 4.09
C PHE C 311 -38.84 -41.96 4.32
N ASP C 312 -38.91 -41.53 5.58
CA ASP C 312 -39.21 -40.13 5.86
C ASP C 312 -37.98 -39.28 5.52
N THR C 313 -36.80 -39.86 5.65
CA THR C 313 -35.56 -39.13 5.33
C THR C 313 -35.54 -38.93 3.82
N LEU C 314 -35.82 -39.99 3.08
CA LEU C 314 -35.84 -39.95 1.62
C LEU C 314 -36.89 -38.95 1.13
N ALA C 315 -38.04 -38.92 1.80
CA ALA C 315 -39.11 -37.99 1.42
C ALA C 315 -38.64 -36.54 1.61
N TRP C 316 -37.89 -36.27 2.67
CA TRP C 316 -37.39 -34.92 2.92
C TRP C 316 -36.35 -34.58 1.85
N HIS C 317 -35.47 -35.54 1.59
CA HIS C 317 -34.42 -35.40 0.60
C HIS C 317 -35.05 -35.05 -0.77
N ASP C 318 -36.09 -35.79 -1.13
CA ASP C 318 -36.79 -35.57 -2.39
C ASP C 318 -37.53 -34.23 -2.45
N ARG C 319 -38.11 -33.79 -1.35
CA ARG C 319 -38.82 -32.50 -1.33
C ARG C 319 -37.81 -31.39 -1.63
N VAL C 320 -36.70 -31.40 -0.90
CA VAL C 320 -35.65 -30.39 -1.08
C VAL C 320 -35.05 -30.45 -2.49
N LEU C 321 -34.80 -31.67 -2.99
CA LEU C 321 -34.22 -31.85 -4.32
C LEU C 321 -35.12 -31.35 -5.43
N THR C 322 -36.42 -31.57 -5.29
CA THR C 322 -37.37 -31.12 -6.29
C THR C 322 -37.30 -29.59 -6.43
N ILE C 323 -37.18 -28.89 -5.30
CA ILE C 323 -37.08 -27.43 -5.34
C ILE C 323 -35.76 -27.02 -5.99
N GLU C 324 -34.68 -27.66 -5.60
CA GLU C 324 -33.36 -27.36 -6.15
C GLU C 324 -33.32 -27.61 -7.65
N LEU C 325 -33.81 -28.77 -8.08
CA LEU C 325 -33.83 -29.12 -9.49
C LEU C 325 -34.59 -28.11 -10.35
N ASN C 326 -35.68 -27.58 -9.81
CA ASN C 326 -36.51 -26.62 -10.53
C ASN C 326 -36.20 -25.16 -10.26
N ALA C 327 -35.11 -24.91 -9.54
CA ALA C 327 -34.72 -23.54 -9.21
C ALA C 327 -33.67 -23.02 -10.18
N VAL C 328 -33.30 -21.76 -10.02
CA VAL C 328 -32.25 -21.14 -10.82
C VAL C 328 -31.14 -20.93 -9.80
N THR C 329 -30.08 -21.72 -9.92
CA THR C 329 -28.95 -21.63 -9.00
C THR C 329 -27.80 -20.80 -9.58
N ASP C 330 -28.12 -20.06 -10.64
CA ASP C 330 -27.16 -19.21 -11.34
C ASP C 330 -26.73 -17.95 -10.62
N ASN C 331 -25.54 -17.47 -11.00
CA ASN C 331 -24.98 -16.20 -10.51
C ASN C 331 -24.00 -15.76 -11.58
N PRO C 332 -24.22 -14.56 -12.14
CA PRO C 332 -25.33 -13.66 -11.81
C PRO C 332 -26.61 -14.16 -12.46
N VAL C 333 -27.71 -13.47 -12.20
CA VAL C 333 -28.99 -13.85 -12.77
C VAL C 333 -29.66 -12.58 -13.32
N PHE C 334 -30.47 -12.75 -14.35
CA PHE C 334 -31.13 -11.62 -15.00
C PHE C 334 -32.64 -11.67 -14.79
N PRO C 335 -33.16 -10.85 -13.85
CA PRO C 335 -34.59 -10.75 -13.51
C PRO C 335 -35.50 -10.58 -14.71
N PRO C 336 -36.44 -11.52 -14.90
CA PRO C 336 -37.36 -11.43 -16.02
C PRO C 336 -38.20 -10.14 -16.00
N ASP C 337 -38.61 -9.71 -14.81
CA ASP C 337 -39.41 -8.49 -14.68
C ASP C 337 -38.68 -7.21 -15.06
N GLY C 338 -37.37 -7.30 -15.24
CA GLY C 338 -36.59 -6.12 -15.61
C GLY C 338 -36.39 -5.09 -14.50
N SER C 339 -36.72 -5.45 -13.26
CA SER C 339 -36.56 -4.55 -12.13
C SER C 339 -35.15 -3.98 -12.07
N VAL C 340 -34.15 -4.84 -12.17
CA VAL C 340 -32.75 -4.43 -12.20
C VAL C 340 -32.11 -5.21 -13.34
N PRO C 341 -31.02 -4.70 -13.93
CA PRO C 341 -30.35 -5.37 -15.04
C PRO C 341 -29.86 -6.78 -14.67
N ALA C 342 -29.34 -6.93 -13.46
CA ALA C 342 -28.86 -8.23 -13.00
C ALA C 342 -28.71 -8.24 -11.49
N LEU C 343 -28.76 -9.44 -10.90
CA LEU C 343 -28.62 -9.62 -9.46
C LEU C 343 -27.38 -10.46 -9.19
N HIS C 344 -26.65 -10.11 -8.13
CA HIS C 344 -25.45 -10.84 -7.74
C HIS C 344 -25.63 -11.39 -6.32
N GLY C 345 -25.46 -12.71 -6.18
CA GLY C 345 -25.60 -13.33 -4.88
C GLY C 345 -24.93 -14.70 -4.84
N GLY C 346 -25.50 -15.63 -4.07
CA GLY C 346 -24.89 -16.93 -3.98
C GLY C 346 -25.82 -18.13 -4.08
N ASN C 347 -26.72 -18.14 -5.06
CA ASN C 347 -27.65 -19.25 -5.21
C ASN C 347 -26.96 -20.53 -5.69
N PHE C 348 -25.66 -20.43 -5.96
CA PHE C 348 -24.86 -21.57 -6.41
C PHE C 348 -24.33 -22.38 -5.22
N MET C 349 -24.52 -21.86 -4.01
CA MET C 349 -24.05 -22.53 -2.80
C MET C 349 -24.92 -23.76 -2.56
N GLY C 350 -24.35 -24.95 -2.79
CA GLY C 350 -25.12 -26.17 -2.64
C GLY C 350 -25.32 -26.76 -1.26
N GLN C 351 -25.63 -25.94 -0.25
CA GLN C 351 -25.80 -26.46 1.10
C GLN C 351 -27.04 -27.35 1.27
N HIS C 352 -28.10 -27.08 0.52
CA HIS C 352 -29.30 -27.91 0.63
C HIS C 352 -29.07 -29.35 0.19
N VAL C 353 -28.43 -29.53 -0.97
CA VAL C 353 -28.18 -30.88 -1.45
C VAL C 353 -27.11 -31.53 -0.57
N ALA C 354 -26.20 -30.73 -0.05
CA ALA C 354 -25.16 -31.26 0.81
C ALA C 354 -25.77 -31.88 2.06
N LEU C 355 -26.62 -31.12 2.75
CA LEU C 355 -27.25 -31.60 3.97
C LEU C 355 -28.22 -32.77 3.78
N THR C 356 -28.99 -32.74 2.70
CA THR C 356 -29.94 -33.82 2.44
C THR C 356 -29.21 -35.08 1.99
N SER C 357 -28.13 -34.92 1.21
CA SER C 357 -27.37 -36.08 0.75
C SER C 357 -26.70 -36.78 1.93
N ASP C 358 -26.15 -36.01 2.85
CA ASP C 358 -25.51 -36.57 4.04
C ASP C 358 -26.54 -37.27 4.91
N ALA C 359 -27.71 -36.66 5.07
CA ALA C 359 -28.79 -37.23 5.87
C ALA C 359 -29.27 -38.54 5.24
N LEU C 360 -29.42 -38.54 3.92
CA LEU C 360 -29.86 -39.74 3.22
C LEU C 360 -28.79 -40.84 3.33
N ALA C 361 -27.53 -40.45 3.24
CA ALA C 361 -26.42 -41.40 3.34
C ALA C 361 -26.51 -42.15 4.68
N THR C 362 -26.82 -41.42 5.75
CA THR C 362 -26.95 -42.03 7.06
C THR C 362 -28.12 -43.03 7.07
N ALA C 363 -29.25 -42.60 6.52
CA ALA C 363 -30.43 -43.45 6.46
C ALA C 363 -30.14 -44.72 5.68
N VAL C 364 -29.46 -44.57 4.55
CA VAL C 364 -29.10 -45.72 3.73
C VAL C 364 -28.23 -46.70 4.52
N THR C 365 -27.30 -46.15 5.30
CA THR C 365 -26.42 -46.99 6.09
C THR C 365 -27.22 -47.73 7.18
N VAL C 366 -28.22 -47.06 7.74
CA VAL C 366 -29.07 -47.66 8.76
C VAL C 366 -29.89 -48.79 8.15
N LEU C 367 -30.49 -48.56 6.99
CA LEU C 367 -31.31 -49.58 6.34
C LEU C 367 -30.48 -50.76 5.81
N ALA C 368 -29.24 -50.48 5.40
CA ALA C 368 -28.36 -51.54 4.92
C ALA C 368 -28.02 -52.41 6.14
N GLY C 369 -27.88 -51.76 7.29
CA GLY C 369 -27.58 -52.50 8.50
C GLY C 369 -28.70 -53.47 8.84
N LEU C 370 -29.94 -53.04 8.61
CA LEU C 370 -31.10 -53.89 8.87
C LEU C 370 -31.04 -55.11 7.95
N ALA C 371 -30.83 -54.89 6.66
CA ALA C 371 -30.74 -55.97 5.70
C ALA C 371 -29.63 -56.94 6.09
N GLU C 372 -28.49 -56.40 6.50
CA GLU C 372 -27.34 -57.22 6.90
C GLU C 372 -27.67 -58.10 8.10
N ARG C 373 -28.37 -57.55 9.08
CA ARG C 373 -28.75 -58.32 10.27
C ARG C 373 -29.83 -59.34 9.92
N GLN C 374 -30.60 -59.08 8.87
CA GLN C 374 -31.63 -60.02 8.45
C GLN C 374 -30.97 -61.24 7.84
N ILE C 375 -29.84 -61.02 7.15
CA ILE C 375 -29.10 -62.11 6.54
C ILE C 375 -28.46 -62.92 7.66
N ALA C 376 -27.84 -62.20 8.59
CA ALA C 376 -27.16 -62.82 9.74
C ALA C 376 -28.08 -63.73 10.53
N ARG C 377 -29.35 -63.35 10.64
CA ARG C 377 -30.31 -64.16 11.38
C ARG C 377 -30.80 -65.35 10.56
N LEU C 378 -31.19 -65.07 9.32
CA LEU C 378 -31.68 -66.10 8.42
C LEU C 378 -30.69 -67.24 8.19
N THR C 379 -29.40 -66.92 8.14
CA THR C 379 -28.37 -67.93 7.90
C THR C 379 -27.82 -68.61 9.14
N ASP C 380 -28.27 -68.17 10.31
CA ASP C 380 -27.81 -68.72 11.58
C ASP C 380 -28.71 -69.88 12.01
N GLU C 381 -28.17 -71.09 12.01
CA GLU C 381 -28.96 -72.27 12.38
C GLU C 381 -29.57 -72.17 13.78
N ARG C 382 -28.93 -71.40 14.66
CA ARG C 382 -29.44 -71.23 16.02
C ARG C 382 -30.61 -70.25 16.08
N LEU C 383 -30.74 -69.42 15.04
CA LEU C 383 -31.80 -68.41 15.01
C LEU C 383 -32.83 -68.53 13.88
N ASN C 384 -32.56 -69.35 12.86
CA ASN C 384 -33.49 -69.46 11.75
C ASN C 384 -34.60 -70.49 11.88
N ARG C 385 -34.87 -70.93 13.11
CA ARG C 385 -35.92 -71.89 13.38
C ARG C 385 -35.99 -73.14 12.49
N GLY C 386 -34.94 -73.95 12.52
CA GLY C 386 -34.96 -75.18 11.73
C GLY C 386 -34.36 -75.21 10.34
N LEU C 387 -33.99 -74.06 9.80
CA LEU C 387 -33.40 -74.05 8.46
C LEU C 387 -31.93 -74.48 8.54
N PRO C 388 -31.39 -75.05 7.45
CA PRO C 388 -30.00 -75.49 7.43
C PRO C 388 -29.03 -74.35 7.71
N PRO C 389 -27.87 -74.66 8.30
CA PRO C 389 -26.91 -73.60 8.58
C PRO C 389 -26.42 -72.97 7.28
N PHE C 390 -26.58 -71.65 7.18
CA PHE C 390 -26.16 -70.90 6.00
C PHE C 390 -26.92 -71.36 4.75
N LEU C 391 -28.11 -71.91 4.98
CA LEU C 391 -29.00 -72.34 3.90
C LEU C 391 -28.35 -73.25 2.87
N HIS C 392 -27.45 -74.12 3.30
CA HIS C 392 -26.77 -74.99 2.36
C HIS C 392 -27.66 -76.16 1.94
N ARG C 393 -27.28 -76.78 0.84
CA ARG C 393 -27.96 -77.97 0.34
C ARG C 393 -26.82 -78.98 0.20
N GLY C 394 -27.14 -80.25 0.03
CA GLY C 394 -26.09 -81.25 -0.07
C GLY C 394 -25.61 -81.58 1.33
N PRO C 395 -24.58 -82.43 1.48
CA PRO C 395 -24.06 -82.79 2.81
C PRO C 395 -23.50 -81.59 3.58
N ALA C 396 -23.86 -81.49 4.85
CA ALA C 396 -23.37 -80.40 5.70
C ALA C 396 -21.88 -80.61 5.99
N GLY C 397 -21.14 -79.52 6.10
CA GLY C 397 -19.71 -79.63 6.34
C GLY C 397 -19.05 -79.59 4.97
N LEU C 398 -19.43 -80.54 4.11
CA LEU C 398 -18.88 -80.58 2.76
C LEU C 398 -19.36 -79.34 2.03
N ASN C 399 -20.56 -78.88 2.38
CA ASN C 399 -21.16 -77.68 1.77
C ASN C 399 -21.39 -76.63 2.84
N SER C 400 -21.09 -75.37 2.49
CA SER C 400 -21.27 -74.28 3.44
C SER C 400 -22.31 -73.27 2.95
N GLY C 401 -22.87 -73.52 1.78
CA GLY C 401 -23.88 -72.64 1.23
C GLY C 401 -23.52 -71.17 1.11
N PHE C 402 -24.29 -70.32 1.81
CA PHE C 402 -24.08 -68.87 1.79
C PHE C 402 -23.19 -68.38 2.93
N MET C 403 -22.34 -69.24 3.47
CA MET C 403 -21.49 -68.83 4.57
C MET C 403 -20.52 -67.72 4.17
N GLY C 404 -20.04 -67.76 2.93
CA GLY C 404 -19.13 -66.73 2.46
C GLY C 404 -19.87 -65.43 2.16
N ALA C 405 -21.00 -65.54 1.47
CA ALA C 405 -21.80 -64.38 1.11
C ALA C 405 -22.25 -63.61 2.34
N GLN C 406 -22.56 -64.32 3.42
CA GLN C 406 -23.01 -63.67 4.64
C GLN C 406 -21.92 -62.78 5.22
N VAL C 407 -20.67 -63.27 5.22
CA VAL C 407 -19.56 -62.47 5.73
C VAL C 407 -19.32 -61.29 4.80
N THR C 408 -19.47 -61.52 3.50
CA THR C 408 -19.28 -60.46 2.52
C THR C 408 -20.27 -59.32 2.76
N ALA C 409 -21.51 -59.65 3.10
CA ALA C 409 -22.52 -58.63 3.36
C ALA C 409 -22.10 -57.79 4.57
N THR C 410 -21.50 -58.45 5.56
CA THR C 410 -21.02 -57.77 6.75
C THR C 410 -19.87 -56.84 6.37
N ALA C 411 -18.98 -57.32 5.50
CA ALA C 411 -17.83 -56.52 5.07
C ALA C 411 -18.30 -55.27 4.33
N LEU C 412 -19.29 -55.43 3.46
CA LEU C 412 -19.83 -54.31 2.71
C LEU C 412 -20.40 -53.25 3.65
N LEU C 413 -21.16 -53.69 4.66
CA LEU C 413 -21.74 -52.76 5.62
C LEU C 413 -20.67 -52.03 6.42
N ALA C 414 -19.69 -52.78 6.92
CA ALA C 414 -18.61 -52.20 7.70
C ALA C 414 -17.90 -51.10 6.90
N GLU C 415 -17.74 -51.33 5.60
CA GLU C 415 -17.10 -50.33 4.76
C GLU C 415 -17.96 -49.08 4.65
N MET C 416 -19.28 -49.26 4.51
CA MET C 416 -20.21 -48.13 4.41
C MET C 416 -20.05 -47.22 5.62
N ARG C 417 -19.98 -47.84 6.79
CA ARG C 417 -19.87 -47.12 8.05
C ARG C 417 -18.61 -46.28 8.24
N ALA C 418 -17.54 -46.61 7.52
CA ALA C 418 -16.29 -45.87 7.65
C ALA C 418 -16.33 -44.46 7.08
N THR C 419 -17.31 -44.18 6.23
CA THR C 419 -17.44 -42.86 5.62
C THR C 419 -18.63 -42.11 6.21
N GLY C 420 -18.38 -40.89 6.70
CA GLY C 420 -19.43 -40.09 7.29
C GLY C 420 -19.88 -38.93 6.41
N PRO C 421 -20.59 -37.94 6.99
CA PRO C 421 -21.09 -36.76 6.27
C PRO C 421 -19.96 -35.99 5.60
N ALA C 422 -20.22 -35.42 4.43
CA ALA C 422 -19.21 -34.65 3.73
C ALA C 422 -19.30 -33.16 4.07
N SER C 423 -20.50 -32.69 4.38
CA SER C 423 -20.75 -31.28 4.67
C SER C 423 -19.98 -30.60 5.79
N ILE C 424 -19.57 -31.37 6.80
CA ILE C 424 -18.85 -30.81 7.95
C ILE C 424 -17.38 -30.48 7.66
N HIS C 425 -16.91 -30.79 6.46
CA HIS C 425 -15.51 -30.56 6.13
C HIS C 425 -15.20 -29.31 5.30
N SER C 426 -15.99 -28.26 5.48
CA SER C 426 -15.78 -27.02 4.75
C SER C 426 -14.42 -26.44 5.09
N ILE C 427 -13.71 -25.97 4.06
CA ILE C 427 -12.40 -25.38 4.20
C ILE C 427 -12.32 -24.10 3.38
N SER C 428 -11.91 -23.00 4.01
CA SER C 428 -11.76 -21.72 3.32
C SER C 428 -10.79 -21.89 2.16
N THR C 429 -11.19 -21.48 0.97
CA THR C 429 -10.36 -21.63 -0.22
C THR C 429 -10.53 -20.47 -1.21
N ASN C 430 -9.86 -20.53 -2.35
CA ASN C 430 -9.97 -19.45 -3.34
C ASN C 430 -9.49 -18.13 -2.71
N ALA C 431 -8.31 -18.17 -2.09
CA ALA C 431 -7.73 -17.02 -1.43
C ALA C 431 -8.70 -16.43 -0.40
N ALA C 432 -9.41 -17.32 0.31
CA ALA C 432 -10.38 -16.95 1.33
C ALA C 432 -11.68 -16.32 0.83
N ASN C 433 -11.83 -16.18 -0.49
CA ASN C 433 -13.06 -15.62 -1.05
C ASN C 433 -14.19 -16.63 -0.79
N GLN C 434 -13.89 -17.91 -1.01
CA GLN C 434 -14.86 -18.96 -0.75
C GLN C 434 -14.51 -19.47 0.65
N ASP C 435 -14.78 -18.65 1.66
CA ASP C 435 -14.41 -19.06 3.01
C ASP C 435 -15.28 -20.13 3.63
N VAL C 436 -16.41 -20.44 2.97
CA VAL C 436 -17.30 -21.52 3.38
C VAL C 436 -17.79 -22.18 2.10
N VAL C 437 -17.78 -23.50 2.05
CA VAL C 437 -18.23 -24.22 0.86
C VAL C 437 -19.15 -25.38 1.27
N SER C 438 -20.05 -25.77 0.38
CA SER C 438 -21.02 -26.83 0.67
C SER C 438 -20.51 -28.27 0.56
N LEU C 439 -19.65 -28.53 -0.43
CA LEU C 439 -19.14 -29.88 -0.66
C LEU C 439 -20.32 -30.78 -1.00
N GLY C 440 -21.37 -30.16 -1.56
CA GLY C 440 -22.57 -30.91 -1.92
C GLY C 440 -22.37 -32.04 -2.91
N THR C 441 -21.48 -31.82 -3.87
CA THR C 441 -21.20 -32.81 -4.90
C THR C 441 -20.57 -34.05 -4.25
N ILE C 442 -19.64 -33.81 -3.35
CA ILE C 442 -18.96 -34.89 -2.63
C ILE C 442 -20.00 -35.63 -1.80
N ALA C 443 -20.86 -34.87 -1.13
CA ALA C 443 -21.92 -35.46 -0.31
C ALA C 443 -22.78 -36.41 -1.12
N ALA C 444 -23.24 -35.97 -2.29
CA ALA C 444 -24.10 -36.79 -3.13
C ALA C 444 -23.36 -38.03 -3.64
N ARG C 445 -22.08 -37.88 -3.97
CA ARG C 445 -21.27 -38.99 -4.46
C ARG C 445 -21.02 -40.03 -3.36
N LEU C 446 -20.81 -39.58 -2.13
CA LEU C 446 -20.58 -40.51 -1.02
C LEU C 446 -21.87 -41.24 -0.71
N CYS C 447 -22.99 -40.57 -0.90
CA CYS C 447 -24.29 -41.19 -0.67
C CYS C 447 -24.52 -42.26 -1.75
N ARG C 448 -24.09 -41.96 -2.98
CA ARG C 448 -24.24 -42.89 -4.09
C ARG C 448 -23.49 -44.20 -3.81
N GLU C 449 -22.28 -44.08 -3.27
CA GLU C 449 -21.48 -45.27 -2.95
C GLU C 449 -22.19 -46.15 -1.92
N LYS C 450 -22.77 -45.52 -0.91
CA LYS C 450 -23.49 -46.26 0.13
C LYS C 450 -24.71 -46.93 -0.49
N ILE C 451 -25.33 -46.27 -1.46
CA ILE C 451 -26.49 -46.82 -2.14
C ILE C 451 -26.04 -48.06 -2.93
N ASP C 452 -24.89 -47.97 -3.59
CA ASP C 452 -24.40 -49.13 -4.34
C ASP C 452 -24.10 -50.30 -3.41
N ARG C 453 -23.56 -50.00 -2.22
CA ARG C 453 -23.26 -51.06 -1.26
C ARG C 453 -24.55 -51.67 -0.72
N TRP C 454 -25.56 -50.83 -0.47
CA TRP C 454 -26.85 -51.29 0.04
C TRP C 454 -27.49 -52.27 -0.96
N ALA C 455 -27.34 -51.98 -2.26
CA ALA C 455 -27.89 -52.83 -3.31
C ALA C 455 -27.24 -54.21 -3.31
N GLU C 456 -25.95 -54.26 -3.01
CA GLU C 456 -25.24 -55.53 -2.98
C GLU C 456 -25.65 -56.33 -1.74
N ILE C 457 -25.90 -55.65 -0.64
CA ILE C 457 -26.32 -56.31 0.59
C ILE C 457 -27.72 -56.90 0.39
N LEU C 458 -28.58 -56.13 -0.27
CA LEU C 458 -29.95 -56.58 -0.54
C LEU C 458 -29.95 -57.74 -1.53
N ALA C 459 -28.99 -57.72 -2.46
CA ALA C 459 -28.90 -58.78 -3.46
C ALA C 459 -28.55 -60.08 -2.75
N ILE C 460 -27.65 -60.01 -1.77
CA ILE C 460 -27.25 -61.18 -1.02
C ILE C 460 -28.46 -61.71 -0.24
N LEU C 461 -29.20 -60.80 0.39
CA LEU C 461 -30.38 -61.17 1.16
C LEU C 461 -31.43 -61.83 0.26
N ALA C 462 -31.61 -61.29 -0.94
CA ALA C 462 -32.57 -61.84 -1.88
C ALA C 462 -32.18 -63.26 -2.29
N LEU C 463 -30.90 -63.50 -2.60
CA LEU C 463 -30.47 -64.84 -2.99
C LEU C 463 -30.63 -65.82 -1.82
N CYS C 464 -30.40 -65.34 -0.61
CA CYS C 464 -30.56 -66.19 0.58
C CYS C 464 -32.03 -66.54 0.78
N LEU C 465 -32.91 -65.56 0.58
CA LEU C 465 -34.34 -65.77 0.75
C LEU C 465 -34.93 -66.70 -0.29
N ALA C 466 -34.47 -66.62 -1.52
CA ALA C 466 -35.00 -67.51 -2.55
C ALA C 466 -34.69 -68.95 -2.14
N GLN C 467 -33.48 -69.18 -1.63
CA GLN C 467 -33.05 -70.50 -1.20
C GLN C 467 -33.84 -70.92 0.04
N ALA C 468 -33.95 -70.00 1.00
CA ALA C 468 -34.66 -70.26 2.24
C ALA C 468 -36.13 -70.59 2.03
N ALA C 469 -36.76 -69.93 1.07
CA ALA C 469 -38.17 -70.18 0.79
C ALA C 469 -38.37 -71.60 0.26
N GLU C 470 -37.44 -72.04 -0.59
CA GLU C 470 -37.52 -73.38 -1.18
C GLU C 470 -37.22 -74.44 -0.14
N LEU C 471 -36.29 -74.15 0.77
CA LEU C 471 -35.93 -75.10 1.81
C LEU C 471 -37.06 -75.24 2.83
N ARG C 472 -37.73 -74.13 3.11
CA ARG C 472 -38.82 -74.13 4.07
C ARG C 472 -40.14 -74.62 3.48
N CYS C 473 -40.46 -74.18 2.27
CA CYS C 473 -41.72 -74.52 1.63
C CYS C 473 -41.68 -75.46 0.44
N GLY C 474 -40.50 -75.98 0.11
CA GLY C 474 -40.40 -76.87 -1.03
C GLY C 474 -40.30 -76.04 -2.30
N SER C 475 -39.86 -76.66 -3.39
CA SER C 475 -39.72 -75.94 -4.65
C SER C 475 -41.03 -75.33 -5.12
N GLY C 476 -42.15 -75.92 -4.69
CA GLY C 476 -43.46 -75.42 -5.07
C GLY C 476 -43.85 -74.18 -4.27
N LEU C 477 -43.07 -73.84 -3.25
CA LEU C 477 -43.33 -72.68 -2.41
C LEU C 477 -44.72 -72.71 -1.79
N ASP C 478 -45.06 -73.85 -1.20
CA ASP C 478 -46.38 -74.03 -0.58
C ASP C 478 -46.62 -73.09 0.60
N GLY C 479 -47.76 -72.40 0.56
CA GLY C 479 -48.12 -71.48 1.62
C GLY C 479 -47.53 -70.10 1.46
N VAL C 480 -46.68 -69.92 0.45
CA VAL C 480 -46.07 -68.63 0.20
C VAL C 480 -47.06 -67.70 -0.50
N SER C 481 -47.02 -66.43 -0.14
CA SER C 481 -47.91 -65.43 -0.71
C SER C 481 -47.73 -65.27 -2.22
N PRO C 482 -48.76 -64.75 -2.90
CA PRO C 482 -48.66 -64.55 -4.35
C PRO C 482 -47.47 -63.66 -4.71
N ALA C 483 -47.25 -62.61 -3.91
CA ALA C 483 -46.15 -61.69 -4.16
C ALA C 483 -44.81 -62.35 -3.86
N GLY C 484 -44.76 -63.15 -2.79
CA GLY C 484 -43.53 -63.84 -2.45
C GLY C 484 -43.18 -64.83 -3.54
N LYS C 485 -44.19 -65.57 -4.01
CA LYS C 485 -43.98 -66.55 -5.07
C LYS C 485 -43.47 -65.88 -6.33
N LYS C 486 -44.11 -64.79 -6.73
CA LYS C 486 -43.73 -64.07 -7.93
C LYS C 486 -42.30 -63.55 -7.86
N LEU C 487 -41.89 -63.08 -6.68
CA LEU C 487 -40.54 -62.57 -6.52
C LEU C 487 -39.50 -63.67 -6.69
N VAL C 488 -39.70 -64.81 -6.02
CA VAL C 488 -38.76 -65.92 -6.10
C VAL C 488 -38.70 -66.49 -7.52
N GLN C 489 -39.86 -66.68 -8.14
CA GLN C 489 -39.93 -67.22 -9.48
C GLN C 489 -39.16 -66.31 -10.44
N ALA C 490 -39.30 -65.01 -10.25
CA ALA C 490 -38.61 -64.05 -11.10
C ALA C 490 -37.10 -64.19 -10.93
N LEU C 491 -36.65 -64.27 -9.68
CA LEU C 491 -35.22 -64.42 -9.40
C LEU C 491 -34.68 -65.71 -10.02
N ARG C 492 -35.42 -66.79 -9.82
CA ARG C 492 -35.03 -68.09 -10.33
C ARG C 492 -34.91 -68.19 -11.85
N GLU C 493 -35.44 -67.19 -12.55
CA GLU C 493 -35.34 -67.19 -14.01
C GLU C 493 -33.90 -66.93 -14.43
N GLN C 494 -33.16 -66.22 -13.59
CA GLN C 494 -31.77 -65.90 -13.88
C GLN C 494 -30.77 -66.43 -12.85
N PHE C 495 -31.27 -66.75 -11.65
CA PHE C 495 -30.39 -67.25 -10.59
C PHE C 495 -30.86 -68.61 -10.09
N PRO C 496 -30.13 -69.68 -10.45
CA PRO C 496 -30.43 -71.06 -10.06
C PRO C 496 -30.29 -71.29 -8.56
N PRO C 497 -31.01 -72.28 -8.03
CA PRO C 497 -30.91 -72.55 -6.60
C PRO C 497 -29.47 -72.97 -6.29
N LEU C 498 -29.10 -72.99 -5.01
CA LEU C 498 -27.76 -73.41 -4.63
C LEU C 498 -27.85 -74.84 -4.12
N GLU C 499 -27.71 -75.80 -5.03
CA GLU C 499 -27.79 -77.21 -4.67
C GLU C 499 -26.43 -77.71 -4.21
N THR C 500 -25.40 -76.94 -4.56
CA THR C 500 -24.04 -77.26 -4.16
C THR C 500 -23.25 -75.94 -4.22
N ASP C 501 -22.29 -75.79 -3.32
CA ASP C 501 -21.48 -74.58 -3.26
C ASP C 501 -20.91 -74.14 -4.60
N ARG C 502 -20.98 -72.84 -4.87
CA ARG C 502 -20.44 -72.27 -6.10
C ARG C 502 -20.10 -70.79 -5.89
N PRO C 503 -19.27 -70.21 -6.77
CA PRO C 503 -18.92 -68.80 -6.64
C PRO C 503 -20.16 -67.93 -6.82
N LEU C 504 -20.41 -67.05 -5.85
CA LEU C 504 -21.58 -66.18 -5.90
C LEU C 504 -21.28 -64.74 -6.24
N GLY C 505 -19.99 -64.38 -6.23
CA GLY C 505 -19.58 -63.02 -6.52
C GLY C 505 -20.24 -62.34 -7.70
N GLN C 506 -20.11 -62.95 -8.88
CA GLN C 506 -20.68 -62.38 -10.09
C GLN C 506 -22.21 -62.29 -10.06
N GLU C 507 -22.87 -63.26 -9.44
CA GLU C 507 -24.32 -63.24 -9.37
C GLU C 507 -24.78 -62.12 -8.44
N ILE C 508 -24.08 -61.94 -7.33
CA ILE C 508 -24.41 -60.88 -6.38
C ILE C 508 -24.31 -59.54 -7.11
N ALA C 509 -23.22 -59.35 -7.85
CA ALA C 509 -23.02 -58.10 -8.57
C ALA C 509 -24.09 -57.87 -9.64
N ALA C 510 -24.41 -58.93 -10.40
CA ALA C 510 -25.42 -58.82 -11.45
C ALA C 510 -26.80 -58.49 -10.88
N LEU C 511 -27.16 -59.11 -9.76
CA LEU C 511 -28.45 -58.86 -9.15
C LEU C 511 -28.50 -57.44 -8.59
N ALA C 512 -27.44 -57.01 -7.93
CA ALA C 512 -27.39 -55.67 -7.36
C ALA C 512 -27.70 -54.62 -8.43
N THR C 513 -27.13 -54.82 -9.62
CA THR C 513 -27.36 -53.90 -10.72
C THR C 513 -28.83 -53.82 -11.08
N HIS C 514 -29.52 -54.95 -11.00
CA HIS C 514 -30.95 -55.03 -11.31
C HIS C 514 -31.77 -54.31 -10.23
N LEU C 515 -31.45 -54.54 -8.96
CA LEU C 515 -32.18 -53.95 -7.85
C LEU C 515 -32.21 -52.43 -7.89
N LEU C 516 -31.15 -51.82 -8.39
CA LEU C 516 -31.06 -50.36 -8.46
C LEU C 516 -31.99 -49.74 -9.51
N GLN C 517 -32.38 -50.53 -10.50
CA GLN C 517 -33.21 -50.03 -11.60
C GLN C 517 -34.65 -50.54 -11.67
N GLN C 518 -34.95 -51.58 -10.91
CA GLN C 518 -36.31 -52.15 -10.94
C GLN C 518 -36.76 -52.66 -9.59
N SER C 519 -38.08 -52.58 -9.36
CA SER C 519 -38.69 -53.02 -8.11
C SER C 519 -39.41 -54.35 -8.28
N PRO C 520 -39.70 -55.05 -7.17
CA PRO C 520 -40.40 -56.34 -7.22
C PRO C 520 -41.89 -56.08 -7.41
N VAL C 521 -42.37 -56.22 -8.64
CA VAL C 521 -43.79 -55.99 -8.90
C VAL C 521 -44.32 -57.12 -9.78
N LYS D 8 16.39 -59.93 -15.33
CA LYS D 8 16.21 -58.85 -14.33
C LYS D 8 16.72 -59.29 -12.96
N PRO D 9 16.85 -58.34 -12.00
CA PRO D 9 17.33 -58.68 -10.65
C PRO D 9 16.50 -59.82 -10.06
N ALA D 10 17.08 -60.55 -9.12
CA ALA D 10 16.37 -61.66 -8.49
C ALA D 10 16.41 -61.62 -6.97
N VAL D 11 15.25 -61.73 -6.35
CA VAL D 11 15.16 -61.74 -4.90
C VAL D 11 15.08 -63.20 -4.46
N GLU D 12 16.08 -63.64 -3.69
CA GLU D 12 16.10 -65.02 -3.23
C GLU D 12 15.44 -65.08 -1.86
N LEU D 13 14.32 -65.79 -1.79
CA LEU D 13 13.57 -65.90 -0.55
C LEU D 13 13.99 -67.08 0.32
N ASP D 14 14.44 -66.77 1.53
CA ASP D 14 14.83 -67.81 2.48
C ASP D 14 13.85 -67.71 3.65
N ARG D 15 14.09 -66.74 4.53
CA ARG D 15 13.21 -66.54 5.69
C ARG D 15 12.67 -65.11 5.80
N HIS D 16 13.52 -64.13 5.52
CA HIS D 16 13.14 -62.72 5.61
C HIS D 16 13.27 -61.93 4.32
N ILE D 17 12.28 -61.09 4.05
CA ILE D 17 12.28 -60.24 2.88
C ILE D 17 11.86 -58.86 3.37
N ASP D 18 12.55 -57.80 2.94
CA ASP D 18 12.17 -56.47 3.38
C ASP D 18 11.12 -55.84 2.47
N LEU D 19 10.54 -54.72 2.89
CA LEU D 19 9.51 -54.05 2.11
C LEU D 19 9.95 -53.65 0.70
N ASP D 20 11.20 -53.23 0.53
CA ASP D 20 11.67 -52.84 -0.80
C ASP D 20 11.76 -54.05 -1.73
N GLN D 21 12.26 -55.16 -1.20
CA GLN D 21 12.39 -56.38 -1.98
C GLN D 21 11.00 -56.87 -2.37
N ALA D 22 10.08 -56.83 -1.41
CA ALA D 22 8.71 -57.25 -1.64
C ALA D 22 8.06 -56.42 -2.75
N HIS D 23 8.21 -55.10 -2.70
CA HIS D 23 7.61 -54.28 -3.74
C HIS D 23 8.28 -54.48 -5.10
N ALA D 24 9.57 -54.80 -5.08
CA ALA D 24 10.30 -55.03 -6.33
C ALA D 24 9.70 -56.23 -7.05
N VAL D 25 9.42 -57.29 -6.30
CA VAL D 25 8.85 -58.49 -6.87
C VAL D 25 7.42 -58.23 -7.34
N ALA D 26 6.61 -57.61 -6.47
CA ALA D 26 5.22 -57.32 -6.81
C ALA D 26 5.08 -56.40 -8.01
N SER D 27 5.98 -55.44 -8.14
CA SER D 27 5.95 -54.49 -9.26
C SER D 27 6.62 -55.05 -10.51
N GLY D 28 7.09 -56.28 -10.44
CA GLY D 28 7.73 -56.90 -11.60
C GLY D 28 9.15 -56.42 -11.88
N GLY D 29 9.71 -55.64 -10.97
CA GLY D 29 11.05 -55.13 -11.16
C GLY D 29 12.09 -56.19 -10.85
N ALA D 30 11.69 -57.22 -10.11
CA ALA D 30 12.60 -58.30 -9.75
C ALA D 30 11.89 -59.64 -9.83
N ARG D 31 12.67 -60.68 -10.09
CA ARG D 31 12.13 -62.04 -10.17
C ARG D 31 12.25 -62.59 -8.75
N ILE D 32 11.55 -63.68 -8.46
CA ILE D 32 11.65 -64.26 -7.14
C ILE D 32 12.06 -65.73 -7.23
N VAL D 33 12.99 -66.12 -6.39
CA VAL D 33 13.47 -67.49 -6.35
C VAL D 33 13.50 -67.98 -4.92
N LEU D 34 13.08 -69.23 -4.73
CA LEU D 34 13.05 -69.84 -3.41
C LEU D 34 14.43 -70.39 -3.09
N ALA D 35 15.03 -69.93 -2.00
CA ALA D 35 16.35 -70.40 -1.61
C ALA D 35 16.31 -71.87 -1.18
N PRO D 36 17.41 -72.60 -1.39
CA PRO D 36 17.46 -74.03 -1.01
C PRO D 36 16.91 -74.31 0.39
N PRO D 37 17.28 -73.48 1.40
CA PRO D 37 16.80 -73.69 2.76
C PRO D 37 15.28 -73.59 2.86
N ALA D 38 14.68 -72.72 2.06
CA ALA D 38 13.24 -72.54 2.06
C ALA D 38 12.56 -73.74 1.39
N ARG D 39 13.15 -74.19 0.29
CA ARG D 39 12.61 -75.33 -0.44
C ARG D 39 12.58 -76.55 0.46
N ASP D 40 13.68 -76.77 1.18
CA ASP D 40 13.78 -77.92 2.07
C ASP D 40 12.85 -77.84 3.27
N ARG D 41 12.70 -76.67 3.88
CA ARG D 41 11.81 -76.59 5.02
C ARG D 41 10.35 -76.71 4.55
N CYS D 42 10.09 -76.32 3.31
CA CYS D 42 8.74 -76.44 2.76
C CYS D 42 8.45 -77.91 2.42
N ARG D 43 9.44 -78.62 1.91
CA ARG D 43 9.26 -80.03 1.59
C ARG D 43 8.98 -80.77 2.89
N ALA D 44 9.68 -80.39 3.95
CA ALA D 44 9.48 -81.01 5.26
C ALA D 44 8.05 -80.77 5.73
N SER D 45 7.55 -79.55 5.53
CA SER D 45 6.20 -79.22 5.96
C SER D 45 5.21 -80.03 5.14
N GLU D 46 5.49 -80.17 3.84
CA GLU D 46 4.63 -80.94 2.95
C GLU D 46 4.50 -82.36 3.50
N ALA D 47 5.63 -82.89 3.97
CA ALA D 47 5.67 -84.23 4.54
C ALA D 47 4.80 -84.33 5.78
N ARG D 48 4.90 -83.33 6.66
CA ARG D 48 4.10 -83.35 7.88
C ARG D 48 2.61 -83.35 7.58
N LEU D 49 2.20 -82.60 6.55
CA LEU D 49 0.79 -82.55 6.18
C LEU D 49 0.34 -83.94 5.75
N GLY D 50 1.17 -84.62 4.98
CA GLY D 50 0.85 -85.96 4.53
C GLY D 50 0.68 -86.89 5.71
N ALA D 51 1.58 -86.76 6.68
CA ALA D 51 1.54 -87.57 7.89
C ALA D 51 0.28 -87.29 8.69
N VAL D 52 -0.09 -86.02 8.79
CA VAL D 52 -1.29 -85.64 9.52
C VAL D 52 -2.50 -86.30 8.89
N ILE D 53 -2.54 -86.30 7.56
CA ILE D 53 -3.64 -86.91 6.83
C ILE D 53 -3.64 -88.43 6.96
N ARG D 54 -2.47 -89.05 6.90
CA ARG D 54 -2.37 -90.50 7.02
C ARG D 54 -2.81 -90.98 8.40
N GLU D 55 -2.55 -90.18 9.42
CA GLU D 55 -2.88 -90.54 10.79
C GLU D 55 -4.30 -90.12 11.19
N ALA D 56 -5.02 -89.51 10.25
CA ALA D 56 -6.40 -89.08 10.50
C ALA D 56 -6.51 -88.13 11.68
N ARG D 57 -5.50 -87.27 11.86
CA ARG D 57 -5.50 -86.31 12.95
C ARG D 57 -6.69 -85.36 12.81
N HIS D 58 -7.28 -84.99 13.94
CA HIS D 58 -8.42 -84.06 13.93
C HIS D 58 -7.88 -82.68 13.57
N VAL D 59 -8.06 -82.27 12.32
CA VAL D 59 -7.58 -80.97 11.86
C VAL D 59 -8.59 -80.20 11.00
N TYR D 60 -8.76 -78.93 11.33
CA TYR D 60 -9.66 -78.03 10.62
C TYR D 60 -9.33 -78.01 9.13
N GLY D 61 -10.34 -78.27 8.30
CA GLY D 61 -10.12 -78.25 6.86
C GLY D 61 -9.67 -79.56 6.25
N LEU D 62 -9.22 -80.49 7.09
CA LEU D 62 -8.75 -81.78 6.61
C LEU D 62 -9.73 -82.88 7.03
N THR D 63 -10.37 -82.70 8.19
CA THR D 63 -11.32 -83.67 8.69
C THR D 63 -12.50 -82.98 9.39
N THR D 64 -12.74 -81.71 9.05
CA THR D 64 -13.84 -80.96 9.65
C THR D 64 -14.46 -79.96 8.66
N GLY D 65 -15.62 -79.44 9.03
CA GLY D 65 -16.29 -78.45 8.19
C GLY D 65 -15.61 -77.12 8.44
N PHE D 66 -16.13 -76.05 7.84
CA PHE D 66 -15.53 -74.73 8.02
C PHE D 66 -16.37 -73.83 8.92
N GLY D 67 -15.69 -72.87 9.55
CA GLY D 67 -16.38 -71.95 10.43
C GLY D 67 -17.14 -72.70 11.51
N PRO D 68 -18.38 -72.29 11.80
CA PRO D 68 -19.19 -72.96 12.82
C PRO D 68 -19.62 -74.37 12.41
N LEU D 69 -19.37 -74.73 11.15
CA LEU D 69 -19.73 -76.06 10.65
C LEU D 69 -18.61 -77.05 10.94
N ALA D 70 -17.56 -76.55 11.59
CA ALA D 70 -16.39 -77.36 11.94
C ALA D 70 -16.76 -78.52 12.87
N ASN D 71 -17.91 -78.42 13.52
CA ASN D 71 -18.34 -79.49 14.42
C ASN D 71 -18.81 -80.71 13.63
N ARG D 72 -18.79 -80.58 12.30
CA ARG D 72 -19.17 -81.67 11.41
C ARG D 72 -17.87 -82.32 10.91
N LEU D 73 -17.53 -83.48 11.46
CA LEU D 73 -16.32 -84.18 11.06
C LEU D 73 -16.51 -84.71 9.64
N ILE D 74 -15.41 -84.83 8.90
CA ILE D 74 -15.46 -85.30 7.52
C ILE D 74 -14.55 -86.50 7.25
N SER D 75 -15.02 -87.43 6.43
CA SER D 75 -14.25 -88.62 6.08
C SER D 75 -13.19 -88.27 5.04
N GLY D 76 -12.03 -88.92 5.15
CA GLY D 76 -10.95 -88.66 4.21
C GLY D 76 -11.32 -88.84 2.75
N GLU D 77 -12.36 -89.62 2.51
CA GLU D 77 -12.82 -89.88 1.15
C GLU D 77 -13.50 -88.67 0.51
N ASN D 78 -13.72 -87.61 1.30
CA ASN D 78 -14.40 -86.42 0.79
C ASN D 78 -13.65 -85.10 1.00
N VAL D 79 -12.39 -85.17 1.40
CA VAL D 79 -11.61 -83.97 1.65
C VAL D 79 -11.40 -83.11 0.42
N ARG D 80 -11.15 -83.74 -0.73
CA ARG D 80 -10.95 -82.98 -1.95
C ARG D 80 -12.21 -82.19 -2.30
N THR D 81 -13.37 -82.81 -2.10
CA THR D 81 -14.65 -82.16 -2.37
C THR D 81 -14.81 -81.00 -1.41
N LEU D 82 -14.45 -81.26 -0.15
CA LEU D 82 -14.51 -80.27 0.91
C LEU D 82 -13.73 -79.01 0.51
N GLN D 83 -12.46 -79.19 0.20
CA GLN D 83 -11.61 -78.06 -0.17
C GLN D 83 -11.99 -77.42 -1.52
N ALA D 84 -12.66 -78.19 -2.38
CA ALA D 84 -13.09 -77.65 -3.66
C ALA D 84 -14.27 -76.72 -3.38
N ASN D 85 -15.14 -77.14 -2.45
CA ASN D 85 -16.31 -76.33 -2.11
C ASN D 85 -15.90 -75.10 -1.30
N LEU D 86 -14.79 -75.23 -0.58
CA LEU D 86 -14.27 -74.13 0.24
C LEU D 86 -13.97 -72.95 -0.68
N VAL D 87 -13.21 -73.20 -1.73
CA VAL D 87 -12.85 -72.16 -2.67
C VAL D 87 -14.10 -71.60 -3.36
N HIS D 88 -15.12 -72.44 -3.49
CA HIS D 88 -16.37 -72.05 -4.14
C HIS D 88 -17.24 -71.11 -3.31
N PHE D 89 -17.57 -71.50 -2.09
CA PHE D 89 -18.43 -70.66 -1.24
C PHE D 89 -17.79 -69.36 -0.77
N LEU D 90 -16.47 -69.31 -0.76
CA LEU D 90 -15.74 -68.11 -0.33
C LEU D 90 -15.63 -67.09 -1.45
N ALA D 91 -15.80 -67.55 -2.68
CA ALA D 91 -15.68 -66.67 -3.85
C ALA D 91 -16.92 -65.81 -4.06
N SER D 92 -17.27 -65.03 -3.04
CA SER D 92 -18.44 -64.15 -3.10
C SER D 92 -18.02 -62.69 -3.16
N GLY D 93 -16.80 -62.44 -3.62
CA GLY D 93 -16.29 -61.09 -3.72
C GLY D 93 -16.94 -60.22 -4.78
N VAL D 94 -16.92 -58.91 -4.53
CA VAL D 94 -17.49 -57.93 -5.46
C VAL D 94 -16.63 -56.68 -5.47
N GLY D 95 -16.94 -55.76 -6.38
CA GLY D 95 -16.18 -54.52 -6.46
C GLY D 95 -15.03 -54.53 -7.45
N PRO D 96 -14.42 -53.37 -7.71
CA PRO D 96 -13.29 -53.25 -8.65
C PRO D 96 -12.18 -54.19 -8.23
N VAL D 97 -11.50 -54.81 -9.20
CA VAL D 97 -10.42 -55.72 -8.89
C VAL D 97 -9.22 -54.97 -8.31
N LEU D 98 -8.37 -55.69 -7.58
CA LEU D 98 -7.18 -55.07 -7.02
C LEU D 98 -6.28 -54.77 -8.21
N ASP D 99 -5.51 -53.69 -8.14
CA ASP D 99 -4.61 -53.35 -9.24
C ASP D 99 -3.52 -54.41 -9.39
N TRP D 100 -2.96 -54.48 -10.59
CA TRP D 100 -1.92 -55.44 -10.95
C TRP D 100 -0.85 -55.66 -9.88
N THR D 101 -0.22 -54.58 -9.43
CA THR D 101 0.82 -54.67 -8.42
C THR D 101 0.33 -55.16 -7.06
N THR D 102 -0.85 -54.69 -6.65
CA THR D 102 -1.41 -55.08 -5.36
C THR D 102 -1.84 -56.54 -5.32
N ALA D 103 -2.45 -57.01 -6.41
CA ALA D 103 -2.88 -58.40 -6.49
C ALA D 103 -1.64 -59.31 -6.43
N ARG D 104 -0.55 -58.85 -7.04
CA ARG D 104 0.69 -59.62 -7.02
C ARG D 104 1.34 -59.58 -5.64
N ALA D 105 1.20 -58.44 -4.95
CA ALA D 105 1.75 -58.30 -3.61
C ALA D 105 1.04 -59.28 -2.67
N MET D 106 -0.24 -59.51 -2.92
CA MET D 106 -1.03 -60.44 -2.11
C MET D 106 -0.50 -61.86 -2.31
N VAL D 107 -0.29 -62.24 -3.57
CA VAL D 107 0.24 -63.56 -3.90
C VAL D 107 1.59 -63.76 -3.21
N LEU D 108 2.42 -62.73 -3.24
CA LEU D 108 3.74 -62.78 -2.62
C LEU D 108 3.65 -62.93 -1.10
N ALA D 109 2.70 -62.23 -0.48
CA ALA D 109 2.52 -62.31 0.96
C ALA D 109 2.17 -63.73 1.39
N ARG D 110 1.33 -64.38 0.59
CA ARG D 110 0.92 -65.76 0.89
C ARG D 110 2.14 -66.67 0.77
N LEU D 111 2.95 -66.42 -0.26
CA LEU D 111 4.16 -67.20 -0.51
C LEU D 111 5.20 -67.06 0.61
N VAL D 112 5.44 -65.82 1.04
CA VAL D 112 6.40 -65.60 2.11
C VAL D 112 5.96 -66.34 3.37
N SER D 113 4.65 -66.30 3.64
CA SER D 113 4.12 -66.99 4.80
C SER D 113 4.42 -68.49 4.66
N ILE D 114 4.12 -69.03 3.49
CA ILE D 114 4.34 -70.44 3.17
C ILE D 114 5.82 -70.84 3.27
N ALA D 115 6.71 -69.95 2.85
CA ALA D 115 8.14 -70.23 2.89
C ALA D 115 8.67 -70.46 4.31
N GLN D 116 7.87 -70.13 5.31
CA GLN D 116 8.29 -70.32 6.70
C GLN D 116 8.20 -71.81 7.06
N GLY D 117 7.60 -72.60 6.18
CA GLY D 117 7.52 -74.04 6.40
C GLY D 117 6.56 -74.57 7.44
N ALA D 118 5.39 -73.96 7.57
CA ALA D 118 4.41 -74.41 8.55
C ALA D 118 3.02 -74.52 7.93
N SER D 119 2.94 -74.46 6.60
CA SER D 119 1.67 -74.52 5.89
C SER D 119 1.35 -75.84 5.19
N GLY D 120 2.37 -76.69 5.00
CA GLY D 120 2.16 -77.96 4.34
C GLY D 120 1.95 -77.88 2.84
N ALA D 121 2.16 -76.70 2.26
CA ALA D 121 1.98 -76.52 0.81
C ALA D 121 2.90 -77.45 0.04
N SER D 122 2.40 -78.02 -1.05
CA SER D 122 3.19 -78.92 -1.89
C SER D 122 4.11 -78.11 -2.79
N GLU D 123 5.11 -78.76 -3.36
CA GLU D 123 6.05 -78.09 -4.25
C GLU D 123 5.33 -77.48 -5.44
N GLY D 124 4.33 -78.20 -5.94
CA GLY D 124 3.57 -77.73 -7.09
C GLY D 124 2.80 -76.45 -6.79
N THR D 125 2.19 -76.38 -5.61
CA THR D 125 1.43 -75.21 -5.21
C THR D 125 2.35 -74.00 -5.09
N ILE D 126 3.53 -74.23 -4.52
CA ILE D 126 4.52 -73.18 -4.34
C ILE D 126 4.98 -72.70 -5.72
N ALA D 127 5.17 -73.64 -6.64
CA ALA D 127 5.62 -73.31 -7.98
C ALA D 127 4.61 -72.44 -8.73
N ARG D 128 3.32 -72.66 -8.48
CA ARG D 128 2.28 -71.87 -9.13
C ARG D 128 2.36 -70.40 -8.70
N LEU D 129 2.66 -70.17 -7.43
CA LEU D 129 2.77 -68.81 -6.91
C LEU D 129 4.03 -68.12 -7.45
N ILE D 130 5.14 -68.84 -7.47
CA ILE D 130 6.39 -68.30 -7.97
C ILE D 130 6.28 -67.99 -9.46
N ASP D 131 5.68 -68.92 -10.21
CA ASP D 131 5.51 -68.72 -11.64
C ASP D 131 4.69 -67.46 -11.90
N LEU D 132 3.64 -67.26 -11.12
CA LEU D 132 2.80 -66.09 -11.29
C LEU D 132 3.63 -64.83 -11.09
N LEU D 133 4.37 -64.79 -9.98
CA LEU D 133 5.20 -63.64 -9.69
C LEU D 133 6.27 -63.36 -10.74
N ASN D 134 6.79 -64.42 -11.36
CA ASN D 134 7.81 -64.26 -12.38
C ASN D 134 7.20 -63.96 -13.76
N SER D 135 5.87 -63.94 -13.83
CA SER D 135 5.19 -63.64 -15.09
C SER D 135 4.90 -62.14 -15.11
N GLU D 136 4.22 -61.69 -16.17
CA GLU D 136 3.85 -60.29 -16.33
C GLU D 136 2.36 -60.14 -16.00
N LEU D 137 1.79 -61.16 -15.37
CA LEU D 137 0.38 -61.15 -15.03
C LEU D 137 0.08 -61.13 -13.53
N ALA D 138 -1.17 -60.85 -13.22
CA ALA D 138 -1.64 -60.82 -11.84
C ALA D 138 -3.05 -61.40 -11.86
N PRO D 139 -3.48 -62.00 -10.75
CA PRO D 139 -4.84 -62.55 -10.78
C PRO D 139 -5.83 -61.39 -10.65
N ALA D 140 -6.98 -61.52 -11.29
CA ALA D 140 -8.01 -60.47 -11.21
C ALA D 140 -8.90 -60.87 -10.03
N VAL D 141 -8.74 -60.15 -8.93
CA VAL D 141 -9.49 -60.44 -7.70
C VAL D 141 -10.33 -59.26 -7.22
N PRO D 142 -11.61 -59.52 -6.87
CA PRO D 142 -12.49 -58.46 -6.40
C PRO D 142 -11.88 -57.85 -5.13
N SER D 143 -12.04 -56.54 -4.93
CA SER D 143 -11.47 -55.88 -3.78
C SER D 143 -12.29 -55.97 -2.48
N ARG D 144 -13.60 -56.20 -2.61
CA ARG D 144 -14.45 -56.29 -1.43
C ARG D 144 -14.97 -57.68 -1.12
N GLY D 145 -15.34 -57.90 0.13
CA GLY D 145 -15.88 -59.20 0.53
C GLY D 145 -15.37 -59.75 1.85
N THR D 146 -14.10 -59.48 2.17
CA THR D 146 -13.53 -60.01 3.40
C THR D 146 -13.60 -59.06 4.59
N VAL D 147 -13.69 -59.63 5.79
CA VAL D 147 -13.71 -58.87 7.02
C VAL D 147 -12.31 -58.94 7.64
N GLY D 148 -11.37 -59.47 6.86
CA GLY D 148 -9.99 -59.59 7.31
C GLY D 148 -9.77 -60.48 8.51
N1 MDO D 149 -10.38 -61.66 8.50
CA1 MDO D 149 -10.24 -62.60 9.59
C1 MDO D 149 -10.11 -64.03 9.12
CB MDO D 149 -11.42 -62.41 10.54
N2 MDO D 149 -10.79 -65.09 9.58
CA2 MDO D 149 -10.36 -66.17 8.92
C2 MDO D 149 -9.41 -65.73 8.03
O2 MDO D 149 -8.68 -66.44 7.17
CB2 MDO D 149 -10.89 -67.58 9.12
N3 MDO D 149 -9.25 -64.44 8.19
CA3 MDO D 149 -8.33 -63.63 7.41
C3 MDO D 149 -8.96 -63.18 6.09
O3 MDO D 149 -10.17 -63.01 6.00
N ASP D 150 -8.13 -62.99 5.07
CA ASP D 150 -8.61 -62.54 3.76
C ASP D 150 -8.99 -63.72 2.86
N LEU D 151 -9.92 -64.53 3.33
CA LEU D 151 -10.34 -65.72 2.58
C LEU D 151 -10.97 -65.47 1.22
N THR D 152 -11.89 -64.50 1.16
CA THR D 152 -12.57 -64.20 -0.09
C THR D 152 -11.63 -63.87 -1.25
N PRO D 153 -10.78 -62.84 -1.11
CA PRO D 153 -9.88 -62.52 -2.23
C PRO D 153 -8.92 -63.67 -2.58
N LEU D 154 -8.45 -64.39 -1.58
CA LEU D 154 -7.53 -65.50 -1.82
C LEU D 154 -8.25 -66.63 -2.54
N ALA D 155 -9.53 -66.83 -2.25
CA ALA D 155 -10.31 -67.88 -2.91
C ALA D 155 -10.41 -67.53 -4.39
N HIS D 156 -10.64 -66.26 -4.70
CA HIS D 156 -10.73 -65.82 -6.08
C HIS D 156 -9.38 -66.02 -6.76
N MET D 157 -8.31 -65.84 -5.99
CA MET D 157 -6.96 -66.01 -6.51
C MET D 157 -6.76 -67.47 -6.94
N VAL D 158 -7.23 -68.40 -6.11
CA VAL D 158 -7.11 -69.83 -6.42
C VAL D 158 -7.83 -70.14 -7.72
N LEU D 159 -9.05 -69.62 -7.85
CA LEU D 159 -9.83 -69.85 -9.07
C LEU D 159 -9.08 -69.34 -10.30
N CYS D 160 -8.46 -68.16 -10.17
CA CYS D 160 -7.71 -67.60 -11.28
C CYS D 160 -6.54 -68.52 -11.63
N LEU D 161 -5.80 -68.94 -10.60
CA LEU D 161 -4.65 -69.82 -10.79
C LEU D 161 -5.03 -71.19 -11.38
N GLN D 162 -6.29 -71.56 -11.26
CA GLN D 162 -6.76 -72.84 -11.81
C GLN D 162 -7.28 -72.62 -13.23
N GLY D 163 -7.19 -71.37 -13.69
CA GLY D 163 -7.66 -71.02 -15.02
C GLY D 163 -9.15 -70.76 -15.04
N ARG D 164 -9.75 -70.72 -13.86
CA ARG D 164 -11.19 -70.48 -13.74
C ARG D 164 -11.50 -69.06 -13.28
N GLY D 165 -10.57 -68.14 -13.56
CA GLY D 165 -10.74 -66.76 -13.18
C GLY D 165 -9.90 -65.89 -14.10
N ASP D 166 -10.23 -64.61 -14.19
CA ASP D 166 -9.49 -63.69 -15.05
C ASP D 166 -8.11 -63.31 -14.51
N PHE D 167 -7.27 -62.82 -15.40
CA PHE D 167 -5.93 -62.34 -15.08
C PHE D 167 -5.86 -60.91 -15.56
N LEU D 168 -4.84 -60.19 -15.12
CA LEU D 168 -4.64 -58.81 -15.52
C LEU D 168 -3.22 -58.65 -16.05
N ASP D 169 -3.05 -57.81 -17.07
CA ASP D 169 -1.72 -57.55 -17.62
C ASP D 169 -1.28 -56.27 -16.90
N ARG D 170 -0.05 -55.82 -17.12
CA ARG D 170 0.43 -54.60 -16.45
C ARG D 170 -0.50 -53.41 -16.60
N ASP D 171 -1.20 -53.33 -17.74
CA ASP D 171 -2.10 -52.21 -18.00
C ASP D 171 -3.45 -52.31 -17.31
N GLY D 172 -3.75 -53.48 -16.75
CA GLY D 172 -5.02 -53.66 -16.07
C GLY D 172 -6.09 -54.24 -16.97
N THR D 173 -5.72 -54.56 -18.21
CA THR D 173 -6.66 -55.13 -19.16
C THR D 173 -6.86 -56.60 -18.80
N ARG D 174 -8.10 -57.03 -18.77
CA ARG D 174 -8.43 -58.40 -18.40
C ARG D 174 -8.28 -59.46 -19.47
N LEU D 175 -7.84 -60.63 -19.03
CA LEU D 175 -7.66 -61.79 -19.88
C LEU D 175 -8.46 -62.89 -19.19
N ASP D 176 -9.07 -63.78 -19.96
CA ASP D 176 -9.84 -64.87 -19.34
C ASP D 176 -8.84 -65.87 -18.75
N GLY D 177 -9.33 -66.78 -17.92
CA GLY D 177 -8.48 -67.76 -17.30
C GLY D 177 -7.59 -68.55 -18.25
N ALA D 178 -8.20 -69.11 -19.29
CA ALA D 178 -7.47 -69.89 -20.27
C ALA D 178 -6.36 -69.07 -20.92
N GLU D 179 -6.67 -67.84 -21.32
CA GLU D 179 -5.68 -66.98 -21.95
C GLU D 179 -4.56 -66.60 -20.98
N GLY D 180 -4.92 -66.41 -19.71
CA GLY D 180 -3.93 -66.05 -18.71
C GLY D 180 -2.89 -67.14 -18.55
N LEU D 181 -3.35 -68.39 -18.46
CA LEU D 181 -2.45 -69.52 -18.30
C LEU D 181 -1.58 -69.70 -19.54
N ARG D 182 -2.17 -69.41 -20.71
CA ARG D 182 -1.46 -69.54 -21.98
C ARG D 182 -0.40 -68.46 -22.12
N ARG D 183 -0.85 -67.20 -22.10
CA ARG D 183 0.04 -66.06 -22.24
C ARG D 183 1.15 -66.03 -21.19
N GLY D 184 0.81 -66.45 -19.97
CA GLY D 184 1.81 -66.45 -18.91
C GLY D 184 2.63 -67.71 -18.86
N ARG D 185 2.31 -68.67 -19.73
CA ARG D 185 3.03 -69.94 -19.76
C ARG D 185 2.96 -70.55 -18.36
N LEU D 186 1.78 -70.47 -17.75
CA LEU D 186 1.57 -70.99 -16.41
C LEU D 186 0.85 -72.34 -16.45
N GLN D 187 1.04 -73.14 -15.41
CA GLN D 187 0.40 -74.44 -15.30
C GLN D 187 -0.80 -74.26 -14.39
N PRO D 188 -1.91 -74.96 -14.65
CA PRO D 188 -3.10 -74.84 -13.80
C PRO D 188 -2.86 -75.38 -12.39
N LEU D 189 -3.25 -74.61 -11.38
CA LEU D 189 -3.07 -75.02 -10.00
C LEU D 189 -3.84 -76.29 -9.67
N ASP D 190 -3.15 -77.28 -9.12
CA ASP D 190 -3.76 -78.54 -8.75
C ASP D 190 -3.68 -78.74 -7.24
N LEU D 191 -4.84 -78.87 -6.60
CA LEU D 191 -4.90 -79.03 -5.15
C LEU D 191 -5.11 -80.47 -4.68
N SER D 192 -4.65 -81.44 -5.47
CA SER D 192 -4.79 -82.84 -5.12
C SER D 192 -4.11 -83.23 -3.79
N HIS D 193 -3.07 -82.50 -3.41
CA HIS D 193 -2.36 -82.81 -2.16
C HIS D 193 -3.14 -82.33 -0.93
N ARG D 194 -4.33 -81.81 -1.16
CA ARG D 194 -5.20 -81.32 -0.07
C ARG D 194 -4.56 -80.18 0.73
N ASP D 195 -3.83 -79.31 0.03
CA ASP D 195 -3.18 -78.17 0.66
C ASP D 195 -3.87 -76.85 0.29
N ALA D 196 -5.19 -76.91 0.12
CA ALA D 196 -5.97 -75.73 -0.22
C ALA D 196 -5.87 -74.66 0.88
N LEU D 197 -5.81 -75.10 2.13
CA LEU D 197 -5.72 -74.16 3.25
C LEU D 197 -4.45 -73.32 3.24
N ALA D 198 -3.43 -73.79 2.55
CA ALA D 198 -2.17 -73.04 2.47
C ALA D 198 -2.33 -71.82 1.55
N LEU D 199 -3.36 -71.85 0.70
CA LEU D 199 -3.60 -70.74 -0.23
C LEU D 199 -4.71 -69.81 0.26
N VAL D 200 -5.75 -70.39 0.84
CA VAL D 200 -6.86 -69.62 1.36
C VAL D 200 -6.60 -69.54 2.85
N ASN D 201 -5.84 -68.52 3.26
CA ASN D 201 -5.50 -68.37 4.66
C ASN D 201 -4.73 -67.07 4.90
N GLY D 202 -4.67 -66.66 6.16
CA GLY D 202 -3.91 -65.48 6.52
C GLY D 202 -4.40 -64.10 6.12
N THR D 203 -3.48 -63.15 6.22
CA THR D 203 -3.75 -61.74 5.95
C THR D 203 -3.05 -61.26 4.68
N SER D 204 -2.92 -62.13 3.70
CA SER D 204 -2.24 -61.80 2.45
C SER D 204 -2.75 -60.58 1.69
N ALA D 205 -4.06 -60.40 1.62
CA ALA D 205 -4.61 -59.27 0.90
C ALA D 205 -4.27 -57.93 1.56
N MET D 206 -4.66 -57.76 2.82
CA MET D 206 -4.38 -56.50 3.50
C MET D 206 -2.88 -56.23 3.56
N THR D 207 -2.09 -57.29 3.66
CA THR D 207 -0.63 -57.15 3.73
C THR D 207 -0.09 -56.69 2.38
N GLY D 208 -0.62 -57.26 1.29
CA GLY D 208 -0.19 -56.86 -0.03
C GLY D 208 -0.55 -55.41 -0.29
N ILE D 209 -1.77 -55.03 0.05
CA ILE D 209 -2.23 -53.66 -0.14
C ILE D 209 -1.36 -52.70 0.68
N ALA D 210 -1.09 -53.06 1.94
CA ALA D 210 -0.29 -52.24 2.83
C ALA D 210 1.17 -52.08 2.40
N LEU D 211 1.76 -53.11 1.79
CA LEU D 211 3.16 -52.98 1.38
C LEU D 211 3.24 -52.02 0.21
N VAL D 212 2.18 -51.97 -0.60
CA VAL D 212 2.14 -51.05 -1.74
C VAL D 212 1.91 -49.64 -1.17
N ASN D 213 1.13 -49.54 -0.10
CA ASN D 213 0.89 -48.23 0.54
C ASN D 213 2.20 -47.66 1.08
N ALA D 214 2.98 -48.52 1.73
CA ALA D 214 4.25 -48.11 2.31
C ALA D 214 5.22 -47.54 1.27
N HIS D 215 5.30 -48.21 0.12
CA HIS D 215 6.18 -47.79 -0.96
C HIS D 215 5.75 -46.42 -1.49
N ALA D 216 4.46 -46.28 -1.77
CA ALA D 216 3.91 -45.03 -2.27
C ALA D 216 4.14 -43.88 -1.29
N CYS D 217 3.94 -44.14 0.00
CA CYS D 217 4.12 -43.12 1.01
C CYS D 217 5.56 -42.65 1.10
N ARG D 218 6.50 -43.55 0.84
CA ARG D 218 7.90 -43.16 0.91
C ARG D 218 8.17 -42.12 -0.16
N HIS D 219 7.66 -42.37 -1.37
CA HIS D 219 7.84 -41.41 -2.46
C HIS D 219 7.08 -40.11 -2.22
N LEU D 220 5.82 -40.20 -1.81
CA LEU D 220 5.05 -38.99 -1.56
C LEU D 220 5.68 -38.19 -0.42
N GLY D 221 6.27 -38.89 0.55
CA GLY D 221 6.93 -38.22 1.65
C GLY D 221 8.11 -37.41 1.12
N ASN D 222 8.84 -37.99 0.18
CA ASN D 222 9.98 -37.30 -0.43
C ASN D 222 9.50 -36.07 -1.18
N TRP D 223 8.36 -36.17 -1.84
CA TRP D 223 7.83 -35.03 -2.58
C TRP D 223 7.35 -33.96 -1.60
N ALA D 224 6.77 -34.40 -0.49
CA ALA D 224 6.28 -33.47 0.52
C ALA D 224 7.43 -32.59 1.01
N VAL D 225 8.58 -33.22 1.24
CA VAL D 225 9.78 -32.52 1.69
C VAL D 225 10.29 -31.59 0.60
N ALA D 226 10.50 -32.14 -0.59
CA ALA D 226 11.00 -31.36 -1.73
C ALA D 226 10.15 -30.15 -2.06
N LEU D 227 8.83 -30.31 -2.03
CA LEU D 227 7.94 -29.21 -2.34
C LEU D 227 7.90 -28.16 -1.22
N THR D 228 8.05 -28.60 0.02
CA THR D 228 8.05 -27.66 1.15
C THR D 228 9.31 -26.81 1.01
N ALA D 229 10.42 -27.44 0.62
CA ALA D 229 11.68 -26.74 0.45
C ALA D 229 11.57 -25.73 -0.68
N LEU D 230 11.00 -26.16 -1.81
CA LEU D 230 10.86 -25.25 -2.94
C LEU D 230 9.91 -24.09 -2.59
N LEU D 231 8.92 -24.37 -1.74
CA LEU D 231 7.98 -23.33 -1.32
C LEU D 231 8.77 -22.25 -0.58
N ALA D 232 9.73 -22.68 0.24
CA ALA D 232 10.57 -21.74 0.99
C ALA D 232 11.34 -20.84 0.02
N GLU D 233 11.82 -21.43 -1.07
CA GLU D 233 12.58 -20.68 -2.08
C GLU D 233 11.71 -19.72 -2.86
N CYS D 234 10.40 -19.96 -2.85
CA CYS D 234 9.47 -19.09 -3.56
C CYS D 234 8.89 -18.00 -2.67
N LEU D 235 8.98 -18.20 -1.36
CA LEU D 235 8.43 -17.23 -0.40
C LEU D 235 9.43 -16.67 0.60
N ARG D 236 10.72 -16.68 0.23
CA ARG D 236 11.76 -16.17 1.14
C ARG D 236 11.61 -16.82 2.52
N GLY D 237 11.45 -18.13 2.53
CA GLY D 237 11.29 -18.85 3.79
C GLY D 237 12.53 -18.78 4.66
N ARG D 238 12.33 -18.87 5.97
CA ARG D 238 13.43 -18.81 6.94
C ARG D 238 13.93 -20.20 7.32
N THR D 239 15.18 -20.47 7.02
CA THR D 239 15.77 -21.78 7.30
C THR D 239 16.09 -22.05 8.78
N GLU D 240 16.13 -21.03 9.61
CA GLU D 240 16.47 -21.27 11.01
C GLU D 240 15.43 -22.14 11.72
N ALA D 241 14.21 -22.18 11.20
CA ALA D 241 13.17 -23.01 11.80
C ALA D 241 13.47 -24.48 11.57
N TRP D 242 14.31 -24.75 10.56
CA TRP D 242 14.68 -26.12 10.23
C TRP D 242 16.05 -26.51 10.79
N ALA D 243 16.57 -25.70 11.69
CA ALA D 243 17.89 -25.96 12.31
C ALA D 243 17.97 -27.30 13.03
N ALA D 244 19.14 -27.93 12.95
CA ALA D 244 19.35 -29.21 13.62
C ALA D 244 19.24 -29.05 15.14
N ALA D 245 19.67 -27.89 15.65
CA ALA D 245 19.60 -27.65 17.09
C ALA D 245 18.17 -27.83 17.61
N LEU D 246 17.19 -27.39 16.83
CA LEU D 246 15.79 -27.50 17.25
C LEU D 246 15.37 -28.97 17.31
N SER D 247 15.80 -29.75 16.33
CA SER D 247 15.48 -31.17 16.28
C SER D 247 16.03 -31.85 17.54
N ASP D 248 17.26 -31.51 17.91
CA ASP D 248 17.90 -32.09 19.07
C ASP D 248 17.15 -31.81 20.37
N LEU D 249 16.47 -30.67 20.44
CA LEU D 249 15.71 -30.30 21.64
C LEU D 249 14.40 -31.09 21.77
N ARG D 250 13.90 -31.59 20.65
CA ARG D 250 12.67 -32.39 20.61
C ARG D 250 13.01 -33.53 19.66
N PRO D 251 13.87 -34.46 20.12
CA PRO D 251 14.37 -35.63 19.38
C PRO D 251 13.47 -36.72 18.80
N HIS D 252 12.36 -36.36 18.17
CA HIS D 252 11.52 -37.37 17.53
C HIS D 252 12.29 -37.72 16.25
N PRO D 253 12.60 -39.01 16.04
CA PRO D 253 13.35 -39.43 14.85
C PRO D 253 12.80 -38.87 13.54
N GLY D 254 11.48 -38.96 13.36
CA GLY D 254 10.88 -38.46 12.13
C GLY D 254 11.12 -36.98 11.91
N GLN D 255 11.01 -36.20 12.98
CA GLN D 255 11.21 -34.77 12.89
C GLN D 255 12.65 -34.42 12.54
N LYS D 256 13.59 -35.09 13.21
CA LYS D 256 15.00 -34.86 12.96
C LYS D 256 15.29 -35.16 11.48
N ASP D 257 14.71 -36.23 10.98
CA ASP D 257 14.90 -36.64 9.59
C ASP D 257 14.26 -35.63 8.62
N ALA D 258 13.06 -35.16 8.95
CA ALA D 258 12.39 -34.19 8.09
C ALA D 258 13.19 -32.89 7.98
N ALA D 259 13.63 -32.36 9.11
CA ALA D 259 14.39 -31.12 9.12
C ALA D 259 15.72 -31.27 8.37
N ALA D 260 16.41 -32.37 8.58
CA ALA D 260 17.68 -32.59 7.90
C ALA D 260 17.46 -32.66 6.39
N ARG D 261 16.40 -33.34 5.97
CA ARG D 261 16.09 -33.46 4.56
C ARG D 261 15.70 -32.13 3.95
N LEU D 262 14.98 -31.31 4.73
CA LEU D 262 14.57 -30.00 4.25
C LEU D 262 15.82 -29.12 4.05
N ARG D 263 16.74 -29.15 5.02
CA ARG D 263 17.96 -28.35 4.92
C ARG D 263 18.75 -28.76 3.68
N ALA D 264 18.84 -30.07 3.44
CA ALA D 264 19.56 -30.58 2.29
C ALA D 264 18.94 -30.07 0.97
N ARG D 265 17.62 -30.07 0.89
CA ARG D 265 16.94 -29.61 -0.33
C ARG D 265 17.27 -28.16 -0.69
N VAL D 266 17.37 -27.28 0.30
CA VAL D 266 17.65 -25.88 0.04
C VAL D 266 19.12 -25.48 0.10
N ASP D 267 20.00 -26.46 0.30
CA ASP D 267 21.43 -26.16 0.34
C ASP D 267 21.82 -25.49 -0.98
N GLY D 268 22.54 -24.36 -0.89
CA GLY D 268 22.95 -23.67 -2.09
C GLY D 268 21.98 -22.60 -2.57
N SER D 269 20.81 -22.53 -1.94
CA SER D 269 19.81 -21.54 -2.32
C SER D 269 20.18 -20.13 -1.89
N ALA D 270 19.88 -19.16 -2.75
CA ALA D 270 20.14 -17.77 -2.45
C ALA D 270 18.77 -17.09 -2.30
N ARG D 271 17.73 -17.91 -2.34
CA ARG D 271 16.34 -17.44 -2.25
C ARG D 271 15.72 -17.55 -0.86
N VAL D 272 16.34 -18.32 0.03
CA VAL D 272 15.80 -18.46 1.38
C VAL D 272 16.50 -17.47 2.31
N VAL D 273 15.92 -17.22 3.48
CA VAL D 273 16.53 -16.33 4.46
C VAL D 273 17.24 -17.23 5.47
N ARG D 274 18.55 -17.06 5.61
CA ARG D 274 19.32 -17.91 6.52
C ARG D 274 19.73 -17.27 7.84
N HIS D 275 19.48 -15.97 7.99
CA HIS D 275 19.87 -15.28 9.22
C HIS D 275 19.03 -15.63 10.45
N VAL D 276 19.71 -15.93 11.55
CA VAL D 276 19.04 -16.23 12.81
C VAL D 276 18.68 -14.85 13.35
N ILE D 277 17.39 -14.58 13.52
CA ILE D 277 16.97 -13.26 13.98
C ILE D 277 17.49 -12.80 15.33
N ALA D 278 17.70 -13.73 16.27
CA ALA D 278 18.18 -13.37 17.59
C ALA D 278 19.61 -12.82 17.59
N GLU D 279 20.29 -12.92 16.45
CA GLU D 279 21.65 -12.40 16.35
C GLU D 279 21.60 -10.88 16.31
N ARG D 280 20.52 -10.35 15.76
CA ARG D 280 20.32 -8.91 15.64
C ARG D 280 20.07 -8.23 16.97
N ARG D 281 20.83 -7.17 17.23
CA ARG D 281 20.68 -6.41 18.46
C ARG D 281 19.88 -5.17 18.07
N LEU D 282 18.82 -4.88 18.81
CA LEU D 282 17.97 -3.74 18.51
C LEU D 282 18.31 -2.51 19.33
N ASP D 283 18.10 -1.34 18.75
CA ASP D 283 18.32 -0.09 19.46
C ASP D 283 17.02 0.70 19.34
N ALA D 284 16.95 1.88 19.92
CA ALA D 284 15.74 2.69 19.89
C ALA D 284 15.20 2.91 18.47
N GLY D 285 16.11 3.08 17.51
CA GLY D 285 15.69 3.31 16.14
C GLY D 285 14.97 2.17 15.46
N ASP D 286 15.09 0.96 15.99
CA ASP D 286 14.45 -0.20 15.38
C ASP D 286 13.03 -0.47 15.86
N ILE D 287 12.66 0.14 16.99
CA ILE D 287 11.31 -0.07 17.52
C ILE D 287 10.30 0.54 16.58
N GLY D 288 9.39 -0.29 16.09
CA GLY D 288 8.36 0.14 15.18
C GLY D 288 7.76 -1.08 14.53
N THR D 289 6.98 -0.88 13.46
CA THR D 289 6.36 -1.97 12.75
C THR D 289 7.19 -2.33 11.52
N GLU D 290 7.62 -3.58 11.45
CA GLU D 290 8.40 -4.03 10.32
C GLU D 290 7.47 -4.62 9.26
N PRO D 291 7.95 -4.70 8.00
CA PRO D 291 7.14 -5.24 6.89
C PRO D 291 6.64 -6.66 7.16
N GLU D 292 7.52 -7.52 7.68
CA GLU D 292 7.16 -8.90 7.95
C GLU D 292 7.57 -9.35 9.34
N ALA D 293 6.90 -10.39 9.83
CA ALA D 293 7.20 -10.94 11.15
C ALA D 293 8.53 -11.69 11.04
N GLY D 294 9.22 -11.87 12.15
CA GLY D 294 10.49 -12.58 12.14
C GLY D 294 10.41 -14.08 11.97
N GLN D 295 9.19 -14.62 11.92
CA GLN D 295 8.98 -16.07 11.76
C GLN D 295 7.94 -16.33 10.67
N ASP D 296 8.07 -17.46 9.96
CA ASP D 296 7.13 -17.82 8.90
C ASP D 296 5.83 -18.40 9.46
N ALA D 297 4.81 -18.47 8.60
CA ALA D 297 3.54 -19.07 8.99
C ALA D 297 3.85 -20.56 9.20
N TYR D 298 2.94 -21.27 9.87
CA TYR D 298 3.16 -22.68 10.17
C TYR D 298 3.44 -23.64 9.01
N SER D 299 2.83 -23.42 7.86
CA SER D 299 3.04 -24.31 6.72
C SER D 299 4.50 -24.39 6.29
N LEU D 300 5.33 -23.47 6.80
CA LEU D 300 6.76 -23.49 6.50
C LEU D 300 7.55 -23.75 7.78
N ARG D 301 7.29 -22.94 8.80
CA ARG D 301 7.98 -23.04 10.09
C ARG D 301 7.76 -24.36 10.86
N CYS D 302 6.57 -24.93 10.77
CA CYS D 302 6.28 -26.19 11.47
C CYS D 302 6.32 -27.43 10.58
N ALA D 303 6.90 -27.31 9.39
CA ALA D 303 7.00 -28.43 8.48
C ALA D 303 7.72 -29.63 9.09
N PRO D 304 8.85 -29.40 9.79
CA PRO D 304 9.57 -30.54 10.38
C PRO D 304 8.68 -31.31 11.36
N GLN D 305 7.92 -30.57 12.16
CA GLN D 305 7.05 -31.18 13.15
C GLN D 305 5.86 -31.92 12.54
N VAL D 306 5.26 -31.36 11.51
CA VAL D 306 4.12 -32.02 10.87
C VAL D 306 4.58 -33.23 10.07
N LEU D 307 5.50 -33.00 9.14
CA LEU D 307 6.04 -34.09 8.32
C LEU D 307 6.66 -35.16 9.21
N GLY D 308 7.40 -34.72 10.23
CA GLY D 308 8.04 -35.64 11.14
C GLY D 308 7.11 -36.59 11.86
N ALA D 309 5.94 -36.08 12.28
CA ALA D 309 4.96 -36.93 12.97
C ALA D 309 4.43 -37.95 11.97
N GLY D 310 4.20 -37.51 10.74
CA GLY D 310 3.72 -38.40 9.71
C GLY D 310 4.77 -39.46 9.42
N PHE D 311 6.04 -39.06 9.41
CA PHE D 311 7.14 -39.99 9.14
C PHE D 311 7.28 -41.05 10.24
N ASP D 312 7.08 -40.65 11.49
CA ASP D 312 7.17 -41.59 12.59
C ASP D 312 6.01 -42.57 12.55
N THR D 313 4.86 -42.14 12.02
CA THR D 313 3.71 -43.02 11.91
C THR D 313 3.99 -44.07 10.84
N LEU D 314 4.56 -43.61 9.72
CA LEU D 314 4.90 -44.51 8.63
C LEU D 314 5.94 -45.52 9.11
N ALA D 315 6.88 -45.03 9.92
CA ALA D 315 7.93 -45.89 10.47
C ALA D 315 7.31 -46.99 11.32
N TRP D 316 6.33 -46.63 12.15
CA TRP D 316 5.67 -47.62 12.99
C TRP D 316 4.91 -48.58 12.09
N HIS D 317 4.22 -48.02 11.11
CA HIS D 317 3.46 -48.80 10.14
C HIS D 317 4.34 -49.84 9.48
N ASP D 318 5.52 -49.43 9.04
CA ASP D 318 6.45 -50.33 8.36
C ASP D 318 7.08 -51.39 9.26
N ARG D 319 7.26 -51.07 10.55
CA ARG D 319 7.84 -52.03 11.49
C ARG D 319 6.86 -53.19 11.68
N VAL D 320 5.60 -52.84 11.92
CA VAL D 320 4.56 -53.83 12.12
C VAL D 320 4.31 -54.63 10.84
N LEU D 321 4.30 -53.95 9.70
CA LEU D 321 4.08 -54.60 8.42
C LEU D 321 5.21 -55.58 8.08
N THR D 322 6.44 -55.20 8.39
CA THR D 322 7.58 -56.06 8.12
C THR D 322 7.40 -57.39 8.85
N ILE D 323 6.99 -57.32 10.11
CA ILE D 323 6.78 -58.53 10.88
C ILE D 323 5.63 -59.34 10.26
N GLU D 324 4.53 -58.65 9.96
CA GLU D 324 3.36 -59.32 9.39
C GLU D 324 3.67 -60.02 8.07
N LEU D 325 4.41 -59.35 7.21
CA LEU D 325 4.77 -59.93 5.91
C LEU D 325 5.60 -61.20 6.04
N ASN D 326 6.54 -61.20 6.98
CA ASN D 326 7.43 -62.35 7.18
C ASN D 326 6.91 -63.38 8.18
N ALA D 327 5.68 -63.21 8.63
CA ALA D 327 5.11 -64.12 9.61
C ALA D 327 4.22 -65.17 8.96
N VAL D 328 3.75 -66.12 9.76
CA VAL D 328 2.86 -67.15 9.29
C VAL D 328 1.50 -66.77 9.86
N THR D 329 0.57 -66.39 8.99
CA THR D 329 -0.76 -66.02 9.45
C THR D 329 -1.79 -67.10 9.16
N ASP D 330 -1.29 -68.31 8.86
CA ASP D 330 -2.14 -69.45 8.55
C ASP D 330 -2.84 -70.05 9.76
N ASN D 331 -3.84 -70.87 9.46
CA ASN D 331 -4.60 -71.63 10.46
C ASN D 331 -5.35 -72.72 9.72
N PRO D 332 -5.14 -73.99 10.13
CA PRO D 332 -4.23 -74.37 11.22
C PRO D 332 -2.78 -74.23 10.78
N VAL D 333 -1.85 -74.55 11.68
CA VAL D 333 -0.42 -74.48 11.35
C VAL D 333 0.24 -75.78 11.78
N PHE D 334 1.28 -76.18 11.06
CA PHE D 334 1.99 -77.41 11.37
C PHE D 334 3.39 -77.08 11.85
N PRO D 335 3.59 -77.04 13.18
CA PRO D 335 4.87 -76.74 13.84
C PRO D 335 6.06 -77.45 13.23
N PRO D 336 7.05 -76.68 12.73
CA PRO D 336 8.25 -77.23 12.10
C PRO D 336 9.08 -78.13 13.05
N ASP D 337 8.95 -77.91 14.35
CA ASP D 337 9.69 -78.71 15.32
C ASP D 337 9.04 -80.07 15.57
N GLY D 338 7.76 -80.19 15.22
CA GLY D 338 7.05 -81.44 15.41
C GLY D 338 6.52 -81.66 16.82
N SER D 339 6.50 -80.61 17.63
CA SER D 339 6.02 -80.68 19.00
C SER D 339 4.61 -81.29 19.05
N VAL D 340 3.77 -80.87 18.10
CA VAL D 340 2.41 -81.38 17.99
C VAL D 340 2.09 -81.49 16.51
N PRO D 341 1.14 -82.37 16.13
CA PRO D 341 0.78 -82.52 14.72
C PRO D 341 0.33 -81.22 14.06
N ALA D 342 -0.43 -80.42 14.80
CA ALA D 342 -0.93 -79.16 14.27
C ALA D 342 -1.47 -78.31 15.40
N LEU D 343 -1.54 -77.00 15.16
CA LEU D 343 -2.06 -76.06 16.15
C LEU D 343 -3.23 -75.28 15.56
N HIS D 344 -4.22 -75.00 16.40
CA HIS D 344 -5.38 -74.24 15.98
C HIS D 344 -5.48 -72.94 16.78
N GLY D 345 -5.46 -71.82 16.07
CA GLY D 345 -5.54 -70.53 16.74
C GLY D 345 -6.13 -69.47 15.84
N GLY D 346 -5.69 -68.23 16.02
CA GLY D 346 -6.23 -67.16 15.20
C GLY D 346 -5.20 -66.19 14.61
N ASN D 347 -4.08 -66.72 14.12
CA ASN D 347 -3.07 -65.85 13.53
C ASN D 347 -3.53 -65.18 12.25
N PHE D 348 -4.76 -65.46 11.84
CA PHE D 348 -5.33 -64.87 10.64
C PHE D 348 -6.04 -63.55 10.96
N MET D 349 -6.17 -63.24 12.24
CA MET D 349 -6.83 -61.99 12.68
C MET D 349 -5.91 -60.81 12.35
N GLY D 350 -6.28 -60.07 11.30
CA GLY D 350 -5.45 -58.95 10.86
C GLY D 350 -5.61 -57.63 11.60
N GLN D 351 -5.63 -57.67 12.93
CA GLN D 351 -5.78 -56.46 13.71
C GLN D 351 -4.56 -55.54 13.61
N HIS D 352 -3.38 -56.11 13.43
CA HIS D 352 -2.17 -55.28 13.33
C HIS D 352 -2.16 -54.41 12.07
N VAL D 353 -2.48 -54.99 10.91
CA VAL D 353 -2.49 -54.20 9.69
C VAL D 353 -3.67 -53.23 9.75
N ALA D 354 -4.75 -53.68 10.39
CA ALA D 354 -5.94 -52.83 10.51
C ALA D 354 -5.61 -51.53 11.26
N LEU D 355 -5.01 -51.65 12.44
CA LEU D 355 -4.69 -50.47 13.22
C LEU D 355 -3.59 -49.59 12.63
N THR D 356 -2.57 -50.19 12.02
CA THR D 356 -1.51 -49.38 11.43
C THR D 356 -1.99 -48.71 10.15
N SER D 357 -2.87 -49.36 9.40
CA SER D 357 -3.40 -48.76 8.19
C SER D 357 -4.24 -47.55 8.56
N ASP D 358 -5.07 -47.68 9.59
CA ASP D 358 -5.91 -46.57 10.04
C ASP D 358 -5.03 -45.41 10.53
N ALA D 359 -4.00 -45.73 11.30
CA ALA D 359 -3.09 -44.71 11.82
C ALA D 359 -2.40 -43.99 10.67
N LEU D 360 -1.95 -44.75 9.68
CA LEU D 360 -1.28 -44.16 8.52
C LEU D 360 -2.26 -43.29 7.73
N ALA D 361 -3.50 -43.75 7.58
CA ALA D 361 -4.51 -42.99 6.84
C ALA D 361 -4.65 -41.59 7.44
N THR D 362 -4.70 -41.53 8.76
CA THR D 362 -4.84 -40.26 9.48
C THR D 362 -3.63 -39.36 9.19
N ALA D 363 -2.43 -39.92 9.30
CA ALA D 363 -1.20 -39.17 9.05
C ALA D 363 -1.18 -38.66 7.60
N VAL D 364 -1.58 -39.51 6.67
CA VAL D 364 -1.63 -39.12 5.26
C VAL D 364 -2.61 -37.95 5.09
N THR D 365 -3.75 -38.00 5.77
CA THR D 365 -4.74 -36.93 5.68
C THR D 365 -4.16 -35.64 6.25
N VAL D 366 -3.42 -35.74 7.34
CA VAL D 366 -2.80 -34.59 7.96
C VAL D 366 -1.76 -33.95 7.03
N LEU D 367 -0.87 -34.77 6.46
CA LEU D 367 0.17 -34.26 5.56
C LEU D 367 -0.41 -33.69 4.27
N ALA D 368 -1.53 -34.24 3.81
CA ALA D 368 -2.18 -33.75 2.60
C ALA D 368 -2.78 -32.38 2.90
N GLY D 369 -3.20 -32.19 4.15
CA GLY D 369 -3.76 -30.91 4.55
C GLY D 369 -2.69 -29.83 4.53
N LEU D 370 -1.47 -30.24 4.89
CA LEU D 370 -0.31 -29.35 4.89
C LEU D 370 -0.03 -28.89 3.47
N ALA D 371 -0.04 -29.85 2.53
CA ALA D 371 0.23 -29.52 1.14
C ALA D 371 -0.87 -28.62 0.60
N GLU D 372 -2.11 -28.90 0.99
CA GLU D 372 -3.24 -28.10 0.54
C GLU D 372 -3.14 -26.65 1.04
N ARG D 373 -2.72 -26.46 2.29
CA ARG D 373 -2.57 -25.10 2.83
C ARG D 373 -1.36 -24.40 2.23
N GLN D 374 -0.36 -25.18 1.82
CA GLN D 374 0.82 -24.59 1.18
C GLN D 374 0.37 -24.04 -0.16
N ILE D 375 -0.52 -24.76 -0.84
CA ILE D 375 -1.03 -24.29 -2.14
C ILE D 375 -1.87 -23.03 -1.90
N ALA D 376 -2.76 -23.09 -0.92
CA ALA D 376 -3.63 -21.96 -0.59
C ALA D 376 -2.85 -20.69 -0.28
N ARG D 377 -1.69 -20.85 0.34
CA ARG D 377 -0.85 -19.73 0.71
C ARG D 377 -0.09 -19.20 -0.52
N LEU D 378 0.52 -20.11 -1.26
CA LEU D 378 1.30 -19.75 -2.45
C LEU D 378 0.49 -19.02 -3.53
N THR D 379 -0.78 -19.39 -3.71
CA THR D 379 -1.63 -18.78 -4.72
C THR D 379 -2.44 -17.56 -4.27
N ASP D 380 -2.31 -17.18 -3.01
CA ASP D 380 -3.05 -16.03 -2.46
C ASP D 380 -2.19 -14.77 -2.62
N GLU D 381 -2.61 -13.83 -3.47
CA GLU D 381 -1.81 -12.62 -3.68
C GLU D 381 -1.61 -11.81 -2.39
N ARG D 382 -2.46 -12.02 -1.41
CA ARG D 382 -2.33 -11.29 -0.15
C ARG D 382 -1.31 -11.94 0.78
N LEU D 383 -0.94 -13.19 0.48
CA LEU D 383 0.00 -13.91 1.34
C LEU D 383 1.27 -14.40 0.65
N ASN D 384 1.29 -14.39 -0.69
CA ASN D 384 2.45 -14.91 -1.40
C ASN D 384 3.60 -13.94 -1.69
N ARG D 385 3.63 -12.84 -0.93
CA ARG D 385 4.69 -11.86 -1.04
C ARG D 385 5.06 -11.37 -2.44
N GLY D 386 4.10 -10.78 -3.14
CA GLY D 386 4.40 -10.25 -4.46
C GLY D 386 4.16 -11.08 -5.69
N LEU D 387 3.79 -12.36 -5.53
CA LEU D 387 3.54 -13.20 -6.70
C LEU D 387 2.14 -12.91 -7.24
N PRO D 388 1.93 -13.13 -8.55
CA PRO D 388 0.62 -12.89 -9.17
C PRO D 388 -0.48 -13.72 -8.52
N PRO D 389 -1.72 -13.19 -8.46
CA PRO D 389 -2.80 -13.96 -7.86
C PRO D 389 -2.95 -15.29 -8.61
N PHE D 390 -2.95 -16.40 -7.86
CA PHE D 390 -3.07 -17.73 -8.43
C PHE D 390 -1.98 -18.04 -9.47
N LEU D 391 -0.86 -17.34 -9.36
CA LEU D 391 0.29 -17.55 -10.23
C LEU D 391 0.00 -17.49 -11.73
N HIS D 392 -0.94 -16.64 -12.13
CA HIS D 392 -1.30 -16.53 -13.54
C HIS D 392 -0.23 -15.76 -14.30
N ARG D 393 -0.26 -15.91 -15.62
CA ARG D 393 0.63 -15.16 -16.50
C ARG D 393 -0.37 -14.51 -17.45
N GLY D 394 0.07 -13.56 -18.26
CA GLY D 394 -0.85 -12.88 -19.15
C GLY D 394 -1.62 -11.85 -18.32
N PRO D 395 -2.54 -11.10 -18.93
CA PRO D 395 -3.31 -10.11 -18.17
C PRO D 395 -4.14 -10.73 -17.04
N ALA D 396 -4.13 -10.10 -15.87
CA ALA D 396 -4.89 -10.60 -14.73
C ALA D 396 -6.38 -10.37 -14.98
N GLY D 397 -7.22 -11.32 -14.59
CA GLY D 397 -8.63 -11.17 -14.83
C GLY D 397 -8.97 -12.02 -16.03
N LEU D 398 -8.37 -11.69 -17.17
CA LEU D 398 -8.57 -12.46 -18.39
C LEU D 398 -8.01 -13.85 -18.12
N ASN D 399 -6.94 -13.89 -17.32
CA ASN D 399 -6.28 -15.13 -16.94
C ASN D 399 -6.42 -15.33 -15.43
N SER D 400 -6.75 -16.55 -15.03
CA SER D 400 -6.91 -16.87 -13.63
C SER D 400 -5.87 -17.87 -13.16
N GLY D 401 -5.04 -18.35 -14.10
CA GLY D 401 -3.98 -19.29 -13.76
C GLY D 401 -4.43 -20.56 -13.07
N PHE D 402 -3.91 -20.80 -11.87
CA PHE D 402 -4.21 -22.00 -11.08
C PHE D 402 -5.40 -21.83 -10.14
N MET D 403 -6.25 -20.83 -10.37
CA MET D 403 -7.39 -20.58 -9.52
C MET D 403 -8.34 -21.79 -9.43
N GLY D 404 -8.47 -22.52 -10.52
CA GLY D 404 -9.32 -23.70 -10.53
C GLY D 404 -8.64 -24.85 -9.83
N ALA D 405 -7.37 -25.07 -10.15
CA ALA D 405 -6.58 -26.15 -9.56
C ALA D 405 -6.50 -26.05 -8.03
N GLN D 406 -6.41 -24.83 -7.52
CA GLN D 406 -6.32 -24.61 -6.08
C GLN D 406 -7.59 -25.10 -5.40
N VAL D 407 -8.75 -24.82 -6.00
CA VAL D 407 -10.02 -25.26 -5.41
C VAL D 407 -10.13 -26.78 -5.48
N THR D 408 -9.63 -27.36 -6.57
CA THR D 408 -9.66 -28.81 -6.72
C THR D 408 -8.87 -29.46 -5.57
N ALA D 409 -7.70 -28.90 -5.25
CA ALA D 409 -6.88 -29.44 -4.16
C ALA D 409 -7.70 -29.48 -2.86
N THR D 410 -8.42 -28.39 -2.61
CA THR D 410 -9.24 -28.29 -1.41
C THR D 410 -10.33 -29.36 -1.43
N ALA D 411 -10.97 -29.51 -2.59
CA ALA D 411 -12.03 -30.49 -2.77
C ALA D 411 -11.54 -31.90 -2.51
N LEU D 412 -10.32 -32.19 -2.97
CA LEU D 412 -9.74 -33.52 -2.80
C LEU D 412 -9.49 -33.81 -1.31
N LEU D 413 -8.99 -32.80 -0.60
CA LEU D 413 -8.72 -32.93 0.83
C LEU D 413 -10.00 -33.13 1.63
N ALA D 414 -11.03 -32.34 1.31
CA ALA D 414 -12.30 -32.44 2.01
C ALA D 414 -12.85 -33.85 1.88
N GLU D 415 -12.73 -34.44 0.69
CA GLU D 415 -13.22 -35.79 0.46
C GLU D 415 -12.45 -36.80 1.31
N MET D 416 -11.14 -36.59 1.44
CA MET D 416 -10.29 -37.48 2.25
C MET D 416 -10.80 -37.50 3.69
N ARG D 417 -11.14 -36.32 4.22
CA ARG D 417 -11.61 -36.19 5.60
C ARG D 417 -12.94 -36.87 5.90
N ALA D 418 -13.75 -37.09 4.87
CA ALA D 418 -15.06 -37.72 5.07
C ALA D 418 -14.96 -39.17 5.52
N THR D 419 -13.85 -39.81 5.22
CA THR D 419 -13.65 -41.21 5.59
C THR D 419 -12.73 -41.36 6.79
N GLY D 420 -13.18 -42.13 7.78
CA GLY D 420 -12.38 -42.34 8.97
C GLY D 420 -11.83 -43.75 9.07
N PRO D 421 -11.34 -44.16 10.24
CA PRO D 421 -10.77 -45.49 10.51
C PRO D 421 -11.77 -46.61 10.20
N ALA D 422 -11.25 -47.72 9.70
CA ALA D 422 -12.11 -48.87 9.37
C ALA D 422 -12.24 -49.84 10.55
N SER D 423 -11.19 -49.91 11.37
CA SER D 423 -11.12 -50.82 12.51
C SER D 423 -12.21 -50.74 13.57
N ILE D 424 -12.81 -49.57 13.75
CA ILE D 424 -13.83 -49.41 14.78
C ILE D 424 -15.20 -49.96 14.42
N HIS D 425 -15.35 -50.52 13.22
CA HIS D 425 -16.65 -51.01 12.78
C HIS D 425 -16.84 -52.52 12.80
N SER D 426 -16.14 -53.20 13.70
CA SER D 426 -16.28 -54.65 13.79
C SER D 426 -17.73 -55.01 14.09
N ILE D 427 -18.24 -56.02 13.38
CA ILE D 427 -19.60 -56.49 13.55
C ILE D 427 -19.57 -58.02 13.65
N SER D 428 -20.27 -58.57 14.65
CA SER D 428 -20.32 -60.02 14.84
C SER D 428 -20.93 -60.66 13.60
N THR D 429 -20.25 -61.65 13.04
CA THR D 429 -20.75 -62.30 11.84
C THR D 429 -20.44 -63.81 11.82
N ASN D 430 -20.79 -64.47 10.72
CA ASN D 430 -20.57 -65.92 10.59
C ASN D 430 -21.28 -66.65 11.75
N ALA D 431 -22.58 -66.38 11.89
CA ALA D 431 -23.40 -66.98 12.93
C ALA D 431 -22.79 -66.73 14.31
N ALA D 432 -22.16 -65.56 14.47
CA ALA D 432 -21.53 -65.14 15.72
C ALA D 432 -20.22 -65.84 16.06
N ASN D 433 -19.76 -66.74 15.21
CA ASN D 433 -18.49 -67.43 15.46
C ASN D 433 -17.34 -66.43 15.34
N GLN D 434 -17.48 -65.50 14.39
CA GLN D 434 -16.50 -64.44 14.20
C GLN D 434 -17.12 -63.21 14.86
N ASP D 435 -17.23 -63.24 16.19
CA ASP D 435 -17.86 -62.12 16.89
C ASP D 435 -17.05 -60.83 16.91
N VAL D 436 -15.78 -60.93 16.51
CA VAL D 436 -14.92 -59.76 16.37
C VAL D 436 -14.08 -59.99 15.10
N VAL D 437 -14.02 -58.97 14.25
CA VAL D 437 -13.27 -59.05 13.00
C VAL D 437 -12.39 -57.80 12.87
N SER D 438 -11.28 -57.92 12.16
CA SER D 438 -10.33 -56.80 12.04
C SER D 438 -10.66 -55.73 11.00
N LEU D 439 -11.22 -56.15 9.86
CA LEU D 439 -11.53 -55.23 8.78
C LEU D 439 -10.24 -54.59 8.26
N GLY D 440 -9.14 -55.32 8.43
CA GLY D 440 -7.84 -54.83 8.00
C GLY D 440 -7.68 -54.57 6.51
N THR D 441 -8.38 -55.37 5.70
CA THR D 441 -8.33 -55.23 4.27
C THR D 441 -8.98 -53.90 3.89
N ILE D 442 -10.12 -53.62 4.53
CA ILE D 442 -10.85 -52.38 4.27
C ILE D 442 -9.96 -51.21 4.72
N ALA D 443 -9.35 -51.34 5.88
CA ALA D 443 -8.48 -50.30 6.41
C ALA D 443 -7.35 -49.99 5.43
N ALA D 444 -6.69 -51.02 4.91
CA ALA D 444 -5.59 -50.83 3.97
C ALA D 444 -6.08 -50.16 2.69
N ARG D 445 -7.23 -50.58 2.20
CA ARG D 445 -7.81 -50.01 1.00
C ARG D 445 -8.24 -48.55 1.17
N LEU D 446 -8.77 -48.20 2.35
CA LEU D 446 -9.18 -46.82 2.60
C LEU D 446 -7.95 -45.94 2.69
N CYS D 447 -6.86 -46.51 3.19
CA CYS D 447 -5.61 -45.76 3.29
C CYS D 447 -5.08 -45.50 1.89
N ARG D 448 -5.16 -46.51 1.03
CA ARG D 448 -4.69 -46.39 -0.34
C ARG D 448 -5.40 -45.24 -1.06
N GLU D 449 -6.70 -45.11 -0.86
CA GLU D 449 -7.46 -44.04 -1.50
C GLU D 449 -6.96 -42.67 -1.06
N LYS D 450 -6.70 -42.52 0.23
CA LYS D 450 -6.20 -41.26 0.75
C LYS D 450 -4.81 -40.96 0.18
N ILE D 451 -4.00 -42.01 0.03
CA ILE D 451 -2.66 -41.85 -0.54
C ILE D 451 -2.79 -41.33 -1.98
N ASP D 452 -3.76 -41.86 -2.72
CA ASP D 452 -3.96 -41.42 -4.09
C ASP D 452 -4.39 -39.95 -4.14
N ARG D 453 -5.24 -39.54 -3.22
CA ARG D 453 -5.68 -38.15 -3.16
C ARG D 453 -4.48 -37.27 -2.78
N TRP D 454 -3.65 -37.75 -1.85
CA TRP D 454 -2.49 -36.99 -1.42
C TRP D 454 -1.57 -36.73 -2.61
N ALA D 455 -1.38 -37.75 -3.45
CA ALA D 455 -0.54 -37.62 -4.63
C ALA D 455 -1.08 -36.54 -5.57
N GLU D 456 -2.40 -36.47 -5.69
CA GLU D 456 -3.03 -35.49 -6.56
C GLU D 456 -2.86 -34.09 -6.02
N ILE D 457 -2.97 -33.93 -4.70
CA ILE D 457 -2.79 -32.64 -4.08
C ILE D 457 -1.33 -32.20 -4.26
N LEU D 458 -0.39 -33.13 -4.08
CA LEU D 458 1.03 -32.82 -4.23
C LEU D 458 1.34 -32.45 -5.68
N ALA D 459 0.68 -33.11 -6.62
CA ALA D 459 0.89 -32.82 -8.03
C ALA D 459 0.50 -31.37 -8.32
N ILE D 460 -0.64 -30.93 -7.79
CA ILE D 460 -1.08 -29.56 -7.97
C ILE D 460 -0.05 -28.61 -7.39
N LEU D 461 0.43 -28.92 -6.19
CA LEU D 461 1.43 -28.09 -5.53
C LEU D 461 2.73 -28.03 -6.36
N ALA D 462 3.13 -29.15 -6.96
CA ALA D 462 4.34 -29.18 -7.76
C ALA D 462 4.21 -28.28 -8.99
N LEU D 463 3.04 -28.35 -9.64
CA LEU D 463 2.81 -27.53 -10.81
C LEU D 463 2.80 -26.05 -10.43
N CYS D 464 2.19 -25.73 -9.29
CA CYS D 464 2.15 -24.34 -8.82
C CYS D 464 3.54 -23.83 -8.51
N LEU D 465 4.34 -24.64 -7.82
CA LEU D 465 5.69 -24.26 -7.45
C LEU D 465 6.60 -24.06 -8.66
N ALA D 466 6.44 -24.88 -9.69
CA ALA D 466 7.25 -24.75 -10.90
C ALA D 466 6.98 -23.38 -11.50
N GLN D 467 5.70 -23.01 -11.57
CA GLN D 467 5.29 -21.72 -12.10
C GLN D 467 5.80 -20.58 -11.21
N ALA D 468 5.59 -20.72 -9.90
CA ALA D 468 6.01 -19.68 -8.95
C ALA D 468 7.51 -19.45 -8.96
N ALA D 469 8.28 -20.53 -9.04
CA ALA D 469 9.73 -20.43 -9.06
C ALA D 469 10.19 -19.60 -10.27
N GLU D 470 9.57 -19.85 -11.43
CA GLU D 470 9.92 -19.12 -12.64
C GLU D 470 9.45 -17.67 -12.54
N LEU D 471 8.27 -17.44 -11.99
CA LEU D 471 7.75 -16.09 -11.84
C LEU D 471 8.62 -15.29 -10.88
N ARG D 472 9.09 -15.95 -9.83
CA ARG D 472 9.91 -15.30 -8.82
C ARG D 472 11.36 -15.09 -9.23
N CYS D 473 11.96 -16.12 -9.84
CA CYS D 473 13.37 -16.07 -10.21
C CYS D 473 13.70 -15.99 -11.68
N GLY D 474 12.68 -15.93 -12.54
CA GLY D 474 12.93 -15.88 -13.97
C GLY D 474 13.05 -17.28 -14.53
N SER D 475 12.98 -17.41 -15.85
CA SER D 475 13.08 -18.71 -16.50
C SER D 475 14.39 -19.42 -16.18
N GLY D 476 15.41 -18.65 -15.81
CA GLY D 476 16.70 -19.23 -15.47
C GLY D 476 16.78 -19.70 -14.03
N LEU D 477 15.72 -19.45 -13.27
CA LEU D 477 15.67 -19.85 -11.86
C LEU D 477 16.91 -19.36 -11.12
N ASP D 478 17.23 -18.08 -11.25
CA ASP D 478 18.39 -17.49 -10.61
C ASP D 478 18.27 -17.51 -9.08
N GLY D 479 19.29 -18.04 -8.42
CA GLY D 479 19.27 -18.10 -6.97
C GLY D 479 18.62 -19.34 -6.40
N VAL D 480 17.99 -20.14 -7.25
CA VAL D 480 17.34 -21.36 -6.78
C VAL D 480 18.38 -22.44 -6.51
N SER D 481 18.17 -23.21 -5.45
CA SER D 481 19.11 -24.28 -5.08
C SER D 481 19.27 -25.27 -6.21
N PRO D 482 20.38 -26.04 -6.19
CA PRO D 482 20.63 -27.04 -7.24
C PRO D 482 19.51 -28.09 -7.27
N ALA D 483 19.03 -28.50 -6.10
CA ALA D 483 17.97 -29.51 -6.03
C ALA D 483 16.64 -28.94 -6.57
N GLY D 484 16.34 -27.70 -6.22
CA GLY D 484 15.12 -27.07 -6.70
C GLY D 484 15.15 -26.91 -8.21
N LYS D 485 16.30 -26.51 -8.74
CA LYS D 485 16.45 -26.32 -10.17
C LYS D 485 16.24 -27.65 -10.88
N LYS D 486 16.90 -28.69 -10.38
CA LYS D 486 16.79 -30.02 -10.96
C LYS D 486 15.34 -30.51 -10.96
N LEU D 487 14.63 -30.26 -9.87
CA LEU D 487 13.22 -30.68 -9.75
C LEU D 487 12.36 -29.96 -10.79
N VAL D 488 12.48 -28.63 -10.86
CA VAL D 488 11.70 -27.86 -11.81
C VAL D 488 12.03 -28.25 -13.26
N GLN D 489 13.31 -28.42 -13.54
CA GLN D 489 13.77 -28.80 -14.88
C GLN D 489 13.18 -30.14 -15.29
N ALA D 490 13.11 -31.06 -14.33
CA ALA D 490 12.55 -32.39 -14.60
C ALA D 490 11.06 -32.28 -14.91
N LEU D 491 10.35 -31.47 -14.14
CA LEU D 491 8.91 -31.28 -14.37
C LEU D 491 8.66 -30.67 -15.75
N ARG D 492 9.42 -29.64 -16.09
CA ARG D 492 9.26 -28.95 -17.36
C ARG D 492 9.53 -29.82 -18.58
N GLU D 493 10.13 -30.98 -18.38
CA GLU D 493 10.38 -31.89 -19.49
C GLU D 493 9.04 -32.38 -20.03
N GLN D 494 8.07 -32.55 -19.14
CA GLN D 494 6.75 -33.03 -19.53
C GLN D 494 5.59 -32.06 -19.30
N PHE D 495 5.78 -31.10 -18.40
CA PHE D 495 4.72 -30.15 -18.08
C PHE D 495 5.16 -28.71 -18.36
N PRO D 496 4.65 -28.12 -19.44
CA PRO D 496 4.97 -26.75 -19.86
C PRO D 496 4.47 -25.69 -18.88
N PRO D 497 5.10 -24.51 -18.88
CA PRO D 497 4.66 -23.47 -17.96
C PRO D 497 3.23 -23.05 -18.34
N LEU D 498 2.52 -22.40 -17.44
CA LEU D 498 1.17 -21.94 -17.72
C LEU D 498 1.25 -20.50 -18.21
N GLU D 499 1.44 -20.33 -19.52
CA GLU D 499 1.55 -19.02 -20.11
C GLU D 499 0.19 -18.38 -20.29
N THR D 500 -0.82 -19.23 -20.44
CA THR D 500 -2.20 -18.78 -20.60
C THR D 500 -3.06 -19.91 -20.02
N ASP D 501 -4.27 -19.57 -19.59
CA ASP D 501 -5.17 -20.57 -18.99
C ASP D 501 -5.45 -21.77 -19.88
N ARG D 502 -5.40 -22.96 -19.29
CA ARG D 502 -5.65 -24.20 -20.02
C ARG D 502 -6.12 -25.29 -19.05
N PRO D 503 -6.81 -26.32 -19.57
CA PRO D 503 -7.28 -27.41 -18.70
C PRO D 503 -6.06 -28.08 -18.08
N LEU D 504 -6.09 -28.30 -16.77
CA LEU D 504 -4.97 -28.91 -16.07
C LEU D 504 -5.29 -30.29 -15.51
N GLY D 505 -6.55 -30.69 -15.61
CA GLY D 505 -6.97 -31.99 -15.08
C GLY D 505 -6.13 -33.18 -15.49
N GLN D 506 -5.88 -33.32 -16.80
CA GLN D 506 -5.09 -34.45 -17.27
C GLN D 506 -3.64 -34.40 -16.79
N GLU D 507 -3.05 -33.20 -16.75
CA GLU D 507 -1.68 -33.07 -16.29
C GLU D 507 -1.55 -33.40 -14.81
N ILE D 508 -2.54 -32.98 -14.03
CA ILE D 508 -2.53 -33.27 -12.59
C ILE D 508 -2.53 -34.79 -12.39
N ALA D 509 -3.46 -35.47 -13.05
CA ALA D 509 -3.57 -36.92 -12.94
C ALA D 509 -2.28 -37.64 -13.37
N ALA D 510 -1.70 -37.20 -14.47
CA ALA D 510 -0.48 -37.79 -14.98
C ALA D 510 0.69 -37.61 -14.02
N LEU D 511 0.83 -36.41 -13.48
CA LEU D 511 1.91 -36.12 -12.54
C LEU D 511 1.69 -36.91 -11.25
N ALA D 512 0.43 -37.03 -10.83
CA ALA D 512 0.13 -37.76 -9.60
C ALA D 512 0.62 -39.21 -9.74
N THR D 513 0.36 -39.81 -10.90
CA THR D 513 0.78 -41.18 -11.17
C THR D 513 2.30 -41.31 -11.01
N HIS D 514 3.02 -40.29 -11.47
CA HIS D 514 4.47 -40.27 -11.38
C HIS D 514 4.99 -40.14 -9.94
N LEU D 515 4.40 -39.22 -9.18
CA LEU D 515 4.80 -38.98 -7.80
C LEU D 515 4.72 -40.22 -6.91
N LEU D 516 3.71 -41.06 -7.16
CA LEU D 516 3.53 -42.28 -6.40
C LEU D 516 4.62 -43.32 -6.64
N GLN D 517 5.31 -43.22 -7.76
CA GLN D 517 6.33 -44.20 -8.13
C GLN D 517 7.80 -43.78 -8.10
N GLN D 518 8.05 -42.48 -8.13
CA GLN D 518 9.44 -41.99 -8.13
C GLN D 518 9.57 -40.77 -7.23
N SER D 519 10.78 -40.57 -6.70
CA SER D 519 11.05 -39.43 -5.83
C SER D 519 11.90 -38.40 -6.55
N PRO D 520 11.87 -37.14 -6.09
CA PRO D 520 12.66 -36.08 -6.73
C PRO D 520 14.11 -36.14 -6.28
N VAL D 521 14.90 -37.01 -6.90
CA VAL D 521 16.31 -37.14 -6.55
C VAL D 521 17.21 -36.62 -7.67
N LYS E 8 54.95 21.11 -30.17
CA LYS E 8 53.89 21.70 -29.30
C LYS E 8 54.16 21.39 -27.83
N PRO E 9 54.12 22.41 -26.96
CA PRO E 9 54.37 22.20 -25.53
C PRO E 9 53.36 21.23 -24.92
N ALA E 10 53.77 20.53 -23.87
CA ALA E 10 52.89 19.57 -23.23
C ALA E 10 52.68 19.86 -21.75
N VAL E 11 51.46 19.59 -21.28
CA VAL E 11 51.11 19.77 -19.88
C VAL E 11 51.05 18.36 -19.30
N GLU E 12 51.86 18.11 -18.28
CA GLU E 12 51.88 16.79 -17.65
C GLU E 12 50.94 16.79 -16.47
N LEU E 13 49.92 15.95 -16.55
CA LEU E 13 48.93 15.84 -15.48
C LEU E 13 49.19 14.67 -14.56
N ASP E 14 49.38 14.98 -13.28
CA ASP E 14 49.58 13.95 -12.27
C ASP E 14 48.38 14.11 -11.35
N ARG E 15 48.48 15.04 -10.39
CA ARG E 15 47.39 15.28 -9.45
C ARG E 15 46.79 16.67 -9.59
N HIS E 16 47.64 17.67 -9.82
CA HIS E 16 47.20 19.06 -9.90
C HIS E 16 47.56 19.78 -11.20
N ILE E 17 46.66 20.65 -11.64
CA ILE E 17 46.86 21.44 -12.84
C ILE E 17 46.29 22.83 -12.51
N ASP E 18 46.96 23.89 -12.91
CA ASP E 18 46.44 25.21 -12.63
C ASP E 18 45.55 25.67 -13.77
N LEU E 19 44.83 26.77 -13.55
CA LEU E 19 43.91 27.28 -14.57
C LEU E 19 44.55 27.61 -15.91
N ASP E 20 45.78 28.14 -15.89
CA ASP E 20 46.46 28.46 -17.16
C ASP E 20 46.78 27.20 -17.94
N GLN E 21 47.28 26.18 -17.26
CA GLN E 21 47.60 24.91 -17.93
C GLN E 21 46.33 24.30 -18.50
N ALA E 22 45.26 24.34 -17.72
CA ALA E 22 43.98 23.80 -18.14
C ALA E 22 43.51 24.46 -19.43
N HIS E 23 43.57 25.78 -19.48
CA HIS E 23 43.14 26.50 -20.67
C HIS E 23 44.09 26.22 -21.85
N ALA E 24 45.37 26.06 -21.56
CA ALA E 24 46.36 25.77 -22.60
C ALA E 24 45.96 24.50 -23.33
N VAL E 25 45.55 23.48 -22.58
CA VAL E 25 45.13 22.21 -23.14
C VAL E 25 43.79 22.38 -23.85
N ALA E 26 42.83 22.97 -23.14
CA ALA E 26 41.49 23.20 -23.69
C ALA E 26 41.51 23.96 -25.02
N SER E 27 42.33 25.01 -25.09
CA SER E 27 42.43 25.81 -26.32
C SER E 27 43.35 25.17 -27.37
N GLY E 28 43.88 23.99 -27.05
CA GLY E 28 44.74 23.30 -28.00
C GLY E 28 46.14 23.89 -28.15
N GLY E 29 46.52 24.76 -27.22
CA GLY E 29 47.84 25.37 -27.27
C GLY E 29 48.90 24.44 -26.73
N ALA E 30 48.46 23.45 -25.96
CA ALA E 30 49.38 22.49 -25.37
C ALA E 30 48.78 21.09 -25.43
N ARG E 31 49.65 20.09 -25.54
CA ARG E 31 49.21 18.71 -25.56
C ARG E 31 49.10 18.31 -24.10
N ILE E 32 48.40 17.23 -23.81
CA ILE E 32 48.28 16.79 -22.45
C ILE E 32 48.84 15.37 -22.33
N VAL E 33 49.60 15.12 -21.27
CA VAL E 33 50.16 13.81 -21.04
C VAL E 33 49.81 13.40 -19.61
N LEU E 34 49.45 12.14 -19.43
CA LEU E 34 49.11 11.64 -18.12
C LEU E 34 50.39 11.04 -17.52
N ALA E 35 50.87 11.65 -16.44
CA ALA E 35 52.09 11.20 -15.78
C ALA E 35 51.96 9.77 -15.26
N PRO E 36 53.09 9.03 -15.23
CA PRO E 36 53.10 7.65 -14.76
C PRO E 36 52.37 7.45 -13.42
N PRO E 37 52.59 8.33 -12.44
CA PRO E 37 51.92 8.19 -11.14
C PRO E 37 50.41 8.16 -11.29
N ALA E 38 49.89 9.05 -12.15
CA ALA E 38 48.46 9.12 -12.40
C ALA E 38 47.96 7.84 -13.04
N ARG E 39 48.68 7.38 -14.07
CA ARG E 39 48.31 6.13 -14.74
C ARG E 39 48.30 4.98 -13.74
N ASP E 40 49.30 4.94 -12.87
CA ASP E 40 49.37 3.89 -11.87
C ASP E 40 48.16 3.92 -10.94
N ARG E 41 47.84 5.11 -10.40
CA ARG E 41 46.70 5.24 -9.52
C ARG E 41 45.42 4.82 -10.22
N CYS E 42 45.29 5.21 -11.48
CA CYS E 42 44.09 4.85 -12.23
C CYS E 42 43.99 3.36 -12.49
N ARG E 43 45.12 2.71 -12.81
CA ARG E 43 45.07 1.26 -13.02
C ARG E 43 44.62 0.59 -11.72
N ALA E 44 45.09 1.10 -10.58
CA ALA E 44 44.71 0.54 -9.30
C ALA E 44 43.22 0.76 -9.04
N SER E 45 42.70 1.92 -9.45
CA SER E 45 41.28 2.21 -9.26
C SER E 45 40.48 1.29 -10.18
N GLU E 46 41.02 1.06 -11.38
CA GLU E 46 40.36 0.17 -12.34
C GLU E 46 40.22 -1.22 -11.72
N ALA E 47 41.25 -1.65 -11.00
CA ALA E 47 41.23 -2.96 -10.36
C ALA E 47 40.19 -3.00 -9.22
N ARG E 48 40.06 -1.90 -8.50
CA ARG E 48 39.08 -1.84 -7.40
C ARG E 48 37.65 -1.94 -7.92
N LEU E 49 37.39 -1.27 -9.05
CA LEU E 49 36.06 -1.32 -9.63
C LEU E 49 35.75 -2.74 -10.04
N GLY E 50 36.75 -3.42 -10.60
CA GLY E 50 36.58 -4.80 -11.03
C GLY E 50 36.22 -5.69 -9.86
N ALA E 51 36.85 -5.46 -8.72
CA ALA E 51 36.58 -6.26 -7.53
C ALA E 51 35.18 -5.95 -6.98
N VAL E 52 34.81 -4.67 -7.01
CA VAL E 52 33.49 -4.25 -6.53
C VAL E 52 32.38 -4.93 -7.33
N ILE E 53 32.59 -5.06 -8.64
CA ILE E 53 31.59 -5.69 -9.51
C ILE E 53 31.58 -7.19 -9.25
N ARG E 54 32.78 -7.78 -9.22
CA ARG E 54 32.96 -9.20 -8.98
C ARG E 54 32.31 -9.63 -7.67
N GLU E 55 32.43 -8.79 -6.65
CA GLU E 55 31.89 -9.08 -5.33
C GLU E 55 30.42 -8.72 -5.17
N ALA E 56 29.82 -8.19 -6.24
CA ALA E 56 28.41 -7.82 -6.24
C ALA E 56 28.03 -6.83 -5.14
N ARG E 57 28.91 -5.88 -4.86
CA ARG E 57 28.65 -4.89 -3.82
C ARG E 57 27.48 -4.00 -4.25
N HIS E 58 26.69 -3.57 -3.28
CA HIS E 58 25.56 -2.70 -3.57
C HIS E 58 26.12 -1.32 -3.88
N VAL E 59 26.17 -0.98 -5.17
CA VAL E 59 26.71 0.31 -5.61
C VAL E 59 25.84 0.97 -6.69
N TYR E 60 25.57 2.25 -6.53
CA TYR E 60 24.77 3.01 -7.49
C TYR E 60 25.34 2.88 -8.91
N GLY E 61 24.48 2.54 -9.87
CA GLY E 61 24.93 2.41 -11.25
C GLY E 61 25.62 1.10 -11.61
N LEU E 62 25.90 0.27 -10.61
CA LEU E 62 26.52 -1.02 -10.87
C LEU E 62 25.53 -2.12 -10.55
N THR E 63 24.71 -1.90 -9.53
CA THR E 63 23.71 -2.88 -9.13
C THR E 63 22.36 -2.23 -8.82
N THR E 64 22.18 -0.99 -9.27
CA THR E 64 20.93 -0.29 -9.01
C THR E 64 20.49 0.56 -10.20
N GLY E 65 19.24 1.00 -10.15
CA GLY E 65 18.72 1.87 -11.18
C GLY E 65 19.22 3.27 -10.87
N PHE E 66 18.77 4.27 -11.60
CA PHE E 66 19.24 5.63 -11.38
C PHE E 66 18.23 6.55 -10.70
N GLY E 67 18.72 7.60 -10.06
CA GLY E 67 17.85 8.53 -9.38
C GLY E 67 16.98 7.79 -8.39
N PRO E 68 15.66 8.08 -8.38
CA PRO E 68 14.69 7.45 -7.47
C PRO E 68 14.49 5.97 -7.82
N LEU E 69 14.93 5.57 -8.99
CA LEU E 69 14.80 4.18 -9.42
C LEU E 69 15.92 3.29 -8.88
N ALA E 70 16.80 3.89 -8.09
CA ALA E 70 17.92 3.15 -7.49
C ALA E 70 17.43 2.07 -6.55
N ASN E 71 16.14 2.11 -6.18
CA ASN E 71 15.61 1.09 -5.28
C ASN E 71 15.37 -0.21 -6.06
N ARG E 72 15.48 -0.12 -7.38
CA ARG E 72 15.35 -1.31 -8.24
C ARG E 72 16.77 -1.86 -8.39
N LEU E 73 17.04 -3.02 -7.80
CA LEU E 73 18.38 -3.60 -7.90
C LEU E 73 18.52 -4.34 -9.23
N ILE E 74 19.71 -4.24 -9.83
CA ILE E 74 19.98 -4.85 -11.11
C ILE E 74 20.97 -6.00 -11.03
N SER E 75 20.71 -7.07 -11.77
CA SER E 75 21.57 -8.24 -11.80
C SER E 75 22.80 -7.99 -12.66
N GLY E 76 23.91 -8.64 -12.31
CA GLY E 76 25.16 -8.48 -13.03
C GLY E 76 25.14 -8.54 -14.55
N GLU E 77 24.44 -9.52 -15.12
CA GLU E 77 24.37 -9.66 -16.58
C GLU E 77 23.72 -8.48 -17.31
N ASN E 78 22.96 -7.64 -16.58
CA ASN E 78 22.28 -6.52 -17.23
C ASN E 78 22.95 -5.16 -17.03
N VAL E 79 24.16 -5.15 -16.47
CA VAL E 79 24.86 -3.89 -16.23
C VAL E 79 25.24 -3.15 -17.53
N ARG E 80 25.59 -3.89 -18.58
CA ARG E 80 25.94 -3.27 -19.86
C ARG E 80 24.76 -2.46 -20.37
N THR E 81 23.61 -3.12 -20.40
CA THR E 81 22.36 -2.53 -20.86
C THR E 81 22.00 -1.34 -19.97
N LEU E 82 22.17 -1.52 -18.67
CA LEU E 82 21.87 -0.48 -17.69
C LEU E 82 22.64 0.80 -18.03
N GLN E 83 23.96 0.69 -18.13
CA GLN E 83 24.78 1.85 -18.42
C GLN E 83 24.60 2.36 -19.84
N ALA E 84 24.18 1.49 -20.75
CA ALA E 84 23.95 1.90 -22.12
C ALA E 84 22.70 2.79 -22.14
N ASN E 85 21.69 2.37 -21.37
CA ASN E 85 20.45 3.12 -21.29
C ASN E 85 20.66 4.43 -20.54
N LEU E 86 21.63 4.42 -19.62
CA LEU E 86 21.98 5.62 -18.86
C LEU E 86 22.37 6.73 -19.83
N VAL E 87 23.33 6.44 -20.69
CA VAL E 87 23.78 7.43 -21.67
C VAL E 87 22.60 7.89 -22.55
N HIS E 88 21.74 6.95 -22.91
CA HIS E 88 20.58 7.22 -23.75
C HIS E 88 19.54 8.18 -23.19
N PHE E 89 19.02 7.84 -22.02
CA PHE E 89 17.97 8.66 -21.41
C PHE E 89 18.44 10.06 -20.98
N LEU E 90 19.73 10.20 -20.72
CA LEU E 90 20.32 11.48 -20.31
C LEU E 90 20.57 12.43 -21.47
N ALA E 91 20.60 11.91 -22.68
CA ALA E 91 20.86 12.74 -23.86
C ALA E 91 19.64 13.51 -24.35
N SER E 92 19.08 14.34 -23.48
CA SER E 92 17.90 15.13 -23.81
C SER E 92 18.25 16.61 -23.90
N GLY E 93 19.54 16.90 -24.00
CA GLY E 93 20.00 18.28 -24.09
C GLY E 93 19.56 18.99 -25.37
N VAL E 94 19.42 20.32 -25.27
CA VAL E 94 19.03 21.14 -26.41
C VAL E 94 19.81 22.45 -26.38
N GLY E 95 19.59 23.29 -27.37
CA GLY E 95 20.28 24.58 -27.42
C GLY E 95 21.58 24.57 -28.19
N PRO E 96 22.17 25.73 -28.46
CA PRO E 96 23.43 25.77 -29.20
C PRO E 96 24.53 24.98 -28.50
N VAL E 97 25.41 24.35 -29.29
CA VAL E 97 26.48 23.56 -28.72
C VAL E 97 27.51 24.43 -28.02
N LEU E 98 28.21 23.85 -27.06
CA LEU E 98 29.25 24.58 -26.36
C LEU E 98 30.33 24.86 -27.39
N ASP E 99 31.01 25.99 -27.30
CA ASP E 99 32.05 26.26 -28.29
C ASP E 99 33.19 25.27 -28.11
N TRP E 100 34.01 25.14 -29.15
CA TRP E 100 35.15 24.23 -29.21
C TRP E 100 36.02 24.18 -27.94
N THR E 101 36.48 25.34 -27.49
CA THR E 101 37.35 25.40 -26.31
C THR E 101 36.63 24.94 -25.03
N THR E 102 35.41 25.42 -24.86
CA THR E 102 34.62 25.07 -23.68
C THR E 102 34.29 23.59 -23.62
N ALA E 103 33.90 23.02 -24.75
CA ALA E 103 33.58 21.59 -24.81
C ALA E 103 34.81 20.78 -24.44
N ARG E 104 35.98 21.21 -24.93
CA ARG E 104 37.22 20.51 -24.62
C ARG E 104 37.58 20.70 -23.15
N ALA E 105 37.27 21.88 -22.61
CA ALA E 105 37.55 22.17 -21.20
C ALA E 105 36.73 21.20 -20.33
N MET E 106 35.53 20.87 -20.79
CA MET E 106 34.67 19.93 -20.07
C MET E 106 35.32 18.55 -20.06
N VAL E 107 35.81 18.12 -21.22
CA VAL E 107 36.49 16.84 -21.35
C VAL E 107 37.66 16.80 -20.36
N LEU E 108 38.43 17.87 -20.33
CA LEU E 108 39.59 17.94 -19.44
C LEU E 108 39.20 17.88 -17.96
N ALA E 109 38.14 18.58 -17.58
CA ALA E 109 37.68 18.58 -16.20
C ALA E 109 37.38 17.15 -15.73
N ARG E 110 36.70 16.38 -16.59
CA ARG E 110 36.36 15.01 -16.24
C ARG E 110 37.64 14.19 -16.11
N LEU E 111 38.58 14.42 -17.03
CA LEU E 111 39.86 13.71 -17.02
C LEU E 111 40.65 13.99 -15.74
N VAL E 112 40.70 15.26 -15.32
CA VAL E 112 41.43 15.61 -14.11
C VAL E 112 40.81 14.92 -12.91
N SER E 113 39.49 14.87 -12.88
CA SER E 113 38.80 14.20 -11.78
C SER E 113 39.23 12.73 -11.76
N ILE E 114 39.20 12.09 -12.92
CA ILE E 114 39.57 10.68 -13.06
C ILE E 114 41.03 10.44 -12.63
N ALA E 115 41.91 11.38 -12.98
CA ALA E 115 43.32 11.28 -12.68
C ALA E 115 43.66 11.09 -11.21
N GLN E 116 42.73 11.47 -10.32
CA GLN E 116 42.96 11.33 -8.90
C GLN E 116 42.91 9.86 -8.46
N GLY E 117 42.39 9.00 -9.34
CA GLY E 117 42.34 7.58 -9.05
C GLY E 117 41.25 7.00 -8.15
N ALA E 118 40.04 7.54 -8.23
CA ALA E 118 38.92 7.02 -7.42
C ALA E 118 37.66 6.83 -8.26
N SER E 119 37.80 6.87 -9.58
CA SER E 119 36.67 6.72 -10.48
C SER E 119 36.52 5.36 -11.14
N GLY E 120 37.58 4.56 -11.12
CA GLY E 120 37.51 3.24 -11.72
C GLY E 120 37.56 3.21 -13.24
N ALA E 121 37.87 4.35 -13.86
CA ALA E 121 37.95 4.42 -15.32
C ALA E 121 39.04 3.51 -15.88
N SER E 122 38.71 2.77 -16.93
CA SER E 122 39.66 1.86 -17.57
C SER E 122 40.67 2.64 -18.39
N GLU E 123 41.83 2.04 -18.64
CA GLU E 123 42.88 2.70 -19.41
C GLU E 123 42.38 3.17 -20.76
N GLY E 124 41.54 2.36 -21.40
CA GLY E 124 41.00 2.72 -22.70
C GLY E 124 40.09 3.94 -22.64
N THR E 125 39.31 4.05 -21.57
CA THR E 125 38.40 5.17 -21.39
C THR E 125 39.23 6.44 -21.22
N ILE E 126 40.29 6.34 -20.43
CA ILE E 126 41.17 7.49 -20.20
C ILE E 126 41.84 7.87 -21.53
N ALA E 127 42.25 6.86 -22.29
CA ALA E 127 42.92 7.10 -23.57
C ALA E 127 42.03 7.89 -24.54
N ARG E 128 40.72 7.62 -24.52
CA ARG E 128 39.80 8.31 -25.41
C ARG E 128 39.73 9.81 -25.06
N LEU E 129 39.74 10.13 -23.77
CA LEU E 129 39.71 11.53 -23.35
C LEU E 129 41.01 12.23 -23.72
N ILE E 130 42.14 11.56 -23.48
CA ILE E 130 43.44 12.14 -23.80
C ILE E 130 43.57 12.35 -25.30
N ASP E 131 43.14 11.37 -26.09
CA ASP E 131 43.20 11.46 -27.55
C ASP E 131 42.41 12.65 -28.07
N LEU E 132 41.19 12.82 -27.57
CA LEU E 132 40.35 13.93 -27.98
C LEU E 132 41.09 15.24 -27.72
N LEU E 133 41.61 15.39 -26.51
CA LEU E 133 42.33 16.62 -26.14
C LEU E 133 43.58 16.88 -26.97
N ASN E 134 44.21 15.84 -27.48
CA ASN E 134 45.40 16.05 -28.28
C ASN E 134 45.08 16.22 -29.76
N SER E 135 43.80 16.05 -30.11
CA SER E 135 43.34 16.22 -31.49
C SER E 135 42.92 17.67 -31.66
N GLU E 136 42.50 18.02 -32.87
CA GLU E 136 42.05 19.37 -33.17
C GLU E 136 40.53 19.44 -33.09
N LEU E 137 39.92 18.41 -32.50
CA LEU E 137 38.46 18.35 -32.40
C LEU E 137 37.91 18.51 -31.00
N ALA E 138 36.59 18.70 -30.94
CA ALA E 138 35.86 18.83 -29.70
C ALA E 138 34.52 18.18 -29.92
N PRO E 139 33.93 17.59 -28.86
CA PRO E 139 32.63 16.95 -29.07
C PRO E 139 31.61 18.07 -29.21
N ALA E 140 30.55 17.81 -29.97
CA ALA E 140 29.48 18.80 -30.14
C ALA E 140 28.39 18.45 -29.16
N VAL E 141 28.28 19.21 -28.08
CA VAL E 141 27.26 18.92 -27.08
C VAL E 141 26.35 20.11 -26.81
N PRO E 142 25.04 19.88 -26.71
CA PRO E 142 24.10 20.98 -26.45
C PRO E 142 24.43 21.66 -25.11
N SER E 143 24.27 22.97 -25.07
CA SER E 143 24.57 23.73 -23.86
C SER E 143 23.54 23.63 -22.76
N ARG E 144 22.28 23.38 -23.11
CA ARG E 144 21.21 23.31 -22.13
C ARG E 144 20.69 21.91 -21.83
N GLY E 145 20.13 21.76 -20.63
CA GLY E 145 19.56 20.49 -20.23
C GLY E 145 19.90 20.03 -18.83
N THR E 146 21.03 20.47 -18.29
CA THR E 146 21.41 20.04 -16.95
C THR E 146 21.08 21.05 -15.85
N VAL E 147 20.80 20.54 -14.65
CA VAL E 147 20.51 21.38 -13.50
C VAL E 147 21.76 21.45 -12.61
N GLY E 148 22.87 20.92 -13.14
CA GLY E 148 24.13 20.96 -12.43
C GLY E 148 24.19 20.16 -11.13
N1 MDO E 149 23.64 18.95 -11.15
CA1 MDO E 149 23.65 18.10 -9.97
C1 MDO E 149 23.95 16.65 -10.29
CB MDO E 149 22.31 18.27 -9.24
N2 MDO E 149 23.25 15.59 -9.88
CA2 MDO E 149 23.86 14.49 -10.35
C2 MDO E 149 24.95 14.93 -11.06
O2 MDO E 149 25.85 14.20 -11.71
CB2 MDO E 149 23.40 13.07 -10.10
N3 MDO E 149 24.99 16.24 -11.03
CA3 MDO E 149 26.01 17.04 -11.66
C3 MDO E 149 25.61 17.31 -13.12
O3 MDO E 149 24.43 17.32 -13.46
N ASP E 150 26.61 17.53 -13.99
CA ASP E 150 26.36 17.82 -15.40
C ASP E 150 26.20 16.56 -16.25
N LEU E 151 25.24 15.72 -15.88
CA LEU E 151 25.04 14.46 -16.58
C LEU E 151 24.60 14.56 -18.05
N THR E 152 23.68 15.46 -18.35
CA THR E 152 23.21 15.60 -19.73
C THR E 152 24.30 15.90 -20.75
N PRO E 153 25.04 17.01 -20.59
CA PRO E 153 26.10 17.29 -21.57
C PRO E 153 27.18 16.22 -21.63
N LEU E 154 27.47 15.58 -20.50
CA LEU E 154 28.48 14.53 -20.48
C LEU E 154 27.98 13.29 -21.21
N ALA E 155 26.67 13.05 -21.17
CA ALA E 155 26.10 11.90 -21.87
C ALA E 155 26.26 12.13 -23.37
N HIS E 156 26.01 13.37 -23.79
CA HIS E 156 26.14 13.72 -25.20
C HIS E 156 27.62 13.54 -25.61
N MET E 157 28.52 13.92 -24.73
CA MET E 157 29.95 13.77 -24.99
C MET E 157 30.25 12.30 -25.27
N VAL E 158 29.73 11.41 -24.42
CA VAL E 158 29.93 9.98 -24.58
C VAL E 158 29.47 9.50 -25.94
N LEU E 159 28.28 9.95 -26.37
CA LEU E 159 27.75 9.56 -27.67
C LEU E 159 28.71 10.03 -28.75
N CYS E 160 29.20 11.27 -28.62
CA CYS E 160 30.13 11.80 -29.60
C CYS E 160 31.38 10.91 -29.68
N LEU E 161 31.96 10.63 -28.52
CA LEU E 161 33.17 9.81 -28.45
C LEU E 161 32.99 8.38 -28.98
N GLN E 162 31.75 7.91 -29.02
CA GLN E 162 31.45 6.58 -29.54
C GLN E 162 31.21 6.67 -31.04
N GLY E 163 31.24 7.91 -31.56
CA GLY E 163 31.02 8.10 -32.98
C GLY E 163 29.55 8.23 -33.30
N ARG E 164 28.73 8.37 -32.25
CA ARG E 164 27.29 8.50 -32.40
C ARG E 164 26.84 9.94 -32.15
N GLY E 165 27.78 10.86 -32.31
CA GLY E 165 27.47 12.27 -32.12
C GLY E 165 28.44 13.11 -32.92
N ASP E 166 28.05 14.35 -33.20
CA ASP E 166 28.87 15.28 -33.97
C ASP E 166 30.12 15.77 -33.23
N PHE E 167 31.07 16.27 -34.00
CA PHE E 167 32.32 16.82 -33.50
C PHE E 167 32.41 18.23 -34.08
N LEU E 168 33.31 19.04 -33.51
CA LEU E 168 33.52 20.40 -33.99
C LEU E 168 35.00 20.63 -34.27
N ASP E 169 35.33 21.33 -35.34
CA ASP E 169 36.72 21.64 -35.62
C ASP E 169 36.94 22.98 -34.94
N ARG E 170 38.18 23.45 -34.88
CA ARG E 170 38.47 24.73 -34.22
C ARG E 170 37.57 25.88 -34.66
N ASP E 171 37.04 25.81 -35.88
CA ASP E 171 36.18 26.87 -36.42
C ASP E 171 34.72 26.78 -36.07
N GLY E 172 34.30 25.69 -35.44
CA GLY E 172 32.90 25.54 -35.09
C GLY E 172 32.15 24.74 -36.13
N THR E 173 32.87 24.31 -37.18
CA THR E 173 32.27 23.52 -38.24
C THR E 173 31.92 22.15 -37.69
N ARG E 174 30.72 21.66 -38.01
CA ARG E 174 30.29 20.36 -37.51
C ARG E 174 30.62 19.20 -38.44
N LEU E 175 31.05 18.10 -37.84
CA LEU E 175 31.41 16.87 -38.54
C LEU E 175 30.59 15.76 -37.91
N ASP E 176 30.13 14.79 -38.68
CA ASP E 176 29.37 13.71 -38.07
C ASP E 176 30.36 12.84 -37.28
N GLY E 177 29.82 11.95 -36.46
CA GLY E 177 30.67 11.10 -35.64
C GLY E 177 31.75 10.33 -36.38
N ALA E 178 31.37 9.62 -37.43
CA ALA E 178 32.32 8.82 -38.21
C ALA E 178 33.43 9.70 -38.75
N GLU E 179 33.07 10.85 -39.30
CA GLU E 179 34.05 11.77 -39.87
C GLU E 179 34.95 12.33 -38.76
N GLY E 180 34.39 12.50 -37.57
CA GLY E 180 35.15 13.01 -36.45
C GLY E 180 36.19 12.02 -35.99
N LEU E 181 35.79 10.77 -35.81
CA LEU E 181 36.73 9.74 -35.38
C LEU E 181 37.82 9.56 -36.42
N ARG E 182 37.45 9.72 -37.69
CA ARG E 182 38.36 9.58 -38.81
C ARG E 182 39.39 10.70 -38.84
N ARG E 183 38.90 11.92 -38.96
CA ARG E 183 39.78 13.09 -39.02
C ARG E 183 40.66 13.23 -37.79
N GLY E 184 40.11 13.01 -36.61
CA GLY E 184 40.90 13.15 -35.39
C GLY E 184 41.73 11.91 -35.09
N ARG E 185 41.60 10.89 -35.94
CA ARG E 185 42.32 9.64 -35.73
C ARG E 185 42.02 9.14 -34.33
N LEU E 186 40.73 9.06 -34.03
CA LEU E 186 40.26 8.60 -32.73
C LEU E 186 39.66 7.21 -32.79
N GLN E 187 39.70 6.50 -31.68
CA GLN E 187 39.12 5.17 -31.58
C GLN E 187 37.77 5.34 -30.91
N PRO E 188 36.76 4.56 -31.34
CA PRO E 188 35.44 4.68 -30.73
C PRO E 188 35.47 4.25 -29.26
N LEU E 189 34.83 5.04 -28.39
CA LEU E 189 34.79 4.74 -26.97
C LEU E 189 34.12 3.39 -26.70
N ASP E 190 34.75 2.58 -25.84
CA ASP E 190 34.23 1.27 -25.48
C ASP E 190 33.99 1.22 -23.97
N LEU E 191 32.73 1.05 -23.56
CA LEU E 191 32.41 1.02 -22.14
C LEU E 191 32.16 -0.39 -21.58
N SER E 192 32.74 -1.40 -22.22
CA SER E 192 32.57 -2.79 -21.79
C SER E 192 32.99 -3.04 -20.34
N HIS E 193 33.92 -2.25 -19.80
CA HIS E 193 34.36 -2.44 -18.43
C HIS E 193 33.36 -1.97 -17.38
N ARG E 194 32.24 -1.41 -17.84
CA ARG E 194 31.20 -0.93 -16.94
C ARG E 194 31.68 0.29 -16.14
N ASP E 195 32.47 1.13 -16.80
CA ASP E 195 33.01 2.33 -16.18
C ASP E 195 32.33 3.58 -16.76
N ALA E 196 31.08 3.43 -17.17
CA ALA E 196 30.34 4.56 -17.75
C ALA E 196 30.13 5.70 -16.76
N LEU E 197 30.04 5.40 -15.48
CA LEU E 197 29.84 6.45 -14.48
C LEU E 197 31.12 7.29 -14.28
N ALA E 198 32.22 6.84 -14.88
CA ALA E 198 33.46 7.60 -14.76
C ALA E 198 33.44 8.77 -15.75
N LEU E 199 32.55 8.68 -16.74
CA LEU E 199 32.43 9.72 -17.77
C LEU E 199 31.18 10.58 -17.59
N VAL E 200 30.12 9.99 -17.09
CA VAL E 200 28.88 10.72 -16.87
C VAL E 200 28.80 10.94 -15.36
N ASN E 201 29.43 12.01 -14.90
CA ASN E 201 29.49 12.29 -13.47
C ASN E 201 30.13 13.65 -13.20
N GLY E 202 29.99 14.13 -11.98
CA GLY E 202 30.59 15.39 -11.58
C GLY E 202 30.08 16.70 -12.15
N THR E 203 30.92 17.72 -12.02
CA THR E 203 30.63 19.07 -12.46
C THR E 203 31.52 19.49 -13.62
N SER E 204 31.85 18.54 -14.47
CA SER E 204 32.75 18.79 -15.60
C SER E 204 32.34 19.91 -16.55
N ALA E 205 31.06 20.03 -16.85
CA ALA E 205 30.61 21.06 -17.78
C ALA E 205 30.74 22.47 -17.21
N MET E 206 30.17 22.69 -16.02
CA MET E 206 30.23 24.03 -15.42
C MET E 206 31.66 24.41 -15.11
N THR E 207 32.47 23.44 -14.72
CA THR E 207 33.87 23.69 -14.40
C THR E 207 34.63 24.07 -15.68
N GLY E 208 34.32 23.39 -16.79
CA GLY E 208 34.98 23.71 -18.04
C GLY E 208 34.59 25.12 -18.50
N ILE E 209 33.30 25.42 -18.43
CA ILE E 209 32.83 26.75 -18.82
C ILE E 209 33.49 27.81 -17.94
N ALA E 210 33.53 27.56 -16.64
CA ALA E 210 34.12 28.52 -15.69
C ALA E 210 35.62 28.73 -15.90
N LEU E 211 36.36 27.69 -16.27
CA LEU E 211 37.79 27.89 -16.46
C LEU E 211 38.03 28.75 -17.70
N VAL E 212 37.16 28.62 -18.69
CA VAL E 212 37.29 29.43 -19.89
C VAL E 212 36.93 30.88 -19.50
N ASN E 213 35.94 31.04 -18.61
CA ASN E 213 35.54 32.36 -18.15
C ASN E 213 36.70 33.02 -17.40
N ALA E 214 37.36 32.23 -16.56
CA ALA E 214 38.48 32.73 -15.77
C ALA E 214 39.58 33.30 -16.67
N HIS E 215 39.91 32.56 -17.74
CA HIS E 215 40.95 32.99 -18.66
C HIS E 215 40.58 34.30 -19.36
N ALA E 216 39.36 34.38 -19.88
CA ALA E 216 38.89 35.58 -20.57
C ALA E 216 38.89 36.79 -19.65
N CYS E 217 38.45 36.61 -18.41
CA CYS E 217 38.40 37.72 -17.47
C CYS E 217 39.78 38.31 -17.15
N ARG E 218 40.81 37.47 -17.16
CA ARG E 218 42.14 37.97 -16.90
C ARG E 218 42.54 38.93 -18.01
N HIS E 219 42.30 38.53 -19.26
CA HIS E 219 42.63 39.40 -20.39
C HIS E 219 41.79 40.67 -20.39
N LEU E 220 40.49 40.54 -20.21
CA LEU E 220 39.63 41.71 -20.19
C LEU E 220 40.03 42.63 -19.04
N GLY E 221 40.45 42.03 -17.93
CA GLY E 221 40.88 42.82 -16.79
C GLY E 221 42.10 43.64 -17.16
N ASN E 222 43.02 43.05 -17.94
CA ASN E 222 44.22 43.77 -18.35
C ASN E 222 43.83 44.89 -19.31
N TRP E 223 42.79 44.68 -20.10
CA TRP E 223 42.34 45.72 -21.02
C TRP E 223 41.66 46.84 -20.26
N ALA E 224 40.86 46.48 -19.26
CA ALA E 224 40.16 47.49 -18.47
C ALA E 224 41.19 48.43 -17.83
N VAL E 225 42.28 47.87 -17.35
CA VAL E 225 43.34 48.65 -16.73
C VAL E 225 44.06 49.50 -17.78
N ALA E 226 44.43 48.89 -18.89
CA ALA E 226 45.14 49.60 -19.96
C ALA E 226 44.32 50.73 -20.56
N LEU E 227 43.03 50.52 -20.73
CA LEU E 227 42.18 51.55 -21.31
C LEU E 227 41.90 52.67 -20.30
N THR E 228 41.81 52.32 -19.02
CA THR E 228 41.58 53.33 -17.98
C THR E 228 42.80 54.25 -17.96
N ALA E 229 43.98 53.65 -18.10
CA ALA E 229 45.24 54.42 -18.11
C ALA E 229 45.30 55.32 -19.33
N LEU E 230 44.99 54.77 -20.50
CA LEU E 230 45.02 55.57 -21.72
C LEU E 230 43.98 56.69 -21.62
N LEU E 231 42.85 56.39 -20.99
CA LEU E 231 41.81 57.40 -20.81
C LEU E 231 42.38 58.61 -20.07
N ALA E 232 43.19 58.34 -19.05
CA ALA E 232 43.82 59.39 -18.25
C ALA E 232 44.73 60.24 -19.13
N GLU E 233 45.42 59.59 -20.05
CA GLU E 233 46.33 60.29 -20.95
C GLU E 233 45.57 61.16 -21.96
N CYS E 234 44.30 60.85 -22.18
CA CYS E 234 43.48 61.62 -23.12
C CYS E 234 42.69 62.74 -22.44
N LEU E 235 42.54 62.67 -21.12
CA LEU E 235 41.79 63.67 -20.39
C LEU E 235 42.61 64.35 -19.28
N ARG E 236 43.94 64.32 -19.42
CA ARG E 236 44.80 64.93 -18.41
C ARG E 236 44.44 64.44 -17.01
N GLY E 237 44.26 63.13 -16.87
CA GLY E 237 43.90 62.57 -15.57
C GLY E 237 44.98 62.74 -14.52
N ARG E 238 44.56 62.78 -13.25
CA ARG E 238 45.47 62.94 -12.12
C ARG E 238 45.93 61.59 -11.59
N THR E 239 47.24 61.38 -11.57
CA THR E 239 47.80 60.12 -11.10
C THR E 239 47.85 59.98 -9.58
N GLU E 240 47.71 61.08 -8.85
CA GLU E 240 47.79 60.96 -7.40
C GLU E 240 46.69 60.08 -6.82
N ALA E 241 45.55 59.97 -7.51
CA ALA E 241 44.47 59.12 -7.03
C ALA E 241 44.87 57.65 -7.07
N TRP E 242 45.91 57.35 -7.85
CA TRP E 242 46.37 55.97 -7.99
C TRP E 242 47.64 55.69 -7.18
N ALA E 243 47.98 56.60 -6.26
CA ALA E 243 49.18 56.46 -5.44
C ALA E 243 49.17 55.22 -4.56
N ALA E 244 50.33 54.59 -4.42
CA ALA E 244 50.48 53.40 -3.60
C ALA E 244 50.04 53.67 -2.16
N ALA E 245 50.34 54.86 -1.66
CA ALA E 245 49.98 55.23 -0.29
C ALA E 245 48.50 55.02 0.01
N LEU E 246 47.65 55.32 -0.97
CA LEU E 246 46.22 55.14 -0.80
C LEU E 246 45.87 53.67 -0.69
N SER E 247 46.58 52.84 -1.45
CA SER E 247 46.34 51.40 -1.43
C SER E 247 46.68 50.83 -0.05
N ASP E 248 47.81 51.26 0.49
CA ASP E 248 48.24 50.78 1.80
C ASP E 248 47.24 51.15 2.89
N LEU E 249 46.55 52.27 2.73
CA LEU E 249 45.56 52.71 3.71
C LEU E 249 44.29 51.85 3.68
N ARG E 250 44.00 51.25 2.53
CA ARG E 250 42.84 50.37 2.35
C ARG E 250 43.39 49.17 1.57
N PRO E 251 44.19 48.33 2.24
CA PRO E 251 44.87 47.12 1.74
C PRO E 251 44.13 45.96 1.07
N HIS E 252 43.15 46.24 0.22
CA HIS E 252 42.49 45.17 -0.50
C HIS E 252 43.50 44.73 -1.57
N PRO E 253 43.87 43.44 -1.61
CA PRO E 253 44.83 42.97 -2.60
C PRO E 253 44.50 43.37 -4.05
N GLY E 254 43.24 43.23 -4.43
CA GLY E 254 42.84 43.58 -5.78
C GLY E 254 43.01 45.06 -6.10
N GLN E 255 42.74 45.91 -5.11
CA GLN E 255 42.87 47.35 -5.30
C GLN E 255 44.34 47.74 -5.39
N LYS E 256 45.16 47.19 -4.52
CA LYS E 256 46.59 47.50 -4.52
C LYS E 256 47.18 47.13 -5.89
N ASP E 257 46.81 45.95 -6.36
CA ASP E 257 47.28 45.45 -7.66
C ASP E 257 46.78 46.33 -8.81
N ALA E 258 45.51 46.73 -8.77
CA ALA E 258 44.94 47.57 -9.81
C ALA E 258 45.63 48.94 -9.87
N ALA E 259 45.86 49.54 -8.70
CA ALA E 259 46.53 50.84 -8.65
C ALA E 259 47.96 50.74 -9.17
N ALA E 260 48.66 49.67 -8.79
CA ALA E 260 50.03 49.45 -9.22
C ALA E 260 50.09 49.31 -10.74
N ARG E 261 49.18 48.51 -11.29
CA ARG E 261 49.12 48.28 -12.73
C ARG E 261 48.76 49.56 -13.48
N LEU E 262 47.90 50.38 -12.89
CA LEU E 262 47.51 51.63 -13.51
C LEU E 262 48.71 52.56 -13.56
N ARG E 263 49.44 52.63 -12.44
CA ARG E 263 50.64 53.48 -12.37
C ARG E 263 51.66 53.03 -13.41
N ALA E 264 51.82 51.71 -13.53
CA ALA E 264 52.78 51.16 -14.48
C ALA E 264 52.41 51.54 -15.92
N ARG E 265 51.11 51.49 -16.25
CA ARG E 265 50.65 51.81 -17.60
C ARG E 265 50.96 53.25 -18.01
N VAL E 266 50.83 54.19 -17.09
CA VAL E 266 51.09 55.58 -17.43
C VAL E 266 52.51 56.07 -17.16
N ASP E 267 53.39 55.14 -16.80
CA ASP E 267 54.78 55.51 -16.54
C ASP E 267 55.38 56.06 -17.83
N GLY E 268 56.08 57.19 -17.73
CA GLY E 268 56.67 57.78 -18.92
C GLY E 268 55.74 58.75 -19.63
N SER E 269 54.50 58.84 -19.18
CA SER E 269 53.54 59.75 -19.81
C SER E 269 53.72 61.20 -19.38
N ALA E 270 53.57 62.11 -20.34
CA ALA E 270 53.69 63.54 -20.08
C ALA E 270 52.30 64.16 -20.20
N ARG E 271 51.31 63.31 -20.50
CA ARG E 271 49.94 63.78 -20.67
C ARG E 271 49.09 63.77 -19.39
N VAL E 272 49.52 63.00 -18.40
CA VAL E 272 48.79 62.94 -17.13
C VAL E 272 49.29 64.00 -16.16
N VAL E 273 48.48 64.34 -15.17
CA VAL E 273 48.87 65.33 -14.16
C VAL E 273 49.38 64.57 -12.94
N ARG E 274 50.64 64.78 -12.61
CA ARG E 274 51.25 64.09 -11.49
C ARG E 274 51.35 64.91 -10.20
N HIS E 275 51.05 66.20 -10.28
CA HIS E 275 51.14 67.05 -9.10
C HIS E 275 50.12 66.71 -8.03
N VAL E 276 50.57 66.62 -6.79
CA VAL E 276 49.68 66.34 -5.66
C VAL E 276 49.14 67.72 -5.27
N ILE E 277 47.82 67.90 -5.41
CA ILE E 277 47.22 69.19 -5.12
C ILE E 277 47.48 69.80 -3.73
N ALA E 278 47.60 68.95 -2.71
CA ALA E 278 47.83 69.44 -1.36
C ALA E 278 49.21 70.09 -1.16
N GLU E 279 50.09 69.93 -2.15
CA GLU E 279 51.43 70.51 -2.07
C GLU E 279 51.34 72.02 -2.24
N ARG E 280 50.33 72.45 -2.99
CA ARG E 280 50.11 73.86 -3.27
C ARG E 280 49.62 74.66 -2.07
N ARG E 281 50.28 75.78 -1.80
CA ARG E 281 49.89 76.67 -0.70
C ARG E 281 49.12 77.82 -1.32
N LEU E 282 47.87 77.98 -0.89
CA LEU E 282 47.00 79.03 -1.42
C LEU E 282 47.15 80.38 -0.73
N ASP E 283 46.93 81.44 -1.48
CA ASP E 283 46.99 82.81 -0.94
C ASP E 283 45.68 83.52 -1.26
N ALA E 284 45.56 84.76 -0.81
CA ALA E 284 44.35 85.54 -1.03
C ALA E 284 43.89 85.55 -2.49
N GLY E 285 44.83 85.84 -3.40
CA GLY E 285 44.50 85.89 -4.81
C GLY E 285 44.01 84.61 -5.46
N ASP E 286 43.97 83.52 -4.70
CA ASP E 286 43.53 82.25 -5.26
C ASP E 286 42.03 81.97 -5.04
N ILE E 287 41.43 82.65 -4.06
CA ILE E 287 40.02 82.45 -3.78
C ILE E 287 39.14 82.84 -4.96
N GLY E 288 38.31 81.90 -5.40
CA GLY E 288 37.43 82.14 -6.52
C GLY E 288 37.03 80.83 -7.18
N THR E 289 36.71 80.87 -8.47
CA THR E 289 36.32 79.68 -9.19
C THR E 289 37.38 79.26 -10.20
N GLU E 290 37.88 78.04 -10.05
CA GLU E 290 38.89 77.49 -10.94
C GLU E 290 38.20 76.81 -12.12
N PRO E 291 38.91 76.71 -13.26
CA PRO E 291 38.36 76.07 -14.45
C PRO E 291 37.93 74.62 -14.20
N GLU E 292 38.74 73.88 -13.44
CA GLU E 292 38.44 72.49 -13.14
C GLU E 292 38.68 72.17 -11.67
N ALA E 293 38.00 71.14 -11.17
CA ALA E 293 38.15 70.73 -9.78
C ALA E 293 39.51 70.06 -9.59
N GLY E 294 39.93 69.91 -8.34
CA GLY E 294 41.21 69.29 -8.06
C GLY E 294 41.24 67.78 -8.07
N GLN E 295 40.12 67.16 -8.41
CA GLN E 295 40.02 65.69 -8.47
C GLN E 295 39.22 65.29 -9.70
N ASP E 296 39.49 64.11 -10.23
CA ASP E 296 38.78 63.63 -11.42
C ASP E 296 37.45 62.97 -11.03
N ALA E 297 36.59 62.80 -12.03
CA ALA E 297 35.32 62.14 -11.84
C ALA E 297 35.66 60.71 -11.43
N TYR E 298 34.70 60.02 -10.83
CA TYR E 298 34.94 58.66 -10.35
C TYR E 298 35.43 57.65 -11.37
N SER E 299 35.00 57.77 -12.63
CA SER E 299 35.44 56.82 -13.65
C SER E 299 36.96 56.78 -13.82
N LEU E 300 37.64 57.77 -13.24
CA LEU E 300 39.10 57.80 -13.27
C LEU E 300 39.64 57.70 -11.85
N ARG E 301 39.19 58.61 -10.98
CA ARG E 301 39.65 58.64 -9.60
C ARG E 301 39.37 57.39 -8.77
N CYS E 302 38.26 56.72 -9.05
CA CYS E 302 37.89 55.51 -8.30
C CYS E 302 38.17 54.21 -9.06
N ALA E 303 38.94 54.29 -10.14
CA ALA E 303 39.25 53.09 -10.94
C ALA E 303 39.91 51.99 -10.11
N PRO E 304 40.86 52.33 -9.23
CA PRO E 304 41.51 51.30 -8.41
C PRO E 304 40.52 50.54 -7.53
N GLN E 305 39.55 51.26 -6.99
CA GLN E 305 38.52 50.68 -6.12
C GLN E 305 37.52 49.81 -6.86
N VAL E 306 37.03 50.28 -8.00
CA VAL E 306 36.06 49.51 -8.77
C VAL E 306 36.76 48.29 -9.36
N LEU E 307 37.82 48.52 -10.12
CA LEU E 307 38.58 47.43 -10.73
C LEU E 307 39.08 46.46 -9.67
N GLY E 308 39.57 47.01 -8.56
CA GLY E 308 40.08 46.18 -7.47
C GLY E 308 39.05 45.22 -6.87
N ALA E 309 37.82 45.69 -6.69
CA ALA E 309 36.77 44.84 -6.12
C ALA E 309 36.46 43.71 -7.10
N GLY E 310 36.49 44.03 -8.39
CA GLY E 310 36.24 43.00 -9.39
C GLY E 310 37.38 42.00 -9.41
N PHE E 311 38.61 42.48 -9.24
CA PHE E 311 39.76 41.60 -9.23
C PHE E 311 39.74 40.67 -8.03
N ASP E 312 39.27 41.16 -6.88
CA ASP E 312 39.19 40.32 -5.70
C ASP E 312 38.09 39.28 -5.87
N THR E 313 37.07 39.61 -6.65
CA THR E 313 35.97 38.67 -6.90
C THR E 313 36.51 37.58 -7.83
N LEU E 314 37.28 37.97 -8.83
CA LEU E 314 37.85 37.00 -9.77
C LEU E 314 38.82 36.09 -9.03
N ALA E 315 39.58 36.65 -8.09
CA ALA E 315 40.54 35.87 -7.30
C ALA E 315 39.82 34.79 -6.49
N TRP E 316 38.68 35.14 -5.88
CA TRP E 316 37.91 34.18 -5.10
C TRP E 316 37.35 33.11 -6.04
N HIS E 317 36.79 33.55 -7.16
CA HIS E 317 36.25 32.64 -8.16
C HIS E 317 37.33 31.61 -8.54
N ASP E 318 38.52 32.12 -8.85
CA ASP E 318 39.63 31.28 -9.25
C ASP E 318 40.14 30.32 -8.17
N ARG E 319 40.13 30.73 -6.90
CA ARG E 319 40.57 29.85 -5.82
C ARG E 319 39.64 28.64 -5.74
N VAL E 320 38.35 28.93 -5.70
CA VAL E 320 37.32 27.90 -5.62
C VAL E 320 37.33 27.01 -6.86
N LEU E 321 37.49 27.62 -8.04
CA LEU E 321 37.50 26.86 -9.28
C LEU E 321 38.72 25.94 -9.34
N THR E 322 39.86 26.41 -8.85
CA THR E 322 41.06 25.58 -8.86
C THR E 322 40.83 24.33 -8.01
N ILE E 323 40.14 24.49 -6.90
CA ILE E 323 39.86 23.34 -6.03
C ILE E 323 38.93 22.37 -6.75
N GLU E 324 37.86 22.92 -7.34
CA GLU E 324 36.87 22.13 -8.05
C GLU E 324 37.45 21.34 -9.21
N LEU E 325 38.24 22.01 -10.04
CA LEU E 325 38.88 21.37 -11.20
C LEU E 325 39.75 20.19 -10.81
N ASN E 326 40.50 20.35 -9.72
CA ASN E 326 41.40 19.30 -9.27
C ASN E 326 40.82 18.32 -8.27
N ALA E 327 39.50 18.39 -8.09
CA ALA E 327 38.81 17.50 -7.16
C ALA E 327 38.11 16.35 -7.87
N VAL E 328 37.55 15.44 -7.09
CA VAL E 328 36.81 14.32 -7.63
C VAL E 328 35.35 14.63 -7.29
N THR E 329 34.56 14.96 -8.31
CA THR E 329 33.16 15.30 -8.08
C THR E 329 32.22 14.14 -8.42
N ASP E 330 32.79 12.94 -8.56
CA ASP E 330 32.04 11.72 -8.89
C ASP E 330 31.20 11.15 -7.75
N ASN E 331 30.21 10.35 -8.14
CA ASN E 331 29.35 9.61 -7.22
C ASN E 331 28.86 8.41 -8.04
N PRO E 332 29.10 7.20 -7.54
CA PRO E 332 29.82 6.91 -6.30
C PRO E 332 31.31 7.01 -6.54
N VAL E 333 32.09 6.88 -5.47
CA VAL E 333 33.55 6.95 -5.59
C VAL E 333 34.17 5.72 -4.93
N PHE E 334 35.37 5.36 -5.38
CA PHE E 334 36.05 4.19 -4.87
C PHE E 334 37.34 4.61 -4.15
N PRO E 335 37.30 4.61 -2.80
CA PRO E 335 38.42 4.98 -1.93
C PRO E 335 39.73 4.25 -2.23
N PRO E 336 40.78 5.00 -2.59
CA PRO E 336 42.09 4.43 -2.90
C PRO E 336 42.68 3.62 -1.74
N ASP E 337 42.36 4.01 -0.51
CA ASP E 337 42.88 3.32 0.67
C ASP E 337 42.20 1.97 0.92
N GLY E 338 41.07 1.73 0.26
CA GLY E 338 40.36 0.47 0.44
C GLY E 338 39.57 0.33 1.73
N SER E 339 39.43 1.42 2.47
CA SER E 339 38.68 1.39 3.73
C SER E 339 37.29 0.77 3.51
N VAL E 340 36.57 1.26 2.51
CA VAL E 340 35.25 0.74 2.16
C VAL E 340 35.26 0.49 0.66
N PRO E 341 34.41 -0.41 0.16
CA PRO E 341 34.38 -0.69 -1.28
C PRO E 341 34.02 0.53 -2.12
N ALA E 342 33.11 1.35 -1.60
CA ALA E 342 32.69 2.56 -2.32
C ALA E 342 31.92 3.47 -1.37
N LEU E 343 31.91 4.76 -1.71
CA LEU E 343 31.21 5.77 -0.92
C LEU E 343 30.13 6.42 -1.75
N HIS E 344 28.98 6.72 -1.13
CA HIS E 344 27.88 7.36 -1.82
C HIS E 344 27.58 8.68 -1.14
N GLY E 345 27.53 9.76 -1.92
CA GLY E 345 27.27 11.08 -1.39
C GLY E 345 26.82 12.04 -2.47
N GLY E 346 27.15 13.31 -2.33
CA GLY E 346 26.74 14.27 -3.33
C GLY E 346 27.80 15.22 -3.84
N ASN E 347 29.01 14.74 -4.08
CA ASN E 347 30.08 15.63 -4.56
C ASN E 347 29.86 16.19 -5.96
N PHE E 348 28.74 15.81 -6.57
CA PHE E 348 28.38 16.29 -7.90
C PHE E 348 27.54 17.56 -7.82
N MET E 349 27.15 17.95 -6.61
CA MET E 349 26.34 19.16 -6.42
C MET E 349 27.21 20.37 -6.70
N GLY E 350 27.00 21.00 -7.85
CA GLY E 350 27.83 22.14 -8.23
C GLY E 350 27.51 23.49 -7.61
N GLN E 351 27.26 23.53 -6.32
CA GLN E 351 26.94 24.79 -5.66
C GLN E 351 28.12 25.76 -5.65
N HIS E 352 29.34 25.26 -5.54
CA HIS E 352 30.51 26.15 -5.51
C HIS E 352 30.70 26.92 -6.82
N VAL E 353 30.63 26.24 -7.95
CA VAL E 353 30.80 26.94 -9.23
C VAL E 353 29.60 27.86 -9.46
N ALA E 354 28.43 27.43 -9.00
CA ALA E 354 27.22 28.24 -9.16
C ALA E 354 27.33 29.59 -8.45
N LEU E 355 27.75 29.57 -7.18
CA LEU E 355 27.87 30.81 -6.43
C LEU E 355 29.02 31.70 -6.91
N THR E 356 30.17 31.10 -7.23
CA THR E 356 31.29 31.91 -7.70
C THR E 356 31.01 32.45 -9.10
N SER E 357 30.32 31.68 -9.93
CA SER E 357 29.97 32.16 -11.27
C SER E 357 29.02 33.36 -11.16
N ASP E 358 28.02 33.25 -10.29
CA ASP E 358 27.06 34.35 -10.12
C ASP E 358 27.75 35.60 -9.57
N ALA E 359 28.68 35.42 -8.64
CA ALA E 359 29.40 36.56 -8.06
C ALA E 359 30.26 37.23 -9.12
N LEU E 360 30.94 36.42 -9.93
CA LEU E 360 31.80 36.94 -10.99
C LEU E 360 30.97 37.69 -12.03
N ALA E 361 29.78 37.15 -12.33
CA ALA E 361 28.89 37.78 -13.30
C ALA E 361 28.52 39.19 -12.85
N THR E 362 28.28 39.36 -11.55
CA THR E 362 27.93 40.68 -11.01
C THR E 362 29.15 41.60 -11.14
N ALA E 363 30.32 41.08 -10.81
CA ALA E 363 31.55 41.89 -10.90
C ALA E 363 31.79 42.29 -12.35
N VAL E 364 31.55 41.36 -13.27
CA VAL E 364 31.74 41.63 -14.68
C VAL E 364 30.80 42.74 -15.14
N THR E 365 29.55 42.68 -14.69
CA THR E 365 28.56 43.70 -15.05
C THR E 365 28.97 45.06 -14.50
N VAL E 366 29.52 45.08 -13.28
CA VAL E 366 29.98 46.32 -12.65
C VAL E 366 31.15 46.92 -13.43
N LEU E 367 32.15 46.10 -13.73
CA LEU E 367 33.32 46.59 -14.46
C LEU E 367 32.94 47.05 -15.87
N ALA E 368 31.99 46.35 -16.49
CA ALA E 368 31.55 46.73 -17.83
C ALA E 368 30.85 48.09 -17.73
N GLY E 369 30.19 48.33 -16.60
CA GLY E 369 29.50 49.59 -16.40
C GLY E 369 30.52 50.72 -16.33
N LEU E 370 31.67 50.43 -15.72
CA LEU E 370 32.73 51.41 -15.60
C LEU E 370 33.24 51.79 -16.99
N ALA E 371 33.48 50.80 -17.83
CA ALA E 371 33.97 51.04 -19.18
C ALA E 371 32.94 51.83 -19.99
N GLU E 372 31.67 51.49 -19.81
CA GLU E 372 30.59 52.17 -20.51
C GLU E 372 30.53 53.65 -20.12
N ARG E 373 30.73 53.96 -18.85
CA ARG E 373 30.70 55.36 -18.42
C ARG E 373 31.96 56.10 -18.89
N GLN E 374 33.06 55.37 -19.07
CA GLN E 374 34.30 55.99 -19.53
C GLN E 374 34.10 56.40 -20.99
N ILE E 375 33.37 55.57 -21.74
CA ILE E 375 33.07 55.88 -23.12
C ILE E 375 32.13 57.09 -23.12
N ALA E 376 31.12 57.05 -22.26
CA ALA E 376 30.16 58.14 -22.16
C ALA E 376 30.83 59.47 -21.85
N ARG E 377 31.87 59.44 -21.00
CA ARG E 377 32.58 60.67 -20.65
C ARG E 377 33.49 61.16 -21.77
N LEU E 378 34.28 60.25 -22.34
CA LEU E 378 35.22 60.59 -23.41
C LEU E 378 34.56 61.13 -24.67
N THR E 379 33.35 60.68 -24.98
CA THR E 379 32.65 61.13 -26.18
C THR E 379 31.75 62.35 -25.98
N ASP E 380 31.63 62.82 -24.75
CA ASP E 380 30.78 63.97 -24.43
C ASP E 380 31.61 65.26 -24.51
N GLU E 381 31.32 66.11 -25.49
CA GLU E 381 32.08 67.35 -25.67
C GLU E 381 32.03 68.27 -24.45
N ARG E 382 31.06 68.07 -23.57
CA ARG E 382 30.96 68.90 -22.38
C ARG E 382 31.81 68.34 -21.23
N LEU E 383 32.25 67.10 -21.38
CA LEU E 383 33.03 66.45 -20.33
C LEU E 383 34.42 65.99 -20.77
N ASN E 384 34.69 65.99 -22.08
CA ASN E 384 35.99 65.51 -22.55
C ASN E 384 37.09 66.56 -22.70
N ARG E 385 36.93 67.68 -22.02
CA ARG E 385 37.92 68.75 -22.04
C ARG E 385 38.52 69.14 -23.38
N GLY E 386 37.69 69.61 -24.30
CA GLY E 386 38.19 70.05 -25.58
C GLY E 386 38.25 69.10 -26.75
N LEU E 387 37.89 67.83 -26.53
CA LEU E 387 37.91 66.88 -27.64
C LEU E 387 36.63 67.02 -28.46
N PRO E 388 36.69 66.69 -29.76
CA PRO E 388 35.51 66.79 -30.62
C PRO E 388 34.35 65.96 -30.09
N PRO E 389 33.11 66.42 -30.30
CA PRO E 389 32.00 65.62 -29.79
C PRO E 389 32.02 64.26 -30.48
N PHE E 390 31.99 63.20 -29.66
CA PHE E 390 32.00 61.82 -30.16
C PHE E 390 33.26 61.50 -30.95
N LEU E 391 34.31 62.27 -30.70
CA LEU E 391 35.62 62.08 -31.32
C LEU E 391 35.61 62.03 -32.85
N HIS E 392 34.68 62.77 -33.48
CA HIS E 392 34.62 62.76 -34.93
C HIS E 392 35.77 63.53 -35.57
N ARG E 393 35.93 63.33 -36.87
CA ARG E 393 36.92 64.05 -37.65
C ARG E 393 36.11 64.58 -38.83
N GLY E 394 36.64 65.57 -39.53
CA GLY E 394 35.89 66.14 -40.64
C GLY E 394 34.91 67.14 -40.07
N PRO E 395 34.06 67.78 -40.89
CA PRO E 395 33.09 68.75 -40.39
C PRO E 395 32.10 68.20 -39.36
N ALA E 396 31.96 68.91 -38.24
CA ALA E 396 31.04 68.49 -37.19
C ALA E 396 29.60 68.59 -37.69
N GLY E 397 28.78 67.61 -37.36
CA GLY E 397 27.40 67.64 -37.84
C GLY E 397 27.31 66.73 -39.05
N LEU E 398 28.12 67.02 -40.07
CA LEU E 398 28.15 66.18 -41.26
C LEU E 398 28.68 64.83 -40.82
N ASN E 399 29.59 64.89 -39.82
CA ASN E 399 30.21 63.69 -39.26
C ASN E 399 29.77 63.55 -37.79
N SER E 400 29.53 62.32 -37.38
CA SER E 400 29.10 62.06 -36.00
C SER E 400 30.07 61.14 -35.27
N GLY E 401 31.09 60.69 -35.98
CA GLY E 401 32.09 59.81 -35.40
C GLY E 401 31.59 58.56 -34.71
N PHE E 402 31.88 58.46 -33.42
CA PHE E 402 31.48 57.31 -32.62
C PHE E 402 30.13 57.47 -31.92
N MET E 403 29.33 58.43 -32.36
CA MET E 403 28.04 58.66 -31.74
C MET E 403 27.16 57.41 -31.75
N GLY E 404 27.25 56.63 -32.82
CA GLY E 404 26.46 55.41 -32.89
C GLY E 404 27.02 54.34 -31.97
N ALA E 405 28.33 54.12 -32.04
CA ALA E 405 29.00 53.13 -31.20
C ALA E 405 28.84 53.39 -29.71
N GLN E 406 28.79 54.67 -29.32
CA GLN E 406 28.63 55.01 -27.90
C GLN E 406 27.30 54.49 -27.37
N VAL E 407 26.24 54.67 -28.15
CA VAL E 407 24.91 54.21 -27.77
C VAL E 407 24.88 52.68 -27.75
N THR E 408 25.56 52.05 -28.70
CA THR E 408 25.63 50.59 -28.75
C THR E 408 26.26 50.08 -27.45
N ALA E 409 27.30 50.74 -26.97
CA ALA E 409 27.95 50.32 -25.74
C ALA E 409 26.92 50.36 -24.61
N THR E 410 26.10 51.39 -24.59
CA THR E 410 25.07 51.52 -23.56
C THR E 410 24.04 50.40 -23.69
N ALA E 411 23.67 50.05 -24.92
CA ALA E 411 22.69 49.00 -25.14
C ALA E 411 23.19 47.65 -24.64
N LEU E 412 24.46 47.36 -24.90
CA LEU E 412 25.06 46.09 -24.49
C LEU E 412 25.06 45.95 -22.96
N LEU E 413 25.39 47.03 -22.27
CA LEU E 413 25.43 47.04 -20.81
C LEU E 413 24.02 46.85 -20.26
N ALA E 414 23.04 47.58 -20.80
CA ALA E 414 21.66 47.46 -20.35
C ALA E 414 21.19 46.01 -20.45
N GLU E 415 21.61 45.33 -21.51
CA GLU E 415 21.21 43.94 -21.70
C GLU E 415 21.86 43.04 -20.65
N MET E 416 23.12 43.32 -20.32
CA MET E 416 23.83 42.54 -19.30
C MET E 416 23.07 42.60 -17.99
N ARG E 417 22.60 43.80 -17.65
CA ARG E 417 21.88 44.02 -16.40
C ARG E 417 20.55 43.30 -16.29
N ALA E 418 19.93 42.98 -17.43
CA ALA E 418 18.64 42.31 -17.40
C ALA E 418 18.68 40.90 -16.79
N THR E 419 19.82 40.23 -16.89
CA THR E 419 19.96 38.87 -16.36
C THR E 419 20.68 38.87 -15.02
N GLY E 420 20.10 38.17 -14.04
CA GLY E 420 20.70 38.11 -12.72
C GLY E 420 21.29 36.75 -12.36
N PRO E 421 21.52 36.49 -11.07
CA PRO E 421 22.08 35.22 -10.59
C PRO E 421 21.23 34.02 -10.99
N ALA E 422 21.89 32.91 -11.31
CA ALA E 422 21.18 31.70 -11.69
C ALA E 422 20.89 30.80 -10.49
N SER E 423 21.77 30.83 -9.50
CA SER E 423 21.67 29.99 -8.30
C SER E 423 20.40 30.06 -7.45
N ILE E 424 19.75 31.21 -7.44
CA ILE E 424 18.55 31.39 -6.62
C ILE E 424 17.29 30.72 -7.19
N HIS E 425 17.40 30.12 -8.36
CA HIS E 425 16.24 29.51 -8.99
C HIS E 425 16.10 28.01 -8.89
N SER E 426 16.63 27.43 -7.82
CA SER E 426 16.55 25.99 -7.64
C SER E 426 15.09 25.54 -7.56
N ILE E 427 14.77 24.46 -8.26
CA ILE E 427 13.43 23.90 -8.28
C ILE E 427 13.51 22.40 -8.04
N SER E 428 12.67 21.90 -7.14
CA SER E 428 12.64 20.47 -6.83
C SER E 428 12.26 19.70 -8.10
N THR E 429 13.08 18.71 -8.46
CA THR E 429 12.82 17.95 -9.67
C THR E 429 13.20 16.47 -9.51
N ASN E 430 13.08 15.69 -10.59
CA ASN E 430 13.39 14.26 -10.54
C ASN E 430 12.54 13.57 -9.46
N ALA E 431 11.23 13.77 -9.56
CA ALA E 431 10.26 13.20 -8.62
C ALA E 431 10.62 13.58 -7.17
N ALA E 432 11.09 14.81 -7.02
CA ALA E 432 11.49 15.37 -5.73
C ALA E 432 12.77 14.77 -5.13
N ASN E 433 13.39 13.83 -5.84
CA ASN E 433 14.64 13.24 -5.37
C ASN E 433 15.73 14.31 -5.36
N GLN E 434 15.78 15.11 -6.41
CA GLN E 434 16.74 16.22 -6.48
C GLN E 434 15.94 17.43 -6.03
N ASP E 435 15.59 17.49 -4.75
CA ASP E 435 14.77 18.61 -4.28
C ASP E 435 15.47 19.96 -4.23
N VAL E 436 16.79 19.96 -4.38
CA VAL E 436 17.60 21.18 -4.46
C VAL E 436 18.64 20.92 -5.55
N VAL E 437 18.88 21.90 -6.41
CA VAL E 437 19.85 21.78 -7.50
C VAL E 437 20.69 23.06 -7.61
N SER E 438 21.95 22.90 -7.99
CA SER E 438 22.86 24.05 -8.06
C SER E 438 22.68 25.01 -9.23
N LEU E 439 22.32 24.49 -10.40
CA LEU E 439 22.17 25.32 -11.59
C LEU E 439 23.52 25.98 -11.92
N GLY E 440 24.59 25.36 -11.47
CA GLY E 440 25.92 25.89 -11.72
C GLY E 440 26.32 26.05 -13.18
N THR E 441 25.84 25.16 -14.03
CA THR E 441 26.16 25.19 -15.46
C THR E 441 25.50 26.42 -16.08
N ILE E 442 24.26 26.67 -15.69
CA ILE E 442 23.53 27.82 -16.20
C ILE E 442 24.25 29.08 -15.71
N ALA E 443 24.68 29.05 -14.46
CA ALA E 443 25.38 30.17 -13.85
C ALA E 443 26.66 30.53 -14.62
N ALA E 444 27.45 29.51 -14.94
CA ALA E 444 28.69 29.73 -15.67
C ALA E 444 28.41 30.27 -17.07
N ARG E 445 27.38 29.73 -17.71
CA ARG E 445 27.03 30.16 -19.05
C ARG E 445 26.53 31.62 -19.07
N LEU E 446 25.73 32.00 -18.08
CA LEU E 446 25.24 33.37 -18.03
C LEU E 446 26.41 34.32 -17.77
N CYS E 447 27.37 33.87 -16.99
CA CYS E 447 28.55 34.69 -16.70
C CYS E 447 29.32 34.88 -18.01
N ARG E 448 29.40 33.83 -18.81
CA ARG E 448 30.11 33.88 -20.08
C ARG E 448 29.50 34.93 -21.01
N GLU E 449 28.17 34.93 -21.11
CA GLU E 449 27.48 35.90 -21.96
C GLU E 449 27.85 37.32 -21.55
N LYS E 450 27.92 37.55 -20.25
CA LYS E 450 28.27 38.87 -19.74
C LYS E 450 29.72 39.20 -20.06
N ILE E 451 30.58 38.19 -20.04
CA ILE E 451 31.99 38.40 -20.37
C ILE E 451 32.10 38.80 -21.84
N ASP E 452 31.27 38.20 -22.69
CA ASP E 452 31.28 38.53 -24.11
C ASP E 452 30.82 39.96 -24.38
N ARG E 453 29.84 40.43 -23.61
CA ARG E 453 29.33 41.79 -23.78
C ARG E 453 30.38 42.78 -23.26
N TRP E 454 31.06 42.41 -22.18
CA TRP E 454 32.08 43.27 -21.60
C TRP E 454 33.19 43.47 -22.65
N ALA E 455 33.57 42.39 -23.33
CA ALA E 455 34.60 42.45 -24.36
C ALA E 455 34.22 43.44 -25.46
N GLU E 456 32.94 43.46 -25.83
CA GLU E 456 32.44 44.35 -26.86
C GLU E 456 32.46 45.81 -26.39
N ILE E 457 32.13 46.04 -25.13
CA ILE E 457 32.14 47.39 -24.57
C ILE E 457 33.58 47.90 -24.50
N LEU E 458 34.50 47.02 -24.09
CA LEU E 458 35.91 47.39 -24.01
C LEU E 458 36.46 47.68 -25.41
N ALA E 459 36.00 46.92 -26.40
CA ALA E 459 36.45 47.13 -27.78
C ALA E 459 36.03 48.50 -28.28
N ILE E 460 34.81 48.91 -27.95
CA ILE E 460 34.33 50.21 -28.36
C ILE E 460 35.19 51.27 -27.69
N LEU E 461 35.46 51.08 -26.40
CA LEU E 461 36.28 52.04 -25.65
C LEU E 461 37.68 52.12 -26.25
N ALA E 462 38.25 50.98 -26.60
CA ALA E 462 39.58 50.93 -27.20
C ALA E 462 39.62 51.71 -28.51
N LEU E 463 38.63 51.50 -29.37
CA LEU E 463 38.58 52.21 -30.65
C LEU E 463 38.44 53.72 -30.42
N CYS E 464 37.64 54.08 -29.41
CA CYS E 464 37.45 55.49 -29.07
C CYS E 464 38.76 56.12 -28.59
N LEU E 465 39.47 55.42 -27.70
CA LEU E 465 40.73 55.93 -27.16
C LEU E 465 41.85 56.07 -28.19
N ALA E 466 41.88 55.17 -29.16
CA ALA E 466 42.91 55.25 -30.20
C ALA E 466 42.68 56.57 -30.93
N GLN E 467 41.42 56.84 -31.27
CA GLN E 467 41.05 58.07 -31.96
C GLN E 467 41.30 59.29 -31.07
N ALA E 468 40.90 59.19 -29.80
CA ALA E 468 41.06 60.29 -28.86
C ALA E 468 42.53 60.66 -28.65
N ALA E 469 43.38 59.64 -28.55
CA ALA E 469 44.81 59.88 -28.36
C ALA E 469 45.38 60.65 -29.55
N GLU E 470 45.02 60.26 -30.76
CA GLU E 470 45.53 60.93 -31.95
C GLU E 470 44.98 62.36 -32.08
N LEU E 471 43.74 62.56 -31.63
CA LEU E 471 43.11 63.88 -31.67
C LEU E 471 43.74 64.82 -30.66
N ARG E 472 44.07 64.27 -29.49
CA ARG E 472 44.65 65.05 -28.41
C ARG E 472 46.15 65.28 -28.57
N CYS E 473 46.88 64.24 -28.95
CA CYS E 473 48.33 64.29 -29.07
C CYS E 473 48.93 64.25 -30.47
N GLY E 474 48.11 64.23 -31.51
CA GLY E 474 48.62 64.18 -32.86
C GLY E 474 48.86 62.74 -33.28
N SER E 475 49.04 62.51 -34.57
CA SER E 475 49.28 61.15 -35.07
C SER E 475 50.53 60.54 -34.43
N GLY E 476 51.48 61.40 -34.07
CA GLY E 476 52.71 60.93 -33.45
C GLY E 476 52.56 60.58 -31.98
N LEU E 477 51.38 60.84 -31.42
CA LEU E 477 51.10 60.56 -30.01
C LEU E 477 52.11 61.20 -29.06
N ASP E 478 52.38 62.49 -29.27
CA ASP E 478 53.33 63.22 -28.44
C ASP E 478 52.94 63.25 -26.96
N GLY E 479 53.86 62.85 -26.09
CA GLY E 479 53.60 62.86 -24.67
C GLY E 479 52.94 61.60 -24.12
N VAL E 480 52.49 60.73 -25.01
CA VAL E 480 51.85 59.50 -24.57
C VAL E 480 52.89 58.50 -24.09
N SER E 481 52.54 57.78 -23.03
CA SER E 481 53.42 56.80 -22.42
C SER E 481 53.85 55.71 -23.40
N PRO E 482 54.99 55.08 -23.14
CA PRO E 482 55.49 54.01 -24.03
C PRO E 482 54.45 52.89 -24.16
N ALA E 483 53.79 52.56 -23.06
CA ALA E 483 52.77 51.51 -23.07
C ALA E 483 51.55 51.94 -23.88
N GLY E 484 51.15 53.20 -23.70
CA GLY E 484 50.00 53.73 -24.44
C GLY E 484 50.29 53.77 -25.93
N LYS E 485 51.49 54.23 -26.27
CA LYS E 485 51.89 54.31 -27.67
C LYS E 485 51.84 52.92 -28.29
N LYS E 486 52.41 51.95 -27.60
CA LYS E 486 52.43 50.58 -28.10
C LYS E 486 51.02 50.04 -28.33
N LEU E 487 50.13 50.29 -27.39
CA LEU E 487 48.76 49.82 -27.51
C LEU E 487 48.06 50.42 -28.74
N VAL E 488 48.18 51.74 -28.91
CA VAL E 488 47.56 52.41 -30.05
C VAL E 488 48.15 51.98 -31.39
N GLN E 489 49.47 51.82 -31.44
CA GLN E 489 50.13 51.40 -32.67
C GLN E 489 49.65 50.00 -33.06
N ALA E 490 49.54 49.10 -32.07
CA ALA E 490 49.10 47.75 -32.33
C ALA E 490 47.67 47.74 -32.86
N LEU E 491 46.83 48.60 -32.28
CA LEU E 491 45.44 48.70 -32.72
C LEU E 491 45.37 49.22 -34.15
N ARG E 492 46.16 50.26 -34.44
CA ARG E 492 46.18 50.86 -35.77
C ARG E 492 46.70 49.91 -36.85
N GLU E 493 47.32 48.82 -36.44
CA GLU E 493 47.80 47.84 -37.40
C GLU E 493 46.62 47.18 -38.11
N GLN E 494 45.50 47.07 -37.39
CA GLN E 494 44.31 46.43 -37.93
C GLN E 494 43.08 47.32 -38.00
N PHE E 495 43.07 48.41 -37.22
CA PHE E 495 41.93 49.31 -37.20
C PHE E 495 42.33 50.75 -37.52
N PRO E 496 42.01 51.20 -38.74
CA PRO E 496 42.32 52.55 -39.24
C PRO E 496 41.61 53.65 -38.48
N PRO E 497 42.16 54.88 -38.55
CA PRO E 497 41.57 56.02 -37.87
C PRO E 497 40.18 56.28 -38.45
N LEU E 498 39.31 56.92 -37.68
CA LEU E 498 37.98 57.23 -38.19
C LEU E 498 38.07 58.65 -38.75
N GLU E 499 38.49 58.76 -40.01
CA GLU E 499 38.63 60.06 -40.64
C GLU E 499 37.28 60.58 -41.09
N THR E 500 36.38 59.65 -41.36
CA THR E 500 35.02 59.97 -41.76
C THR E 500 34.15 58.81 -41.29
N ASP E 501 32.87 59.08 -41.07
CA ASP E 501 31.94 58.06 -40.59
C ASP E 501 31.93 56.80 -41.44
N ARG E 502 31.89 55.65 -40.77
CA ARG E 502 31.84 54.35 -41.42
C ARG E 502 31.25 53.31 -40.48
N PRO E 503 30.77 52.19 -41.03
CA PRO E 503 30.19 51.14 -40.19
C PRO E 503 31.29 50.60 -39.27
N LEU E 504 30.98 50.45 -37.98
CA LEU E 504 31.98 49.97 -37.01
C LEU E 504 31.64 48.61 -36.41
N GLY E 505 30.43 48.12 -36.67
CA GLY E 505 30.00 46.84 -36.13
C GLY E 505 30.96 45.67 -36.29
N GLN E 506 31.41 45.45 -37.52
CA GLN E 506 32.34 44.35 -37.78
C GLN E 506 33.67 44.53 -37.07
N GLU E 507 34.18 45.76 -37.03
CA GLU E 507 35.44 46.01 -36.35
C GLU E 507 35.29 45.80 -34.84
N ILE E 508 34.17 46.25 -34.28
CA ILE E 508 33.92 46.08 -32.85
C ILE E 508 33.92 44.59 -32.51
N ALA E 509 33.22 43.80 -33.33
CA ALA E 509 33.14 42.36 -33.10
C ALA E 509 34.51 41.70 -33.25
N ALA E 510 35.25 42.13 -34.27
CA ALA E 510 36.58 41.58 -34.53
C ALA E 510 37.52 41.87 -33.36
N LEU E 511 37.49 43.11 -32.86
CA LEU E 511 38.36 43.48 -31.75
C LEU E 511 37.95 42.76 -30.47
N ALA E 512 36.65 42.68 -30.22
CA ALA E 512 36.17 41.99 -29.03
C ALA E 512 36.77 40.59 -28.94
N THR E 513 36.75 39.88 -30.07
CA THR E 513 37.29 38.53 -30.14
C THR E 513 38.76 38.53 -29.73
N HIS E 514 39.49 39.56 -30.16
CA HIS E 514 40.91 39.66 -29.82
C HIS E 514 41.13 39.93 -28.33
N LEU E 515 40.34 40.82 -27.75
CA LEU E 515 40.49 41.17 -26.34
C LEU E 515 40.31 39.98 -25.40
N LEU E 516 39.41 39.07 -25.76
CA LEU E 516 39.15 37.90 -24.94
C LEU E 516 40.31 36.91 -24.90
N GLN E 517 41.20 36.99 -25.88
CA GLN E 517 42.31 36.06 -25.99
C GLN E 517 43.72 36.59 -25.77
N GLN E 518 43.90 37.90 -25.80
CA GLN E 518 45.23 38.49 -25.62
C GLN E 518 45.17 39.80 -24.85
N SER E 519 46.19 40.05 -24.05
CA SER E 519 46.26 41.28 -23.27
C SER E 519 47.19 42.26 -23.98
N PRO E 520 47.06 43.56 -23.67
CA PRO E 520 47.91 44.57 -24.30
C PRO E 520 49.29 44.61 -23.65
N VAL E 521 50.28 44.04 -24.32
CA VAL E 521 51.64 44.02 -23.78
C VAL E 521 52.66 44.40 -24.86
N LYS F 8 0.35 33.49 -54.48
CA LYS F 8 -0.02 33.30 -53.05
C LYS F 8 -1.00 34.38 -52.60
N PRO F 9 -1.66 34.17 -51.45
CA PRO F 9 -2.63 35.13 -50.90
C PRO F 9 -2.00 36.51 -50.80
N ALA F 10 -2.82 37.55 -50.94
CA ALA F 10 -2.30 38.91 -50.88
C ALA F 10 -2.88 39.76 -49.76
N VAL F 11 -2.01 40.52 -49.12
CA VAL F 11 -2.42 41.44 -48.08
C VAL F 11 -2.31 42.82 -48.69
N GLU F 12 -3.43 43.53 -48.79
CA GLU F 12 -3.43 44.86 -49.37
C GLU F 12 -3.24 45.88 -48.26
N LEU F 13 -2.17 46.66 -48.36
CA LEU F 13 -1.88 47.66 -47.35
C LEU F 13 -2.39 49.05 -47.71
N ASP F 14 -3.37 49.51 -46.95
CA ASP F 14 -3.91 50.84 -47.16
C ASP F 14 -3.55 51.66 -45.93
N ARG F 15 -4.27 51.44 -44.84
CA ARG F 15 -4.01 52.17 -43.60
C ARG F 15 -3.80 51.24 -42.40
N HIS F 16 -4.66 50.23 -42.27
CA HIS F 16 -4.56 49.31 -41.14
C HIS F 16 -4.30 47.86 -41.54
N ILE F 17 -3.48 47.19 -40.75
CA ILE F 17 -3.16 45.78 -40.97
C ILE F 17 -3.19 45.14 -39.59
N ASP F 18 -3.76 43.95 -39.46
CA ASP F 18 -3.80 43.30 -38.16
C ASP F 18 -2.58 42.41 -37.97
N LEU F 19 -2.41 41.89 -36.76
CA LEU F 19 -1.25 41.05 -36.46
C LEU F 19 -1.12 39.77 -37.30
N ASP F 20 -2.23 39.12 -37.62
CA ASP F 20 -2.17 37.90 -38.44
C ASP F 20 -1.72 38.22 -39.87
N GLN F 21 -2.23 39.30 -40.44
CA GLN F 21 -1.86 39.71 -41.79
C GLN F 21 -0.38 40.08 -41.84
N ALA F 22 0.08 40.77 -40.79
CA ALA F 22 1.47 41.19 -40.71
C ALA F 22 2.40 39.99 -40.63
N HIS F 23 2.03 39.00 -39.83
CA HIS F 23 2.87 37.81 -39.71
C HIS F 23 2.84 37.00 -41.00
N ALA F 24 1.69 37.02 -41.67
CA ALA F 24 1.54 36.29 -42.93
C ALA F 24 2.53 36.84 -43.96
N VAL F 25 2.69 38.15 -44.00
CA VAL F 25 3.61 38.78 -44.94
C VAL F 25 5.05 38.52 -44.50
N ALA F 26 5.34 38.75 -43.22
CA ALA F 26 6.69 38.55 -42.71
C ALA F 26 7.21 37.13 -42.89
N SER F 27 6.33 36.15 -42.71
CA SER F 27 6.71 34.75 -42.86
C SER F 27 6.68 34.29 -44.31
N GLY F 28 6.30 35.19 -45.21
CA GLY F 28 6.26 34.84 -46.62
C GLY F 28 5.03 34.07 -47.07
N GLY F 29 4.09 33.85 -46.16
CA GLY F 29 2.88 33.12 -46.51
C GLY F 29 1.95 33.95 -47.40
N ALA F 30 2.07 35.27 -47.31
CA ALA F 30 1.25 36.16 -48.11
C ALA F 30 2.13 37.21 -48.79
N ARG F 31 1.70 37.68 -49.96
CA ARG F 31 2.45 38.72 -50.64
C ARG F 31 1.80 40.03 -50.23
N ILE F 32 2.49 41.15 -50.43
CA ILE F 32 1.91 42.42 -50.04
C ILE F 32 1.79 43.35 -51.23
N VAL F 33 0.70 44.12 -51.26
CA VAL F 33 0.46 45.08 -52.34
C VAL F 33 0.08 46.41 -51.70
N LEU F 34 0.55 47.50 -52.29
CA LEU F 34 0.23 48.81 -51.77
C LEU F 34 -1.06 49.29 -52.43
N ALA F 35 -2.09 49.52 -51.63
CA ALA F 35 -3.38 49.98 -52.17
C ALA F 35 -3.23 51.37 -52.77
N PRO F 36 -4.03 51.69 -53.80
CA PRO F 36 -3.97 53.00 -54.44
C PRO F 36 -3.99 54.18 -53.48
N PRO F 37 -4.90 54.16 -52.48
CA PRO F 37 -4.97 55.27 -51.51
C PRO F 37 -3.64 55.46 -50.76
N ALA F 38 -2.98 54.35 -50.44
CA ALA F 38 -1.71 54.43 -49.74
C ALA F 38 -0.69 55.04 -50.68
N ARG F 39 -0.68 54.56 -51.93
CA ARG F 39 0.26 55.07 -52.92
C ARG F 39 0.07 56.58 -53.15
N ASP F 40 -1.19 57.01 -53.21
CA ASP F 40 -1.47 58.41 -53.45
C ASP F 40 -1.11 59.30 -52.27
N ARG F 41 -1.38 58.87 -51.05
CA ARG F 41 -1.03 59.70 -49.90
C ARG F 41 0.48 59.72 -49.70
N CYS F 42 1.17 58.67 -50.12
CA CYS F 42 2.63 58.64 -49.98
C CYS F 42 3.26 59.57 -51.02
N ARG F 43 2.64 59.64 -52.20
CA ARG F 43 3.15 60.51 -53.26
C ARG F 43 3.02 61.95 -52.79
N ALA F 44 1.91 62.26 -52.11
CA ALA F 44 1.68 63.60 -51.60
C ALA F 44 2.74 63.93 -50.54
N SER F 45 3.04 62.96 -49.68
CA SER F 45 4.04 63.19 -48.64
C SER F 45 5.42 63.40 -49.27
N GLU F 46 5.69 62.66 -50.35
CA GLU F 46 6.95 62.78 -51.05
C GLU F 46 7.06 64.21 -51.57
N ALA F 47 5.96 64.75 -52.09
CA ALA F 47 5.95 66.11 -52.62
C ALA F 47 6.16 67.13 -51.48
N ARG F 48 5.59 66.84 -50.31
CA ARG F 48 5.75 67.74 -49.17
C ARG F 48 7.21 67.79 -48.73
N LEU F 49 7.90 66.65 -48.79
CA LEU F 49 9.30 66.59 -48.40
C LEU F 49 10.11 67.43 -49.38
N GLY F 50 9.79 67.32 -50.66
CA GLY F 50 10.51 68.08 -51.66
C GLY F 50 10.38 69.58 -51.42
N ALA F 51 9.20 69.99 -50.99
CA ALA F 51 8.94 71.40 -50.71
C ALA F 51 9.67 71.86 -49.46
N VAL F 52 9.73 71.01 -48.45
CA VAL F 52 10.42 71.34 -47.21
C VAL F 52 11.90 71.57 -47.50
N ILE F 53 12.46 70.75 -48.37
CA ILE F 53 13.87 70.86 -48.75
C ILE F 53 14.09 72.11 -49.58
N ARG F 54 13.25 72.26 -50.61
CA ARG F 54 13.31 73.40 -51.51
C ARG F 54 13.21 74.73 -50.75
N GLU F 55 12.39 74.75 -49.69
CA GLU F 55 12.19 75.95 -48.89
C GLU F 55 13.24 76.14 -47.78
N ALA F 56 14.13 75.16 -47.63
CA ALA F 56 15.19 75.23 -46.62
C ALA F 56 14.65 75.36 -45.20
N ARG F 57 13.56 74.67 -44.93
CA ARG F 57 12.95 74.70 -43.59
C ARG F 57 13.91 74.06 -42.60
N HIS F 58 13.93 74.56 -41.37
CA HIS F 58 14.79 74.03 -40.33
C HIS F 58 14.20 72.68 -39.91
N VAL F 59 14.79 71.59 -40.40
CA VAL F 59 14.29 70.26 -40.08
C VAL F 59 15.41 69.26 -39.77
N TYR F 60 15.25 68.56 -38.64
CA TYR F 60 16.22 67.57 -38.19
C TYR F 60 16.50 66.56 -39.31
N GLY F 61 17.77 66.35 -39.60
CA GLY F 61 18.13 65.39 -40.63
C GLY F 61 18.12 65.91 -42.06
N LEU F 62 17.58 67.10 -42.26
CA LEU F 62 17.54 67.70 -43.59
C LEU F 62 18.45 68.93 -43.60
N THR F 63 18.52 69.63 -42.47
CA THR F 63 19.36 70.82 -42.36
C THR F 63 20.11 70.90 -41.02
N THR F 64 20.18 69.79 -40.29
CA THR F 64 20.87 69.77 -39.01
C THR F 64 21.61 68.46 -38.81
N GLY F 65 22.58 68.48 -37.89
CA GLY F 65 23.32 67.29 -37.56
C GLY F 65 22.39 66.39 -36.76
N PHE F 66 22.90 65.30 -36.24
CA PHE F 66 22.06 64.37 -35.48
C PHE F 66 22.35 64.42 -33.98
N GLY F 67 21.36 64.00 -33.20
CA GLY F 67 21.50 64.01 -31.76
C GLY F 67 21.85 65.38 -31.22
N PRO F 68 22.82 65.46 -30.30
CA PRO F 68 23.26 66.73 -29.70
C PRO F 68 23.97 67.60 -30.72
N LEU F 69 24.27 67.04 -31.88
CA LEU F 69 24.94 67.79 -32.93
C LEU F 69 23.93 68.49 -33.84
N ALA F 70 22.65 68.45 -33.46
CA ALA F 70 21.60 69.07 -34.25
C ALA F 70 21.69 70.60 -34.23
N ASN F 71 22.54 71.15 -33.37
CA ASN F 71 22.68 72.60 -33.31
C ASN F 71 23.64 73.04 -34.42
N ARG F 72 24.21 72.06 -35.11
CA ARG F 72 25.10 72.32 -36.24
C ARG F 72 24.21 72.22 -37.48
N LEU F 73 23.93 73.36 -38.10
CA LEU F 73 23.08 73.37 -39.28
C LEU F 73 23.85 72.92 -40.51
N ILE F 74 23.16 72.29 -41.45
CA ILE F 74 23.81 71.77 -42.65
C ILE F 74 23.30 72.44 -43.93
N SER F 75 24.22 72.75 -44.83
CA SER F 75 23.87 73.39 -46.09
C SER F 75 23.25 72.36 -47.04
N GLY F 76 22.34 72.82 -47.90
CA GLY F 76 21.67 71.93 -48.84
C GLY F 76 22.52 71.01 -49.70
N GLU F 77 23.64 71.51 -50.20
CA GLU F 77 24.52 70.70 -51.05
C GLU F 77 25.22 69.59 -50.30
N ASN F 78 25.11 69.58 -48.98
CA ASN F 78 25.76 68.56 -48.16
C ASN F 78 24.79 67.56 -47.53
N VAL F 79 23.52 67.62 -47.91
CA VAL F 79 22.53 66.72 -47.35
C VAL F 79 22.71 65.26 -47.75
N ARG F 80 23.11 65.02 -49.00
CA ARG F 80 23.35 63.65 -49.45
C ARG F 80 24.42 63.01 -48.58
N THR F 81 25.51 63.74 -48.39
CA THR F 81 26.62 63.28 -47.57
C THR F 81 26.16 63.07 -46.13
N LEU F 82 25.39 64.03 -45.63
CA LEU F 82 24.87 63.97 -44.28
C LEU F 82 24.14 62.64 -44.04
N GLN F 83 23.15 62.35 -44.87
CA GLN F 83 22.38 61.12 -44.71
C GLN F 83 23.18 59.85 -44.98
N ALA F 84 24.16 59.93 -45.86
CA ALA F 84 24.98 58.75 -46.14
C ALA F 84 25.83 58.47 -44.92
N ASN F 85 26.29 59.53 -44.25
CA ASN F 85 27.12 59.36 -43.05
C ASN F 85 26.27 58.85 -41.90
N LEU F 86 24.99 59.20 -41.91
CA LEU F 86 24.05 58.77 -40.88
C LEU F 86 23.95 57.25 -40.87
N VAL F 87 23.74 56.68 -42.06
CA VAL F 87 23.64 55.24 -42.20
C VAL F 87 24.95 54.60 -41.76
N HIS F 88 26.05 55.24 -42.09
CA HIS F 88 27.37 54.72 -41.72
C HIS F 88 27.67 54.67 -40.23
N PHE F 89 27.60 55.82 -39.56
CA PHE F 89 27.93 55.82 -38.15
C PHE F 89 26.95 55.02 -37.28
N LEU F 90 25.70 54.86 -37.73
CA LEU F 90 24.71 54.09 -36.96
C LEU F 90 24.93 52.58 -37.06
N ALA F 91 25.63 52.13 -38.10
CA ALA F 91 25.87 50.72 -38.32
C ALA F 91 26.95 50.14 -37.44
N SER F 92 26.73 50.21 -36.13
CA SER F 92 27.67 49.70 -35.15
C SER F 92 27.10 48.47 -34.43
N GLY F 93 26.13 47.82 -35.05
CA GLY F 93 25.50 46.66 -34.44
C GLY F 93 26.37 45.41 -34.38
N VAL F 94 26.13 44.58 -33.38
CA VAL F 94 26.86 43.34 -33.16
C VAL F 94 25.88 42.25 -32.74
N GLY F 95 26.38 41.01 -32.63
CA GLY F 95 25.52 39.91 -32.22
C GLY F 95 24.89 39.13 -33.36
N PRO F 96 24.28 37.97 -33.08
CA PRO F 96 23.65 37.17 -34.13
C PRO F 96 22.59 37.98 -34.88
N VAL F 97 22.42 37.70 -36.16
CA VAL F 97 21.44 38.44 -36.96
C VAL F 97 20.02 38.05 -36.55
N LEU F 98 19.08 38.94 -36.81
CA LEU F 98 17.69 38.65 -36.52
C LEU F 98 17.33 37.53 -37.49
N ASP F 99 16.44 36.63 -37.09
CA ASP F 99 16.03 35.53 -37.97
C ASP F 99 15.28 36.07 -39.18
N TRP F 100 15.22 35.26 -40.23
CA TRP F 100 14.57 35.62 -41.49
C TRP F 100 13.20 36.27 -41.30
N THR F 101 12.31 35.61 -40.56
CA THR F 101 10.97 36.14 -40.34
C THR F 101 10.96 37.47 -39.60
N THR F 102 11.76 37.55 -38.53
CA THR F 102 11.83 38.76 -37.72
C THR F 102 12.41 39.95 -38.48
N ALA F 103 13.46 39.71 -39.25
CA ALA F 103 14.07 40.80 -40.02
C ALA F 103 13.05 41.36 -41.01
N ARG F 104 12.26 40.47 -41.60
CA ARG F 104 11.24 40.88 -42.56
C ARG F 104 10.12 41.63 -41.84
N ALA F 105 9.79 41.19 -40.62
CA ALA F 105 8.75 41.85 -39.84
C ALA F 105 9.18 43.29 -39.53
N MET F 106 10.48 43.50 -39.34
CA MET F 106 10.99 44.84 -39.06
C MET F 106 10.79 45.71 -40.30
N VAL F 107 11.10 45.16 -41.47
CA VAL F 107 10.94 45.86 -42.75
C VAL F 107 9.47 46.25 -42.93
N LEU F 108 8.57 45.30 -42.63
CA LEU F 108 7.15 45.55 -42.75
C LEU F 108 6.72 46.67 -41.79
N ALA F 109 7.25 46.64 -40.57
CA ALA F 109 6.89 47.65 -39.58
C ALA F 109 7.23 49.06 -40.08
N ARG F 110 8.41 49.22 -40.68
CA ARG F 110 8.80 50.52 -41.20
C ARG F 110 7.87 50.91 -42.35
N LEU F 111 7.56 49.96 -43.22
CA LEU F 111 6.68 50.19 -44.36
C LEU F 111 5.28 50.65 -43.94
N VAL F 112 4.69 49.99 -42.94
CA VAL F 112 3.36 50.36 -42.46
C VAL F 112 3.36 51.79 -41.92
N SER F 113 4.44 52.18 -41.26
CA SER F 113 4.55 53.53 -40.71
C SER F 113 4.58 54.52 -41.87
N ILE F 114 5.36 54.22 -42.89
CA ILE F 114 5.47 55.06 -44.08
C ILE F 114 4.15 55.17 -44.85
N ALA F 115 3.40 54.08 -44.92
CA ALA F 115 2.13 54.07 -45.64
C ALA F 115 1.10 55.06 -45.10
N GLN F 116 1.34 55.61 -43.91
CA GLN F 116 0.39 56.59 -43.35
C GLN F 116 0.55 57.93 -44.05
N GLY F 117 1.62 58.07 -44.82
CA GLY F 117 1.88 59.29 -45.57
C GLY F 117 2.40 60.49 -44.79
N ALA F 118 3.31 60.25 -43.85
CA ALA F 118 3.87 61.34 -43.06
C ALA F 118 5.39 61.27 -42.97
N SER F 119 6.01 60.38 -43.75
CA SER F 119 7.46 60.21 -43.70
C SER F 119 8.22 60.79 -44.89
N GLY F 120 7.49 61.16 -45.94
CA GLY F 120 8.14 61.72 -47.11
C GLY F 120 8.90 60.73 -47.99
N ALA F 121 8.71 59.43 -47.73
CA ALA F 121 9.39 58.40 -48.51
C ALA F 121 9.08 58.46 -50.01
N SER F 122 10.10 58.31 -50.86
CA SER F 122 9.90 58.34 -52.30
C SER F 122 9.31 57.03 -52.77
N GLU F 123 8.67 57.03 -53.95
CA GLU F 123 8.08 55.82 -54.50
C GLU F 123 9.11 54.71 -54.59
N GLY F 124 10.33 55.07 -54.99
CA GLY F 124 11.38 54.08 -55.12
C GLY F 124 11.73 53.45 -53.78
N THR F 125 11.84 54.27 -52.75
CA THR F 125 12.17 53.78 -51.43
C THR F 125 11.08 52.81 -50.95
N ILE F 126 9.83 53.18 -51.15
CA ILE F 126 8.71 52.33 -50.75
C ILE F 126 8.75 51.03 -51.56
N ALA F 127 9.07 51.15 -52.85
CA ALA F 127 9.14 49.97 -53.71
C ALA F 127 10.20 48.97 -53.25
N ARG F 128 11.31 49.46 -52.70
CA ARG F 128 12.37 48.58 -52.24
C ARG F 128 11.90 47.75 -51.04
N LEU F 129 11.13 48.38 -50.15
CA LEU F 129 10.63 47.66 -48.97
C LEU F 129 9.62 46.60 -49.39
N ILE F 130 8.71 46.97 -50.30
CA ILE F 130 7.70 46.04 -50.78
C ILE F 130 8.33 44.88 -51.55
N ASP F 131 9.32 45.18 -52.40
CA ASP F 131 10.00 44.14 -53.16
C ASP F 131 10.67 43.12 -52.24
N LEU F 132 11.36 43.62 -51.22
CA LEU F 132 12.02 42.73 -50.27
C LEU F 132 10.97 41.80 -49.68
N LEU F 133 9.88 42.37 -49.18
CA LEU F 133 8.83 41.56 -48.58
C LEU F 133 8.23 40.53 -49.54
N ASN F 134 8.14 40.87 -50.82
CA ASN F 134 7.57 39.95 -51.79
C ASN F 134 8.58 38.91 -52.28
N SER F 135 9.86 39.11 -51.94
CA SER F 135 10.90 38.16 -52.31
C SER F 135 10.98 37.10 -51.22
N GLU F 136 11.89 36.12 -51.40
CA GLU F 136 12.08 35.07 -50.41
C GLU F 136 13.27 35.42 -49.53
N LEU F 137 13.70 36.68 -49.60
CA LEU F 137 14.85 37.13 -48.82
C LEU F 137 14.56 38.04 -47.65
N ALA F 138 15.57 38.23 -46.82
CA ALA F 138 15.49 39.09 -45.65
C ALA F 138 16.85 39.72 -45.45
N PRO F 139 16.86 40.96 -44.96
CA PRO F 139 18.17 41.58 -44.76
C PRO F 139 18.83 40.90 -43.56
N ALA F 140 20.16 40.85 -43.56
CA ALA F 140 20.91 40.23 -42.47
C ALA F 140 21.31 41.40 -41.56
N VAL F 141 20.64 41.51 -40.42
CA VAL F 141 20.90 42.61 -39.50
C VAL F 141 21.27 42.15 -38.09
N PRO F 142 22.33 42.73 -37.51
CA PRO F 142 22.73 42.35 -36.16
C PRO F 142 21.63 42.67 -35.15
N SER F 143 21.41 41.78 -34.19
CA SER F 143 20.35 41.97 -33.21
C SER F 143 20.62 42.96 -32.07
N ARG F 144 21.90 43.21 -31.77
CA ARG F 144 22.26 44.12 -30.68
C ARG F 144 22.82 45.46 -31.15
N GLY F 145 22.66 46.48 -30.32
CA GLY F 145 23.18 47.78 -30.66
C GLY F 145 22.26 48.95 -30.37
N THR F 146 20.95 48.74 -30.43
CA THR F 146 20.01 49.84 -30.20
C THR F 146 19.44 49.88 -28.79
N VAL F 147 19.11 51.09 -28.32
CA VAL F 147 18.50 51.28 -27.01
C VAL F 147 17.01 51.55 -27.21
N GLY F 148 16.55 51.33 -28.44
CA GLY F 148 15.15 51.51 -28.79
C GLY F 148 14.61 52.91 -28.62
N1 MDO F 149 15.34 53.90 -29.10
CA1 MDO F 149 14.92 55.29 -29.00
C1 MDO F 149 15.20 56.08 -30.25
CB MDO F 149 15.57 55.90 -27.76
N2 MDO F 149 15.79 57.28 -30.33
CA2 MDO F 149 15.84 57.62 -31.63
C2 MDO F 149 15.25 56.60 -32.32
O2 MDO F 149 15.07 56.51 -33.65
CB2 MDO F 149 16.42 58.92 -32.16
N3 MDO F 149 14.88 55.66 -31.49
CA3 MDO F 149 14.23 54.44 -31.87
C3 MDO F 149 15.26 53.36 -32.25
O3 MDO F 149 16.38 53.37 -31.74
N ASP F 150 14.86 52.43 -33.11
CA ASP F 150 15.71 51.33 -33.55
C ASP F 150 16.63 51.70 -34.72
N LEU F 151 17.39 52.78 -34.56
CA LEU F 151 18.26 53.24 -35.62
C LEU F 151 19.36 52.29 -36.09
N THR F 152 20.04 51.61 -35.16
CA THR F 152 21.13 50.72 -35.54
C THR F 152 20.73 49.60 -36.48
N PRO F 153 19.75 48.77 -36.08
CA PRO F 153 19.34 47.67 -36.98
C PRO F 153 18.79 48.16 -38.32
N LEU F 154 18.08 49.29 -38.29
CA LEU F 154 17.52 49.84 -39.53
C LEU F 154 18.62 50.38 -40.43
N ALA F 155 19.71 50.89 -39.84
CA ALA F 155 20.82 51.38 -40.63
C ALA F 155 21.45 50.20 -41.38
N HIS F 156 21.60 49.08 -40.66
CA HIS F 156 22.16 47.89 -41.28
C HIS F 156 21.23 47.43 -42.39
N MET F 157 19.92 47.57 -42.17
CA MET F 157 18.91 47.20 -43.17
C MET F 157 19.13 47.99 -44.45
N VAL F 158 19.34 49.30 -44.30
CA VAL F 158 19.56 50.18 -45.45
C VAL F 158 20.77 49.70 -46.24
N LEU F 159 21.85 49.38 -45.54
CA LEU F 159 23.06 48.91 -46.22
C LEU F 159 22.77 47.64 -47.02
N CYS F 160 22.04 46.71 -46.42
CA CYS F 160 21.68 45.47 -47.09
C CYS F 160 20.90 45.79 -48.36
N LEU F 161 19.91 46.66 -48.23
CA LEU F 161 19.07 47.03 -49.37
C LEU F 161 19.81 47.77 -50.47
N GLN F 162 20.97 48.33 -50.15
CA GLN F 162 21.75 49.03 -51.15
C GLN F 162 22.71 48.03 -51.78
N GLY F 163 22.66 46.80 -51.28
CA GLY F 163 23.53 45.76 -51.78
C GLY F 163 24.88 45.81 -51.09
N ARG F 164 24.95 46.54 -49.98
CA ARG F 164 26.18 46.71 -49.22
C ARG F 164 26.13 45.93 -47.91
N GLY F 165 25.28 44.91 -47.87
CA GLY F 165 25.15 44.09 -46.68
C GLY F 165 24.57 42.74 -47.08
N ASP F 166 24.77 41.72 -46.24
CA ASP F 166 24.25 40.39 -46.54
C ASP F 166 22.74 40.25 -46.43
N PHE F 167 22.22 39.24 -47.11
CA PHE F 167 20.80 38.90 -47.10
C PHE F 167 20.72 37.50 -46.54
N LEU F 168 19.52 37.10 -46.13
CA LEU F 168 19.29 35.76 -45.60
C LEU F 168 18.23 35.07 -46.42
N ASP F 169 18.43 33.79 -46.73
CA ASP F 169 17.39 33.05 -47.44
C ASP F 169 16.54 32.51 -46.31
N ARG F 170 15.42 31.86 -46.65
CA ARG F 170 14.53 31.31 -45.63
C ARG F 170 15.21 30.43 -44.58
N ASP F 171 16.27 29.72 -44.98
CA ASP F 171 16.98 28.83 -44.06
C ASP F 171 18.03 29.50 -43.20
N GLY F 172 18.18 30.81 -43.34
CA GLY F 172 19.17 31.52 -42.55
C GLY F 172 20.52 31.53 -43.21
N THR F 173 20.60 31.02 -44.45
CA THR F 173 21.85 31.00 -45.19
C THR F 173 22.18 32.43 -45.62
N ARG F 174 23.43 32.83 -45.42
CA ARG F 174 23.89 34.17 -45.76
C ARG F 174 24.26 34.33 -47.23
N LEU F 175 23.85 35.45 -47.82
CA LEU F 175 24.15 35.75 -49.22
C LEU F 175 24.74 37.15 -49.20
N ASP F 176 25.78 37.42 -50.00
CA ASP F 176 26.34 38.75 -50.00
C ASP F 176 25.37 39.71 -50.69
N GLY F 177 25.55 41.01 -50.47
CA GLY F 177 24.66 42.00 -51.05
C GLY F 177 24.30 41.82 -52.51
N ALA F 178 25.32 41.73 -53.37
CA ALA F 178 25.12 41.59 -54.81
C ALA F 178 24.27 40.37 -55.16
N GLU F 179 24.61 39.24 -54.56
CA GLU F 179 23.88 37.99 -54.79
C GLU F 179 22.42 38.11 -54.36
N GLY F 180 22.18 38.82 -53.25
CA GLY F 180 20.82 39.00 -52.77
C GLY F 180 19.97 39.80 -53.74
N LEU F 181 20.48 40.94 -54.19
CA LEU F 181 19.74 41.76 -55.13
C LEU F 181 19.42 40.95 -56.38
N ARG F 182 20.40 40.18 -56.83
CA ARG F 182 20.27 39.33 -58.01
C ARG F 182 19.20 38.26 -57.82
N ARG F 183 19.38 37.41 -56.81
CA ARG F 183 18.46 36.32 -56.52
C ARG F 183 17.02 36.74 -56.24
N GLY F 184 16.82 37.84 -55.53
CA GLY F 184 15.46 38.28 -55.24
C GLY F 184 14.90 39.24 -56.27
N ARG F 185 15.67 39.49 -57.32
CA ARG F 185 15.30 40.41 -58.38
C ARG F 185 14.91 41.74 -57.73
N LEU F 186 15.86 42.31 -56.98
CA LEU F 186 15.67 43.56 -56.28
C LEU F 186 16.53 44.66 -56.88
N GLN F 187 16.12 45.91 -56.68
CA GLN F 187 16.87 47.05 -57.18
C GLN F 187 17.61 47.65 -55.98
N PRO F 188 18.84 48.14 -56.20
CA PRO F 188 19.57 48.72 -55.09
C PRO F 188 18.85 49.99 -54.61
N LEU F 189 18.76 50.15 -53.30
CA LEU F 189 18.12 51.31 -52.70
C LEU F 189 18.87 52.60 -53.02
N ASP F 190 18.14 53.60 -53.52
CA ASP F 190 18.73 54.89 -53.87
C ASP F 190 18.08 56.01 -53.05
N LEU F 191 18.86 56.65 -52.19
CA LEU F 191 18.35 57.69 -51.30
C LEU F 191 18.61 59.13 -51.77
N SER F 192 18.74 59.32 -53.08
CA SER F 192 19.00 60.66 -53.62
C SER F 192 17.92 61.70 -53.29
N HIS F 193 16.70 61.25 -52.99
CA HIS F 193 15.61 62.18 -52.65
C HIS F 193 15.75 62.72 -51.23
N ARG F 194 16.82 62.33 -50.55
CA ARG F 194 17.08 62.77 -49.19
C ARG F 194 16.00 62.27 -48.23
N ASP F 195 15.49 61.07 -48.51
CA ASP F 195 14.46 60.46 -47.67
C ASP F 195 15.01 59.31 -46.82
N ALA F 196 16.25 59.44 -46.39
CA ALA F 196 16.88 58.41 -45.56
C ALA F 196 16.20 58.25 -44.21
N LEU F 197 15.75 59.36 -43.62
CA LEU F 197 15.08 59.29 -42.32
C LEU F 197 13.74 58.55 -42.35
N ALA F 198 13.26 58.22 -43.54
CA ALA F 198 12.00 57.47 -43.64
C ALA F 198 12.31 55.99 -43.40
N LEU F 199 13.58 55.62 -43.57
CA LEU F 199 14.00 54.23 -43.38
C LEU F 199 14.69 54.01 -42.03
N VAL F 200 15.42 55.03 -41.57
CA VAL F 200 16.13 54.94 -40.30
C VAL F 200 15.32 55.75 -39.31
N ASN F 201 14.31 55.11 -38.72
CA ASN F 201 13.42 55.80 -37.79
C ASN F 201 12.45 54.84 -37.11
N GLY F 202 11.76 55.35 -36.10
CA GLY F 202 10.76 54.57 -35.39
C GLY F 202 11.17 53.37 -34.57
N THR F 203 10.17 52.56 -34.28
CA THR F 203 10.33 51.37 -33.46
C THR F 203 10.13 50.08 -34.26
N SER F 204 10.55 50.09 -35.52
CA SER F 204 10.37 48.95 -36.43
C SER F 204 10.97 47.62 -35.99
N ALA F 205 12.14 47.64 -35.37
CA ALA F 205 12.76 46.39 -34.95
C ALA F 205 12.04 45.75 -33.78
N MET F 206 11.84 46.49 -32.70
CA MET F 206 11.15 45.93 -31.55
C MET F 206 9.73 45.50 -31.92
N THR F 207 9.10 46.28 -32.78
CA THR F 207 7.74 45.97 -33.23
C THR F 207 7.75 44.70 -34.07
N GLY F 208 8.74 44.57 -34.94
CA GLY F 208 8.83 43.37 -35.76
C GLY F 208 9.05 42.14 -34.87
N ILE F 209 9.97 42.26 -33.92
CA ILE F 209 10.25 41.17 -33.00
C ILE F 209 8.98 40.81 -32.21
N ALA F 210 8.29 41.83 -31.71
CA ALA F 210 7.08 41.63 -30.92
C ALA F 210 5.92 40.97 -31.69
N LEU F 211 5.77 41.26 -32.97
CA LEU F 211 4.67 40.67 -33.73
C LEU F 211 4.94 39.20 -34.01
N VAL F 212 6.22 38.83 -34.08
CA VAL F 212 6.57 37.44 -34.29
C VAL F 212 6.34 36.74 -32.94
N ASN F 213 6.60 37.46 -31.84
CA ASN F 213 6.38 36.90 -30.50
C ASN F 213 4.89 36.61 -30.30
N ALA F 214 4.06 37.58 -30.67
CA ALA F 214 2.61 37.46 -30.53
C ALA F 214 2.07 36.24 -31.27
N HIS F 215 2.55 36.01 -32.49
CA HIS F 215 2.11 34.87 -33.28
C HIS F 215 2.53 33.56 -32.59
N ALA F 216 3.80 33.50 -32.17
CA ALA F 216 4.32 32.31 -31.50
C ALA F 216 3.53 32.00 -30.23
N CYS F 217 3.25 33.03 -29.43
CA CYS F 217 2.51 32.85 -28.19
C CYS F 217 1.09 32.32 -28.41
N ARG F 218 0.47 32.68 -29.52
CA ARG F 218 -0.88 32.19 -29.78
C ARG F 218 -0.81 30.67 -29.93
N HIS F 219 0.12 30.20 -30.74
CA HIS F 219 0.26 28.76 -30.95
C HIS F 219 0.67 28.05 -29.67
N LEU F 220 1.63 28.59 -28.94
CA LEU F 220 2.07 27.95 -27.70
C LEU F 220 0.92 27.90 -26.67
N GLY F 221 0.09 28.94 -26.68
CA GLY F 221 -1.04 28.99 -25.76
C GLY F 221 -2.03 27.91 -26.12
N ASN F 222 -2.18 27.63 -27.42
CA ASN F 222 -3.09 26.58 -27.84
C ASN F 222 -2.54 25.24 -27.38
N TRP F 223 -1.23 25.06 -27.45
CA TRP F 223 -0.61 23.81 -27.00
C TRP F 223 -0.73 23.67 -25.48
N ALA F 224 -0.57 24.78 -24.77
CA ALA F 224 -0.67 24.75 -23.31
C ALA F 224 -2.05 24.26 -22.92
N VAL F 225 -3.06 24.71 -23.65
CA VAL F 225 -4.44 24.29 -23.40
C VAL F 225 -4.61 22.82 -23.76
N ALA F 226 -4.23 22.45 -24.97
CA ALA F 226 -4.38 21.07 -25.44
C ALA F 226 -3.64 20.07 -24.56
N LEU F 227 -2.45 20.43 -24.09
CA LEU F 227 -1.69 19.51 -23.25
C LEU F 227 -2.27 19.42 -21.85
N THR F 228 -2.80 20.53 -21.33
CA THR F 228 -3.42 20.51 -20.01
C THR F 228 -4.62 19.55 -20.09
N ALA F 229 -5.37 19.64 -21.19
CA ALA F 229 -6.54 18.78 -21.37
C ALA F 229 -6.15 17.31 -21.45
N LEU F 230 -5.09 17.01 -22.21
CA LEU F 230 -4.63 15.64 -22.35
C LEU F 230 -4.09 15.14 -21.01
N LEU F 231 -3.56 16.05 -20.20
CA LEU F 231 -3.04 15.70 -18.88
C LEU F 231 -4.19 15.22 -18.00
N ALA F 232 -5.33 15.89 -18.11
CA ALA F 232 -6.51 15.52 -17.34
C ALA F 232 -7.00 14.13 -17.77
N GLU F 233 -6.86 13.82 -19.05
CA GLU F 233 -7.28 12.53 -19.57
C GLU F 233 -6.32 11.41 -19.14
N CYS F 234 -5.11 11.79 -18.70
CA CYS F 234 -4.12 10.80 -18.27
C CYS F 234 -4.10 10.63 -16.75
N LEU F 235 -4.64 11.61 -16.04
CA LEU F 235 -4.65 11.57 -14.58
C LEU F 235 -6.06 11.60 -13.97
N ARG F 236 -7.07 11.21 -14.74
CA ARG F 236 -8.45 11.22 -14.24
C ARG F 236 -8.83 12.60 -13.68
N GLY F 237 -8.43 13.65 -14.40
CA GLY F 237 -8.72 15.01 -13.96
C GLY F 237 -10.20 15.33 -13.86
N ARG F 238 -10.54 16.22 -12.93
CA ARG F 238 -11.93 16.61 -12.72
C ARG F 238 -12.33 17.82 -13.55
N THR F 239 -13.30 17.63 -14.45
CA THR F 239 -13.74 18.72 -15.30
C THR F 239 -14.62 19.77 -14.64
N GLU F 240 -15.15 19.49 -13.45
CA GLU F 240 -16.01 20.48 -12.81
C GLU F 240 -15.27 21.77 -12.48
N ALA F 241 -13.96 21.69 -12.31
CA ALA F 241 -13.15 22.87 -12.01
C ALA F 241 -13.07 23.79 -13.23
N TRP F 242 -13.38 23.25 -14.40
CA TRP F 242 -13.33 24.03 -15.63
C TRP F 242 -14.73 24.46 -16.09
N ALA F 243 -15.71 24.33 -15.19
CA ALA F 243 -17.09 24.69 -15.51
C ALA F 243 -17.27 26.17 -15.87
N ALA F 244 -18.14 26.43 -16.84
CA ALA F 244 -18.42 27.79 -17.29
C ALA F 244 -18.95 28.64 -16.13
N ALA F 245 -19.73 28.02 -15.25
CA ALA F 245 -20.28 28.74 -14.10
C ALA F 245 -19.20 29.40 -13.26
N LEU F 246 -18.05 28.74 -13.11
CA LEU F 246 -16.95 29.31 -12.33
C LEU F 246 -16.34 30.51 -13.04
N SER F 247 -16.30 30.46 -14.37
CA SER F 247 -15.78 31.56 -15.17
C SER F 247 -16.66 32.79 -14.96
N ASP F 248 -17.97 32.60 -15.03
CA ASP F 248 -18.91 33.71 -14.87
C ASP F 248 -18.81 34.37 -13.50
N LEU F 249 -18.37 33.61 -12.49
CA LEU F 249 -18.23 34.18 -11.14
C LEU F 249 -16.99 35.07 -11.02
N ARG F 250 -16.02 34.87 -11.90
CA ARG F 250 -14.78 35.66 -11.91
C ARG F 250 -14.50 35.88 -13.40
N PRO F 251 -15.32 36.74 -14.03
CA PRO F 251 -15.29 37.10 -15.45
C PRO F 251 -14.09 37.67 -16.19
N HIS F 252 -12.89 37.18 -15.90
CA HIS F 252 -11.71 37.64 -16.64
C HIS F 252 -11.82 37.00 -18.03
N PRO F 253 -11.82 37.82 -19.09
CA PRO F 253 -11.93 37.29 -20.46
C PRO F 253 -11.03 36.10 -20.75
N GLY F 254 -9.75 36.24 -20.39
CA GLY F 254 -8.80 35.16 -20.64
C GLY F 254 -9.13 33.87 -19.92
N GLN F 255 -9.62 33.96 -18.69
CA GLN F 255 -9.97 32.77 -17.93
C GLN F 255 -11.18 32.08 -18.53
N LYS F 256 -12.17 32.87 -18.90
CA LYS F 256 -13.39 32.31 -19.48
C LYS F 256 -13.02 31.58 -20.76
N ASP F 257 -12.16 32.19 -21.54
CA ASP F 257 -11.71 31.60 -22.79
C ASP F 257 -10.91 30.32 -22.53
N ALA F 258 -9.97 30.39 -21.58
CA ALA F 258 -9.15 29.23 -21.26
C ALA F 258 -10.02 28.04 -20.83
N ALA F 259 -10.98 28.30 -19.95
CA ALA F 259 -11.87 27.24 -19.46
C ALA F 259 -12.72 26.66 -20.59
N ALA F 260 -13.26 27.52 -21.46
CA ALA F 260 -14.08 27.06 -22.57
C ALA F 260 -13.27 26.17 -23.52
N ARG F 261 -12.02 26.55 -23.76
CA ARG F 261 -11.15 25.79 -24.64
C ARG F 261 -10.74 24.46 -24.00
N LEU F 262 -10.59 24.45 -22.68
CA LEU F 262 -10.23 23.21 -21.98
C LEU F 262 -11.41 22.24 -22.06
N ARG F 263 -12.62 22.73 -21.82
CA ARG F 263 -13.82 21.90 -21.89
C ARG F 263 -13.94 21.29 -23.29
N ALA F 264 -13.73 22.12 -24.32
CA ALA F 264 -13.83 21.65 -25.70
C ALA F 264 -12.83 20.53 -26.00
N ARG F 265 -11.58 20.69 -25.53
CA ARG F 265 -10.55 19.70 -25.77
C ARG F 265 -10.92 18.31 -25.23
N VAL F 266 -11.56 18.27 -24.07
CA VAL F 266 -11.92 16.98 -23.48
C VAL F 266 -13.35 16.52 -23.75
N ASP F 267 -14.02 17.19 -24.68
CA ASP F 267 -15.37 16.79 -25.02
C ASP F 267 -15.30 15.39 -25.62
N GLY F 268 -16.12 14.49 -25.11
CA GLY F 268 -16.11 13.12 -25.63
C GLY F 268 -15.18 12.18 -24.90
N SER F 269 -14.40 12.69 -23.96
CA SER F 269 -13.47 11.85 -23.22
C SER F 269 -14.22 11.02 -22.19
N ALA F 270 -13.76 9.79 -21.99
CA ALA F 270 -14.37 8.91 -20.99
C ALA F 270 -13.30 8.72 -19.90
N ARG F 271 -12.20 9.45 -20.03
CA ARG F 271 -11.09 9.35 -19.10
C ARG F 271 -11.08 10.38 -17.97
N VAL F 272 -11.79 11.49 -18.16
CA VAL F 272 -11.85 12.52 -17.14
C VAL F 272 -13.00 12.21 -16.19
N VAL F 273 -13.02 12.87 -15.04
CA VAL F 273 -14.10 12.68 -14.07
C VAL F 273 -15.02 13.88 -14.25
N ARG F 274 -16.29 13.62 -14.55
CA ARG F 274 -17.24 14.70 -14.80
C ARG F 274 -18.24 14.98 -13.68
N HIS F 275 -18.32 14.12 -12.68
CA HIS F 275 -19.27 14.34 -11.59
C HIS F 275 -18.94 15.57 -10.76
N VAL F 276 -19.98 16.28 -10.32
CA VAL F 276 -19.83 17.43 -9.45
C VAL F 276 -19.89 16.78 -8.08
N ILE F 277 -18.83 16.90 -7.29
CA ILE F 277 -18.81 16.25 -5.98
C ILE F 277 -19.92 16.66 -5.01
N ALA F 278 -20.32 17.93 -5.06
CA ALA F 278 -21.37 18.44 -4.16
C ALA F 278 -22.73 17.77 -4.37
N GLU F 279 -22.88 17.04 -5.47
CA GLU F 279 -24.14 16.35 -5.75
C GLU F 279 -24.34 15.21 -4.77
N ARG F 280 -23.23 14.60 -4.35
CA ARG F 280 -23.23 13.47 -3.44
C ARG F 280 -23.65 13.82 -2.01
N ARG F 281 -24.64 13.10 -1.51
CA ARG F 281 -25.10 13.30 -0.14
C ARG F 281 -24.41 12.22 0.69
N LEU F 282 -23.68 12.63 1.72
CA LEU F 282 -22.96 11.70 2.57
C LEU F 282 -23.81 11.22 3.75
N ASP F 283 -23.53 10.00 4.20
CA ASP F 283 -24.21 9.44 5.35
C ASP F 283 -23.13 8.91 6.30
N ALA F 284 -23.52 8.44 7.48
CA ALA F 284 -22.57 7.95 8.46
C ALA F 284 -21.52 6.98 7.91
N GLY F 285 -21.94 6.09 7.03
CA GLY F 285 -21.02 5.11 6.47
C GLY F 285 -19.92 5.68 5.58
N ASP F 286 -20.11 6.92 5.12
CA ASP F 286 -19.13 7.58 4.24
C ASP F 286 -18.02 8.31 4.99
N ILE F 287 -18.21 8.58 6.27
CA ILE F 287 -17.20 9.29 7.04
C ILE F 287 -15.95 8.45 7.31
N GLY F 288 -14.85 8.89 6.72
CA GLY F 288 -13.58 8.18 6.86
C GLY F 288 -12.59 8.76 5.87
N THR F 289 -11.52 8.04 5.59
CA THR F 289 -10.52 8.53 4.64
C THR F 289 -10.73 7.90 3.26
N GLU F 290 -10.88 8.75 2.26
CA GLU F 290 -11.07 8.28 0.89
C GLU F 290 -9.72 8.21 0.18
N PRO F 291 -9.62 7.37 -0.86
CA PRO F 291 -8.36 7.23 -1.62
C PRO F 291 -7.77 8.55 -2.11
N GLU F 292 -8.62 9.42 -2.66
CA GLU F 292 -8.14 10.70 -3.19
C GLU F 292 -9.03 11.87 -2.76
N ALA F 293 -8.45 13.06 -2.78
CA ALA F 293 -9.19 14.28 -2.43
C ALA F 293 -10.22 14.55 -3.52
N GLY F 294 -11.26 15.29 -3.17
CA GLY F 294 -12.31 15.61 -4.11
C GLY F 294 -11.97 16.66 -5.15
N GLN F 295 -10.76 17.22 -5.08
CA GLN F 295 -10.32 18.23 -6.04
C GLN F 295 -8.90 17.91 -6.49
N ASP F 296 -8.53 18.31 -7.70
CA ASP F 296 -7.19 18.06 -8.21
C ASP F 296 -6.17 19.05 -7.67
N ALA F 297 -4.90 18.73 -7.88
CA ALA F 297 -3.82 19.61 -7.48
C ALA F 297 -3.96 20.83 -8.41
N TYR F 298 -3.31 21.93 -8.08
CA TYR F 298 -3.42 23.15 -8.86
C TYR F 298 -3.07 23.08 -10.34
N SER F 299 -2.05 22.30 -10.71
CA SER F 299 -1.64 22.22 -12.11
C SER F 299 -2.77 21.81 -13.05
N LEU F 300 -3.87 21.32 -12.48
CA LEU F 300 -5.03 20.96 -13.26
C LEU F 300 -6.22 21.84 -12.88
N ARG F 301 -6.52 21.88 -11.58
CA ARG F 301 -7.65 22.65 -11.08
C ARG F 301 -7.57 24.16 -11.35
N CYS F 302 -6.37 24.73 -11.30
CA CYS F 302 -6.22 26.16 -11.51
C CYS F 302 -5.70 26.54 -12.89
N ALA F 303 -5.75 25.62 -13.85
CA ALA F 303 -5.28 25.91 -15.19
C ALA F 303 -6.01 27.10 -15.82
N PRO F 304 -7.34 27.17 -15.67
CA PRO F 304 -8.08 28.29 -16.27
C PRO F 304 -7.58 29.64 -15.74
N GLN F 305 -7.32 29.69 -14.44
CA GLN F 305 -6.87 30.92 -13.81
C GLN F 305 -5.44 31.29 -14.19
N VAL F 306 -4.56 30.31 -14.28
CA VAL F 306 -3.17 30.58 -14.64
C VAL F 306 -3.07 30.90 -16.14
N LEU F 307 -3.60 30.02 -16.98
CA LEU F 307 -3.56 30.25 -18.42
C LEU F 307 -4.32 31.54 -18.76
N GLY F 308 -5.47 31.75 -18.11
CA GLY F 308 -6.28 32.93 -18.36
C GLY F 308 -5.55 34.25 -18.11
N ALA F 309 -4.77 34.32 -17.04
CA ALA F 309 -4.04 35.53 -16.72
C ALA F 309 -2.98 35.76 -17.78
N GLY F 310 -2.39 34.66 -18.26
CA GLY F 310 -1.38 34.77 -19.30
C GLY F 310 -2.05 35.23 -20.59
N PHE F 311 -3.24 34.73 -20.87
CA PHE F 311 -3.96 35.11 -22.08
C PHE F 311 -4.36 36.59 -22.04
N ASP F 312 -4.77 37.08 -20.87
CA ASP F 312 -5.15 38.49 -20.75
C ASP F 312 -3.93 39.36 -20.92
N THR F 313 -2.75 38.86 -20.54
CA THR F 313 -1.52 39.63 -20.70
C THR F 313 -1.20 39.74 -22.19
N LEU F 314 -1.35 38.62 -22.89
CA LEU F 314 -1.09 38.60 -24.32
C LEU F 314 -2.08 39.50 -25.06
N ALA F 315 -3.34 39.51 -24.60
CA ALA F 315 -4.36 40.34 -25.23
C ALA F 315 -3.99 41.81 -25.12
N TRP F 316 -3.48 42.21 -23.96
CA TRP F 316 -3.06 43.60 -23.74
C TRP F 316 -1.87 43.89 -24.65
N HIS F 317 -0.88 43.01 -24.61
CA HIS F 317 0.32 43.13 -25.45
C HIS F 317 -0.09 43.33 -26.91
N ASP F 318 -1.02 42.52 -27.39
CA ASP F 318 -1.47 42.60 -28.77
C ASP F 318 -2.26 43.86 -29.10
N ARG F 319 -3.04 44.37 -28.14
CA ARG F 319 -3.79 45.61 -28.38
C ARG F 319 -2.80 46.75 -28.58
N VAL F 320 -1.83 46.83 -27.67
CA VAL F 320 -0.83 47.89 -27.72
C VAL F 320 0.02 47.72 -28.98
N LEU F 321 0.41 46.49 -29.28
CA LEU F 321 1.22 46.21 -30.45
C LEU F 321 0.51 46.59 -31.75
N THR F 322 -0.79 46.33 -31.82
CA THR F 322 -1.55 46.66 -33.03
C THR F 322 -1.48 48.16 -33.30
N ILE F 323 -1.65 48.96 -32.26
CA ILE F 323 -1.58 50.42 -32.39
C ILE F 323 -0.19 50.83 -32.86
N GLU F 324 0.84 50.29 -32.21
CA GLU F 324 2.21 50.61 -32.57
C GLU F 324 2.52 50.27 -34.03
N LEU F 325 2.16 49.05 -34.45
CA LEU F 325 2.40 48.60 -35.80
C LEU F 325 1.81 49.54 -36.85
N ASN F 326 0.59 49.99 -36.60
CA ASN F 326 -0.10 50.86 -37.54
C ASN F 326 0.10 52.35 -37.31
N ALA F 327 1.07 52.70 -36.46
CA ALA F 327 1.33 54.10 -36.16
C ALA F 327 2.53 54.62 -36.93
N VAL F 328 2.76 55.93 -36.80
CA VAL F 328 3.91 56.56 -37.42
C VAL F 328 4.81 56.85 -36.21
N THR F 329 5.93 56.14 -36.11
CA THR F 329 6.84 56.35 -35.01
C THR F 329 8.06 57.16 -35.45
N ASP F 330 7.91 57.85 -36.58
CA ASP F 330 8.96 58.68 -37.16
C ASP F 330 9.19 60.02 -36.45
N ASN F 331 10.40 60.54 -36.65
CA ASN F 331 10.78 61.87 -36.19
C ASN F 331 11.91 62.32 -37.09
N PRO F 332 11.75 63.46 -37.77
CA PRO F 332 10.54 64.30 -37.72
C PRO F 332 9.44 63.70 -38.56
N VAL F 333 8.29 64.37 -38.64
CA VAL F 333 7.16 63.92 -39.43
C VAL F 333 6.60 65.10 -40.22
N PHE F 334 5.94 64.82 -41.33
CA PHE F 334 5.38 65.86 -42.17
C PHE F 334 3.87 65.71 -42.23
N PRO F 335 3.15 66.49 -41.41
CA PRO F 335 1.69 66.49 -41.31
C PRO F 335 0.98 66.45 -42.67
N PRO F 336 0.17 65.41 -42.91
CA PRO F 336 -0.56 65.27 -44.18
C PRO F 336 -1.49 66.45 -44.45
N ASP F 337 -2.00 67.08 -43.40
CA ASP F 337 -2.91 68.21 -43.57
C ASP F 337 -2.17 69.49 -43.96
N GLY F 338 -0.86 69.48 -43.82
CA GLY F 338 -0.07 70.64 -44.18
C GLY F 338 -0.18 71.83 -43.24
N SER F 339 -0.64 71.60 -42.02
CA SER F 339 -0.78 72.67 -41.03
C SER F 339 0.58 73.32 -40.75
N VAL F 340 1.63 72.51 -40.66
CA VAL F 340 2.99 73.00 -40.44
C VAL F 340 3.88 72.15 -41.34
N PRO F 341 5.04 72.70 -41.74
CA PRO F 341 5.96 71.96 -42.62
C PRO F 341 6.39 70.61 -42.05
N ALA F 342 6.64 70.59 -40.75
CA ALA F 342 7.07 69.38 -40.07
C ALA F 342 6.97 69.54 -38.57
N LEU F 343 6.89 68.43 -37.85
CA LEU F 343 6.81 68.44 -36.41
C LEU F 343 7.96 67.64 -35.83
N HIS F 344 8.51 68.12 -34.71
CA HIS F 344 9.61 67.44 -34.05
C HIS F 344 9.16 66.99 -32.67
N GLY F 345 9.33 65.70 -32.40
CA GLY F 345 8.92 65.14 -31.13
C GLY F 345 9.66 63.86 -30.83
N GLY F 346 9.01 62.95 -30.10
CA GLY F 346 9.68 61.70 -29.77
C GLY F 346 8.86 60.45 -29.91
N ASN F 347 8.15 60.30 -31.03
CA ASN F 347 7.33 59.11 -31.24
C ASN F 347 8.14 57.86 -31.50
N PHE F 348 9.46 58.00 -31.51
CA PHE F 348 10.37 56.88 -31.73
C PHE F 348 10.70 56.19 -30.40
N MET F 349 10.23 56.76 -29.29
CA MET F 349 10.48 56.21 -27.97
C MET F 349 9.63 54.96 -27.80
N GLY F 350 10.26 53.78 -27.89
CA GLY F 350 9.52 52.54 -27.79
C GLY F 350 9.16 52.02 -26.41
N GLN F 351 8.69 52.90 -25.53
CA GLN F 351 8.35 52.48 -24.18
C GLN F 351 7.14 51.53 -24.16
N HIS F 352 6.21 51.69 -25.09
CA HIS F 352 5.04 50.81 -25.13
C HIS F 352 5.39 49.35 -25.41
N VAL F 353 6.22 49.12 -26.43
CA VAL F 353 6.60 47.74 -26.74
C VAL F 353 7.51 47.21 -25.63
N ALA F 354 8.28 48.10 -25.01
CA ALA F 354 9.17 47.68 -23.94
C ALA F 354 8.37 47.13 -22.74
N LEU F 355 7.40 47.91 -22.27
CA LEU F 355 6.59 47.49 -21.13
C LEU F 355 5.72 46.26 -21.44
N THR F 356 5.15 46.19 -22.63
CA THR F 356 4.31 45.03 -22.97
C THR F 356 5.16 43.78 -23.17
N SER F 357 6.36 43.96 -23.71
CA SER F 357 7.25 42.80 -23.92
C SER F 357 7.69 42.24 -22.58
N ASP F 358 8.06 43.10 -21.64
CA ASP F 358 8.48 42.66 -20.31
C ASP F 358 7.33 41.97 -19.58
N ALA F 359 6.12 42.52 -19.72
CA ALA F 359 4.95 41.94 -19.08
C ALA F 359 4.65 40.56 -19.67
N LEU F 360 4.74 40.45 -20.99
CA LEU F 360 4.49 39.17 -21.66
C LEU F 360 5.58 38.16 -21.29
N ALA F 361 6.81 38.63 -21.15
CA ALA F 361 7.92 37.75 -20.77
C ALA F 361 7.63 37.11 -19.41
N THR F 362 7.10 37.91 -18.48
CA THR F 362 6.75 37.40 -17.16
C THR F 362 5.63 36.36 -17.29
N ALA F 363 4.61 36.69 -18.08
CA ALA F 363 3.48 35.80 -18.29
C ALA F 363 3.97 34.47 -18.89
N VAL F 364 4.88 34.56 -19.86
CA VAL F 364 5.42 33.36 -20.50
C VAL F 364 6.18 32.48 -19.50
N THR F 365 6.95 33.12 -18.61
CA THR F 365 7.71 32.38 -17.62
C THR F 365 6.75 31.66 -16.65
N VAL F 366 5.65 32.32 -16.31
CA VAL F 366 4.64 31.74 -15.41
C VAL F 366 3.99 30.51 -16.04
N LEU F 367 3.54 30.64 -17.29
CA LEU F 367 2.91 29.54 -18.00
C LEU F 367 3.88 28.38 -18.28
N ALA F 368 5.14 28.70 -18.55
CA ALA F 368 6.14 27.67 -18.77
C ALA F 368 6.33 26.92 -17.45
N GLY F 369 6.20 27.65 -16.34
CA GLY F 369 6.34 27.05 -15.02
C GLY F 369 5.21 26.06 -14.79
N LEU F 370 4.01 26.40 -15.24
CA LEU F 370 2.86 25.53 -15.11
C LEU F 370 3.14 24.22 -15.88
N ALA F 371 3.58 24.36 -17.12
CA ALA F 371 3.87 23.20 -17.96
C ALA F 371 4.97 22.35 -17.32
N GLU F 372 5.98 23.00 -16.75
CA GLU F 372 7.08 22.27 -16.12
C GLU F 372 6.55 21.47 -14.92
N ARG F 373 5.66 22.05 -14.12
CA ARG F 373 5.09 21.33 -12.99
C ARG F 373 4.17 20.20 -13.46
N GLN F 374 3.55 20.36 -14.62
CA GLN F 374 2.67 19.31 -15.14
C GLN F 374 3.53 18.10 -15.51
N ILE F 375 4.72 18.35 -16.06
CA ILE F 375 5.63 17.26 -16.41
C ILE F 375 6.10 16.57 -15.13
N ALA F 376 6.49 17.37 -14.15
CA ALA F 376 6.98 16.85 -12.88
C ALA F 376 5.94 15.97 -12.17
N ARG F 377 4.67 16.33 -12.27
CA ARG F 377 3.61 15.56 -11.65
C ARG F 377 3.34 14.28 -12.45
N LEU F 378 3.20 14.43 -13.75
CA LEU F 378 2.93 13.30 -14.63
C LEU F 378 3.97 12.19 -14.58
N THR F 379 5.23 12.56 -14.39
CA THR F 379 6.33 11.60 -14.36
C THR F 379 6.70 11.04 -13.00
N ASP F 380 6.04 11.55 -11.96
CA ASP F 380 6.32 11.12 -10.58
C ASP F 380 5.40 9.94 -10.23
N GLU F 381 5.97 8.76 -10.04
CA GLU F 381 5.17 7.58 -9.73
C GLU F 381 4.34 7.72 -8.45
N ARG F 382 4.72 8.65 -7.58
CA ARG F 382 3.96 8.86 -6.36
C ARG F 382 2.78 9.81 -6.58
N LEU F 383 2.79 10.55 -7.69
CA LEU F 383 1.71 11.49 -7.97
C LEU F 383 0.91 11.21 -9.25
N ASN F 384 1.44 10.37 -10.14
CA ASN F 384 0.75 10.12 -11.40
C ASN F 384 -0.31 9.01 -11.40
N ARG F 385 -0.79 8.67 -10.21
CA ARG F 385 -1.85 7.68 -10.05
C ARG F 385 -1.73 6.36 -10.79
N GLY F 386 -0.65 5.62 -10.53
CA GLY F 386 -0.50 4.33 -11.18
C GLY F 386 0.32 4.24 -12.45
N LEU F 387 0.79 5.35 -12.99
CA LEU F 387 1.61 5.30 -14.20
C LEU F 387 3.05 4.96 -13.83
N PRO F 388 3.80 4.35 -14.77
CA PRO F 388 5.20 3.99 -14.51
C PRO F 388 6.06 5.20 -14.17
N PRO F 389 7.08 5.03 -13.33
CA PRO F 389 7.93 6.17 -12.99
C PRO F 389 8.57 6.70 -14.27
N PHE F 390 8.43 8.00 -14.50
CA PHE F 390 9.01 8.65 -15.68
C PHE F 390 8.49 8.04 -16.98
N LEU F 391 7.32 7.41 -16.91
CA LEU F 391 6.66 6.82 -18.06
C LEU F 391 7.51 5.90 -18.92
N HIS F 392 8.36 5.11 -18.27
CA HIS F 392 9.23 4.20 -19.00
C HIS F 392 8.46 2.96 -19.41
N ARG F 393 9.03 2.23 -20.37
CA ARG F 393 8.48 0.97 -20.82
C ARG F 393 9.68 0.04 -20.65
N GLY F 394 9.43 -1.27 -20.62
CA GLY F 394 10.52 -2.20 -20.42
C GLY F 394 10.77 -2.32 -18.92
N PRO F 395 11.72 -3.14 -18.48
CA PRO F 395 11.99 -3.29 -17.04
C PRO F 395 12.39 -1.97 -16.37
N ALA F 396 11.76 -1.66 -15.25
CA ALA F 396 12.08 -0.42 -14.52
C ALA F 396 13.49 -0.56 -13.96
N GLY F 397 14.20 0.55 -13.83
CA GLY F 397 15.56 0.47 -13.34
C GLY F 397 16.49 0.40 -14.53
N LEU F 398 16.34 -0.64 -15.35
CA LEU F 398 17.15 -0.78 -16.55
C LEU F 398 16.76 0.35 -17.49
N ASN F 399 15.47 0.70 -17.46
CA ASN F 399 14.95 1.78 -18.29
C ASN F 399 14.51 2.92 -17.39
N SER F 400 14.81 4.15 -17.81
CA SER F 400 14.46 5.32 -17.03
C SER F 400 13.46 6.23 -17.74
N GLY F 401 13.12 5.87 -18.97
CA GLY F 401 12.15 6.65 -19.74
C GLY F 401 12.45 8.13 -19.93
N PHE F 402 11.55 8.98 -19.44
CA PHE F 402 11.70 10.43 -19.57
C PHE F 402 12.39 11.09 -18.39
N MET F 403 13.09 10.29 -17.58
CA MET F 403 13.76 10.84 -16.40
C MET F 403 14.75 11.95 -16.73
N GLY F 404 15.46 11.81 -17.85
CA GLY F 404 16.40 12.85 -18.24
C GLY F 404 15.68 14.08 -18.77
N ALA F 405 14.72 13.86 -19.66
CA ALA F 405 13.96 14.97 -20.25
C ALA F 405 13.21 15.79 -19.20
N GLN F 406 12.77 15.14 -18.11
CA GLN F 406 12.04 15.84 -17.06
C GLN F 406 12.96 16.85 -16.37
N VAL F 407 14.21 16.47 -16.13
CA VAL F 407 15.17 17.37 -15.51
C VAL F 407 15.53 18.49 -16.49
N THR F 408 15.58 18.16 -17.78
CA THR F 408 15.89 19.17 -18.79
C THR F 408 14.82 20.27 -18.77
N ALA F 409 13.56 19.87 -18.62
CA ALA F 409 12.46 20.83 -18.58
C ALA F 409 12.66 21.79 -17.41
N THR F 410 13.07 21.25 -16.26
CA THR F 410 13.30 22.07 -15.09
C THR F 410 14.46 23.03 -15.35
N ALA F 411 15.52 22.51 -15.97
CA ALA F 411 16.70 23.31 -16.28
C ALA F 411 16.35 24.48 -17.18
N LEU F 412 15.52 24.23 -18.19
CA LEU F 412 15.12 25.28 -19.13
C LEU F 412 14.33 26.38 -18.42
N LEU F 413 13.43 25.98 -17.52
CA LEU F 413 12.62 26.94 -16.80
C LEU F 413 13.50 27.79 -15.89
N ALA F 414 14.39 27.14 -15.15
CA ALA F 414 15.29 27.85 -14.25
C ALA F 414 16.06 28.94 -14.98
N GLU F 415 16.51 28.63 -16.19
CA GLU F 415 17.24 29.60 -16.98
C GLU F 415 16.34 30.78 -17.37
N MET F 416 15.09 30.49 -17.71
CA MET F 416 14.14 31.53 -18.07
C MET F 416 14.02 32.55 -16.93
N ARG F 417 13.90 32.03 -15.71
CA ARG F 417 13.75 32.83 -14.50
C ARG F 417 14.91 33.77 -14.19
N ALA F 418 16.10 33.44 -14.67
CA ALA F 418 17.29 34.26 -14.40
C ALA F 418 17.26 35.61 -15.09
N THR F 419 16.44 35.77 -16.11
CA THR F 419 16.38 37.04 -16.83
C THR F 419 15.08 37.78 -16.53
N GLY F 420 15.20 39.03 -16.12
CA GLY F 420 14.03 39.83 -15.80
C GLY F 420 13.72 40.90 -16.84
N PRO F 421 12.83 41.87 -16.52
CA PRO F 421 12.45 42.96 -17.41
C PRO F 421 13.65 43.75 -17.91
N ALA F 422 13.59 44.22 -19.15
CA ALA F 422 14.67 45.00 -19.73
C ALA F 422 14.47 46.50 -19.51
N SER F 423 13.21 46.92 -19.47
CA SER F 423 12.82 48.31 -19.32
C SER F 423 13.36 49.09 -18.12
N ILE F 424 13.57 48.41 -17.00
CA ILE F 424 14.05 49.10 -15.80
C ILE F 424 15.52 49.53 -15.84
N HIS F 425 16.24 49.16 -16.91
CA HIS F 425 17.66 49.47 -17.01
C HIS F 425 18.06 50.66 -17.86
N SER F 426 17.18 51.66 -17.96
CA SER F 426 17.50 52.84 -18.75
C SER F 426 18.74 53.52 -18.19
N ILE F 427 19.62 53.94 -19.10
CA ILE F 427 20.85 54.62 -18.74
C ILE F 427 21.00 55.81 -19.68
N SER F 428 21.29 56.98 -19.10
CA SER F 428 21.45 58.21 -19.87
C SER F 428 22.61 58.03 -20.83
N THR F 429 22.39 58.35 -22.10
CA THR F 429 23.45 58.18 -23.09
C THR F 429 23.39 59.26 -24.18
N ASN F 430 24.24 59.14 -25.19
CA ASN F 430 24.29 60.12 -26.28
C ASN F 430 24.60 61.50 -25.69
N ALA F 431 25.64 61.56 -24.87
CA ALA F 431 26.05 62.80 -24.21
C ALA F 431 24.88 63.40 -23.41
N ALA F 432 24.09 62.52 -22.80
CA ALA F 432 22.94 62.89 -21.97
C ALA F 432 21.74 63.42 -22.75
N ASN F 433 21.85 63.46 -24.06
CA ASN F 433 20.73 63.93 -24.87
C ASN F 433 19.61 62.89 -24.77
N GLN F 434 19.99 61.61 -24.76
CA GLN F 434 19.02 60.55 -24.61
C GLN F 434 19.10 60.16 -23.14
N ASP F 435 18.66 61.05 -22.25
CA ASP F 435 18.76 60.74 -20.83
C ASP F 435 17.86 59.64 -20.32
N VAL F 436 16.88 59.23 -21.14
CA VAL F 436 16.01 58.10 -20.83
C VAL F 436 15.84 57.35 -22.14
N VAL F 437 15.88 56.02 -22.09
CA VAL F 437 15.76 55.19 -23.28
C VAL F 437 14.82 54.02 -22.97
N SER F 438 14.08 53.54 -23.97
CA SER F 438 13.11 52.47 -23.75
C SER F 438 13.66 51.05 -23.61
N LEU F 439 14.69 50.73 -24.37
CA LEU F 439 15.27 49.38 -24.34
C LEU F 439 14.22 48.37 -24.82
N GLY F 440 13.25 48.85 -25.59
CA GLY F 440 12.17 48.00 -26.09
C GLY F 440 12.62 46.84 -26.96
N THR F 441 13.64 47.06 -27.77
CA THR F 441 14.18 46.03 -28.65
C THR F 441 14.75 44.89 -27.81
N ILE F 442 15.52 45.27 -26.79
CA ILE F 442 16.09 44.28 -25.89
C ILE F 442 14.96 43.53 -25.20
N ALA F 443 13.95 44.26 -24.73
CA ALA F 443 12.81 43.64 -24.05
C ALA F 443 12.10 42.62 -24.96
N ALA F 444 11.89 42.98 -26.22
CA ALA F 444 11.23 42.07 -27.15
C ALA F 444 12.07 40.82 -27.42
N ARG F 445 13.38 41.01 -27.53
CA ARG F 445 14.29 39.89 -27.78
C ARG F 445 14.37 38.95 -26.57
N LEU F 446 14.36 39.52 -25.37
CA LEU F 446 14.41 38.71 -24.16
C LEU F 446 13.11 37.90 -24.03
N CYS F 447 12.01 38.48 -24.48
CA CYS F 447 10.72 37.79 -24.42
C CYS F 447 10.73 36.62 -25.40
N ARG F 448 11.36 36.84 -26.56
CA ARG F 448 11.48 35.81 -27.58
C ARG F 448 12.25 34.59 -27.05
N GLU F 449 13.35 34.84 -26.37
CA GLU F 449 14.14 33.72 -25.83
C GLU F 449 13.27 32.90 -24.87
N LYS F 450 12.47 33.57 -24.06
CA LYS F 450 11.61 32.88 -23.11
C LYS F 450 10.54 32.09 -23.83
N ILE F 451 10.03 32.64 -24.93
CA ILE F 451 9.02 31.94 -25.71
C ILE F 451 9.65 30.66 -26.30
N ASP F 452 10.90 30.75 -26.73
CA ASP F 452 11.57 29.58 -27.29
C ASP F 452 11.80 28.50 -26.23
N ARG F 453 12.10 28.92 -25.01
CA ARG F 453 12.29 27.96 -23.92
C ARG F 453 10.95 27.32 -23.60
N TRP F 454 9.88 28.13 -23.60
CA TRP F 454 8.54 27.63 -23.32
C TRP F 454 8.16 26.56 -24.34
N ALA F 455 8.51 26.78 -25.60
CA ALA F 455 8.21 25.80 -26.65
C ALA F 455 8.88 24.46 -26.36
N GLU F 456 10.14 24.51 -25.91
CA GLU F 456 10.87 23.29 -25.60
C GLU F 456 10.26 22.54 -24.41
N ILE F 457 9.85 23.29 -23.40
CA ILE F 457 9.23 22.68 -22.23
C ILE F 457 7.92 22.01 -22.65
N LEU F 458 7.14 22.70 -23.47
CA LEU F 458 5.86 22.16 -23.95
C LEU F 458 6.09 20.90 -24.77
N ALA F 459 7.14 20.90 -25.59
CA ALA F 459 7.48 19.75 -26.42
C ALA F 459 7.79 18.53 -25.53
N ILE F 460 8.47 18.76 -24.41
CA ILE F 460 8.78 17.67 -23.51
C ILE F 460 7.47 17.14 -22.92
N LEU F 461 6.56 18.06 -22.57
CA LEU F 461 5.28 17.67 -22.00
C LEU F 461 4.44 16.90 -23.01
N ALA F 462 4.50 17.31 -24.28
CA ALA F 462 3.75 16.65 -25.33
C ALA F 462 4.24 15.21 -25.53
N LEU F 463 5.56 15.05 -25.59
CA LEU F 463 6.12 13.71 -25.77
C LEU F 463 5.75 12.84 -24.57
N CYS F 464 5.79 13.40 -23.37
CA CYS F 464 5.42 12.64 -22.17
C CYS F 464 3.97 12.22 -22.22
N LEU F 465 3.09 13.16 -22.56
CA LEU F 465 1.67 12.88 -22.64
C LEU F 465 1.32 11.83 -23.69
N ALA F 466 2.00 11.86 -24.84
CA ALA F 466 1.73 10.87 -25.88
C ALA F 466 2.00 9.49 -25.30
N GLN F 467 3.12 9.37 -24.59
CA GLN F 467 3.51 8.11 -23.96
C GLN F 467 2.52 7.74 -22.85
N ALA F 468 2.23 8.69 -21.97
CA ALA F 468 1.32 8.45 -20.86
C ALA F 468 -0.06 8.04 -21.34
N ALA F 469 -0.54 8.65 -22.42
CA ALA F 469 -1.86 8.31 -22.95
C ALA F 469 -1.91 6.85 -23.38
N GLU F 470 -0.86 6.39 -24.06
CA GLU F 470 -0.80 5.01 -24.51
C GLU F 470 -0.62 4.05 -23.34
N LEU F 471 0.13 4.46 -22.32
CA LEU F 471 0.34 3.61 -21.16
C LEU F 471 -0.94 3.45 -20.36
N ARG F 472 -1.72 4.53 -20.27
CA ARG F 472 -2.96 4.50 -19.52
C ARG F 472 -4.14 3.89 -20.27
N CYS F 473 -4.26 4.21 -21.55
CA CYS F 473 -5.40 3.75 -22.33
C CYS F 473 -5.09 2.75 -23.43
N GLY F 474 -3.86 2.27 -23.48
CA GLY F 474 -3.50 1.31 -24.52
C GLY F 474 -3.18 2.05 -25.81
N SER F 475 -2.52 1.37 -26.73
CA SER F 475 -2.15 1.97 -28.01
C SER F 475 -3.38 2.46 -28.78
N GLY F 476 -4.53 1.88 -28.48
CA GLY F 476 -5.76 2.29 -29.14
C GLY F 476 -6.35 3.54 -28.51
N LEU F 477 -5.76 3.99 -27.41
CA LEU F 477 -6.24 5.20 -26.72
C LEU F 477 -7.73 5.13 -26.37
N ASP F 478 -8.14 4.00 -25.80
CA ASP F 478 -9.53 3.80 -25.41
C ASP F 478 -10.04 4.79 -24.38
N GLY F 479 -11.13 5.47 -24.72
CA GLY F 479 -11.71 6.45 -23.82
C GLY F 479 -11.17 7.85 -24.01
N VAL F 480 -10.10 8.00 -24.77
CA VAL F 480 -9.53 9.32 -25.00
C VAL F 480 -10.44 10.12 -25.92
N SER F 481 -10.53 11.42 -25.67
CA SER F 481 -11.35 12.32 -26.47
C SER F 481 -10.92 12.32 -27.93
N PRO F 482 -11.82 12.71 -28.84
CA PRO F 482 -11.47 12.76 -30.26
C PRO F 482 -10.29 13.72 -30.50
N ALA F 483 -10.33 14.86 -29.82
CA ALA F 483 -9.27 15.85 -29.97
C ALA F 483 -7.94 15.29 -29.47
N GLY F 484 -7.96 14.65 -28.30
CA GLY F 484 -6.76 14.07 -27.74
C GLY F 484 -6.19 12.96 -28.60
N LYS F 485 -7.09 12.11 -29.13
CA LYS F 485 -6.65 11.03 -30.00
C LYS F 485 -5.95 11.62 -31.23
N LYS F 486 -6.56 12.64 -31.81
CA LYS F 486 -6.01 13.28 -32.99
C LYS F 486 -4.63 13.87 -32.71
N LEU F 487 -4.47 14.47 -31.54
CA LEU F 487 -3.20 15.08 -31.17
C LEU F 487 -2.12 14.01 -31.03
N VAL F 488 -2.40 12.97 -30.26
CA VAL F 488 -1.43 11.90 -30.08
C VAL F 488 -1.10 11.23 -31.41
N GLN F 489 -2.11 10.96 -32.21
CA GLN F 489 -1.92 10.33 -33.51
C GLN F 489 -1.00 11.15 -34.39
N ALA F 490 -1.24 12.46 -34.43
CA ALA F 490 -0.41 13.38 -35.22
C ALA F 490 1.04 13.36 -34.75
N LEU F 491 1.24 13.38 -33.44
CA LEU F 491 2.59 13.36 -32.90
C LEU F 491 3.28 12.07 -33.28
N ARG F 492 2.57 10.96 -33.13
CA ARG F 492 3.11 9.65 -33.45
C ARG F 492 3.52 9.47 -34.90
N GLU F 493 3.07 10.37 -35.77
CA GLU F 493 3.43 10.28 -37.18
C GLU F 493 4.92 10.58 -37.36
N GLN F 494 5.48 11.36 -36.45
CA GLN F 494 6.90 11.73 -36.52
C GLN F 494 7.71 11.32 -35.29
N PHE F 495 7.04 11.09 -34.17
CA PHE F 495 7.74 10.73 -32.94
C PHE F 495 7.24 9.39 -32.40
N PRO F 496 8.04 8.32 -32.59
CA PRO F 496 7.73 6.96 -32.15
C PRO F 496 7.63 6.84 -30.64
N PRO F 497 6.88 5.84 -30.16
CA PRO F 497 6.74 5.65 -28.71
C PRO F 497 8.11 5.32 -28.11
N LEU F 498 8.28 5.60 -26.83
CA LEU F 498 9.55 5.32 -26.16
C LEU F 498 9.45 3.89 -25.61
N GLU F 499 9.84 2.92 -26.41
CA GLU F 499 9.78 1.52 -25.99
C GLU F 499 10.99 1.13 -25.15
N THR F 500 12.08 1.84 -25.37
CA THR F 500 13.32 1.60 -24.63
C THR F 500 14.03 2.96 -24.63
N ASP F 501 14.86 3.21 -23.63
CA ASP F 501 15.56 4.49 -23.52
C ASP F 501 16.33 4.87 -24.79
N ARG F 502 16.23 6.13 -25.18
CA ARG F 502 16.93 6.65 -26.35
C ARG F 502 17.14 8.16 -26.19
N PRO F 503 18.11 8.73 -26.91
CA PRO F 503 18.35 10.18 -26.81
C PRO F 503 17.09 10.90 -27.30
N LEU F 504 16.65 11.90 -26.54
CA LEU F 504 15.44 12.65 -26.90
C LEU F 504 15.71 14.10 -27.26
N GLY F 505 16.95 14.54 -27.08
CA GLY F 505 17.30 15.92 -27.38
C GLY F 505 16.88 16.45 -28.74
N GLN F 506 17.22 15.73 -29.81
CA GLN F 506 16.88 16.17 -31.16
C GLN F 506 15.38 16.19 -31.42
N GLU F 507 14.66 15.21 -30.87
CA GLU F 507 13.22 15.14 -31.05
C GLU F 507 12.54 16.29 -30.32
N ILE F 508 13.07 16.65 -29.16
CA ILE F 508 12.52 17.76 -28.39
C ILE F 508 12.69 19.07 -29.16
N ALA F 509 13.88 19.29 -29.70
CA ALA F 509 14.16 20.49 -30.47
C ALA F 509 13.27 20.57 -31.72
N ALA F 510 13.15 19.45 -32.43
CA ALA F 510 12.33 19.39 -33.64
C ALA F 510 10.86 19.68 -33.35
N LEU F 511 10.33 19.08 -32.29
CA LEU F 511 8.93 19.30 -31.94
C LEU F 511 8.70 20.74 -31.50
N ALA F 512 9.65 21.31 -30.78
CA ALA F 512 9.53 22.70 -30.33
C ALA F 512 9.37 23.62 -31.53
N THR F 513 10.16 23.38 -32.57
CA THR F 513 10.10 24.19 -33.77
C THR F 513 8.70 24.13 -34.37
N HIS F 514 8.06 22.96 -34.27
CA HIS F 514 6.72 22.79 -34.79
C HIS F 514 5.66 23.52 -33.96
N LEU F 515 5.78 23.39 -32.63
CA LEU F 515 4.82 24.02 -31.72
C LEU F 515 4.74 25.54 -31.89
N LEU F 516 5.86 26.16 -32.26
CA LEU F 516 5.92 27.62 -32.44
C LEU F 516 5.21 28.11 -33.70
N GLN F 517 4.96 27.22 -34.66
CA GLN F 517 4.34 27.62 -35.92
C GLN F 517 2.95 27.08 -36.21
N GLN F 518 2.55 26.02 -35.51
CA GLN F 518 1.23 25.42 -35.72
C GLN F 518 0.59 24.98 -34.41
N SER F 519 -0.74 25.03 -34.37
CA SER F 519 -1.52 24.64 -33.20
C SER F 519 -2.10 23.24 -33.39
N PRO F 520 -2.51 22.58 -32.30
CA PRO F 520 -3.09 21.24 -32.39
C PRO F 520 -4.56 21.32 -32.79
N VAL F 521 -4.84 21.09 -34.07
CA VAL F 521 -6.21 21.15 -34.56
C VAL F 521 -6.54 19.97 -35.48
N LYS G 8 -21.15 62.37 6.09
CA LYS G 8 -20.15 61.57 5.32
C LYS G 8 -20.82 60.80 4.19
N PRO G 9 -20.27 60.89 2.97
CA PRO G 9 -20.84 60.20 1.81
C PRO G 9 -21.01 58.71 2.08
N ALA G 10 -21.93 58.08 1.37
CA ALA G 10 -22.17 56.66 1.54
C ALA G 10 -22.10 55.94 0.21
N VAL G 11 -21.39 54.82 0.19
CA VAL G 11 -21.27 54.01 -1.00
C VAL G 11 -22.25 52.86 -0.83
N GLU G 12 -23.25 52.78 -1.71
CA GLU G 12 -24.21 51.70 -1.63
C GLU G 12 -23.74 50.55 -2.49
N LEU G 13 -23.43 49.44 -1.84
CA LEU G 13 -22.94 48.26 -2.54
C LEU G 13 -24.04 47.30 -2.97
N ASP G 14 -24.10 47.04 -4.27
CA ASP G 14 -25.08 46.10 -4.81
C ASP G 14 -24.26 45.00 -5.46
N ARG G 15 -23.91 45.20 -6.73
CA ARG G 15 -23.12 44.21 -7.46
C ARG G 15 -21.75 44.74 -7.89
N HIS G 16 -21.70 46.00 -8.31
CA HIS G 16 -20.46 46.60 -8.79
C HIS G 16 -20.04 47.86 -8.06
N ILE G 17 -18.74 47.98 -7.81
CA ILE G 17 -18.18 49.15 -7.15
C ILE G 17 -16.90 49.48 -7.94
N ASP G 18 -16.68 50.76 -8.22
CA ASP G 18 -15.47 51.11 -8.98
C ASP G 18 -14.29 51.35 -8.05
N LEU G 19 -13.09 51.45 -8.62
CA LEU G 19 -11.89 51.65 -7.81
C LEU G 19 -11.94 52.89 -6.90
N ASP G 20 -12.52 53.99 -7.38
CA ASP G 20 -12.58 55.20 -6.56
C ASP G 20 -13.49 55.02 -5.35
N GLN G 21 -14.64 54.40 -5.56
CA GLN G 21 -15.59 54.14 -4.47
C GLN G 21 -14.93 53.21 -3.46
N ALA G 22 -14.25 52.19 -3.96
CA ALA G 22 -13.58 51.22 -3.10
C ALA G 22 -12.55 51.91 -2.22
N HIS G 23 -11.76 52.81 -2.81
CA HIS G 23 -10.75 53.51 -2.01
C HIS G 23 -11.40 54.49 -1.05
N ALA G 24 -12.53 55.06 -1.43
CA ALA G 24 -13.23 56.01 -0.56
C ALA G 24 -13.63 55.27 0.73
N VAL G 25 -14.18 54.07 0.59
CA VAL G 25 -14.57 53.29 1.76
C VAL G 25 -13.35 52.85 2.55
N ALA G 26 -12.38 52.28 1.87
CA ALA G 26 -11.16 51.80 2.51
C ALA G 26 -10.45 52.89 3.30
N SER G 27 -10.39 54.09 2.75
CA SER G 27 -9.72 55.20 3.43
C SER G 27 -10.61 55.89 4.46
N GLY G 28 -11.84 55.43 4.62
CA GLY G 28 -12.73 56.02 5.60
C GLY G 28 -13.36 57.33 5.14
N GLY G 29 -13.24 57.62 3.84
CA GLY G 29 -13.82 58.84 3.30
C GLY G 29 -15.31 58.67 3.06
N ALA G 30 -15.75 57.43 2.98
CA ALA G 30 -17.16 57.14 2.76
C ALA G 30 -17.63 55.96 3.60
N ARG G 31 -18.91 55.95 3.93
CA ARG G 31 -19.49 54.85 4.70
C ARG G 31 -19.95 53.84 3.66
N ILE G 32 -20.21 52.61 4.07
CA ILE G 32 -20.68 51.62 3.12
C ILE G 32 -22.01 51.04 3.57
N VAL G 33 -22.90 50.86 2.60
CA VAL G 33 -24.22 50.31 2.86
C VAL G 33 -24.48 49.18 1.88
N LEU G 34 -25.12 48.13 2.34
CA LEU G 34 -25.44 47.01 1.47
C LEU G 34 -26.82 47.32 0.89
N ALA G 35 -26.92 47.36 -0.44
CA ALA G 35 -28.19 47.64 -1.08
C ALA G 35 -29.19 46.51 -0.84
N PRO G 36 -30.49 46.83 -0.81
CA PRO G 36 -31.56 45.84 -0.58
C PRO G 36 -31.38 44.55 -1.38
N PRO G 37 -31.18 44.65 -2.70
CA PRO G 37 -31.01 43.43 -3.50
C PRO G 37 -29.79 42.60 -3.09
N ALA G 38 -28.73 43.27 -2.64
CA ALA G 38 -27.53 42.57 -2.22
C ALA G 38 -27.83 41.82 -0.93
N ARG G 39 -28.50 42.51 0.00
CA ARG G 39 -28.86 41.92 1.27
C ARG G 39 -29.69 40.65 1.03
N ASP G 40 -30.62 40.73 0.08
CA ASP G 40 -31.47 39.58 -0.22
C ASP G 40 -30.70 38.45 -0.88
N ARG G 41 -29.81 38.78 -1.81
CA ARG G 41 -29.02 37.74 -2.46
C ARG G 41 -28.20 37.02 -1.40
N CYS G 42 -27.67 37.79 -0.44
CA CYS G 42 -26.86 37.18 0.60
C CYS G 42 -27.68 36.31 1.53
N ARG G 43 -28.91 36.73 1.86
CA ARG G 43 -29.76 35.93 2.71
C ARG G 43 -30.05 34.62 2.01
N ALA G 44 -30.30 34.69 0.70
CA ALA G 44 -30.61 33.49 -0.08
C ALA G 44 -29.41 32.55 -0.08
N SER G 45 -28.20 33.10 -0.18
CA SER G 45 -27.00 32.30 -0.19
C SER G 45 -26.77 31.65 1.19
N GLU G 46 -27.08 32.38 2.24
CA GLU G 46 -26.94 31.88 3.60
C GLU G 46 -27.83 30.65 3.77
N ALA G 47 -29.01 30.71 3.18
CA ALA G 47 -29.96 29.61 3.25
C ALA G 47 -29.44 28.41 2.46
N ARG G 48 -28.84 28.66 1.29
CA ARG G 48 -28.31 27.57 0.49
C ARG G 48 -27.20 26.84 1.25
N LEU G 49 -26.36 27.60 1.95
CA LEU G 49 -25.29 26.99 2.73
C LEU G 49 -25.93 26.09 3.80
N GLY G 50 -27.01 26.59 4.40
CA GLY G 50 -27.70 25.80 5.41
C GLY G 50 -28.23 24.51 4.83
N ALA G 51 -28.77 24.59 3.61
CA ALA G 51 -29.33 23.42 2.94
C ALA G 51 -28.21 22.42 2.60
N VAL G 52 -27.07 22.94 2.16
CA VAL G 52 -25.93 22.09 1.83
C VAL G 52 -25.49 21.30 3.06
N ILE G 53 -25.48 21.96 4.21
CA ILE G 53 -25.10 21.31 5.46
C ILE G 53 -26.16 20.30 5.85
N ARG G 54 -27.42 20.75 5.84
CA ARG G 54 -28.56 19.93 6.18
C ARG G 54 -28.60 18.64 5.35
N GLU G 55 -28.27 18.78 4.07
CA GLU G 55 -28.27 17.66 3.12
C GLU G 55 -27.00 16.82 3.15
N ALA G 56 -26.00 17.26 3.91
CA ALA G 56 -24.73 16.54 4.02
C ALA G 56 -24.03 16.37 2.67
N ARG G 57 -24.08 17.40 1.84
CA ARG G 57 -23.42 17.36 0.55
C ARG G 57 -21.90 17.32 0.74
N HIS G 58 -21.21 16.58 -0.12
CA HIS G 58 -19.75 16.49 -0.05
C HIS G 58 -19.19 17.85 -0.49
N VAL G 59 -18.79 18.66 0.48
CA VAL G 59 -18.26 19.99 0.20
C VAL G 59 -17.00 20.33 1.00
N TYR G 60 -16.01 20.88 0.30
CA TYR G 60 -14.74 21.28 0.90
C TYR G 60 -14.96 22.22 2.08
N GLY G 61 -14.33 21.91 3.21
CA GLY G 61 -14.46 22.75 4.40
C GLY G 61 -15.72 22.57 5.20
N LEU G 62 -16.67 21.80 4.67
CA LEU G 62 -17.92 21.53 5.37
C LEU G 62 -18.03 20.05 5.75
N THR G 63 -17.38 19.19 4.97
CA THR G 63 -17.41 17.75 5.22
C THR G 63 -16.06 17.13 4.88
N THR G 64 -15.02 17.96 4.75
CA THR G 64 -13.70 17.47 4.41
C THR G 64 -12.59 18.26 5.09
N GLY G 65 -11.40 17.65 5.16
CA GLY G 65 -10.26 18.33 5.73
C GLY G 65 -9.83 19.37 4.71
N PHE G 66 -8.71 20.04 4.95
CA PHE G 66 -8.22 21.07 4.03
C PHE G 66 -6.99 20.65 3.23
N GLY G 67 -6.83 21.26 2.07
CA GLY G 67 -5.70 20.93 1.21
C GLY G 67 -5.67 19.46 0.86
N PRO G 68 -4.49 18.82 0.91
CA PRO G 68 -4.36 17.40 0.59
C PRO G 68 -5.13 16.53 1.57
N LEU G 69 -5.49 17.11 2.72
CA LEU G 69 -6.22 16.36 3.75
C LEU G 69 -7.72 16.33 3.49
N ALA G 70 -8.16 16.88 2.35
CA ALA G 70 -9.57 16.89 2.00
C ALA G 70 -10.10 15.48 1.79
N ASN G 71 -9.19 14.50 1.65
CA ASN G 71 -9.61 13.12 1.47
C ASN G 71 -10.12 12.52 2.77
N ARG G 72 -9.93 13.25 3.87
CA ARG G 72 -10.44 12.80 5.18
C ARG G 72 -11.81 13.47 5.33
N LEU G 73 -12.88 12.69 5.25
CA LEU G 73 -14.22 13.26 5.38
C LEU G 73 -14.54 13.52 6.84
N ILE G 74 -15.29 14.59 7.09
CA ILE G 74 -15.63 15.01 8.45
C ILE G 74 -17.13 14.96 8.74
N SER G 75 -17.48 14.48 9.93
CA SER G 75 -18.88 14.38 10.35
C SER G 75 -19.40 15.75 10.77
N GLY G 76 -20.67 16.01 10.53
CA GLY G 76 -21.27 17.28 10.86
C GLY G 76 -21.07 17.78 12.28
N GLU G 77 -20.99 16.85 13.23
CA GLU G 77 -20.80 17.20 14.63
C GLU G 77 -19.46 17.89 14.92
N ASN G 78 -18.48 17.68 14.04
CA ASN G 78 -17.15 18.25 14.24
C ASN G 78 -16.79 19.45 13.35
N VAL G 79 -17.75 19.97 12.60
CA VAL G 79 -17.47 21.09 11.70
C VAL G 79 -17.09 22.39 12.40
N ARG G 80 -17.69 22.67 13.55
CA ARG G 80 -17.36 23.88 14.30
C ARG G 80 -15.88 23.84 14.62
N THR G 81 -15.46 22.70 15.15
CA THR G 81 -14.06 22.48 15.53
C THR G 81 -13.17 22.55 14.30
N LEU G 82 -13.65 21.97 13.21
CA LEU G 82 -12.91 21.96 11.95
C LEU G 82 -12.56 23.38 11.50
N GLN G 83 -13.58 24.22 11.39
CA GLN G 83 -13.36 25.60 10.94
C GLN G 83 -12.62 26.44 11.95
N ALA G 84 -12.76 26.12 13.23
CA ALA G 84 -12.04 26.86 14.27
C ALA G 84 -10.56 26.55 14.12
N ASN G 85 -10.24 25.31 13.79
CA ASN G 85 -8.84 24.91 13.62
C ASN G 85 -8.29 25.50 12.32
N LEU G 86 -9.16 25.70 11.34
CA LEU G 86 -8.74 26.27 10.07
C LEU G 86 -8.13 27.66 10.33
N VAL G 87 -8.88 28.51 11.02
CA VAL G 87 -8.40 29.84 11.35
C VAL G 87 -7.09 29.75 12.12
N HIS G 88 -6.99 28.78 13.02
CA HIS G 88 -5.79 28.59 13.82
C HIS G 88 -4.53 28.20 13.06
N PHE G 89 -4.58 27.08 12.34
CA PHE G 89 -3.38 26.66 11.66
C PHE G 89 -2.96 27.61 10.53
N LEU G 90 -3.88 28.41 10.01
CA LEU G 90 -3.54 29.35 8.91
C LEU G 90 -2.91 30.66 9.44
N ALA G 91 -3.06 30.94 10.73
CA ALA G 91 -2.50 32.15 11.32
C ALA G 91 -1.01 32.05 11.61
N SER G 92 -0.23 31.81 10.55
CA SER G 92 1.23 31.69 10.68
C SER G 92 1.95 32.88 10.05
N GLY G 93 1.22 33.94 9.79
CA GLY G 93 1.83 35.11 9.16
C GLY G 93 2.84 35.83 10.02
N VAL G 94 3.79 36.50 9.37
CA VAL G 94 4.83 37.25 10.06
C VAL G 94 5.07 38.54 9.28
N GLY G 95 5.92 39.42 9.83
CA GLY G 95 6.24 40.66 9.16
C GLY G 95 5.38 41.84 9.59
N PRO G 96 5.72 43.05 9.15
CA PRO G 96 4.93 44.23 9.53
C PRO G 96 3.48 44.10 9.05
N VAL G 97 2.56 44.65 9.85
CA VAL G 97 1.16 44.59 9.51
C VAL G 97 0.86 45.44 8.30
N LEU G 98 -0.21 45.09 7.58
CA LEU G 98 -0.61 45.87 6.43
C LEU G 98 -1.05 47.20 7.03
N ASP G 99 -0.88 48.30 6.30
CA ASP G 99 -1.28 49.59 6.84
C ASP G 99 -2.80 49.73 6.88
N TRP G 100 -3.27 50.63 7.73
CA TRP G 100 -4.69 50.89 7.96
C TRP G 100 -5.59 50.81 6.72
N THR G 101 -5.31 51.65 5.72
CA THR G 101 -6.11 51.70 4.50
C THR G 101 -6.09 50.38 3.73
N THR G 102 -4.91 49.79 3.63
CA THR G 102 -4.76 48.54 2.90
C THR G 102 -5.49 47.38 3.57
N ALA G 103 -5.35 47.26 4.88
CA ALA G 103 -6.01 46.19 5.60
C ALA G 103 -7.53 46.34 5.46
N ARG G 104 -7.99 47.57 5.47
CA ARG G 104 -9.42 47.82 5.31
C ARG G 104 -9.82 47.50 3.89
N ALA G 105 -8.92 47.74 2.93
CA ALA G 105 -9.20 47.45 1.53
C ALA G 105 -9.39 45.94 1.37
N MET G 106 -8.64 45.17 2.17
CA MET G 106 -8.73 43.72 2.13
C MET G 106 -10.11 43.29 2.62
N VAL G 107 -10.53 43.88 3.74
CA VAL G 107 -11.85 43.58 4.31
C VAL G 107 -12.92 43.87 3.26
N LEU G 108 -12.79 45.00 2.58
CA LEU G 108 -13.75 45.39 1.56
C LEU G 108 -13.81 44.42 0.39
N ALA G 109 -12.66 43.97 -0.08
CA ALA G 109 -12.60 43.03 -1.21
C ALA G 109 -13.33 41.74 -0.85
N ARG G 110 -13.17 41.27 0.38
CA ARG G 110 -13.86 40.05 0.79
C ARG G 110 -15.36 40.33 0.79
N LEU G 111 -15.76 41.48 1.31
CA LEU G 111 -17.18 41.88 1.36
C LEU G 111 -17.81 41.98 -0.03
N VAL G 112 -17.12 42.62 -0.98
CA VAL G 112 -17.66 42.76 -2.32
C VAL G 112 -17.90 41.38 -2.94
N SER G 113 -16.93 40.48 -2.74
CA SER G 113 -17.06 39.12 -3.26
C SER G 113 -18.31 38.48 -2.64
N ILE G 114 -18.46 38.59 -1.32
CA ILE G 114 -19.61 38.03 -0.62
C ILE G 114 -20.94 38.59 -1.10
N ALA G 115 -20.98 39.90 -1.38
CA ALA G 115 -22.19 40.56 -1.83
C ALA G 115 -22.75 40.03 -3.13
N GLN G 116 -21.96 39.24 -3.86
CA GLN G 116 -22.43 38.68 -5.12
C GLN G 116 -23.44 37.56 -4.85
N GLY G 117 -23.49 37.09 -3.60
CA GLY G 117 -24.43 36.06 -3.22
C GLY G 117 -24.11 34.62 -3.54
N ALA G 118 -22.82 34.26 -3.48
CA ALA G 118 -22.41 32.88 -3.77
C ALA G 118 -21.47 32.33 -2.69
N SER G 119 -21.32 33.05 -1.58
CA SER G 119 -20.42 32.66 -0.50
C SER G 119 -21.09 32.05 0.74
N GLY G 120 -22.40 32.18 0.86
CA GLY G 120 -23.10 31.60 2.00
C GLY G 120 -22.90 32.29 3.34
N ALA G 121 -22.26 33.47 3.35
CA ALA G 121 -22.01 34.21 4.59
C ALA G 121 -23.31 34.61 5.31
N SER G 122 -23.33 34.45 6.63
CA SER G 122 -24.51 34.80 7.43
C SER G 122 -24.64 36.32 7.53
N GLU G 123 -25.83 36.79 7.93
CA GLU G 123 -26.07 38.23 8.06
C GLU G 123 -25.11 38.83 9.06
N GLY G 124 -24.92 38.14 10.18
CA GLY G 124 -24.02 38.63 11.20
C GLY G 124 -22.60 38.75 10.71
N THR G 125 -22.13 37.77 9.95
CA THR G 125 -20.78 37.79 9.42
C THR G 125 -20.59 38.99 8.50
N ILE G 126 -21.61 39.29 7.70
CA ILE G 126 -21.56 40.42 6.79
C ILE G 126 -21.58 41.72 7.59
N ALA G 127 -22.38 41.74 8.65
CA ALA G 127 -22.48 42.92 9.50
C ALA G 127 -21.14 43.24 10.16
N ARG G 128 -20.36 42.22 10.49
CA ARG G 128 -19.06 42.45 11.12
C ARG G 128 -18.12 43.13 10.13
N LEU G 129 -18.19 42.75 8.86
CA LEU G 129 -17.32 43.35 7.85
C LEU G 129 -17.73 44.81 7.61
N ILE G 130 -19.03 45.04 7.50
CA ILE G 130 -19.56 46.38 7.28
C ILE G 130 -19.26 47.30 8.47
N ASP G 131 -19.49 46.81 9.69
CA ASP G 131 -19.20 47.60 10.89
C ASP G 131 -17.74 48.02 10.91
N LEU G 132 -16.84 47.08 10.65
CA LEU G 132 -15.42 47.39 10.64
C LEU G 132 -15.15 48.54 9.67
N LEU G 133 -15.66 48.42 8.45
CA LEU G 133 -15.45 49.46 7.43
C LEU G 133 -16.05 50.82 7.81
N ASN G 134 -17.16 50.80 8.55
CA ASN G 134 -17.77 52.05 8.97
C ASN G 134 -17.15 52.61 10.25
N SER G 135 -16.20 51.88 10.83
CA SER G 135 -15.53 52.34 12.05
C SER G 135 -14.22 53.00 11.66
N GLU G 136 -13.49 53.52 12.64
CA GLU G 136 -12.21 54.19 12.39
C GLU G 136 -11.03 53.22 12.52
N LEU G 137 -11.34 51.94 12.63
CA LEU G 137 -10.30 50.92 12.79
C LEU G 137 -10.06 50.00 11.61
N ALA G 138 -8.99 49.22 11.72
CA ALA G 138 -8.62 48.24 10.72
C ALA G 138 -7.99 47.09 11.48
N PRO G 139 -8.12 45.86 10.96
CA PRO G 139 -7.51 44.74 11.68
C PRO G 139 -6.00 44.80 11.46
N ALA G 140 -5.23 44.35 12.44
CA ALA G 140 -3.78 44.37 12.31
C ALA G 140 -3.36 42.97 11.85
N VAL G 141 -3.01 42.84 10.58
CA VAL G 141 -2.61 41.54 10.07
C VAL G 141 -1.21 41.55 9.46
N PRO G 142 -0.42 40.49 9.70
CA PRO G 142 0.94 40.42 9.15
C PRO G 142 0.90 40.44 7.63
N SER G 143 1.85 41.14 7.02
CA SER G 143 1.91 41.26 5.57
C SER G 143 2.46 40.05 4.83
N ARG G 144 3.19 39.18 5.51
CA ARG G 144 3.78 38.02 4.85
C ARG G 144 3.19 36.69 5.30
N GLY G 145 3.34 35.67 4.46
CA GLY G 145 2.84 34.35 4.83
C GLY G 145 2.03 33.63 3.77
N THR G 146 1.40 34.38 2.87
CA THR G 146 0.57 33.77 1.83
C THR G 146 1.26 33.68 0.47
N VAL G 147 0.95 32.61 -0.28
CA VAL G 147 1.53 32.44 -1.61
C VAL G 147 0.49 32.89 -2.63
N GLY G 148 -0.58 33.50 -2.14
CA GLY G 148 -1.63 34.02 -2.99
C GLY G 148 -2.46 32.99 -3.74
N1 MDO G 149 -2.82 31.92 -3.05
CA1 MDO G 149 -3.61 30.88 -3.68
C1 MDO G 149 -4.70 30.31 -2.81
CB MDO G 149 -2.66 29.80 -4.22
N2 MDO G 149 -4.91 29.02 -2.53
CA2 MDO G 149 -5.98 28.94 -1.74
C2 MDO G 149 -6.40 30.23 -1.54
O2 MDO G 149 -7.44 30.65 -0.81
CB2 MDO G 149 -6.57 27.65 -1.20
N3 MDO G 149 -5.61 31.06 -2.18
CA3 MDO G 149 -5.76 32.49 -2.19
C3 MDO G 149 -5.03 33.09 -0.97
O3 MDO G 149 -4.07 32.51 -0.47
N ASP G 150 -5.48 34.26 -0.51
CA ASP G 150 -4.85 34.93 0.62
C ASP G 150 -5.33 34.44 1.99
N LEU G 151 -5.26 33.13 2.19
CA LEU G 151 -5.73 32.52 3.43
C LEU G 151 -5.10 33.03 4.72
N THR G 152 -3.78 33.11 4.78
CA THR G 152 -3.10 33.54 6.00
C THR G 152 -3.51 34.92 6.53
N PRO G 153 -3.41 35.99 5.72
CA PRO G 153 -3.81 37.29 6.25
C PRO G 153 -5.31 37.35 6.57
N LEU G 154 -6.11 36.54 5.88
CA LEU G 154 -7.55 36.55 6.15
C LEU G 154 -7.86 35.81 7.44
N ALA G 155 -7.06 34.80 7.77
CA ALA G 155 -7.25 34.06 9.01
C ALA G 155 -6.93 35.01 10.16
N HIS G 156 -5.90 35.82 9.99
CA HIS G 156 -5.50 36.78 11.01
C HIS G 156 -6.61 37.81 11.18
N MET G 157 -7.26 38.17 10.08
CA MET G 157 -8.37 39.11 10.12
C MET G 157 -9.50 38.52 10.96
N VAL G 158 -9.81 37.25 10.73
CA VAL G 158 -10.87 36.59 11.48
C VAL G 158 -10.59 36.65 12.97
N LEU G 159 -9.35 36.34 13.35
CA LEU G 159 -8.96 36.38 14.76
C LEU G 159 -9.17 37.79 15.30
N CYS G 160 -8.78 38.79 14.52
CA CYS G 160 -8.95 40.18 14.93
C CYS G 160 -10.44 40.49 15.17
N LEU G 161 -11.28 40.15 14.20
CA LEU G 161 -12.71 40.42 14.31
C LEU G 161 -13.39 39.66 15.46
N GLN G 162 -12.74 38.63 15.98
CA GLN G 162 -13.28 37.86 17.10
C GLN G 162 -12.77 38.46 18.40
N GLY G 163 -11.94 39.50 18.28
CA GLY G 163 -11.38 40.13 19.46
C GLY G 163 -10.15 39.38 19.92
N ARG G 164 -9.61 38.51 19.05
CA ARG G 164 -8.44 37.72 19.38
C ARG G 164 -7.19 38.14 18.61
N GLY G 165 -7.24 39.33 18.02
CA GLY G 165 -6.11 39.85 17.29
C GLY G 165 -6.12 41.36 17.44
N ASP G 166 -4.99 42.00 17.20
CA ASP G 166 -4.89 43.45 17.32
C ASP G 166 -5.66 44.23 16.25
N PHE G 167 -5.82 45.52 16.50
CA PHE G 167 -6.49 46.43 15.57
C PHE G 167 -5.56 47.64 15.41
N LEU G 168 -5.78 48.43 14.36
CA LEU G 168 -4.97 49.63 14.12
C LEU G 168 -5.90 50.82 14.00
N ASP G 169 -5.50 51.95 14.56
CA ASP G 169 -6.29 53.16 14.43
C ASP G 169 -5.69 53.84 13.20
N ARG G 170 -6.32 54.91 12.72
CA ARG G 170 -5.84 55.59 11.53
C ARG G 170 -4.35 55.97 11.57
N ASP G 171 -3.82 56.28 12.74
CA ASP G 171 -2.41 56.64 12.88
C ASP G 171 -1.46 55.45 12.92
N GLY G 172 -2.01 54.24 12.91
CA GLY G 172 -1.17 53.07 12.96
C GLY G 172 -0.97 52.55 14.37
N THR G 173 -1.57 53.23 15.34
CA THR G 173 -1.48 52.84 16.74
C THR G 173 -2.16 51.48 16.94
N ARG G 174 -1.49 50.56 17.62
CA ARG G 174 -2.03 49.22 17.85
C ARG G 174 -2.87 49.11 19.11
N LEU G 175 -4.00 48.39 19.01
CA LEU G 175 -4.90 48.16 20.13
C LEU G 175 -5.07 46.65 20.22
N ASP G 176 -5.23 46.12 21.43
CA ASP G 176 -5.43 44.68 21.53
C ASP G 176 -6.86 44.37 21.11
N GLY G 177 -7.16 43.10 20.91
CA GLY G 177 -8.49 42.70 20.47
C GLY G 177 -9.66 43.27 21.24
N ALA G 178 -9.65 43.11 22.55
CA ALA G 178 -10.74 43.61 23.40
C ALA G 178 -10.94 45.13 23.28
N GLU G 179 -9.84 45.88 23.26
CA GLU G 179 -9.94 47.33 23.17
C GLU G 179 -10.42 47.76 21.79
N GLY G 180 -10.07 46.98 20.77
CA GLY G 180 -10.49 47.30 19.43
C GLY G 180 -12.00 47.22 19.28
N LEU G 181 -12.59 46.13 19.78
CA LEU G 181 -14.02 45.93 19.71
C LEU G 181 -14.75 47.06 20.46
N ARG G 182 -14.19 47.48 21.59
CA ARG G 182 -14.80 48.56 22.37
C ARG G 182 -14.65 49.87 21.61
N ARG G 183 -13.42 50.18 21.23
CA ARG G 183 -13.11 51.41 20.51
C ARG G 183 -13.94 51.58 19.24
N GLY G 184 -14.06 50.51 18.45
CA GLY G 184 -14.81 50.62 17.22
C GLY G 184 -16.28 50.29 17.35
N ARG G 185 -16.72 50.00 18.58
CA ARG G 185 -18.10 49.63 18.84
C ARG G 185 -18.47 48.50 17.87
N LEU G 186 -17.71 47.43 17.96
CA LEU G 186 -17.89 46.26 17.12
C LEU G 186 -18.32 45.06 17.96
N GLN G 187 -19.02 44.12 17.33
CA GLN G 187 -19.46 42.92 18.01
C GLN G 187 -18.48 41.82 17.61
N PRO G 188 -18.18 40.90 18.54
CA PRO G 188 -17.25 39.81 18.21
C PRO G 188 -17.81 38.94 17.09
N LEU G 189 -16.94 38.55 16.16
CA LEU G 189 -17.35 37.71 15.05
C LEU G 189 -17.74 36.32 15.54
N ASP G 190 -18.91 35.85 15.12
CA ASP G 190 -19.43 34.54 15.49
C ASP G 190 -19.62 33.65 14.25
N LEU G 191 -18.85 32.58 14.16
CA LEU G 191 -18.92 31.68 13.01
C LEU G 191 -19.74 30.40 13.21
N SER G 192 -20.70 30.45 14.12
CA SER G 192 -21.54 29.28 14.41
C SER G 192 -22.32 28.75 13.21
N HIS G 193 -22.56 29.57 12.19
CA HIS G 193 -23.29 29.11 11.02
C HIS G 193 -22.40 28.30 10.08
N ARG G 194 -21.16 28.07 10.49
CA ARG G 194 -20.21 27.31 9.67
C ARG G 194 -19.89 28.03 8.38
N ASP G 195 -19.84 29.36 8.44
CA ASP G 195 -19.54 30.16 7.26
C ASP G 195 -18.14 30.76 7.29
N ALA G 196 -17.21 30.06 7.95
CA ALA G 196 -15.83 30.53 8.04
C ALA G 196 -15.15 30.67 6.67
N LEU G 197 -15.47 29.77 5.74
CA LEU G 197 -14.87 29.84 4.40
C LEU G 197 -15.33 31.06 3.58
N ALA G 198 -16.30 31.79 4.10
CA ALA G 198 -16.78 32.97 3.41
C ALA G 198 -15.82 34.12 3.73
N LEU G 199 -15.04 33.96 4.79
CA LEU G 199 -14.07 34.98 5.21
C LEU G 199 -12.64 34.59 4.89
N VAL G 200 -12.31 33.31 5.03
CA VAL G 200 -10.99 32.82 4.73
C VAL G 200 -11.09 32.25 3.33
N ASN G 201 -10.90 33.13 2.33
CA ASN G 201 -11.02 32.70 0.95
C ASN G 201 -10.64 33.81 -0.04
N GLY G 202 -10.50 33.44 -1.30
CA GLY G 202 -10.19 34.39 -2.35
C GLY G 202 -8.89 35.17 -2.35
N THR G 203 -8.88 36.24 -3.13
CA THR G 203 -7.71 37.10 -3.32
C THR G 203 -7.87 38.47 -2.66
N SER G 204 -8.60 38.51 -1.54
CA SER G 204 -8.87 39.76 -0.84
C SER G 204 -7.66 40.61 -0.46
N ALA G 205 -6.59 39.99 0.02
CA ALA G 205 -5.41 40.74 0.42
C ALA G 205 -4.69 41.40 -0.75
N MET G 206 -4.32 40.61 -1.75
CA MET G 206 -3.63 41.17 -2.91
C MET G 206 -4.49 42.21 -3.64
N THR G 207 -5.80 41.98 -3.66
CA THR G 207 -6.73 42.90 -4.31
C THR G 207 -6.78 44.23 -3.55
N GLY G 208 -6.84 44.14 -2.22
CA GLY G 208 -6.88 45.34 -1.40
C GLY G 208 -5.60 46.13 -1.56
N ILE G 209 -4.47 45.45 -1.54
CA ILE G 209 -3.18 46.12 -1.70
C ILE G 209 -3.12 46.79 -3.07
N ALA G 210 -3.57 46.08 -4.09
CA ALA G 210 -3.55 46.58 -5.46
C ALA G 210 -4.47 47.79 -5.67
N LEU G 211 -5.63 47.80 -5.02
CA LEU G 211 -6.53 48.93 -5.20
C LEU G 211 -5.92 50.19 -4.56
N VAL G 212 -5.15 50.00 -3.49
CA VAL G 212 -4.50 51.15 -2.85
C VAL G 212 -3.38 51.58 -3.78
N ASN G 213 -2.71 50.62 -4.44
CA ASN G 213 -1.63 50.95 -5.39
C ASN G 213 -2.22 51.79 -6.53
N ALA G 214 -3.37 51.38 -7.03
CA ALA G 214 -4.04 52.07 -8.13
C ALA G 214 -4.33 53.53 -7.81
N HIS G 215 -4.88 53.77 -6.61
CA HIS G 215 -5.22 55.13 -6.20
C HIS G 215 -3.96 55.99 -6.11
N ALA G 216 -2.93 55.47 -5.45
CA ALA G 216 -1.67 56.18 -5.28
C ALA G 216 -1.02 56.48 -6.63
N CYS G 217 -1.09 55.54 -7.57
CA CYS G 217 -0.51 55.74 -8.90
C CYS G 217 -1.18 56.83 -9.69
N ARG G 218 -2.50 56.98 -9.51
CA ARG G 218 -3.21 58.03 -10.23
C ARG G 218 -2.68 59.38 -9.77
N HIS G 219 -2.51 59.55 -8.46
CA HIS G 219 -2.00 60.81 -7.94
C HIS G 219 -0.56 61.05 -8.36
N LEU G 220 0.31 60.06 -8.19
CA LEU G 220 1.71 60.23 -8.57
C LEU G 220 1.84 60.50 -10.07
N GLY G 221 0.94 59.93 -10.85
CA GLY G 221 0.96 60.16 -12.28
C GLY G 221 0.64 61.62 -12.59
N ASN G 222 -0.30 62.18 -11.83
CA ASN G 222 -0.68 63.58 -12.01
C ASN G 222 0.50 64.47 -11.64
N TRP G 223 1.25 64.06 -10.62
CA TRP G 223 2.43 64.82 -10.21
C TRP G 223 3.55 64.69 -11.26
N ALA G 224 3.71 63.49 -11.80
CA ALA G 224 4.73 63.25 -12.83
C ALA G 224 4.49 64.22 -13.99
N VAL G 225 3.22 64.36 -14.36
CA VAL G 225 2.82 65.25 -15.45
C VAL G 225 3.04 66.71 -15.07
N ALA G 226 2.55 67.10 -13.90
CA ALA G 226 2.68 68.48 -13.43
C ALA G 226 4.13 68.92 -13.29
N LEU G 227 4.97 68.04 -12.76
CA LEU G 227 6.37 68.38 -12.58
C LEU G 227 7.12 68.43 -13.92
N THR G 228 6.75 67.57 -14.85
CA THR G 228 7.39 67.57 -16.16
C THR G 228 7.07 68.92 -16.79
N ALA G 229 5.82 69.35 -16.62
CA ALA G 229 5.39 70.64 -17.16
C ALA G 229 6.17 71.80 -16.52
N LEU G 230 6.27 71.77 -15.20
CA LEU G 230 6.99 72.84 -14.51
C LEU G 230 8.46 72.81 -14.92
N LEU G 231 8.98 71.62 -15.17
CA LEU G 231 10.38 71.48 -15.59
C LEU G 231 10.57 72.25 -16.90
N ALA G 232 9.59 72.12 -17.79
CA ALA G 232 9.64 72.81 -19.07
C ALA G 232 9.65 74.34 -18.86
N GLU G 233 8.92 74.81 -17.87
CA GLU G 233 8.87 76.24 -17.60
C GLU G 233 10.17 76.75 -16.96
N CYS G 234 10.97 75.84 -16.43
CA CYS G 234 12.24 76.21 -15.81
C CYS G 234 13.41 76.06 -16.77
N LEU G 235 13.24 75.29 -17.83
CA LEU G 235 14.31 75.07 -18.79
C LEU G 235 13.95 75.49 -20.23
N ARG G 236 12.93 76.33 -20.36
CA ARG G 236 12.49 76.79 -21.69
C ARG G 236 12.19 75.62 -22.63
N GLY G 237 11.46 74.63 -22.12
CA GLY G 237 11.11 73.47 -22.92
C GLY G 237 10.24 73.79 -24.12
N ARG G 238 10.37 72.97 -25.15
CA ARG G 238 9.61 73.15 -26.39
C ARG G 238 8.28 72.40 -26.36
N THR G 239 7.18 73.12 -26.47
CA THR G 239 5.86 72.51 -26.45
C THR G 239 5.45 71.78 -27.73
N GLU G 240 6.17 72.00 -28.83
CA GLU G 240 5.76 71.34 -30.06
C GLU G 240 5.87 69.82 -30.00
N ALA G 241 6.73 69.32 -29.11
CA ALA G 241 6.88 67.87 -28.94
C ALA G 241 5.63 67.29 -28.27
N TRP G 242 4.85 68.16 -27.61
CA TRP G 242 3.64 67.72 -26.92
C TRP G 242 2.39 67.98 -27.76
N ALA G 243 2.59 68.33 -29.03
CA ALA G 243 1.48 68.63 -29.93
C ALA G 243 0.51 67.46 -30.11
N ALA G 244 -0.78 67.76 -30.13
CA ALA G 244 -1.80 66.72 -30.30
C ALA G 244 -1.60 65.98 -31.61
N ALA G 245 -1.14 66.70 -32.63
CA ALA G 245 -0.92 66.09 -33.95
C ALA G 245 0.02 64.90 -33.84
N LEU G 246 1.02 64.98 -32.96
CA LEU G 246 1.95 63.88 -32.80
C LEU G 246 1.27 62.69 -32.16
N SER G 247 0.33 62.95 -31.25
CA SER G 247 -0.42 61.90 -30.58
C SER G 247 -1.29 61.15 -31.58
N ASP G 248 -1.95 61.90 -32.46
CA ASP G 248 -2.82 61.29 -33.45
C ASP G 248 -2.05 60.36 -34.39
N LEU G 249 -0.78 60.67 -34.61
CA LEU G 249 0.07 59.86 -35.49
C LEU G 249 0.47 58.52 -34.85
N ARG G 250 0.50 58.50 -33.52
CA ARG G 250 0.84 57.29 -32.76
C ARG G 250 -0.16 57.28 -31.62
N PRO G 251 -1.44 57.01 -31.94
CA PRO G 251 -2.60 56.96 -31.04
C PRO G 251 -2.71 56.04 -29.82
N HIS G 252 -1.66 55.92 -29.03
CA HIS G 252 -1.76 55.10 -27.82
C HIS G 252 -2.58 56.00 -26.88
N PRO G 253 -3.67 55.49 -26.32
CA PRO G 253 -4.50 56.30 -25.42
C PRO G 253 -3.74 57.02 -24.31
N GLY G 254 -2.87 56.31 -23.61
CA GLY G 254 -2.11 56.91 -22.54
C GLY G 254 -1.21 58.04 -22.98
N GLN G 255 -0.68 57.93 -24.19
CA GLN G 255 0.21 58.97 -24.71
C GLN G 255 -0.57 60.22 -25.07
N LYS G 256 -1.72 60.02 -25.71
CA LYS G 256 -2.56 61.14 -26.10
C LYS G 256 -2.98 61.91 -24.85
N ASP G 257 -3.35 61.17 -23.81
CA ASP G 257 -3.78 61.75 -22.55
C ASP G 257 -2.62 62.49 -21.86
N ALA G 258 -1.44 61.89 -21.83
CA ALA G 258 -0.29 62.51 -21.20
C ALA G 258 0.06 63.82 -21.90
N ALA G 259 0.08 63.81 -23.24
CA ALA G 259 0.41 65.02 -24.00
C ALA G 259 -0.64 66.11 -23.79
N ALA G 260 -1.91 65.73 -23.78
CA ALA G 260 -3.00 66.68 -23.58
C ALA G 260 -2.88 67.31 -22.19
N ARG G 261 -2.61 66.49 -21.18
CA ARG G 261 -2.47 66.97 -19.81
C ARG G 261 -1.24 67.87 -19.68
N LEU G 262 -0.17 67.52 -20.38
CA LEU G 262 1.04 68.33 -20.35
C LEU G 262 0.75 69.70 -20.96
N ARG G 263 0.05 69.72 -22.09
CA ARG G 263 -0.29 70.97 -22.75
C ARG G 263 -1.13 71.87 -21.83
N ALA G 264 -2.09 71.25 -21.13
CA ALA G 264 -2.95 72.00 -20.23
C ALA G 264 -2.17 72.62 -19.07
N ARG G 265 -1.21 71.86 -18.53
CA ARG G 265 -0.40 72.35 -17.41
C ARG G 265 0.37 73.63 -17.77
N VAL G 266 0.85 73.71 -19.00
CA VAL G 266 1.62 74.87 -19.42
C VAL G 266 0.80 75.95 -20.15
N ASP G 267 -0.51 75.78 -20.22
CA ASP G 267 -1.33 76.78 -20.88
C ASP G 267 -1.19 78.12 -20.14
N GLY G 268 -0.97 79.19 -20.87
CA GLY G 268 -0.82 80.49 -20.23
C GLY G 268 0.60 80.81 -19.83
N SER G 269 1.51 79.87 -20.05
CA SER G 269 2.91 80.09 -19.71
C SER G 269 3.63 80.92 -20.77
N ALA G 270 4.54 81.78 -20.32
CA ALA G 270 5.33 82.61 -21.22
C ALA G 270 6.78 82.14 -21.12
N ARG G 271 6.99 81.07 -20.36
CA ARG G 271 8.33 80.53 -20.13
C ARG G 271 8.71 79.33 -21.01
N VAL G 272 7.76 78.82 -21.79
CA VAL G 272 8.03 77.68 -22.66
C VAL G 272 8.17 78.18 -24.11
N VAL G 273 8.85 77.40 -24.94
CA VAL G 273 9.02 77.76 -26.35
C VAL G 273 7.87 77.12 -27.12
N ARG G 274 7.08 77.94 -27.80
CA ARG G 274 5.93 77.42 -28.54
C ARG G 274 6.11 77.38 -30.05
N HIS G 275 7.20 77.95 -30.53
CA HIS G 275 7.49 77.98 -31.96
C HIS G 275 7.73 76.60 -32.55
N VAL G 276 7.20 76.35 -33.75
CA VAL G 276 7.42 75.10 -34.45
C VAL G 276 8.68 75.44 -35.23
N ILE G 277 9.79 74.75 -34.96
CA ILE G 277 11.04 75.06 -35.64
C ILE G 277 11.03 75.00 -37.16
N ALA G 278 10.22 74.10 -37.71
CA ALA G 278 10.15 73.94 -39.16
C ALA G 278 9.56 75.13 -39.91
N GLU G 279 8.97 76.08 -39.17
CA GLU G 279 8.38 77.26 -39.79
C GLU G 279 9.49 78.19 -40.29
N ARG G 280 10.65 78.08 -39.66
CA ARG G 280 11.82 78.88 -40.01
C ARG G 280 12.50 78.43 -41.30
N ARG G 281 12.73 79.38 -42.21
CA ARG G 281 13.41 79.09 -43.45
C ARG G 281 14.85 79.57 -43.27
N LEU G 282 15.82 78.69 -43.50
CA LEU G 282 17.22 79.04 -43.33
C LEU G 282 17.86 79.66 -44.55
N ASP G 283 18.70 80.65 -44.32
CA ASP G 283 19.44 81.31 -45.39
C ASP G 283 20.89 80.87 -45.24
N ALA G 284 21.68 81.00 -46.30
CA ALA G 284 23.08 80.59 -46.25
C ALA G 284 23.82 81.17 -45.05
N GLY G 285 23.57 82.45 -44.77
CA GLY G 285 24.22 83.10 -43.64
C GLY G 285 23.92 82.48 -42.27
N ASP G 286 22.84 81.70 -42.18
CA ASP G 286 22.47 81.07 -40.92
C ASP G 286 23.27 79.80 -40.63
N ILE G 287 23.75 79.15 -41.69
CA ILE G 287 24.50 77.91 -41.56
C ILE G 287 25.74 78.03 -40.68
N GLY G 288 25.75 77.22 -39.62
CA GLY G 288 26.85 77.20 -38.67
C GLY G 288 26.37 76.51 -37.41
N THR G 289 27.05 76.75 -36.30
CA THR G 289 26.66 76.14 -35.03
C THR G 289 25.82 77.11 -34.22
N GLU G 290 24.58 76.71 -33.91
CA GLU G 290 23.71 77.56 -33.13
C GLU G 290 23.86 77.29 -31.65
N PRO G 291 23.51 78.27 -30.80
CA PRO G 291 23.60 78.13 -29.35
C PRO G 291 22.93 76.89 -28.78
N GLU G 292 21.74 76.57 -29.28
CA GLU G 292 20.98 75.40 -28.81
C GLU G 292 20.39 74.60 -29.96
N ALA G 293 20.19 73.30 -29.73
CA ALA G 293 19.60 72.43 -30.73
C ALA G 293 18.12 72.74 -30.80
N GLY G 294 17.49 72.42 -31.94
CA GLY G 294 16.07 72.69 -32.12
C GLY G 294 15.11 71.78 -31.37
N GLN G 295 15.62 70.76 -30.68
CA GLN G 295 14.76 69.84 -29.92
C GLN G 295 15.34 69.68 -28.52
N ASP G 296 14.50 69.28 -27.57
CA ASP G 296 14.94 69.08 -26.19
C ASP G 296 15.46 67.66 -25.98
N ALA G 297 16.13 67.46 -24.85
CA ALA G 297 16.62 66.14 -24.47
C ALA G 297 15.36 65.31 -24.21
N TYR G 298 15.51 63.99 -24.21
CA TYR G 298 14.38 63.08 -24.03
C TYR G 298 13.53 63.27 -22.77
N SER G 299 14.14 63.62 -21.64
CA SER G 299 13.39 63.78 -20.40
C SER G 299 12.25 64.80 -20.54
N LEU G 300 12.28 65.60 -21.60
CA LEU G 300 11.22 66.57 -21.86
C LEU G 300 10.49 66.19 -23.14
N ARG G 301 11.22 66.04 -24.24
CA ARG G 301 10.63 65.72 -25.53
C ARG G 301 9.87 64.39 -25.61
N CYS G 302 10.38 63.37 -24.92
CA CYS G 302 9.75 62.05 -24.94
C CYS G 302 8.86 61.77 -23.74
N ALA G 303 8.51 62.82 -23.00
CA ALA G 303 7.66 62.66 -21.83
C ALA G 303 6.30 62.05 -22.16
N PRO G 304 5.64 62.49 -23.25
CA PRO G 304 4.34 61.92 -23.59
C PRO G 304 4.40 60.41 -23.83
N GLN G 305 5.49 59.96 -24.47
CA GLN G 305 5.68 58.55 -24.78
C GLN G 305 6.03 57.70 -23.56
N VAL G 306 6.88 58.23 -22.68
CA VAL G 306 7.27 57.49 -21.49
C VAL G 306 6.11 57.47 -20.51
N LEU G 307 5.58 58.64 -20.18
CA LEU G 307 4.45 58.72 -19.27
C LEU G 307 3.26 57.94 -19.85
N GLY G 308 3.03 58.09 -21.15
CA GLY G 308 1.90 57.42 -21.80
C GLY G 308 1.92 55.90 -21.70
N ALA G 309 3.10 55.30 -21.83
CA ALA G 309 3.24 53.85 -21.74
C ALA G 309 2.93 53.43 -20.30
N GLY G 310 3.37 54.24 -19.34
CA GLY G 310 3.10 53.94 -17.95
C GLY G 310 1.61 54.05 -17.67
N PHE G 311 0.96 55.04 -18.26
CA PHE G 311 -0.47 55.23 -18.05
C PHE G 311 -1.27 54.08 -18.67
N ASP G 312 -0.81 53.56 -19.81
CA ASP G 312 -1.51 52.46 -20.45
C ASP G 312 -1.36 51.19 -19.63
N THR G 313 -0.24 51.07 -18.90
CA THR G 313 -0.02 49.90 -18.06
C THR G 313 -0.97 50.01 -16.86
N LEU G 314 -1.11 51.22 -16.33
CA LEU G 314 -1.98 51.44 -15.19
C LEU G 314 -3.44 51.16 -15.59
N ALA G 315 -3.79 51.54 -16.81
CA ALA G 315 -5.16 51.34 -17.30
C ALA G 315 -5.48 49.84 -17.35
N TRP G 316 -4.53 49.05 -17.85
CA TRP G 316 -4.72 47.61 -17.94
C TRP G 316 -4.82 47.05 -16.52
N HIS G 317 -3.88 47.43 -15.66
CA HIS G 317 -3.88 46.99 -14.27
C HIS G 317 -5.25 47.28 -13.64
N ASP G 318 -5.76 48.48 -13.86
CA ASP G 318 -7.06 48.87 -13.31
C ASP G 318 -8.25 48.12 -13.91
N ARG G 319 -8.18 47.79 -15.20
CA ARG G 319 -9.27 47.04 -15.83
C ARG G 319 -9.36 45.65 -15.21
N VAL G 320 -8.19 45.01 -15.06
CA VAL G 320 -8.12 43.67 -14.50
C VAL G 320 -8.51 43.71 -13.03
N LEU G 321 -7.99 44.68 -12.30
CA LEU G 321 -8.29 44.82 -10.89
C LEU G 321 -9.77 45.06 -10.65
N THR G 322 -10.40 45.85 -11.51
CA THR G 322 -11.82 46.13 -11.36
C THR G 322 -12.65 44.84 -11.49
N ILE G 323 -12.26 43.98 -12.42
CA ILE G 323 -12.97 42.72 -12.58
C ILE G 323 -12.74 41.84 -11.33
N GLU G 324 -11.48 41.77 -10.88
CA GLU G 324 -11.15 40.96 -9.70
C GLU G 324 -11.88 41.41 -8.44
N LEU G 325 -11.87 42.72 -8.19
CA LEU G 325 -12.52 43.27 -7.01
C LEU G 325 -14.01 42.93 -6.96
N ASN G 326 -14.66 42.96 -8.11
CA ASN G 326 -16.09 42.68 -8.21
C ASN G 326 -16.46 41.23 -8.50
N ALA G 327 -15.48 40.35 -8.48
CA ALA G 327 -15.74 38.94 -8.76
C ALA G 327 -15.83 38.14 -7.47
N VAL G 328 -16.15 36.87 -7.61
CA VAL G 328 -16.22 35.96 -6.48
C VAL G 328 -14.98 35.08 -6.66
N THR G 329 -14.01 35.22 -5.76
CA THR G 329 -12.80 34.41 -5.86
C THR G 329 -12.79 33.27 -4.85
N ASP G 330 -13.97 32.99 -4.30
CA ASP G 330 -14.17 31.93 -3.31
C ASP G 330 -14.12 30.51 -3.85
N ASN G 331 -13.80 29.58 -2.96
CA ASN G 331 -13.85 28.16 -3.24
C ASN G 331 -14.11 27.48 -1.90
N PRO G 332 -15.19 26.69 -1.83
CA PRO G 332 -16.11 26.42 -2.93
C PRO G 332 -17.12 27.56 -3.06
N VAL G 333 -17.99 27.47 -4.07
CA VAL G 333 -19.01 28.50 -4.24
C VAL G 333 -20.37 27.83 -4.34
N PHE G 334 -21.41 28.57 -3.99
CA PHE G 334 -22.78 28.06 -4.02
C PHE G 334 -23.56 28.84 -5.07
N PRO G 335 -23.70 28.26 -6.29
CA PRO G 335 -24.42 28.88 -7.42
C PRO G 335 -25.78 29.44 -7.05
N PRO G 336 -25.98 30.75 -7.27
CA PRO G 336 -27.27 31.38 -6.95
C PRO G 336 -28.42 30.81 -7.77
N ASP G 337 -28.13 30.30 -8.96
CA ASP G 337 -29.17 29.75 -9.82
C ASP G 337 -29.67 28.38 -9.35
N GLY G 338 -29.02 27.82 -8.34
CA GLY G 338 -29.43 26.53 -7.82
C GLY G 338 -29.17 25.34 -8.74
N SER G 339 -28.35 25.53 -9.77
CA SER G 339 -28.04 24.45 -10.71
C SER G 339 -27.42 23.24 -10.01
N VAL G 340 -26.45 23.47 -9.14
CA VAL G 340 -25.80 22.41 -8.38
C VAL G 340 -25.64 22.92 -6.95
N PRO G 341 -25.47 22.01 -5.98
CA PRO G 341 -25.31 22.42 -4.58
C PRO G 341 -24.10 23.31 -4.36
N ALA G 342 -23.00 23.02 -5.06
CA ALA G 342 -21.78 23.80 -4.93
C ALA G 342 -20.80 23.42 -6.03
N LEU G 343 -19.88 24.33 -6.33
CA LEU G 343 -18.86 24.10 -7.35
C LEU G 343 -17.50 24.19 -6.69
N HIS G 344 -16.57 23.33 -7.11
CA HIS G 344 -15.22 23.33 -6.57
C HIS G 344 -14.26 23.62 -7.73
N GLY G 345 -13.38 24.59 -7.52
CA GLY G 345 -12.44 24.96 -8.56
C GLY G 345 -11.28 25.76 -7.97
N GLY G 346 -10.78 26.73 -8.73
CA GLY G 346 -9.66 27.51 -8.21
C GLY G 346 -9.71 29.00 -8.47
N ASN G 347 -10.86 29.62 -8.24
CA ASN G 347 -10.96 31.06 -8.48
C ASN G 347 -10.17 31.89 -7.47
N PHE G 348 -9.51 31.21 -6.54
CA PHE G 348 -8.69 31.86 -5.52
C PHE G 348 -7.26 32.07 -6.04
N MET G 349 -6.96 31.49 -7.19
CA MET G 349 -5.62 31.63 -7.76
C MET G 349 -5.43 33.07 -8.24
N GLY G 350 -4.63 33.84 -7.52
CA GLY G 350 -4.43 35.24 -7.88
C GLY G 350 -3.42 35.56 -8.97
N GLN G 351 -3.43 34.80 -10.06
CA GLN G 351 -2.49 35.05 -11.14
C GLN G 351 -2.72 36.39 -11.84
N HIS G 352 -3.97 36.82 -11.92
CA HIS G 352 -4.28 38.10 -12.55
C HIS G 352 -3.68 39.30 -11.83
N VAL G 353 -3.84 39.35 -10.51
CA VAL G 353 -3.30 40.47 -9.77
C VAL G 353 -1.77 40.38 -9.71
N ALA G 354 -1.25 39.15 -9.71
CA ALA G 354 0.19 38.96 -9.69
C ALA G 354 0.81 39.53 -10.97
N LEU G 355 0.28 39.14 -12.11
CA LEU G 355 0.83 39.63 -13.39
C LEU G 355 0.65 41.13 -13.60
N THR G 356 -0.50 41.69 -13.22
CA THR G 356 -0.71 43.13 -13.39
C THR G 356 0.12 43.92 -12.37
N SER G 357 0.30 43.39 -11.17
CA SER G 357 1.10 44.07 -10.16
C SER G 357 2.55 44.14 -10.63
N ASP G 358 3.05 43.03 -11.17
CA ASP G 358 4.43 43.01 -11.66
C ASP G 358 4.63 43.96 -12.83
N ALA G 359 3.63 44.04 -13.71
CA ALA G 359 3.72 44.92 -14.88
C ALA G 359 3.71 46.38 -14.44
N LEU G 360 2.81 46.72 -13.52
CA LEU G 360 2.73 48.08 -13.01
C LEU G 360 4.02 48.44 -12.26
N ALA G 361 4.62 47.46 -11.58
CA ALA G 361 5.85 47.68 -10.84
C ALA G 361 6.95 48.16 -11.79
N THR G 362 7.07 47.48 -12.93
CA THR G 362 8.06 47.83 -13.94
C THR G 362 7.76 49.24 -14.46
N ALA G 363 6.49 49.53 -14.75
CA ALA G 363 6.09 50.84 -15.25
C ALA G 363 6.49 51.93 -14.24
N VAL G 364 6.22 51.67 -12.97
CA VAL G 364 6.56 52.62 -11.90
C VAL G 364 8.06 52.89 -11.85
N THR G 365 8.86 51.83 -11.95
CA THR G 365 10.31 51.97 -11.92
C THR G 365 10.78 52.81 -13.11
N VAL G 366 10.14 52.61 -14.26
CA VAL G 366 10.48 53.37 -15.47
C VAL G 366 10.14 54.85 -15.29
N LEU G 367 8.95 55.14 -14.78
CA LEU G 367 8.55 56.53 -14.59
C LEU G 367 9.36 57.20 -13.48
N ALA G 368 9.80 56.43 -12.49
CA ALA G 368 10.61 56.98 -11.42
C ALA G 368 11.96 57.34 -12.03
N GLY G 369 12.39 56.54 -13.00
CA GLY G 369 13.65 56.82 -13.68
C GLY G 369 13.57 58.13 -14.44
N LEU G 370 12.41 58.40 -15.03
CA LEU G 370 12.21 59.66 -15.77
C LEU G 370 12.36 60.84 -14.80
N ALA G 371 11.70 60.76 -13.65
CA ALA G 371 11.75 61.83 -12.65
C ALA G 371 13.16 62.02 -12.11
N GLU G 372 13.89 60.91 -11.93
CA GLU G 372 15.24 60.99 -11.43
C GLU G 372 16.18 61.66 -12.44
N ARG G 373 15.99 61.37 -13.72
CA ARG G 373 16.83 61.99 -14.75
C ARG G 373 16.46 63.46 -14.92
N GLN G 374 15.20 63.79 -14.65
CA GLN G 374 14.76 65.17 -14.77
C GLN G 374 15.43 65.97 -13.66
N ILE G 375 15.56 65.36 -12.48
CA ILE G 375 16.23 66.00 -11.35
C ILE G 375 17.71 66.18 -11.72
N ALA G 376 18.30 65.11 -12.23
CA ALA G 376 19.71 65.11 -12.61
C ALA G 376 20.02 66.19 -13.66
N ARG G 377 19.07 66.45 -14.55
CA ARG G 377 19.29 67.46 -15.58
C ARG G 377 19.11 68.87 -15.03
N LEU G 378 18.06 69.06 -14.24
CA LEU G 378 17.74 70.37 -13.65
C LEU G 378 18.81 70.89 -12.69
N THR G 379 19.46 69.99 -11.96
CA THR G 379 20.48 70.38 -10.99
C THR G 379 21.91 70.44 -11.54
N ASP G 380 22.06 70.11 -12.82
CA ASP G 380 23.37 70.10 -13.48
C ASP G 380 23.59 71.47 -14.15
N GLU G 381 24.54 72.25 -13.62
CA GLU G 381 24.84 73.57 -14.17
C GLU G 381 25.23 73.54 -15.65
N ARG G 382 25.72 72.40 -16.12
CA ARG G 382 26.11 72.28 -17.51
C ARG G 382 24.91 71.99 -18.40
N LEU G 383 23.83 71.52 -17.78
CA LEU G 383 22.63 71.18 -18.53
C LEU G 383 21.39 72.02 -18.22
N ASN G 384 21.38 72.73 -17.09
CA ASN G 384 20.20 73.52 -16.71
C ASN G 384 20.05 74.92 -17.27
N ARG G 385 20.79 75.21 -18.33
CA ARG G 385 20.73 76.50 -19.02
C ARG G 385 20.81 77.78 -18.17
N GLY G 386 21.86 77.91 -17.37
CA GLY G 386 22.01 79.13 -16.59
C GLY G 386 21.61 79.11 -15.13
N LEU G 387 20.97 78.05 -14.67
CA LEU G 387 20.56 77.98 -13.27
C LEU G 387 21.78 77.62 -12.41
N PRO G 388 21.77 78.04 -11.13
CA PRO G 388 22.88 77.75 -10.22
C PRO G 388 23.11 76.25 -10.07
N PRO G 389 24.37 75.84 -9.84
CA PRO G 389 24.62 74.41 -9.70
C PRO G 389 23.83 73.87 -8.50
N PHE G 390 23.03 72.84 -8.74
CA PHE G 390 22.22 72.22 -7.71
C PHE G 390 21.22 73.19 -7.09
N LEU G 391 20.91 74.24 -7.85
CA LEU G 391 19.93 75.25 -7.45
C LEU G 391 20.16 75.87 -6.07
N HIS G 392 21.43 76.01 -5.68
CA HIS G 392 21.74 76.58 -4.38
C HIS G 392 21.50 78.08 -4.38
N ARG G 393 21.44 78.65 -3.18
CA ARG G 393 21.30 80.09 -3.01
C ARG G 393 22.44 80.45 -2.07
N GLY G 394 22.87 81.71 -2.09
CA GLY G 394 23.97 82.12 -1.23
C GLY G 394 25.27 81.85 -1.96
N PRO G 395 26.43 82.06 -1.32
CA PRO G 395 27.72 81.82 -1.98
C PRO G 395 27.93 80.37 -2.44
N ALA G 396 28.36 80.21 -3.69
CA ALA G 396 28.62 78.89 -4.25
C ALA G 396 29.81 78.30 -3.49
N GLY G 397 29.84 76.98 -3.36
CA GLY G 397 30.93 76.35 -2.62
C GLY G 397 30.51 76.23 -1.17
N LEU G 398 30.30 77.38 -0.52
CA LEU G 398 29.88 77.37 0.88
C LEU G 398 28.52 76.68 0.96
N ASN G 399 27.73 76.83 -0.09
CA ASN G 399 26.40 76.21 -0.16
C ASN G 399 26.34 75.24 -1.34
N SER G 400 25.72 74.09 -1.12
CA SER G 400 25.59 73.08 -2.16
C SER G 400 24.15 72.85 -2.59
N GLY G 401 23.21 73.57 -1.98
CA GLY G 401 21.82 73.44 -2.35
C GLY G 401 21.25 72.03 -2.26
N PHE G 402 20.73 71.53 -3.38
CA PHE G 402 20.13 70.21 -3.45
C PHE G 402 21.10 69.12 -3.89
N MET G 403 22.39 69.37 -3.74
CA MET G 403 23.39 68.39 -4.15
C MET G 403 23.20 67.06 -3.43
N GLY G 404 22.81 67.11 -2.16
CA GLY G 404 22.59 65.88 -1.41
C GLY G 404 21.31 65.18 -1.84
N ALA G 405 20.23 65.95 -1.97
CA ALA G 405 18.94 65.41 -2.36
C ALA G 405 18.96 64.73 -3.73
N GLN G 406 19.76 65.28 -4.64
CA GLN G 406 19.86 64.73 -5.99
C GLN G 406 20.46 63.33 -5.94
N VAL G 407 21.50 63.14 -5.13
CA VAL G 407 22.13 61.83 -5.00
C VAL G 407 21.17 60.87 -4.31
N THR G 408 20.40 61.38 -3.35
CA THR G 408 19.43 60.56 -2.65
C THR G 408 18.37 60.02 -3.61
N ALA G 409 17.94 60.84 -4.56
CA ALA G 409 16.95 60.39 -5.54
C ALA G 409 17.55 59.23 -6.34
N THR G 410 18.80 59.39 -6.74
CA THR G 410 19.47 58.34 -7.51
C THR G 410 19.53 57.05 -6.69
N ALA G 411 19.83 57.18 -5.39
CA ALA G 411 19.92 56.02 -4.51
C ALA G 411 18.57 55.30 -4.40
N LEU G 412 17.50 56.06 -4.28
CA LEU G 412 16.17 55.49 -4.17
C LEU G 412 15.79 54.72 -5.45
N LEU G 413 16.16 55.26 -6.60
CA LEU G 413 15.87 54.61 -7.88
C LEU G 413 16.68 53.33 -8.01
N ALA G 414 17.96 53.40 -7.68
CA ALA G 414 18.83 52.23 -7.76
C ALA G 414 18.25 51.09 -6.92
N GLU G 415 17.72 51.41 -5.75
CA GLU G 415 17.13 50.39 -4.89
C GLU G 415 15.89 49.78 -5.52
N MET G 416 15.06 50.62 -6.13
CA MET G 416 13.83 50.15 -6.79
C MET G 416 14.17 49.08 -7.83
N ARG G 417 15.21 49.36 -8.61
CA ARG G 417 15.67 48.47 -9.67
C ARG G 417 16.16 47.09 -9.20
N ALA G 418 16.61 46.99 -7.96
CA ALA G 418 17.10 45.72 -7.43
C ALA G 418 16.03 44.64 -7.29
N THR G 419 14.77 45.04 -7.16
CA THR G 419 13.67 44.08 -7.02
C THR G 419 12.88 43.94 -8.32
N GLY G 420 12.66 42.71 -8.75
CA GLY G 420 11.93 42.46 -9.98
C GLY G 420 10.57 41.81 -9.75
N PRO G 421 9.97 41.23 -10.81
CA PRO G 421 8.66 40.56 -10.75
C PRO G 421 8.61 39.49 -9.67
N ALA G 422 7.45 39.34 -9.03
CA ALA G 422 7.31 38.33 -7.99
C ALA G 422 6.73 37.03 -8.58
N SER G 423 5.94 37.17 -9.64
CA SER G 423 5.25 36.06 -10.30
C SER G 423 6.09 34.89 -10.81
N ILE G 424 7.32 35.17 -11.23
CA ILE G 424 8.18 34.12 -11.78
C ILE G 424 8.77 33.19 -10.74
N HIS G 425 8.45 33.40 -9.48
CA HIS G 425 9.03 32.57 -8.42
C HIS G 425 8.14 31.51 -7.82
N SER G 426 7.20 30.98 -8.61
CA SER G 426 6.33 29.95 -8.11
C SER G 426 7.13 28.74 -7.69
N ILE G 427 6.73 28.16 -6.56
CA ILE G 427 7.38 26.98 -6.01
C ILE G 427 6.31 26.01 -5.53
N SER G 428 6.44 24.74 -5.91
CA SER G 428 5.49 23.71 -5.51
C SER G 428 5.50 23.59 -4.00
N THR G 429 4.33 23.71 -3.37
CA THR G 429 4.24 23.62 -1.93
C THR G 429 2.96 22.89 -1.46
N ASN G 430 2.70 22.88 -0.15
CA ASN G 430 1.52 22.18 0.39
C ASN G 430 1.54 20.71 -0.03
N ALA G 431 2.68 20.06 0.20
CA ALA G 431 2.87 18.65 -0.15
C ALA G 431 2.54 18.42 -1.62
N ALA G 432 3.00 19.35 -2.46
CA ALA G 432 2.80 19.32 -3.91
C ALA G 432 1.38 19.51 -4.38
N ASN G 433 0.45 19.75 -3.46
CA ASN G 433 -0.96 19.97 -3.83
C ASN G 433 -1.07 21.35 -4.50
N GLN G 434 -0.33 22.31 -3.96
CA GLN G 434 -0.33 23.65 -4.55
C GLN G 434 0.95 23.69 -5.37
N ASP G 435 1.00 22.92 -6.47
CA ASP G 435 2.20 22.85 -7.27
C ASP G 435 2.53 24.07 -8.11
N VAL G 436 1.59 25.01 -8.17
CA VAL G 436 1.80 26.30 -8.86
C VAL G 436 1.07 27.31 -7.98
N VAL G 437 1.71 28.44 -7.69
CA VAL G 437 1.10 29.47 -6.85
C VAL G 437 1.31 30.84 -7.52
N SER G 438 0.38 31.75 -7.31
CA SER G 438 0.47 33.07 -7.94
C SER G 438 1.44 34.06 -7.33
N LEU G 439 1.54 34.08 -6.01
CA LEU G 439 2.42 35.02 -5.31
C LEU G 439 1.93 36.45 -5.57
N GLY G 440 0.64 36.58 -5.87
CA GLY G 440 0.04 37.88 -6.15
C GLY G 440 0.11 38.88 -5.03
N THR G 441 0.07 38.40 -3.79
CA THR G 441 0.13 39.28 -2.63
C THR G 441 1.52 39.90 -2.53
N ILE G 442 2.54 39.09 -2.79
CA ILE G 442 3.92 39.58 -2.76
C ILE G 442 4.10 40.57 -3.91
N ALA G 443 3.57 40.22 -5.08
CA ALA G 443 3.68 41.09 -6.24
C ALA G 443 3.08 42.48 -5.93
N ALA G 444 1.89 42.49 -5.34
CA ALA G 444 1.23 43.76 -5.01
C ALA G 444 2.02 44.56 -4.00
N ARG G 445 2.61 43.89 -3.02
CA ARG G 445 3.39 44.56 -1.98
C ARG G 445 4.70 45.11 -2.54
N LEU G 446 5.33 44.39 -3.46
CA LEU G 446 6.57 44.86 -4.05
C LEU G 446 6.27 46.08 -4.90
N CYS G 447 5.11 46.06 -5.55
CA CYS G 447 4.72 47.20 -6.38
C CYS G 447 4.50 48.41 -5.47
N ARG G 448 3.91 48.18 -4.31
CA ARG G 448 3.64 49.25 -3.36
C ARG G 448 4.95 49.93 -2.93
N GLU G 449 5.96 49.12 -2.65
CA GLU G 449 7.26 49.66 -2.23
C GLU G 449 7.84 50.57 -3.30
N LYS G 450 7.74 50.15 -4.56
CA LYS G 450 8.26 50.97 -5.65
C LYS G 450 7.47 52.28 -5.76
N ILE G 451 6.17 52.19 -5.53
CA ILE G 451 5.32 53.37 -5.57
C ILE G 451 5.76 54.36 -4.48
N ASP G 452 6.09 53.84 -3.30
CA ASP G 452 6.54 54.71 -2.21
C ASP G 452 7.87 55.39 -2.57
N ARG G 453 8.78 54.65 -3.19
CA ARG G 453 10.07 55.21 -3.60
C ARG G 453 9.82 56.27 -4.67
N TRP G 454 8.91 55.99 -5.59
CA TRP G 454 8.57 56.92 -6.66
C TRP G 454 8.06 58.25 -6.08
N ALA G 455 7.24 58.16 -5.04
CA ALA G 455 6.69 59.35 -4.41
C ALA G 455 7.81 60.21 -3.81
N GLU G 456 8.83 59.57 -3.27
CA GLU G 456 9.96 60.29 -2.68
C GLU G 456 10.81 60.97 -3.76
N ILE G 457 11.00 60.31 -4.89
CA ILE G 457 11.78 60.90 -5.99
C ILE G 457 11.03 62.12 -6.53
N LEU G 458 9.72 61.97 -6.71
CA LEU G 458 8.88 63.07 -7.21
C LEU G 458 8.89 64.24 -6.21
N ALA G 459 8.94 63.92 -4.92
CA ALA G 459 8.98 64.95 -3.87
C ALA G 459 10.25 65.78 -4.03
N ILE G 460 11.36 65.09 -4.24
CA ILE G 460 12.64 65.77 -4.41
C ILE G 460 12.54 66.65 -5.67
N LEU G 461 12.02 66.08 -6.75
CA LEU G 461 11.86 66.81 -7.99
C LEU G 461 10.99 68.07 -7.77
N ALA G 462 9.94 67.92 -6.98
CA ALA G 462 9.04 69.04 -6.70
C ALA G 462 9.75 70.17 -5.93
N LEU G 463 10.52 69.80 -4.91
CA LEU G 463 11.24 70.80 -4.13
C LEU G 463 12.27 71.51 -5.01
N CYS G 464 12.94 70.75 -5.88
CA CYS G 464 13.92 71.34 -6.79
C CYS G 464 13.24 72.32 -7.75
N LEU G 465 12.09 71.92 -8.28
CA LEU G 465 11.36 72.77 -9.23
C LEU G 465 10.80 74.05 -8.62
N ALA G 466 10.43 74.00 -7.35
CA ALA G 466 9.91 75.19 -6.67
C ALA G 466 11.05 76.19 -6.59
N GLN G 467 12.24 75.70 -6.22
CA GLN G 467 13.42 76.54 -6.10
C GLN G 467 13.86 77.04 -7.47
N ALA G 468 13.86 76.16 -8.47
CA ALA G 468 14.27 76.52 -9.82
C ALA G 468 13.35 77.58 -10.43
N ALA G 469 12.05 77.42 -10.19
CA ALA G 469 11.04 78.33 -10.70
C ALA G 469 11.30 79.75 -10.20
N GLU G 470 11.59 79.87 -8.91
CA GLU G 470 11.85 81.17 -8.30
C GLU G 470 13.21 81.71 -8.77
N LEU G 471 14.20 80.84 -8.91
CA LEU G 471 15.51 81.28 -9.37
C LEU G 471 15.46 81.78 -10.81
N ARG G 472 14.66 81.10 -11.63
CA ARG G 472 14.53 81.47 -13.04
C ARG G 472 13.58 82.62 -13.29
N CYS G 473 12.45 82.64 -12.57
CA CYS G 473 11.43 83.66 -12.79
C CYS G 473 11.21 84.67 -11.68
N GLY G 474 12.00 84.59 -10.62
CA GLY G 474 11.84 85.52 -9.52
C GLY G 474 10.77 85.01 -8.56
N SER G 475 10.75 85.55 -7.34
CA SER G 475 9.79 85.12 -6.33
C SER G 475 8.35 85.31 -6.82
N GLY G 476 8.15 86.30 -7.69
CA GLY G 476 6.83 86.55 -8.21
C GLY G 476 6.43 85.57 -9.31
N LEU G 477 7.38 84.73 -9.72
CA LEU G 477 7.15 83.72 -10.75
C LEU G 477 6.62 84.34 -12.04
N ASP G 478 7.31 85.36 -12.55
CA ASP G 478 6.88 86.03 -13.78
C ASP G 478 6.93 85.12 -15.00
N GLY G 479 5.84 85.12 -15.76
CA GLY G 479 5.77 84.31 -16.95
C GLY G 479 5.38 82.86 -16.72
N VAL G 480 5.28 82.45 -15.46
CA VAL G 480 4.89 81.08 -15.16
C VAL G 480 3.39 80.90 -15.34
N SER G 481 3.00 79.74 -15.87
CA SER G 481 1.60 79.44 -16.10
C SER G 481 0.80 79.48 -14.80
N PRO G 482 -0.52 79.69 -14.91
CA PRO G 482 -1.39 79.74 -13.73
C PRO G 482 -1.27 78.45 -12.92
N ALA G 483 -1.26 77.31 -13.62
CA ALA G 483 -1.16 76.02 -12.96
C ALA G 483 0.18 75.88 -12.24
N GLY G 484 1.25 76.31 -12.89
CA GLY G 484 2.57 76.24 -12.29
C GLY G 484 2.66 77.10 -11.04
N LYS G 485 2.16 78.33 -11.14
CA LYS G 485 2.18 79.25 -10.00
C LYS G 485 1.43 78.64 -8.83
N LYS G 486 0.23 78.15 -9.11
CA LYS G 486 -0.61 77.55 -8.09
C LYS G 486 0.11 76.42 -7.36
N LEU G 487 0.84 75.60 -8.12
CA LEU G 487 1.56 74.47 -7.53
C LEU G 487 2.68 74.95 -6.64
N VAL G 488 3.50 75.86 -7.13
CA VAL G 488 4.61 76.37 -6.35
C VAL G 488 4.13 77.08 -5.09
N GLN G 489 3.11 77.91 -5.22
CA GLN G 489 2.58 78.64 -4.06
C GLN G 489 2.04 77.66 -3.01
N ALA G 490 1.41 76.57 -3.44
CA ALA G 490 0.87 75.60 -2.50
C ALA G 490 2.01 74.92 -1.76
N LEU G 491 3.06 74.58 -2.49
CA LEU G 491 4.23 73.93 -1.89
C LEU G 491 4.86 74.87 -0.88
N ARG G 492 5.02 76.12 -1.28
CA ARG G 492 5.63 77.13 -0.42
C ARG G 492 4.83 77.38 0.86
N GLU G 493 3.59 76.94 0.90
CA GLU G 493 2.77 77.11 2.09
C GLU G 493 3.31 76.25 3.22
N GLN G 494 3.98 75.16 2.86
CA GLN G 494 4.53 74.23 3.85
C GLN G 494 6.04 74.02 3.74
N PHE G 495 6.61 74.35 2.58
CA PHE G 495 8.03 74.16 2.36
C PHE G 495 8.70 75.46 1.91
N PRO G 496 9.46 76.10 2.80
CA PRO G 496 10.14 77.35 2.50
C PRO G 496 11.27 77.19 1.48
N PRO G 497 11.63 78.29 0.79
CA PRO G 497 12.70 78.21 -0.20
C PRO G 497 14.01 77.81 0.48
N LEU G 498 14.96 77.31 -0.31
CA LEU G 498 16.25 76.92 0.24
C LEU G 498 17.22 78.09 0.05
N GLU G 499 17.25 79.00 1.02
CA GLU G 499 18.10 80.18 0.96
C GLU G 499 19.52 79.86 1.45
N THR G 500 19.62 78.80 2.22
CA THR G 500 20.90 78.34 2.76
C THR G 500 20.74 76.85 3.02
N ASP G 501 21.83 76.09 2.89
CA ASP G 501 21.77 74.65 3.11
C ASP G 501 21.14 74.23 4.43
N ARG G 502 20.29 73.21 4.37
CA ARG G 502 19.62 72.68 5.55
C ARG G 502 19.20 71.22 5.32
N PRO G 503 18.94 70.47 6.39
CA PRO G 503 18.53 69.06 6.26
C PRO G 503 17.18 69.00 5.54
N LEU G 504 17.09 68.18 4.51
CA LEU G 504 15.86 68.06 3.71
C LEU G 504 15.15 66.73 3.87
N GLY G 505 15.80 65.77 4.53
CA GLY G 505 15.22 64.45 4.70
C GLY G 505 13.77 64.42 5.16
N GLN G 506 13.47 65.08 6.28
CA GLN G 506 12.11 65.10 6.80
C GLN G 506 11.12 65.76 5.84
N GLU G 507 11.54 66.84 5.22
CA GLU G 507 10.66 67.55 4.29
C GLU G 507 10.32 66.65 3.11
N ILE G 508 11.31 65.94 2.61
CA ILE G 508 11.12 65.00 1.49
C ILE G 508 10.08 63.94 1.89
N ALA G 509 10.28 63.34 3.06
CA ALA G 509 9.36 62.31 3.55
C ALA G 509 7.95 62.85 3.72
N ALA G 510 7.83 64.06 4.26
CA ALA G 510 6.51 64.66 4.48
C ALA G 510 5.81 64.95 3.16
N LEU G 511 6.54 65.50 2.20
CA LEU G 511 5.95 65.82 0.91
C LEU G 511 5.55 64.54 0.18
N ALA G 512 6.38 63.50 0.30
CA ALA G 512 6.09 62.23 -0.34
C ALA G 512 4.74 61.69 0.12
N THR G 513 4.47 61.82 1.41
CA THR G 513 3.21 61.35 1.99
C THR G 513 2.01 62.08 1.36
N HIS G 514 2.21 63.38 1.07
CA HIS G 514 1.17 64.20 0.46
C HIS G 514 0.93 63.82 -1.00
N LEU G 515 2.01 63.66 -1.77
CA LEU G 515 1.91 63.30 -3.18
C LEU G 515 1.09 62.03 -3.40
N LEU G 516 1.16 61.10 -2.46
CA LEU G 516 0.44 59.85 -2.58
C LEU G 516 -1.07 59.95 -2.37
N GLN G 517 -1.53 61.02 -1.74
CA GLN G 517 -2.95 61.18 -1.44
C GLN G 517 -3.69 62.30 -2.16
N GLN G 518 -2.94 63.24 -2.74
CA GLN G 518 -3.55 64.37 -3.43
C GLN G 518 -2.77 64.76 -4.68
N SER G 519 -3.48 65.29 -5.65
CA SER G 519 -2.87 65.71 -6.91
C SER G 519 -2.74 67.23 -6.92
N PRO G 520 -1.88 67.76 -7.81
CA PRO G 520 -1.72 69.22 -7.87
C PRO G 520 -2.88 69.85 -8.65
N VAL G 521 -3.80 70.49 -7.93
CA VAL G 521 -4.95 71.14 -8.54
C VAL G 521 -5.20 72.48 -7.84
N LYS H 8 32.01 44.82 32.70
CA LYS H 8 31.72 44.62 31.25
C LYS H 8 33.00 44.48 30.45
N PRO H 9 33.09 43.44 29.61
CA PRO H 9 34.27 43.18 28.77
C PRO H 9 34.74 44.47 28.08
N ALA H 10 36.04 44.61 27.89
CA ALA H 10 36.57 45.80 27.24
C ALA H 10 37.44 45.48 26.04
N VAL H 11 37.13 46.13 24.91
CA VAL H 11 37.91 45.93 23.69
C VAL H 11 38.88 47.10 23.52
N GLU H 12 40.17 46.80 23.54
CA GLU H 12 41.17 47.84 23.38
C GLU H 12 41.54 47.95 21.91
N LEU H 13 41.17 49.07 21.31
CA LEU H 13 41.43 49.31 19.91
C LEU H 13 42.77 50.00 19.68
N ASP H 14 43.60 49.37 18.87
CA ASP H 14 44.90 49.94 18.52
C ASP H 14 44.90 50.07 17.00
N ARG H 15 45.22 48.98 16.31
CA ARG H 15 45.23 49.00 14.84
C ARG H 15 44.21 48.05 14.23
N HIS H 16 44.12 46.85 14.79
CA HIS H 16 43.21 45.83 14.27
C HIS H 16 42.16 45.36 15.26
N ILE H 17 40.98 45.04 14.73
CA ILE H 17 39.87 44.53 15.52
C ILE H 17 39.15 43.50 14.65
N ASP H 18 38.89 42.31 15.18
CA ASP H 18 38.22 41.30 14.37
C ASP H 18 36.70 41.50 14.40
N LEU H 19 36.00 40.76 13.55
CA LEU H 19 34.54 40.88 13.45
C LEU H 19 33.80 40.62 14.76
N ASP H 20 34.20 39.59 15.51
CA ASP H 20 33.52 39.30 16.76
C ASP H 20 33.65 40.46 17.76
N GLN H 21 34.85 41.02 17.89
CA GLN H 21 35.07 42.14 18.80
C GLN H 21 34.18 43.30 18.36
N ALA H 22 34.19 43.56 17.06
CA ALA H 22 33.40 44.65 16.49
C ALA H 22 31.92 44.51 16.86
N HIS H 23 31.39 43.30 16.74
CA HIS H 23 29.98 43.06 17.06
C HIS H 23 29.74 43.11 18.58
N ALA H 24 30.74 42.72 19.36
CA ALA H 24 30.61 42.77 20.81
C ALA H 24 30.40 44.22 21.21
N VAL H 25 31.19 45.13 20.65
CA VAL H 25 31.07 46.55 20.96
C VAL H 25 29.76 47.13 20.42
N ALA H 26 29.47 46.88 19.15
CA ALA H 26 28.25 47.38 18.53
C ALA H 26 26.98 46.92 19.25
N SER H 27 26.97 45.67 19.69
CA SER H 27 25.80 45.12 20.38
C SER H 27 25.77 45.51 21.86
N GLY H 28 26.77 46.26 22.30
CA GLY H 28 26.81 46.68 23.69
C GLY H 28 27.30 45.62 24.67
N GLY H 29 27.86 44.54 24.14
CA GLY H 29 28.36 43.49 25.00
C GLY H 29 29.73 43.83 25.57
N ALA H 30 30.39 44.79 24.96
CA ALA H 30 31.72 45.19 25.42
C ALA H 30 31.93 46.69 25.27
N ARG H 31 32.79 47.24 26.13
CA ARG H 31 33.11 48.66 26.08
C ARG H 31 34.29 48.79 25.11
N ILE H 32 34.51 49.99 24.60
CA ILE H 32 35.61 50.23 23.68
C ILE H 32 36.59 51.19 24.34
N VAL H 33 37.87 50.94 24.15
CA VAL H 33 38.91 51.79 24.71
C VAL H 33 40.00 51.98 23.67
N LEU H 34 40.47 53.21 23.53
CA LEU H 34 41.52 53.50 22.56
C LEU H 34 42.87 53.23 23.23
N ALA H 35 43.66 52.34 22.63
CA ALA H 35 44.98 52.01 23.15
C ALA H 35 45.88 53.23 23.12
N PRO H 36 46.87 53.29 24.02
CA PRO H 36 47.82 54.41 24.09
C PRO H 36 48.46 54.75 22.74
N PRO H 37 49.00 53.74 22.04
CA PRO H 37 49.63 54.04 20.74
C PRO H 37 48.65 54.59 19.71
N ALA H 38 47.38 54.18 19.81
CA ALA H 38 46.37 54.65 18.88
C ALA H 38 46.08 56.12 19.18
N ARG H 39 45.97 56.44 20.47
CA ARG H 39 45.72 57.81 20.89
C ARG H 39 46.83 58.73 20.39
N ASP H 40 48.07 58.27 20.49
CA ASP H 40 49.21 59.07 20.05
C ASP H 40 49.20 59.28 18.55
N ARG H 41 48.91 58.22 17.79
CA ARG H 41 48.86 58.35 16.33
C ARG H 41 47.80 59.35 15.93
N CYS H 42 46.68 59.35 16.66
CA CYS H 42 45.59 60.27 16.38
C CYS H 42 45.96 61.70 16.73
N ARG H 43 46.62 61.90 17.86
CA ARG H 43 47.04 63.25 18.26
C ARG H 43 47.99 63.80 17.20
N ALA H 44 48.84 62.94 16.67
CA ALA H 44 49.80 63.35 15.66
C ALA H 44 49.06 63.73 14.38
N SER H 45 47.99 63.01 14.08
CA SER H 45 47.20 63.27 12.89
C SER H 45 46.45 64.59 13.06
N GLU H 46 45.94 64.82 14.27
CA GLU H 46 45.23 66.05 14.58
C GLU H 46 46.18 67.23 14.34
N ALA H 47 47.43 67.04 14.71
CA ALA H 47 48.46 68.06 14.55
C ALA H 47 48.72 68.34 13.07
N ARG H 48 48.78 67.28 12.27
CA ARG H 48 49.01 67.43 10.83
C ARG H 48 47.88 68.20 10.18
N LEU H 49 46.66 67.96 10.65
CA LEU H 49 45.51 68.65 10.09
C LEU H 49 45.64 70.14 10.41
N GLY H 50 46.04 70.44 11.64
CA GLY H 50 46.22 71.82 12.05
C GLY H 50 47.25 72.51 11.17
N ALA H 51 48.33 71.81 10.87
CA ALA H 51 49.40 72.36 10.05
C ALA H 51 48.89 72.62 8.63
N VAL H 52 48.16 71.65 8.08
CA VAL H 52 47.62 71.77 6.73
C VAL H 52 46.80 73.05 6.59
N ILE H 53 45.95 73.30 7.56
CA ILE H 53 45.10 74.49 7.57
C ILE H 53 45.96 75.73 7.78
N ARG H 54 46.94 75.61 8.65
CA ARG H 54 47.85 76.70 8.96
C ARG H 54 48.61 77.11 7.70
N GLU H 55 49.09 76.10 6.96
CA GLU H 55 49.85 76.33 5.74
C GLU H 55 48.99 76.66 4.52
N ALA H 56 47.68 76.69 4.70
CA ALA H 56 46.76 77.00 3.61
C ALA H 56 46.91 76.06 2.42
N ARG H 57 47.04 74.77 2.71
CA ARG H 57 47.20 73.77 1.66
C ARG H 57 45.90 73.56 0.91
N HIS H 58 46.00 73.31 -0.40
CA HIS H 58 44.84 73.09 -1.24
C HIS H 58 44.28 71.71 -0.91
N VAL H 59 43.27 71.65 -0.05
CA VAL H 59 42.67 70.39 0.36
C VAL H 59 41.14 70.38 0.29
N TYR H 60 40.59 69.30 -0.25
CA TYR H 60 39.14 69.13 -0.40
C TYR H 60 38.44 69.26 0.95
N GLY H 61 37.43 70.12 1.02
CA GLY H 61 36.68 70.31 2.26
C GLY H 61 37.30 71.25 3.28
N LEU H 62 38.55 71.64 3.07
CA LEU H 62 39.23 72.55 3.97
C LEU H 62 39.38 73.92 3.31
N THR H 63 39.48 73.93 1.97
CA THR H 63 39.63 75.16 1.21
C THR H 63 38.92 75.08 -0.13
N THR H 64 37.98 74.14 -0.26
CA THR H 64 37.25 73.94 -1.50
C THR H 64 35.80 73.60 -1.26
N GLY H 65 34.99 73.71 -2.31
CA GLY H 65 33.59 73.35 -2.20
C GLY H 65 33.53 71.83 -2.21
N PHE H 66 32.34 71.27 -2.36
CA PHE H 66 32.20 69.82 -2.39
C PHE H 66 31.70 69.35 -3.74
N GLY H 67 31.99 68.10 -4.06
CA GLY H 67 31.57 67.54 -5.33
C GLY H 67 32.10 68.34 -6.50
N PRO H 68 31.28 68.59 -7.52
CA PRO H 68 31.70 69.36 -8.70
C PRO H 68 31.95 70.82 -8.32
N LEU H 69 31.56 71.19 -7.10
CA LEU H 69 31.74 72.56 -6.63
C LEU H 69 33.12 72.76 -6.00
N ALA H 70 33.96 71.72 -6.10
CA ALA H 70 35.30 71.77 -5.54
C ALA H 70 36.18 72.80 -6.26
N ASN H 71 35.79 73.17 -7.48
CA ASN H 71 36.55 74.15 -8.24
C ASN H 71 36.43 75.54 -7.60
N ARG H 72 35.48 75.67 -6.67
CA ARG H 72 35.29 76.92 -5.96
C ARG H 72 36.15 76.89 -4.70
N LEU H 73 37.24 77.64 -4.70
CA LEU H 73 38.13 77.68 -3.54
C LEU H 73 37.48 78.50 -2.42
N ILE H 74 37.75 78.10 -1.18
CA ILE H 74 37.18 78.78 -0.02
C ILE H 74 38.24 79.39 0.90
N SER H 75 37.95 80.57 1.44
CA SER H 75 38.89 81.24 2.34
C SER H 75 38.77 80.60 3.73
N GLY H 76 39.84 80.66 4.51
CA GLY H 76 39.83 80.07 5.83
C GLY H 76 38.80 80.67 6.76
N GLU H 77 38.42 81.92 6.51
CA GLU H 77 37.46 82.61 7.35
C GLU H 77 36.04 82.05 7.20
N ASN H 78 35.86 81.06 6.33
CA ASN H 78 34.54 80.49 6.11
C ASN H 78 34.48 78.96 6.18
N VAL H 79 35.54 78.33 6.67
CA VAL H 79 35.57 76.88 6.75
C VAL H 79 34.54 76.30 7.72
N ARG H 80 34.30 76.98 8.84
CA ARG H 80 33.32 76.52 9.82
C ARG H 80 31.97 76.42 9.14
N THR H 81 31.60 77.49 8.45
CA THR H 81 30.33 77.56 7.74
C THR H 81 30.26 76.47 6.67
N LEU H 82 31.36 76.29 5.96
CA LEU H 82 31.45 75.28 4.90
C LEU H 82 31.08 73.91 5.43
N GLN H 83 31.81 73.43 6.44
CA GLN H 83 31.55 72.14 7.01
C GLN H 83 30.19 72.02 7.71
N ALA H 84 29.68 73.15 8.19
CA ALA H 84 28.38 73.15 8.83
C ALA H 84 27.32 72.90 7.75
N ASN H 85 27.49 73.55 6.60
CA ASN H 85 26.54 73.37 5.51
C ASN H 85 26.71 71.99 4.87
N LEU H 86 27.91 71.44 4.94
CA LEU H 86 28.17 70.11 4.39
C LEU H 86 27.25 69.11 5.09
N VAL H 87 27.26 69.14 6.42
CA VAL H 87 26.42 68.24 7.21
C VAL H 87 24.95 68.46 6.86
N HIS H 88 24.60 69.73 6.64
CA HIS H 88 23.24 70.13 6.31
C HIS H 88 22.72 69.59 4.97
N PHE H 89 23.39 69.94 3.87
CA PHE H 89 22.93 69.52 2.55
C PHE H 89 22.94 68.01 2.33
N LEU H 90 23.71 67.29 3.13
CA LEU H 90 23.81 65.84 3.03
C LEU H 90 22.71 65.12 3.80
N ALA H 91 22.13 65.81 4.79
CA ALA H 91 21.09 65.20 5.62
C ALA H 91 19.74 65.09 4.90
N SER H 92 19.76 64.42 3.75
CA SER H 92 18.54 64.24 2.97
C SER H 92 18.07 62.79 3.00
N GLY H 93 18.45 62.08 4.04
CA GLY H 93 18.07 60.68 4.17
C GLY H 93 16.60 60.46 4.50
N VAL H 94 16.07 59.33 4.05
CA VAL H 94 14.69 58.95 4.30
C VAL H 94 14.64 57.46 4.58
N GLY H 95 13.46 56.96 4.92
CA GLY H 95 13.32 55.54 5.19
C GLY H 95 13.45 55.16 6.65
N PRO H 96 13.11 53.92 7.03
CA PRO H 96 13.23 53.54 8.44
C PRO H 96 14.67 53.61 8.92
N VAL H 97 14.85 54.01 10.17
CA VAL H 97 16.17 54.15 10.74
C VAL H 97 16.90 52.81 10.85
N LEU H 98 18.23 52.87 10.88
CA LEU H 98 19.03 51.67 11.03
C LEU H 98 18.75 51.22 12.46
N ASP H 99 18.71 49.91 12.69
CA ASP H 99 18.45 49.42 14.04
C ASP H 99 19.60 49.78 14.97
N TRP H 100 19.30 49.76 16.26
CA TRP H 100 20.25 50.08 17.32
C TRP H 100 21.67 49.53 17.09
N THR H 101 21.79 48.21 16.95
CA THR H 101 23.08 47.57 16.75
C THR H 101 23.81 48.01 15.48
N THR H 102 23.07 48.14 14.39
CA THR H 102 23.64 48.54 13.11
C THR H 102 24.13 49.99 13.12
N ALA H 103 23.32 50.90 13.66
CA ALA H 103 23.71 52.30 13.73
C ALA H 103 24.99 52.44 14.54
N ARG H 104 25.11 51.64 15.60
CA ARG H 104 26.29 51.69 16.44
C ARG H 104 27.49 51.06 15.71
N ALA H 105 27.22 50.05 14.89
CA ALA H 105 28.28 49.40 14.13
C ALA H 105 28.84 50.42 13.14
N MET H 106 27.99 51.32 12.65
CA MET H 106 28.42 52.35 11.72
C MET H 106 29.31 53.34 12.44
N VAL H 107 28.91 53.73 13.66
CA VAL H 107 29.72 54.66 14.45
C VAL H 107 31.08 54.03 14.71
N LEU H 108 31.08 52.73 15.00
CA LEU H 108 32.32 52.00 15.26
C LEU H 108 33.20 51.94 14.04
N ALA H 109 32.61 51.69 12.87
CA ALA H 109 33.38 51.60 11.65
C ALA H 109 34.15 52.91 11.38
N ARG H 110 33.50 54.04 11.63
CA ARG H 110 34.17 55.32 11.41
C ARG H 110 35.32 55.49 12.40
N LEU H 111 35.10 55.04 13.64
CA LEU H 111 36.11 55.13 14.69
C LEU H 111 37.34 54.30 14.36
N VAL H 112 37.14 53.07 13.91
CA VAL H 112 38.25 52.19 13.58
C VAL H 112 39.11 52.81 12.49
N SER H 113 38.45 53.42 11.51
CA SER H 113 39.16 54.07 10.41
C SER H 113 40.00 55.22 10.96
N ILE H 114 39.37 56.07 11.78
CA ILE H 114 40.04 57.21 12.39
C ILE H 114 41.21 56.79 13.28
N ALA H 115 41.04 55.68 14.00
CA ALA H 115 42.08 55.19 14.90
C ALA H 115 43.38 54.87 14.19
N GLN H 116 43.35 54.77 12.87
CA GLN H 116 44.55 54.46 12.11
C GLN H 116 45.48 55.68 12.08
N GLY H 117 44.93 56.85 12.39
CA GLY H 117 45.73 58.08 12.44
C GLY H 117 46.03 58.78 11.13
N ALA H 118 45.05 58.86 10.25
CA ALA H 118 45.23 59.52 8.96
C ALA H 118 44.03 60.40 8.62
N SER H 119 43.14 60.57 9.60
CA SER H 119 41.92 61.35 9.38
C SER H 119 41.93 62.76 9.97
N GLY H 120 42.90 63.05 10.82
CA GLY H 120 42.98 64.37 11.42
C GLY H 120 41.94 64.66 12.49
N ALA H 121 41.18 63.65 12.91
CA ALA H 121 40.16 63.81 13.93
C ALA H 121 40.74 64.28 15.26
N SER H 122 40.08 65.24 15.90
CA SER H 122 40.54 65.77 17.18
C SER H 122 40.16 64.83 18.31
N GLU H 123 40.79 65.01 19.47
CA GLU H 123 40.50 64.17 20.63
C GLU H 123 39.03 64.24 21.05
N GLY H 124 38.46 65.43 20.96
CA GLY H 124 37.07 65.60 21.33
C GLY H 124 36.16 64.81 20.40
N THR H 125 36.45 64.87 19.10
CA THR H 125 35.65 64.16 18.12
C THR H 125 35.72 62.65 18.37
N ILE H 126 36.93 62.15 18.61
CA ILE H 126 37.10 60.73 18.89
C ILE H 126 36.36 60.33 20.17
N ALA H 127 36.41 61.21 21.17
CA ALA H 127 35.75 60.96 22.43
C ALA H 127 34.23 60.85 22.28
N ARG H 128 33.66 61.67 21.41
CA ARG H 128 32.22 61.63 21.19
C ARG H 128 31.80 60.27 20.66
N LEU H 129 32.60 59.71 19.74
CA LEU H 129 32.30 58.41 19.17
C LEU H 129 32.45 57.33 20.23
N ILE H 130 33.53 57.40 21.01
CA ILE H 130 33.78 56.43 22.06
C ILE H 130 32.68 56.47 23.12
N ASP H 131 32.32 57.68 23.54
CA ASP H 131 31.26 57.83 24.55
C ASP H 131 29.96 57.20 24.04
N LEU H 132 29.64 57.45 22.76
CA LEU H 132 28.43 56.89 22.17
C LEU H 132 28.44 55.37 22.25
N LEU H 133 29.55 54.76 21.83
CA LEU H 133 29.67 53.31 21.84
C LEU H 133 29.62 52.70 23.24
N ASN H 134 30.05 53.47 24.25
CA ASN H 134 30.02 52.96 25.62
C ASN H 134 28.69 53.25 26.31
N SER H 135 27.81 53.99 25.65
CA SER H 135 26.50 54.27 26.21
C SER H 135 25.52 53.18 25.79
N GLU H 136 24.26 53.34 26.17
CA GLU H 136 23.22 52.37 25.84
C GLU H 136 22.41 52.92 24.66
N LEU H 137 22.92 53.97 24.03
CA LEU H 137 22.22 54.59 22.92
C LEU H 137 22.87 54.38 21.55
N ALA H 138 22.13 54.76 20.52
CA ALA H 138 22.58 54.67 19.14
C ALA H 138 21.95 55.85 18.41
N PRO H 139 22.66 56.42 17.43
CA PRO H 139 22.05 57.54 16.72
C PRO H 139 20.93 57.04 15.82
N ALA H 140 19.87 57.85 15.67
CA ALA H 140 18.75 57.48 14.81
C ALA H 140 19.02 58.07 13.44
N VAL H 141 19.45 57.23 12.51
CA VAL H 141 19.75 57.68 11.16
C VAL H 141 18.89 56.96 10.13
N PRO H 142 18.35 57.70 9.14
CA PRO H 142 17.53 57.05 8.12
C PRO H 142 18.39 56.07 7.33
N SER H 143 17.81 54.95 6.92
CA SER H 143 18.57 53.93 6.18
C SER H 143 18.81 54.20 4.70
N ARG H 144 17.99 55.06 4.09
CA ARG H 144 18.13 55.33 2.66
C ARG H 144 18.68 56.70 2.34
N GLY H 145 19.27 56.82 1.14
CA GLY H 145 19.82 58.10 0.71
C GLY H 145 21.20 58.09 0.08
N THR H 146 22.07 57.19 0.51
CA THR H 146 23.43 57.15 -0.01
C THR H 146 23.61 56.16 -1.16
N VAL H 147 24.56 56.47 -2.05
CA VAL H 147 24.88 55.61 -3.18
C VAL H 147 26.18 54.87 -2.86
N GLY H 148 26.62 55.00 -1.62
CA GLY H 148 27.83 54.33 -1.17
C GLY H 148 29.12 54.78 -1.82
N1 MDO H 149 29.28 56.10 -1.96
CA1 MDO H 149 30.49 56.64 -2.57
C1 MDO H 149 31.02 57.87 -1.86
CB MDO H 149 30.21 56.92 -4.05
N2 MDO H 149 31.37 59.03 -2.43
CA2 MDO H 149 31.78 59.86 -1.45
C2 MDO H 149 31.68 59.15 -0.27
O2 MDO H 149 31.96 59.55 0.97
CB2 MDO H 149 32.30 61.27 -1.67
N3 MDO H 149 31.18 57.96 -0.53
CA3 MDO H 149 30.94 56.94 0.47
C3 MDO H 149 29.57 57.16 1.11
O3 MDO H 149 28.67 57.74 0.50
N ASP H 150 29.40 56.66 2.33
CA ASP H 150 28.13 56.77 3.06
C ASP H 150 27.91 58.12 3.74
N LEU H 151 28.02 59.19 2.96
CA LEU H 151 27.88 60.55 3.49
C LEU H 151 26.52 60.90 4.12
N THR H 152 25.43 60.54 3.44
CA THR H 152 24.11 60.87 3.96
C THR H 152 23.87 60.35 5.38
N PRO H 153 23.94 59.03 5.60
CA PRO H 153 23.71 58.53 6.97
C PRO H 153 24.69 59.07 8.02
N LEU H 154 25.94 59.31 7.62
CA LEU H 154 26.93 59.82 8.55
C LEU H 154 26.67 61.28 8.89
N ALA H 155 26.07 62.00 7.94
CA ALA H 155 25.73 63.41 8.18
C ALA H 155 24.63 63.43 9.25
N HIS H 156 23.69 62.50 9.14
CA HIS H 156 22.61 62.39 10.11
C HIS H 156 23.20 62.01 11.47
N MET H 157 24.23 61.17 11.45
CA MET H 157 24.90 60.75 12.67
C MET H 157 25.46 61.98 13.37
N VAL H 158 26.12 62.84 12.59
CA VAL H 158 26.70 64.05 13.14
C VAL H 158 25.65 64.91 13.82
N LEU H 159 24.53 65.13 13.14
CA LEU H 159 23.45 65.92 13.71
C LEU H 159 23.01 65.31 15.04
N CYS H 160 22.88 63.99 15.06
CA CYS H 160 22.48 63.29 16.29
C CYS H 160 23.48 63.57 17.41
N LEU H 161 24.76 63.43 17.12
CA LEU H 161 25.81 63.66 18.13
C LEU H 161 25.90 65.12 18.61
N GLN H 162 25.30 66.05 17.85
CA GLN H 162 25.31 67.45 18.24
C GLN H 162 24.01 67.76 18.98
N GLY H 163 23.20 66.72 19.18
CA GLY H 163 21.94 66.89 19.87
C GLY H 163 20.85 67.43 18.96
N ARG H 164 21.13 67.47 17.67
CA ARG H 164 20.18 67.97 16.68
C ARG H 164 19.52 66.83 15.90
N GLY H 165 19.53 65.63 16.49
CA GLY H 165 18.94 64.47 15.85
C GLY H 165 18.52 63.48 16.92
N ASP H 166 17.62 62.57 16.57
CA ASP H 166 17.13 61.59 17.54
C ASP H 166 18.13 60.48 17.86
N PHE H 167 17.87 59.79 18.97
CA PHE H 167 18.68 58.67 19.43
C PHE H 167 17.73 57.49 19.65
N LEU H 168 18.30 56.29 19.75
CA LEU H 168 17.49 55.10 19.98
C LEU H 168 18.00 54.36 21.20
N ASP H 169 17.07 53.86 22.03
CA ASP H 169 17.48 53.07 23.18
C ASP H 169 17.58 51.66 22.61
N ARG H 170 17.98 50.69 23.41
CA ARG H 170 18.12 49.33 22.92
C ARG H 170 16.86 48.73 22.28
N ASP H 171 15.69 49.22 22.69
CA ASP H 171 14.43 48.71 22.16
C ASP H 171 13.91 49.45 20.93
N GLY H 172 14.73 50.33 20.38
CA GLY H 172 14.31 51.08 19.20
C GLY H 172 13.48 52.30 19.52
N THR H 173 13.19 52.50 20.80
CA THR H 173 12.41 53.66 21.23
C THR H 173 13.22 54.91 20.93
N ARG H 174 12.59 55.87 20.25
CA ARG H 174 13.28 57.11 19.90
C ARG H 174 13.26 58.18 20.97
N LEU H 175 14.39 58.86 21.11
CA LEU H 175 14.57 59.94 22.08
C LEU H 175 14.99 61.14 21.25
N ASP H 176 14.61 62.35 21.66
CA ASP H 176 15.02 63.52 20.91
C ASP H 176 16.48 63.79 21.22
N GLY H 177 17.09 64.72 20.49
CA GLY H 177 18.48 65.05 20.70
C GLY H 177 18.86 65.34 22.14
N ALA H 178 18.20 66.33 22.74
CA ALA H 178 18.47 66.73 24.11
C ALA H 178 18.39 65.57 25.08
N GLU H 179 17.32 64.78 24.96
CA GLU H 179 17.12 63.64 25.83
C GLU H 179 18.20 62.58 25.67
N GLY H 180 18.68 62.43 24.43
CA GLY H 180 19.72 61.47 24.16
C GLY H 180 21.03 61.83 24.84
N LEU H 181 21.43 63.10 24.70
CA LEU H 181 22.67 63.56 25.31
C LEU H 181 22.55 63.49 26.83
N ARG H 182 21.36 63.78 27.34
CA ARG H 182 21.10 63.75 28.77
C ARG H 182 21.18 62.32 29.30
N ARG H 183 20.25 61.48 28.84
CA ARG H 183 20.20 60.09 29.28
C ARG H 183 21.51 59.34 29.07
N GLY H 184 22.17 59.61 27.95
CA GLY H 184 23.44 58.94 27.68
C GLY H 184 24.63 59.63 28.31
N ARG H 185 24.40 60.80 28.89
CA ARG H 185 25.48 61.58 29.51
C ARG H 185 26.54 61.82 28.45
N LEU H 186 26.12 62.37 27.33
CA LEU H 186 27.01 62.65 26.20
C LEU H 186 27.19 64.15 26.02
N GLN H 187 28.39 64.54 25.62
CA GLN H 187 28.69 65.95 25.37
C GLN H 187 28.34 66.24 23.92
N PRO H 188 27.84 67.45 23.62
CA PRO H 188 27.49 67.75 22.22
C PRO H 188 28.75 67.79 21.34
N LEU H 189 28.66 67.16 20.17
CA LEU H 189 29.79 67.14 19.24
C LEU H 189 30.17 68.54 18.77
N ASP H 190 31.45 68.87 18.91
CA ASP H 190 31.96 70.18 18.51
C ASP H 190 32.98 70.04 17.39
N LEU H 191 32.69 70.65 16.24
CA LEU H 191 33.58 70.58 15.08
C LEU H 191 34.42 71.84 14.88
N SER H 192 34.79 72.49 15.98
CA SER H 192 35.59 73.72 15.91
C SER H 192 36.96 73.51 15.27
N HIS H 193 37.48 72.29 15.34
CA HIS H 193 38.79 71.99 14.76
C HIS H 193 38.75 71.75 13.24
N ARG H 194 37.59 71.97 12.63
CA ARG H 194 37.44 71.79 11.19
C ARG H 194 37.74 70.35 10.76
N ASP H 195 37.37 69.41 11.62
CA ASP H 195 37.60 67.99 11.34
C ASP H 195 36.31 67.24 11.04
N ALA H 196 35.37 67.92 10.39
CA ALA H 196 34.08 67.32 10.04
C ALA H 196 34.25 66.17 9.06
N LEU H 197 35.19 66.29 8.13
CA LEU H 197 35.42 65.25 7.14
C LEU H 197 35.91 63.95 7.74
N ALA H 198 36.31 63.99 9.01
CA ALA H 198 36.76 62.78 9.68
C ALA H 198 35.55 61.97 10.09
N LEU H 199 34.40 62.64 10.16
CA LEU H 199 33.14 62.00 10.55
C LEU H 199 32.26 61.65 9.35
N VAL H 200 32.20 62.54 8.37
CA VAL H 200 31.40 62.31 7.18
C VAL H 200 32.36 61.80 6.11
N ASN H 201 32.60 60.50 6.11
CA ASN H 201 33.54 59.94 5.15
C ASN H 201 33.52 58.41 5.15
N GLY H 202 34.12 57.82 4.13
CA GLY H 202 34.22 56.38 4.05
C GLY H 202 32.99 55.53 3.83
N THR H 203 33.17 54.24 4.10
CA THR H 203 32.13 53.23 3.91
C THR H 203 31.59 52.70 5.24
N SER H 204 31.53 53.58 6.24
CA SER H 204 31.08 53.23 7.58
C SER H 204 29.70 52.58 7.73
N ALA H 205 28.71 53.08 7.00
CA ALA H 205 27.36 52.54 7.12
C ALA H 205 27.25 51.14 6.51
N MET H 206 27.74 50.97 5.29
CA MET H 206 27.66 49.65 4.66
C MET H 206 28.52 48.65 5.44
N THR H 207 29.63 49.12 6.00
CA THR H 207 30.50 48.25 6.76
C THR H 207 29.81 47.82 8.05
N GLY H 208 29.11 48.75 8.70
CA GLY H 208 28.40 48.42 9.92
C GLY H 208 27.30 47.41 9.66
N ILE H 209 26.53 47.65 8.60
CA ILE H 209 25.44 46.73 8.25
C ILE H 209 25.99 45.35 7.93
N ALA H 210 27.12 45.30 7.22
CA ALA H 210 27.74 44.05 6.84
C ALA H 210 28.30 43.23 8.01
N LEU H 211 28.89 43.92 8.99
CA LEU H 211 29.44 43.18 10.12
C LEU H 211 28.32 42.58 10.93
N VAL H 212 27.17 43.25 10.98
CA VAL H 212 26.02 42.72 11.69
C VAL H 212 25.54 41.52 10.88
N ASN H 213 25.58 41.64 9.56
CA ASN H 213 25.16 40.55 8.67
C ASN H 213 26.04 39.33 8.91
N ALA H 214 27.35 39.56 8.99
CA ALA H 214 28.31 38.50 9.21
C ALA H 214 28.00 37.71 10.48
N HIS H 215 27.74 38.43 11.57
CA HIS H 215 27.43 37.81 12.85
C HIS H 215 26.18 36.94 12.77
N ALA H 216 25.10 37.51 12.23
CA ALA H 216 23.84 36.78 12.11
C ALA H 216 24.00 35.52 11.27
N CYS H 217 24.73 35.61 10.17
CA CYS H 217 24.94 34.47 9.30
C CYS H 217 25.69 33.34 9.99
N ARG H 218 26.59 33.69 10.90
CA ARG H 218 27.33 32.65 11.61
C ARG H 218 26.33 31.85 12.42
N HIS H 219 25.45 32.52 13.13
CA HIS H 219 24.45 31.83 13.92
C HIS H 219 23.47 31.05 13.07
N LEU H 220 22.94 31.68 12.01
CA LEU H 220 21.99 30.97 11.15
C LEU H 220 22.66 29.74 10.52
N GLY H 221 23.94 29.87 10.18
CA GLY H 221 24.66 28.75 9.60
C GLY H 221 24.73 27.60 10.58
N ASN H 222 24.91 27.91 11.87
CA ASN H 222 24.96 26.87 12.89
C ASN H 222 23.60 26.22 13.03
N TRP H 223 22.54 26.99 12.87
CA TRP H 223 21.20 26.43 12.96
C TRP H 223 20.89 25.58 11.73
N ALA H 224 21.35 26.03 10.56
CA ALA H 224 21.13 25.28 9.32
C ALA H 224 21.75 23.90 9.47
N VAL H 225 22.94 23.86 10.08
CA VAL H 225 23.64 22.60 10.31
C VAL H 225 22.91 21.74 11.32
N ALA H 226 22.60 22.32 12.48
CA ALA H 226 21.91 21.59 13.54
C ALA H 226 20.54 21.04 13.13
N LEU H 227 19.80 21.81 12.35
CA LEU H 227 18.49 21.38 11.90
C LEU H 227 18.59 20.31 10.81
N THR H 228 19.61 20.40 9.95
CA THR H 228 19.78 19.39 8.91
C THR H 228 20.07 18.06 9.63
N ALA H 229 20.87 18.14 10.69
CA ALA H 229 21.21 16.95 11.47
C ALA H 229 19.98 16.37 12.13
N LEU H 230 19.15 17.22 12.71
CA LEU H 230 17.95 16.73 13.39
C LEU H 230 17.00 16.15 12.34
N LEU H 231 17.00 16.74 11.15
CA LEU H 231 16.17 16.25 10.05
C LEU H 231 16.53 14.79 9.75
N ALA H 232 17.83 14.50 9.74
CA ALA H 232 18.31 13.15 9.47
C ALA H 232 17.83 12.19 10.56
N GLU H 233 17.82 12.66 11.80
CA GLU H 233 17.37 11.82 12.89
C GLU H 233 15.87 11.57 12.82
N CYS H 234 15.15 12.44 12.11
CA CYS H 234 13.70 12.28 11.98
C CYS H 234 13.30 11.48 10.74
N LEU H 235 14.21 11.35 9.78
CA LEU H 235 13.92 10.64 8.55
C LEU H 235 14.88 9.49 8.25
N ARG H 236 15.49 8.91 9.27
CA ARG H 236 16.44 7.83 9.09
C ARG H 236 17.46 8.21 8.01
N GLY H 237 18.07 9.38 8.17
CA GLY H 237 19.06 9.82 7.20
C GLY H 237 20.33 9.01 7.22
N ARG H 238 20.98 8.90 6.06
CA ARG H 238 22.21 8.14 5.93
C ARG H 238 23.44 9.00 6.18
N THR H 239 24.21 8.66 7.20
CA THR H 239 25.39 9.44 7.52
C THR H 239 26.58 9.23 6.59
N GLU H 240 26.60 8.15 5.82
CA GLU H 240 27.76 7.92 4.96
C GLU H 240 27.95 9.06 3.95
N ALA H 241 26.88 9.79 3.67
CA ALA H 241 26.94 10.92 2.74
C ALA H 241 27.75 12.06 3.34
N TRP H 242 27.86 12.07 4.66
CA TRP H 242 28.60 13.10 5.36
C TRP H 242 30.00 12.65 5.80
N ALA H 243 30.46 11.54 5.23
CA ALA H 243 31.77 10.98 5.55
C ALA H 243 32.92 11.92 5.23
N ALA H 244 33.93 11.94 6.10
CA ALA H 244 35.09 12.80 5.92
C ALA H 244 35.84 12.46 4.64
N ALA H 245 35.83 11.18 4.26
CA ALA H 245 36.52 10.75 3.04
C ALA H 245 35.99 11.52 1.83
N LEU H 246 34.68 11.76 1.80
CA LEU H 246 34.08 12.49 0.69
C LEU H 246 34.57 13.92 0.63
N SER H 247 34.75 14.53 1.81
CA SER H 247 35.24 15.91 1.86
C SER H 247 36.64 15.96 1.28
N ASP H 248 37.48 15.01 1.68
CA ASP H 248 38.86 14.95 1.21
C ASP H 248 38.95 14.84 -0.32
N LEU H 249 37.99 14.18 -0.94
CA LEU H 249 37.98 14.03 -2.40
C LEU H 249 37.62 15.32 -3.14
N ARG H 250 36.92 16.21 -2.46
CA ARG H 250 36.51 17.51 -3.03
C ARG H 250 36.72 18.47 -1.87
N PRO H 251 37.99 18.78 -1.56
CA PRO H 251 38.47 19.64 -0.48
C PRO H 251 38.13 21.12 -0.34
N HIS H 252 36.86 21.49 -0.55
CA HIS H 252 36.47 22.89 -0.35
C HIS H 252 36.39 23.02 1.19
N PRO H 253 37.07 24.01 1.77
CA PRO H 253 37.07 24.22 3.23
C PRO H 253 35.67 24.25 3.83
N GLY H 254 34.78 25.04 3.24
CA GLY H 254 33.42 25.15 3.73
C GLY H 254 32.67 23.83 3.74
N GLN H 255 32.91 22.99 2.74
CA GLN H 255 32.25 21.69 2.66
C GLN H 255 32.78 20.72 3.72
N LYS H 256 34.10 20.69 3.89
CA LYS H 256 34.73 19.81 4.88
C LYS H 256 34.22 20.20 6.27
N ASP H 257 34.11 21.49 6.50
CA ASP H 257 33.62 22.02 7.77
C ASP H 257 32.16 21.64 7.99
N ALA H 258 31.33 21.83 6.97
CA ALA H 258 29.91 21.49 7.07
C ALA H 258 29.70 20.02 7.40
N ALA H 259 30.41 19.15 6.70
CA ALA H 259 30.29 17.71 6.92
C ALA H 259 30.73 17.31 8.32
N ALA H 260 31.85 17.88 8.77
CA ALA H 260 32.37 17.57 10.10
C ALA H 260 31.37 18.01 11.17
N ARG H 261 30.78 19.18 11.00
CA ARG H 261 29.79 19.68 11.96
C ARG H 261 28.52 18.85 11.93
N LEU H 262 28.15 18.38 10.75
CA LEU H 262 26.97 17.54 10.62
C LEU H 262 27.21 16.21 11.34
N ARG H 263 28.37 15.61 11.11
CA ARG H 263 28.70 14.34 11.76
C ARG H 263 28.70 14.51 13.28
N ALA H 264 29.25 15.62 13.75
CA ALA H 264 29.30 15.89 15.18
C ALA H 264 27.90 15.97 15.78
N ARG H 265 27.00 16.68 15.10
CA ARG H 265 25.62 16.84 15.58
C ARG H 265 24.89 15.50 15.81
N VAL H 266 25.06 14.54 14.90
CA VAL H 266 24.38 13.27 15.05
C VAL H 266 25.18 12.21 15.79
N ASP H 267 26.32 12.59 16.37
CA ASP H 267 27.12 11.64 17.11
C ASP H 267 26.29 11.10 18.29
N GLY H 268 26.25 9.78 18.41
CA GLY H 268 25.47 9.17 19.48
C GLY H 268 24.03 8.91 19.12
N SER H 269 23.63 9.26 17.90
CA SER H 269 22.27 9.02 17.46
C SER H 269 22.06 7.56 17.06
N ALA H 270 20.88 7.03 17.37
CA ALA H 270 20.52 5.66 17.01
C ALA H 270 19.36 5.77 16.02
N ARG H 271 19.08 6.99 15.57
CA ARG H 271 17.98 7.23 14.64
C ARG H 271 18.42 7.38 13.19
N VAL H 272 19.72 7.56 12.98
CA VAL H 272 20.25 7.70 11.63
C VAL H 272 20.78 6.34 11.16
N VAL H 273 20.96 6.21 9.84
CA VAL H 273 21.47 4.99 9.26
C VAL H 273 22.97 5.20 9.04
N ARG H 274 23.78 4.37 9.68
CA ARG H 274 25.23 4.52 9.58
C ARG H 274 25.94 3.48 8.72
N HIS H 275 25.18 2.59 8.11
CA HIS H 275 25.78 1.54 7.29
C HIS H 275 26.16 1.97 5.88
N VAL H 276 27.41 1.72 5.50
CA VAL H 276 27.88 2.04 4.15
C VAL H 276 27.25 0.96 3.27
N ILE H 277 26.38 1.36 2.35
CA ILE H 277 25.70 0.38 1.52
C ILE H 277 26.60 -0.52 0.68
N ALA H 278 27.76 -0.02 0.27
CA ALA H 278 28.68 -0.79 -0.56
C ALA H 278 29.31 -1.96 0.20
N GLU H 279 29.10 -2.03 1.51
CA GLU H 279 29.65 -3.13 2.29
C GLU H 279 28.82 -4.36 2.00
N ARG H 280 27.56 -4.14 1.65
CA ARG H 280 26.64 -5.22 1.35
C ARG H 280 26.95 -5.94 0.04
N ARG H 281 27.01 -7.27 0.11
CA ARG H 281 27.25 -8.09 -1.06
C ARG H 281 25.90 -8.67 -1.45
N LEU H 282 25.47 -8.39 -2.67
CA LEU H 282 24.17 -8.88 -3.14
C LEU H 282 24.29 -10.25 -3.79
N ASP H 283 23.21 -11.04 -3.67
CA ASP H 283 23.16 -12.35 -4.30
C ASP H 283 21.87 -12.39 -5.11
N ALA H 284 21.64 -13.48 -5.85
CA ALA H 284 20.45 -13.59 -6.69
C ALA H 284 19.15 -13.28 -5.97
N GLY H 285 19.05 -13.69 -4.70
CA GLY H 285 17.84 -13.45 -3.94
C GLY H 285 17.57 -11.98 -3.62
N ASP H 286 18.57 -11.12 -3.81
CA ASP H 286 18.42 -9.70 -3.50
C ASP H 286 17.91 -8.87 -4.67
N ILE H 287 17.97 -9.41 -5.88
CA ILE H 287 17.52 -8.68 -7.05
C ILE H 287 16.01 -8.51 -7.08
N GLY H 288 15.57 -7.26 -6.97
CA GLY H 288 14.17 -6.94 -6.99
C GLY H 288 14.02 -5.47 -6.61
N THR H 289 12.84 -5.09 -6.17
CA THR H 289 12.60 -3.70 -5.78
C THR H 289 12.56 -3.58 -4.27
N GLU H 290 13.41 -2.72 -3.74
CA GLU H 290 13.45 -2.50 -2.30
C GLU H 290 12.57 -1.31 -1.95
N PRO H 291 12.09 -1.26 -0.70
CA PRO H 291 11.22 -0.17 -0.23
C PRO H 291 11.78 1.21 -0.50
N GLU H 292 13.08 1.38 -0.29
CA GLU H 292 13.70 2.69 -0.49
C GLU H 292 15.07 2.61 -1.17
N ALA H 293 15.42 3.69 -1.86
CA ALA H 293 16.69 3.78 -2.55
C ALA H 293 17.83 3.74 -1.52
N GLY H 294 19.04 3.43 -1.97
CA GLY H 294 20.18 3.36 -1.09
C GLY H 294 20.84 4.69 -0.72
N GLN H 295 20.32 5.80 -1.26
CA GLN H 295 20.85 7.12 -0.97
C GLN H 295 19.68 8.05 -0.68
N ASP H 296 19.92 9.10 0.11
CA ASP H 296 18.86 10.06 0.43
C ASP H 296 18.66 11.09 -0.66
N ALA H 297 17.52 11.80 -0.59
CA ALA H 297 17.23 12.87 -1.53
C ALA H 297 18.29 13.93 -1.24
N TYR H 298 18.48 14.86 -2.16
CA TYR H 298 19.51 15.90 -1.99
C TYR H 298 19.44 16.79 -0.74
N SER H 299 18.24 17.14 -0.28
CA SER H 299 18.14 18.00 0.90
C SER H 299 18.87 17.43 2.11
N LEU H 300 19.27 16.16 2.03
CA LEU H 300 20.03 15.51 3.10
C LEU H 300 21.41 15.11 2.60
N ARG H 301 21.45 14.31 1.53
CA ARG H 301 22.70 13.83 0.95
C ARG H 301 23.67 14.91 0.48
N CYS H 302 23.15 15.99 -0.09
CA CYS H 302 24.01 17.07 -0.59
C CYS H 302 24.13 18.27 0.36
N ALA H 303 23.71 18.10 1.61
CA ALA H 303 23.79 19.18 2.59
C ALA H 303 25.21 19.73 2.73
N PRO H 304 26.22 18.85 2.81
CA PRO H 304 27.60 19.32 2.95
C PRO H 304 28.03 20.24 1.80
N GLN H 305 27.61 19.87 0.58
CA GLN H 305 27.96 20.62 -0.61
C GLN H 305 27.21 21.96 -0.72
N VAL H 306 25.93 21.97 -0.36
CA VAL H 306 25.16 23.21 -0.42
C VAL H 306 25.58 24.16 0.70
N LEU H 307 25.53 23.69 1.94
CA LEU H 307 25.95 24.51 3.08
C LEU H 307 27.39 24.96 2.89
N GLY H 308 28.24 24.02 2.48
CA GLY H 308 29.65 24.32 2.28
C GLY H 308 29.92 25.49 1.36
N ALA H 309 29.23 25.53 0.23
CA ALA H 309 29.42 26.61 -0.72
C ALA H 309 28.98 27.92 -0.07
N GLY H 310 27.95 27.83 0.75
CA GLY H 310 27.45 29.03 1.42
C GLY H 310 28.47 29.52 2.43
N PHE H 311 29.09 28.57 3.14
CA PHE H 311 30.10 28.89 4.15
C PHE H 311 31.35 29.47 3.50
N ASP H 312 31.68 29.00 2.31
CA ASP H 312 32.85 29.53 1.62
C ASP H 312 32.55 30.95 1.14
N THR H 313 31.29 31.22 0.80
CA THR H 313 30.92 32.57 0.38
C THR H 313 31.03 33.49 1.58
N LEU H 314 30.50 33.05 2.72
CA LEU H 314 30.56 33.84 3.94
C LEU H 314 32.02 34.10 4.34
N ALA H 315 32.87 33.10 4.15
CA ALA H 315 34.29 33.24 4.50
C ALA H 315 34.93 34.34 3.66
N TRP H 316 34.63 34.35 2.36
CA TRP H 316 35.19 35.36 1.47
C TRP H 316 34.68 36.73 1.91
N HIS H 317 33.38 36.80 2.17
CA HIS H 317 32.72 38.02 2.61
C HIS H 317 33.39 38.56 3.88
N ASP H 318 33.69 37.67 4.82
CA ASP H 318 34.30 38.09 6.07
C ASP H 318 35.76 38.52 5.91
N ARG H 319 36.48 37.88 4.99
CA ARG H 319 37.88 38.26 4.74
C ARG H 319 37.94 39.68 4.21
N VAL H 320 37.05 39.98 3.26
CA VAL H 320 37.00 41.30 2.66
C VAL H 320 36.48 42.35 3.65
N LEU H 321 35.49 41.99 4.45
CA LEU H 321 34.94 42.91 5.42
C LEU H 321 35.97 43.25 6.49
N THR H 322 36.76 42.26 6.90
CA THR H 322 37.78 42.49 7.92
C THR H 322 38.77 43.55 7.45
N ILE H 323 39.16 43.47 6.19
CA ILE H 323 40.08 44.45 5.63
C ILE H 323 39.41 45.82 5.60
N GLU H 324 38.17 45.85 5.12
CA GLU H 324 37.43 47.10 5.02
C GLU H 324 37.25 47.77 6.38
N LEU H 325 36.85 46.98 7.38
CA LEU H 325 36.63 47.49 8.73
C LEU H 325 37.87 48.15 9.33
N ASN H 326 39.03 47.54 9.11
CA ASN H 326 40.29 48.07 9.64
C ASN H 326 41.04 48.99 8.71
N ALA H 327 40.40 49.40 7.62
CA ALA H 327 41.04 50.28 6.67
C ALA H 327 40.63 51.73 6.87
N VAL H 328 41.30 52.62 6.14
CA VAL H 328 40.99 54.04 6.19
C VAL H 328 40.31 54.32 4.85
N THR H 329 39.00 54.47 4.87
CA THR H 329 38.26 54.73 3.65
C THR H 329 37.95 56.22 3.47
N ASP H 330 38.70 57.05 4.17
CA ASP H 330 38.54 58.51 4.14
C ASP H 330 39.09 59.19 2.88
N ASN H 331 38.60 60.39 2.65
CA ASN H 331 39.07 61.25 1.57
C ASN H 331 38.69 62.68 1.91
N PRO H 332 39.69 63.57 1.99
CA PRO H 332 41.11 63.27 1.78
C PRO H 332 41.71 62.54 2.99
N VAL H 333 43.00 62.20 2.88
CA VAL H 333 43.71 61.52 3.96
C VAL H 333 45.03 62.23 4.20
N PHE H 334 45.52 62.17 5.44
CA PHE H 334 46.77 62.83 5.81
C PHE H 334 47.82 61.78 6.15
N PRO H 335 48.70 61.47 5.18
CA PRO H 335 49.76 60.48 5.35
C PRO H 335 50.54 60.65 6.65
N PRO H 336 50.54 59.62 7.50
CA PRO H 336 51.25 59.65 8.77
C PRO H 336 52.76 59.88 8.61
N ASP H 337 53.33 59.38 7.52
CA ASP H 337 54.75 59.55 7.27
C ASP H 337 55.13 60.99 6.94
N GLY H 338 54.13 61.82 6.66
CA GLY H 338 54.40 63.21 6.34
C GLY H 338 54.95 63.46 4.95
N SER H 339 54.96 62.41 4.12
CA SER H 339 55.47 62.51 2.75
C SER H 339 54.84 63.69 2.00
N VAL H 340 53.52 63.80 2.06
CA VAL H 340 52.80 64.89 1.42
C VAL H 340 51.77 65.43 2.42
N PRO H 341 51.37 66.69 2.29
CA PRO H 341 50.38 67.27 3.21
C PRO H 341 49.10 66.45 3.30
N ALA H 342 48.62 65.97 2.16
CA ALA H 342 47.40 65.18 2.11
C ALA H 342 47.28 64.51 0.75
N LEU H 343 46.51 63.43 0.69
CA LEU H 343 46.29 62.71 -0.56
C LEU H 343 44.81 62.75 -0.92
N HIS H 344 44.54 62.88 -2.22
CA HIS H 344 43.17 62.91 -2.70
C HIS H 344 42.93 61.70 -3.61
N GLY H 345 41.91 60.92 -3.28
CA GLY H 345 41.59 59.75 -4.07
C GLY H 345 40.15 59.29 -3.90
N GLY H 346 39.93 57.98 -3.95
CA GLY H 346 38.58 57.48 -3.82
C GLY H 346 38.43 56.23 -2.98
N ASN H 347 39.11 56.18 -1.84
CA ASN H 347 39.01 55.02 -0.97
C ASN H 347 37.64 54.92 -0.32
N PHE H 348 36.75 55.85 -0.65
CA PHE H 348 35.41 55.85 -0.11
C PHE H 348 34.45 55.06 -1.01
N MET H 349 34.95 54.59 -2.16
CA MET H 349 34.14 53.83 -3.10
C MET H 349 33.92 52.43 -2.53
N GLY H 350 32.72 52.21 -2.00
CA GLY H 350 32.41 50.91 -1.39
C GLY H 350 32.11 49.74 -2.29
N GLN H 351 32.90 49.56 -3.34
CA GLN H 351 32.64 48.46 -4.27
C GLN H 351 32.87 47.08 -3.63
N HIS H 352 33.86 46.97 -2.74
CA HIS H 352 34.14 45.70 -2.08
C HIS H 352 32.98 45.18 -1.23
N VAL H 353 32.39 46.03 -0.41
CA VAL H 353 31.28 45.58 0.42
C VAL H 353 30.06 45.33 -0.45
N ALA H 354 29.94 46.10 -1.54
CA ALA H 354 28.83 45.95 -2.45
C ALA H 354 28.86 44.54 -3.10
N LEU H 355 30.00 44.17 -3.68
CA LEU H 355 30.09 42.85 -4.31
C LEU H 355 30.01 41.68 -3.33
N THR H 356 30.60 41.82 -2.15
CA THR H 356 30.55 40.73 -1.17
C THR H 356 29.15 40.59 -0.57
N SER H 357 28.47 41.72 -0.39
CA SER H 357 27.12 41.68 0.17
C SER H 357 26.18 41.00 -0.83
N ASP H 358 26.35 41.32 -2.12
CA ASP H 358 25.52 40.72 -3.15
C ASP H 358 25.77 39.22 -3.24
N ALA H 359 27.04 38.82 -3.15
CA ALA H 359 27.39 37.40 -3.21
C ALA H 359 26.82 36.65 -2.01
N LEU H 360 26.94 37.25 -0.83
CA LEU H 360 26.42 36.64 0.38
C LEU H 360 24.91 36.51 0.29
N ALA H 361 24.25 37.56 -0.24
CA ALA H 361 22.80 37.56 -0.38
C ALA H 361 22.35 36.37 -1.23
N THR H 362 23.05 36.12 -2.32
CA THR H 362 22.72 34.99 -3.18
C THR H 362 22.88 33.70 -2.39
N ALA H 363 23.98 33.58 -1.65
CA ALA H 363 24.25 32.39 -0.83
C ALA H 363 23.13 32.16 0.20
N VAL H 364 22.73 33.24 0.87
CA VAL H 364 21.67 33.14 1.86
C VAL H 364 20.36 32.66 1.22
N THR H 365 20.06 33.17 0.04
CA THR H 365 18.83 32.78 -0.66
C THR H 365 18.90 31.29 -1.00
N VAL H 366 20.10 30.83 -1.37
CA VAL H 366 20.28 29.41 -1.70
C VAL H 366 20.11 28.52 -0.47
N LEU H 367 20.74 28.90 0.64
CA LEU H 367 20.63 28.10 1.86
C LEU H 367 19.20 28.11 2.42
N ALA H 368 18.50 29.22 2.27
CA ALA H 368 17.11 29.32 2.73
C ALA H 368 16.27 28.37 1.88
N GLY H 369 16.63 28.23 0.62
CA GLY H 369 15.91 27.33 -0.27
C GLY H 369 16.06 25.91 0.22
N LEU H 370 17.26 25.58 0.69
CA LEU H 370 17.52 24.26 1.21
C LEU H 370 16.62 24.00 2.42
N ALA H 371 16.60 24.96 3.34
CA ALA H 371 15.78 24.84 4.55
C ALA H 371 14.31 24.72 4.19
N GLU H 372 13.88 25.52 3.22
CA GLU H 372 12.49 25.49 2.78
C GLU H 372 12.12 24.12 2.23
N ARG H 373 13.01 23.54 1.43
CA ARG H 373 12.73 22.21 0.87
C ARG H 373 12.77 21.13 1.93
N GLN H 374 13.57 21.32 2.97
CA GLN H 374 13.64 20.34 4.05
C GLN H 374 12.28 20.34 4.75
N ILE H 375 11.69 21.52 4.93
CA ILE H 375 10.36 21.63 5.54
C ILE H 375 9.35 20.92 4.63
N ALA H 376 9.41 21.23 3.35
CA ALA H 376 8.49 20.66 2.36
C ALA H 376 8.52 19.13 2.37
N ARG H 377 9.70 18.56 2.59
CA ARG H 377 9.86 17.12 2.61
C ARG H 377 9.35 16.53 3.92
N LEU H 378 9.80 17.09 5.04
CA LEU H 378 9.42 16.63 6.36
C LEU H 378 7.91 16.64 6.62
N THR H 379 7.22 17.62 6.07
CA THR H 379 5.77 17.76 6.27
C THR H 379 4.90 16.99 5.29
N ASP H 380 5.53 16.38 4.28
CA ASP H 380 4.81 15.63 3.24
C ASP H 380 4.69 14.15 3.61
N GLU H 381 3.46 13.72 3.90
CA GLU H 381 3.23 12.32 4.29
C GLU H 381 3.71 11.30 3.27
N ARG H 382 3.83 11.71 2.01
CA ARG H 382 4.31 10.80 0.97
C ARG H 382 5.83 10.70 0.97
N LEU H 383 6.49 11.68 1.56
CA LEU H 383 7.94 11.71 1.59
C LEU H 383 8.59 11.58 2.96
N ASN H 384 7.82 11.81 4.02
CA ASN H 384 8.38 11.78 5.37
C ASN H 384 8.44 10.43 6.07
N ARG H 385 8.38 9.36 5.28
CA ARG H 385 8.48 8.00 5.79
C ARG H 385 7.69 7.64 7.04
N GLY H 386 6.38 7.77 6.97
CA GLY H 386 5.56 7.38 8.11
C GLY H 386 5.08 8.43 9.08
N LEU H 387 5.62 9.64 9.02
CA LEU H 387 5.16 10.69 9.93
C LEU H 387 3.81 11.23 9.48
N PRO H 388 3.02 11.79 10.41
CA PRO H 388 1.71 12.33 10.08
C PRO H 388 1.79 13.49 9.08
N PRO H 389 0.76 13.66 8.24
CA PRO H 389 0.80 14.77 7.28
C PRO H 389 0.90 16.11 8.01
N PHE H 390 1.89 16.91 7.64
CA PHE H 390 2.13 18.21 8.27
C PHE H 390 2.36 18.11 9.78
N LEU H 391 2.79 16.93 10.21
CA LEU H 391 3.13 16.67 11.60
C LEU H 391 2.05 17.04 12.61
N HIS H 392 0.79 16.88 12.22
CA HIS H 392 -0.30 17.23 13.11
C HIS H 392 -0.44 16.18 14.21
N ARG H 393 -1.16 16.55 15.26
CA ARG H 393 -1.47 15.64 16.35
C ARG H 393 -2.99 15.76 16.43
N GLY H 394 -3.64 14.77 17.03
CA GLY H 394 -5.09 14.82 17.10
C GLY H 394 -5.64 14.17 15.84
N PRO H 395 -6.97 14.16 15.65
CA PRO H 395 -7.52 13.54 14.43
C PRO H 395 -7.09 14.28 13.16
N ALA H 396 -6.72 13.51 12.14
CA ALA H 396 -6.31 14.10 10.86
C ALA H 396 -7.54 14.69 10.18
N GLY H 397 -7.36 15.78 9.44
CA GLY H 397 -8.50 16.39 8.79
C GLY H 397 -8.99 17.51 9.70
N LEU H 398 -9.42 17.14 10.91
CA LEU H 398 -9.87 18.14 11.88
C LEU H 398 -8.66 19.01 12.21
N ASN H 399 -7.49 18.38 12.26
CA ASN H 399 -6.24 19.09 12.55
C ASN H 399 -5.34 19.05 11.33
N SER H 400 -4.66 20.15 11.07
CA SER H 400 -3.77 20.27 9.93
C SER H 400 -2.32 20.54 10.35
N GLY H 401 -2.09 20.71 11.65
CA GLY H 401 -0.75 20.94 12.15
C GLY H 401 0.02 22.11 11.56
N PHE H 402 1.17 21.82 10.96
CA PHE H 402 2.02 22.85 10.37
C PHE H 402 1.73 23.13 8.90
N MET H 403 0.54 22.78 8.43
CA MET H 403 0.20 22.99 7.03
C MET H 403 0.26 24.48 6.62
N GLY H 404 -0.15 25.36 7.52
CA GLY H 404 -0.11 26.79 7.21
C GLY H 404 1.32 27.31 7.23
N ALA H 405 2.07 26.95 8.28
CA ALA H 405 3.45 27.37 8.42
C ALA H 405 4.33 26.91 7.25
N GLN H 406 4.06 25.71 6.74
CA GLN H 406 4.84 25.16 5.63
C GLN H 406 4.70 26.05 4.39
N VAL H 407 3.49 26.52 4.13
CA VAL H 407 3.23 27.39 3.00
C VAL H 407 3.87 28.76 3.26
N THR H 408 3.83 29.21 4.51
CA THR H 408 4.42 30.48 4.88
C THR H 408 5.92 30.48 4.57
N ALA H 409 6.58 29.36 4.84
CA ALA H 409 8.02 29.25 4.56
C ALA H 409 8.28 29.40 3.06
N THR H 410 7.40 28.82 2.24
CA THR H 410 7.56 28.94 0.80
C THR H 410 7.37 30.40 0.36
N ALA H 411 6.38 31.05 0.94
CA ALA H 411 6.09 32.45 0.62
C ALA H 411 7.26 33.35 0.97
N LEU H 412 7.89 33.09 2.12
CA LEU H 412 9.03 33.89 2.53
C LEU H 412 10.20 33.73 1.57
N LEU H 413 10.43 32.49 1.12
CA LEU H 413 11.52 32.21 0.18
C LEU H 413 11.25 32.84 -1.18
N ALA H 414 10.02 32.73 -1.68
CA ALA H 414 9.66 33.30 -2.97
C ALA H 414 9.93 34.81 -2.95
N GLU H 415 9.61 35.46 -1.85
CA GLU H 415 9.84 36.89 -1.72
C GLU H 415 11.34 37.20 -1.77
N MET H 416 12.13 36.40 -1.06
CA MET H 416 13.58 36.59 -1.06
C MET H 416 14.10 36.60 -2.49
N ARG H 417 13.64 35.64 -3.28
CA ARG H 417 14.09 35.50 -4.67
C ARG H 417 13.79 36.68 -5.59
N ALA H 418 12.75 37.45 -5.28
CA ALA H 418 12.38 38.58 -6.12
C ALA H 418 13.41 39.71 -6.15
N THR H 419 14.29 39.74 -5.16
CA THR H 419 15.30 40.79 -5.06
C THR H 419 16.68 40.26 -5.42
N GLY H 420 17.31 40.87 -6.43
CA GLY H 420 18.63 40.45 -6.85
C GLY H 420 19.73 41.39 -6.38
N PRO H 421 20.94 41.28 -6.96
CA PRO H 421 22.11 42.11 -6.61
C PRO H 421 21.85 43.62 -6.75
N ALA H 422 22.42 44.41 -5.85
CA ALA H 422 22.26 45.87 -5.91
C ALA H 422 23.36 46.54 -6.74
N SER H 423 24.54 45.94 -6.73
CA SER H 423 25.73 46.46 -7.44
C SER H 423 25.58 46.79 -8.92
N ILE H 424 24.77 46.02 -9.62
CA ILE H 424 24.61 46.22 -11.06
C ILE H 424 23.79 47.43 -11.46
N HIS H 425 23.27 48.16 -10.48
CA HIS H 425 22.43 49.30 -10.80
C HIS H 425 23.05 50.69 -10.69
N SER H 426 24.36 50.76 -10.89
CA SER H 426 25.04 52.06 -10.82
C SER H 426 24.45 53.03 -11.86
N ILE H 427 24.25 54.26 -11.43
CA ILE H 427 23.72 55.32 -12.28
C ILE H 427 24.55 56.57 -12.07
N SER H 428 24.99 57.20 -13.15
CA SER H 428 25.79 58.42 -13.08
C SER H 428 24.98 59.49 -12.37
N THR H 429 25.56 60.10 -11.34
CA THR H 429 24.85 61.12 -10.58
C THR H 429 25.79 62.26 -10.14
N ASN H 430 25.26 63.23 -9.41
CA ASN H 430 26.07 64.36 -8.94
C ASN H 430 26.64 65.12 -10.14
N ALA H 431 25.77 65.47 -11.08
CA ALA H 431 26.17 66.17 -12.30
C ALA H 431 27.27 65.40 -13.04
N ALA H 432 27.15 64.08 -13.05
CA ALA H 432 28.09 63.18 -13.72
C ALA H 432 29.47 63.08 -13.05
N ASN H 433 29.67 63.78 -11.95
CA ASN H 433 30.96 63.72 -11.25
C ASN H 433 31.10 62.32 -10.65
N GLN H 434 30.01 61.80 -10.10
CA GLN H 434 30.01 60.45 -9.55
C GLN H 434 29.42 59.58 -10.66
N ASP H 435 30.14 59.44 -11.78
CA ASP H 435 29.58 58.66 -12.88
C ASP H 435 29.45 57.16 -12.65
N VAL H 436 30.07 56.66 -11.58
CA VAL H 436 29.94 55.26 -11.17
C VAL H 436 29.84 55.25 -9.65
N VAL H 437 28.91 54.46 -9.11
CA VAL H 437 28.72 54.38 -7.67
C VAL H 437 28.60 52.91 -7.25
N SER H 438 29.00 52.61 -6.02
CA SER H 438 28.99 51.23 -5.54
C SER H 438 27.65 50.67 -5.09
N LEU H 439 26.82 51.53 -4.49
CA LEU H 439 25.51 51.10 -3.97
C LEU H 439 25.73 50.00 -2.92
N GLY H 440 26.89 50.02 -2.28
CA GLY H 440 27.22 49.02 -1.27
C GLY H 440 26.30 49.00 -0.05
N THR H 441 25.83 50.17 0.35
CA THR H 441 24.94 50.28 1.51
C THR H 441 23.63 49.59 1.17
N ILE H 442 23.14 49.82 -0.05
CA ILE H 442 21.90 49.19 -0.50
C ILE H 442 22.10 47.68 -0.55
N ALA H 443 23.25 47.24 -1.08
CA ALA H 443 23.54 45.82 -1.16
C ALA H 443 23.54 45.16 0.22
N ALA H 444 24.19 45.81 1.19
CA ALA H 444 24.26 45.28 2.54
C ALA H 444 22.87 45.19 3.17
N ARG H 445 22.05 46.22 2.93
CA ARG H 445 20.69 46.23 3.47
C ARG H 445 19.81 45.15 2.85
N LEU H 446 19.96 44.91 1.55
CA LEU H 446 19.16 43.87 0.89
C LEU H 446 19.58 42.49 1.39
N CYS H 447 20.87 42.33 1.66
CA CYS H 447 21.38 41.07 2.17
C CYS H 447 20.80 40.83 3.56
N ARG H 448 20.71 41.90 4.34
CA ARG H 448 20.15 41.84 5.69
C ARG H 448 18.70 41.35 5.66
N GLU H 449 17.91 41.89 4.74
CA GLU H 449 16.51 41.49 4.63
C GLU H 449 16.41 40.00 4.38
N LYS H 450 17.26 39.50 3.48
CA LYS H 450 17.28 38.08 3.15
C LYS H 450 17.69 37.26 4.37
N ILE H 451 18.64 37.78 5.14
CA ILE H 451 19.08 37.08 6.34
C ILE H 451 17.89 36.95 7.32
N ASP H 452 17.08 38.00 7.42
CA ASP H 452 15.91 37.96 8.31
C ASP H 452 14.88 36.92 7.86
N ARG H 453 14.68 36.81 6.55
CA ARG H 453 13.72 35.84 6.01
C ARG H 453 14.26 34.42 6.26
N TRP H 454 15.57 34.25 6.08
CA TRP H 454 16.20 32.95 6.30
C TRP H 454 15.96 32.49 7.75
N ALA H 455 16.07 33.44 8.69
CA ALA H 455 15.87 33.12 10.10
C ALA H 455 14.43 32.65 10.36
N GLU H 456 13.47 33.27 9.69
CA GLU H 456 12.08 32.90 9.84
C GLU H 456 11.83 31.51 9.26
N ILE H 457 12.43 31.21 8.11
CA ILE H 457 12.29 29.91 7.48
C ILE H 457 12.92 28.84 8.39
N LEU H 458 14.09 29.16 8.96
CA LEU H 458 14.77 28.24 9.87
C LEU H 458 13.94 28.04 11.13
N ALA H 459 13.26 29.09 11.58
CA ALA H 459 12.42 29.02 12.77
C ALA H 459 11.30 28.00 12.54
N ILE H 460 10.68 28.06 11.37
CA ILE H 460 9.60 27.15 11.02
C ILE H 460 10.14 25.72 10.97
N LEU H 461 11.30 25.54 10.37
CA LEU H 461 11.91 24.22 10.28
C LEU H 461 12.20 23.67 11.67
N ALA H 462 12.62 24.54 12.58
CA ALA H 462 12.95 24.12 13.93
C ALA H 462 11.70 23.70 14.69
N LEU H 463 10.61 24.44 14.53
CA LEU H 463 9.36 24.10 15.20
C LEU H 463 8.83 22.78 14.66
N CYS H 464 8.98 22.56 13.36
CA CYS H 464 8.54 21.32 12.72
C CYS H 464 9.34 20.13 13.24
N LEU H 465 10.66 20.31 13.33
CA LEU H 465 11.54 19.24 13.78
C LEU H 465 11.35 18.86 15.25
N ALA H 466 11.04 19.83 16.10
CA ALA H 466 10.83 19.53 17.51
C ALA H 466 9.62 18.61 17.60
N GLN H 467 8.60 18.91 16.79
CA GLN H 467 7.37 18.13 16.73
C GLN H 467 7.61 16.76 16.11
N ALA H 468 8.35 16.74 14.99
CA ALA H 468 8.65 15.50 14.28
C ALA H 468 9.45 14.52 15.14
N ALA H 469 10.44 15.05 15.85
CA ALA H 469 11.30 14.23 16.71
C ALA H 469 10.46 13.52 17.78
N GLU H 470 9.47 14.21 18.34
CA GLU H 470 8.61 13.63 19.36
C GLU H 470 7.63 12.63 18.77
N LEU H 471 7.15 12.91 17.57
CA LEU H 471 6.21 12.01 16.90
C LEU H 471 6.92 10.71 16.53
N ARG H 472 8.15 10.85 16.06
CA ARG H 472 8.95 9.71 15.65
C ARG H 472 9.53 8.91 16.82
N CYS H 473 10.08 9.61 17.81
CA CYS H 473 10.74 8.94 18.93
C CYS H 473 10.07 9.00 20.29
N GLY H 474 8.87 9.58 20.37
CA GLY H 474 8.20 9.67 21.66
C GLY H 474 8.67 10.92 22.38
N SER H 475 7.94 11.32 23.41
CA SER H 475 8.28 12.53 24.16
C SER H 475 9.65 12.41 24.83
N GLY H 476 10.13 11.18 25.02
CA GLY H 476 11.42 10.97 25.64
C GLY H 476 12.57 11.05 24.65
N LEU H 477 12.22 11.20 23.37
CA LEU H 477 13.23 11.30 22.31
C LEU H 477 14.19 10.11 22.33
N ASP H 478 13.63 8.91 22.38
CA ASP H 478 14.43 7.69 22.42
C ASP H 478 15.23 7.50 21.15
N GLY H 479 16.53 7.31 21.30
CA GLY H 479 17.38 7.10 20.14
C GLY H 479 17.96 8.37 19.57
N VAL H 480 17.44 9.52 20.00
CA VAL H 480 17.94 10.81 19.51
C VAL H 480 19.29 11.13 20.12
N SER H 481 20.17 11.73 19.31
CA SER H 481 21.51 12.10 19.74
C SER H 481 21.47 13.09 20.90
N PRO H 482 22.57 13.19 21.65
CA PRO H 482 22.63 14.12 22.78
C PRO H 482 22.42 15.57 22.34
N ALA H 483 23.08 15.95 21.26
CA ALA H 483 22.96 17.31 20.74
C ALA H 483 21.51 17.53 20.28
N GLY H 484 20.92 16.53 19.63
CA GLY H 484 19.55 16.66 19.18
C GLY H 484 18.58 16.80 20.34
N LYS H 485 18.78 16.02 21.39
CA LYS H 485 17.91 16.08 22.57
C LYS H 485 18.00 17.46 23.21
N LYS H 486 19.21 17.95 23.36
CA LYS H 486 19.44 19.25 23.98
C LYS H 486 18.71 20.35 23.22
N LEU H 487 18.79 20.31 21.89
CA LEU H 487 18.15 21.31 21.04
C LEU H 487 16.64 21.31 21.20
N VAL H 488 16.03 20.12 21.15
CA VAL H 488 14.58 20.03 21.27
C VAL H 488 14.13 20.44 22.67
N GLN H 489 14.87 20.01 23.69
CA GLN H 489 14.53 20.35 25.06
C GLN H 489 14.62 21.86 25.25
N ALA H 490 15.62 22.48 24.65
CA ALA H 490 15.80 23.93 24.78
C ALA H 490 14.63 24.66 24.10
N LEU H 491 14.24 24.19 22.93
CA LEU H 491 13.12 24.79 22.21
C LEU H 491 11.82 24.65 23.00
N ARG H 492 11.60 23.47 23.56
CA ARG H 492 10.39 23.20 24.34
C ARG H 492 10.25 24.03 25.60
N GLU H 493 11.33 24.65 26.06
CA GLU H 493 11.23 25.48 27.25
C GLU H 493 10.35 26.69 26.95
N GLN H 494 10.39 27.16 25.71
CA GLN H 494 9.60 28.33 25.31
C GLN H 494 8.51 28.01 24.29
N PHE H 495 8.67 26.94 23.55
CA PHE H 495 7.69 26.58 22.53
C PHE H 495 7.08 25.20 22.75
N PRO H 496 5.82 25.18 23.20
CA PRO H 496 5.07 23.95 23.49
C PRO H 496 4.82 23.11 22.24
N PRO H 497 4.65 21.80 22.42
CA PRO H 497 4.40 20.94 21.26
C PRO H 497 3.06 21.36 20.67
N LEU H 498 2.80 20.95 19.43
CA LEU H 498 1.53 21.30 18.78
C LEU H 498 0.58 20.13 18.96
N GLU H 499 -0.17 20.13 20.06
CA GLU H 499 -1.12 19.05 20.33
C GLU H 499 -2.40 19.25 19.55
N THR H 500 -2.71 20.51 19.27
CA THR H 500 -3.90 20.86 18.50
C THR H 500 -3.57 22.14 17.74
N ASP H 501 -4.25 22.39 16.64
CA ASP H 501 -3.97 23.56 15.82
C ASP H 501 -4.04 24.89 16.58
N ARG H 502 -3.03 25.74 16.35
CA ARG H 502 -2.99 27.05 16.99
C ARG H 502 -2.19 28.01 16.14
N PRO H 503 -2.45 29.33 16.28
CA PRO H 503 -1.70 30.33 15.51
C PRO H 503 -0.22 30.20 15.83
N LEU H 504 0.63 30.15 14.81
CA LEU H 504 2.07 30.00 15.02
C LEU H 504 2.87 31.24 14.65
N GLY H 505 2.21 32.21 14.01
CA GLY H 505 2.89 33.42 13.57
C GLY H 505 3.78 34.12 14.57
N GLN H 506 3.28 34.39 15.76
CA GLN H 506 4.08 35.07 16.76
C GLN H 506 5.24 34.21 17.27
N GLU H 507 5.03 32.90 17.35
CA GLU H 507 6.08 32.01 17.83
C GLU H 507 7.19 31.95 16.79
N ILE H 508 6.82 31.97 15.51
CA ILE H 508 7.82 31.92 14.45
C ILE H 508 8.68 33.18 14.51
N ALA H 509 8.04 34.32 14.71
CA ALA H 509 8.75 35.59 14.79
C ALA H 509 9.67 35.64 16.00
N ALA H 510 9.18 35.12 17.12
CA ALA H 510 9.94 35.11 18.36
C ALA H 510 11.16 34.20 18.23
N LEU H 511 10.99 33.04 17.62
CA LEU H 511 12.08 32.11 17.47
C LEU H 511 13.15 32.65 16.51
N ALA H 512 12.70 33.28 15.43
CA ALA H 512 13.61 33.84 14.45
C ALA H 512 14.53 34.87 15.09
N THR H 513 13.97 35.73 15.94
CA THR H 513 14.77 36.76 16.62
C THR H 513 15.88 36.09 17.42
N HIS H 514 15.57 34.94 18.01
CA HIS H 514 16.52 34.18 18.80
C HIS H 514 17.62 33.56 17.94
N LEU H 515 17.23 32.95 16.83
CA LEU H 515 18.18 32.31 15.92
C LEU H 515 19.24 33.26 15.41
N LEU H 516 18.86 34.51 15.19
CA LEU H 516 19.78 35.52 14.70
C LEU H 516 20.86 35.93 15.70
N GLN H 517 20.64 35.66 16.98
CA GLN H 517 21.61 36.07 18.00
C GLN H 517 22.31 34.94 18.75
N GLN H 518 21.77 33.74 18.70
CA GLN H 518 22.36 32.62 19.42
C GLN H 518 22.33 31.33 18.61
N SER H 519 23.35 30.50 18.79
CA SER H 519 23.44 29.22 18.11
C SER H 519 23.01 28.10 19.06
N PRO H 520 22.70 26.93 18.50
CA PRO H 520 22.28 25.79 19.34
C PRO H 520 23.52 25.11 19.93
N VAL H 521 23.58 25.05 21.26
CA VAL H 521 24.71 24.42 21.94
C VAL H 521 24.30 23.87 23.31
C1 HC4 I . 2.87 -17.88 16.56
O1 HC4 I . 3.19 -17.29 15.51
O2 HC4 I . 3.71 -18.52 17.23
C2 HC4 I . 1.45 -17.80 17.01
C3 HC4 I . 1.14 -17.45 18.26
C1' HC4 I . -0.26 -17.30 18.80
C2' HC4 I . -0.42 -16.88 20.15
C3' HC4 I . -1.71 -16.71 20.71
C4' HC4 I . -2.86 -16.96 19.92
C5' HC4 I . -2.73 -17.39 18.56
C6' HC4 I . -1.43 -17.55 18.02
O4' HC4 I . -4.10 -16.79 20.46
C1 HC4 J . -37.96 -56.90 23.53
O1 HC4 J . -37.87 -57.97 22.90
O2 HC4 J . -39.05 -56.28 23.62
C2 HC4 J . -36.74 -56.37 24.18
C3 HC4 J . -36.78 -55.98 25.47
C1' HC4 J . -35.59 -55.58 26.30
C2' HC4 J . -35.83 -55.27 27.68
C3' HC4 J . -34.76 -54.89 28.52
C4' HC4 J . -33.43 -54.83 28.00
C5' HC4 J . -33.19 -55.14 26.64
C6' HC4 J . -34.27 -55.51 25.80
O4' HC4 J . -32.40 -54.47 28.83
C1 HC4 K . -17.08 -16.24 -6.55
O1 HC4 K . -18.29 -16.59 -6.58
O2 HC4 K . -16.76 -15.06 -6.31
C2 HC4 K . -16.04 -17.26 -6.82
C3 HC4 K . -15.83 -17.76 -8.05
C1' HC4 K . -14.81 -18.82 -8.37
C2' HC4 K . -14.66 -19.21 -9.75
C3' HC4 K . -13.73 -20.19 -10.11
C4' HC4 K . -12.91 -20.82 -9.14
C5' HC4 K . -13.04 -20.46 -7.77
C6' HC4 K . -14.00 -19.45 -7.39
O4' HC4 K . -12.01 -21.78 -9.50
C1 HC4 L . -13.38 -69.96 11.88
O1 HC4 L . -14.04 -70.58 12.75
O2 HC4 L . -12.13 -69.95 11.89
C2 HC4 L . -14.14 -69.24 10.83
C3 HC4 L . -14.01 -69.59 9.53
C1' HC4 L . -14.80 -69.02 8.39
C2' HC4 L . -14.60 -69.59 7.08
C3' HC4 L . -15.32 -69.08 5.97
C4' HC4 L . -16.24 -67.99 6.13
C5' HC4 L . -16.43 -67.43 7.42
C6' HC4 L . -15.71 -67.94 8.53
O4' HC4 L . -16.93 -67.51 5.05
C1 HC4 M . 20.65 10.73 -7.77
O1 HC4 M . 19.94 10.01 -7.04
O2 HC4 M . 21.86 10.95 -7.50
C2 HC4 M . 20.03 11.33 -8.97
C3 HC4 M . 20.42 10.98 -10.20
C1' HC4 M . 19.77 11.44 -11.46
C2' HC4 M . 20.18 10.82 -12.69
C3' HC4 M . 19.61 11.21 -13.91
C4' HC4 M . 18.62 12.23 -13.95
C5' HC4 M . 18.20 12.87 -12.75
C6' HC4 M . 18.78 12.48 -11.51
O4' HC4 M . 18.07 12.59 -15.15
C1 HC4 N . 18.01 62.97 -30.92
O1 HC4 N . 18.37 64.09 -30.51
O2 HC4 N . 16.88 62.79 -31.41
C2 HC4 N . 18.98 61.84 -30.81
C3 HC4 N . 19.35 61.13 -31.90
C1' HC4 N . 20.42 60.09 -31.94
C2' HC4 N . 20.83 59.58 -33.23
C3' HC4 N . 21.85 58.60 -33.32
C4' HC4 N . 22.48 58.11 -32.15
C5' HC4 N . 22.10 58.60 -30.87
C6' HC4 N . 21.07 59.59 -30.78
O4' HC4 N . 23.47 57.15 -32.25
C1 HC4 O . -6.47 23.30 -1.73
O1 HC4 O . -6.80 22.09 -1.71
O2 HC4 O . -6.98 24.11 -2.52
C2 HC4 O . -5.42 23.75 -0.78
C3 HC4 O . -5.75 24.42 0.32
C1' HC4 O . -4.82 24.86 1.39
C2' HC4 O . -5.34 25.63 2.47
C3' HC4 O . -4.49 26.07 3.51
C4' HC4 O . -3.12 25.75 3.51
C5' HC4 O . -2.57 24.98 2.44
C6' HC4 O . -3.43 24.54 1.39
O4' HC4 O . -2.31 26.17 4.52
C1 HC4 P . 33.75 64.40 -5.25
O1 HC4 P . 34.02 65.07 -6.27
O2 HC4 P . 34.66 63.96 -4.50
C2 HC4 P . 32.34 64.14 -4.93
C3 HC4 P . 31.83 64.43 -3.72
C1' HC4 P . 30.36 64.54 -3.42
C2' HC4 P . 29.98 65.15 -2.17
C3' HC4 P . 28.60 65.28 -1.85
C4' HC4 P . 27.61 64.81 -2.74
C5' HC4 P . 27.99 64.21 -3.97
C6' HC4 P . 29.36 64.08 -4.31
O4' HC4 P . 26.29 64.93 -2.42
#